data_2Y1S
#
_entry.id   2Y1S
#
_cell.length_a   1.000
_cell.length_b   1.000
_cell.length_c   1.000
_cell.angle_alpha   90.00
_cell.angle_beta   90.00
_cell.angle_gamma   90.00
#
_symmetry.space_group_name_H-M   'P 1'
#
_entity_poly.entity_id   1
_entity_poly.type   'polypeptide(L)'
_entity_poly.pdbx_seq_one_letter_code
;MPNFSHTCSSINYDPDSTILSAECQARDGEWLPTELRLSDHIGNIDGELQFGDQNFQETCQDCRLEFGDGEQSVWLVCTC
QTMDGEWKSTQILLDSQIDNNDSQLEIG
;
_entity_poly.pdbx_strand_id   A
#
# COMPACT_ATOMS: atom_id res chain seq x y z
N MET A 1 10.20 7.40 9.26
CA MET A 1 11.17 6.39 9.79
C MET A 1 11.15 5.16 8.89
N PRO A 2 12.19 4.37 8.92
CA PRO A 2 12.38 3.13 8.12
C PRO A 2 11.10 2.53 7.48
N ASN A 3 11.20 1.86 6.36
CA ASN A 3 9.95 1.29 5.71
C ASN A 3 10.21 -0.18 5.34
N PHE A 4 9.24 -0.84 4.75
CA PHE A 4 9.44 -2.28 4.40
C PHE A 4 10.21 -2.46 3.09
N SER A 5 10.96 -1.48 2.67
CA SER A 5 11.74 -1.62 1.41
C SER A 5 12.96 -2.50 1.68
N HIS A 6 14.02 -1.90 2.14
CA HIS A 6 15.28 -2.66 2.41
C HIS A 6 15.01 -3.86 3.33
N THR A 7 14.12 -3.73 4.28
CA THR A 7 13.85 -4.87 5.22
C THR A 7 13.12 -6.01 4.52
N CYS A 8 12.30 -5.71 3.55
CA CYS A 8 11.55 -6.77 2.81
C CYS A 8 11.79 -6.69 1.31
N SER A 9 11.65 -7.79 0.61
CA SER A 9 11.87 -7.77 -0.88
C SER A 9 10.71 -8.48 -1.59
N SER A 10 10.57 -8.28 -2.87
CA SER A 10 9.46 -8.95 -3.66
C SER A 10 8.10 -8.32 -3.28
N ILE A 11 8.00 -7.03 -3.45
CA ILE A 11 6.75 -6.30 -3.10
C ILE A 11 5.60 -6.69 -4.06
N ASN A 12 4.56 -7.29 -3.55
CA ASN A 12 3.41 -7.67 -4.41
C ASN A 12 2.12 -7.00 -3.90
N TYR A 13 1.25 -6.63 -4.79
CA TYR A 13 -0.04 -5.97 -4.39
C TYR A 13 -1.15 -6.43 -5.32
N ASP A 14 -2.01 -7.29 -4.86
CA ASP A 14 -3.14 -7.72 -5.73
C ASP A 14 -4.21 -6.62 -5.75
N PRO A 15 -4.60 -6.15 -6.92
CA PRO A 15 -5.61 -5.06 -7.05
C PRO A 15 -7.03 -5.49 -6.68
N ASP A 16 -7.32 -6.77 -6.63
CA ASP A 16 -8.70 -7.20 -6.26
C ASP A 16 -8.88 -7.11 -4.73
N SER A 17 -8.18 -7.93 -3.99
CA SER A 17 -8.29 -7.96 -2.49
C SER A 17 -7.38 -6.90 -1.83
N THR A 18 -6.64 -6.16 -2.62
CA THR A 18 -5.71 -5.11 -2.06
C THR A 18 -4.90 -5.64 -0.87
N ILE A 19 -4.10 -6.65 -1.09
CA ILE A 19 -3.27 -7.20 0.03
C ILE A 19 -1.78 -7.04 -0.34
N LEU A 20 -1.00 -6.50 0.55
CA LEU A 20 0.47 -6.34 0.25
C LEU A 20 1.24 -7.55 0.78
N SER A 21 1.91 -8.26 -0.09
CA SER A 21 2.69 -9.46 0.36
C SER A 21 4.18 -9.22 0.10
N ALA A 22 5.01 -9.60 1.03
CA ALA A 22 6.48 -9.40 0.87
C ALA A 22 7.24 -10.29 1.86
N GLU A 23 8.42 -10.70 1.52
CA GLU A 23 9.22 -11.55 2.45
C GLU A 23 10.16 -10.67 3.27
N CYS A 24 10.16 -10.82 4.56
CA CYS A 24 11.04 -9.97 5.42
C CYS A 24 11.97 -10.86 6.27
N GLN A 25 13.07 -10.32 6.72
CA GLN A 25 14.03 -11.13 7.54
C GLN A 25 13.73 -10.91 9.03
N ALA A 26 13.64 -11.96 9.78
CA ALA A 26 13.36 -11.81 11.24
C ALA A 26 14.65 -11.55 12.00
N ARG A 27 14.53 -11.24 13.25
CA ARG A 27 15.73 -10.96 14.09
C ARG A 27 16.65 -12.18 14.08
N ASP A 28 16.08 -13.36 14.03
CA ASP A 28 16.89 -14.60 14.02
C ASP A 28 17.59 -14.73 12.66
N GLY A 29 17.30 -13.85 11.75
CA GLY A 29 17.94 -13.92 10.40
C GLY A 29 17.08 -14.80 9.50
N GLU A 30 15.98 -15.30 10.00
CA GLU A 30 15.08 -16.17 9.17
C GLU A 30 14.16 -15.32 8.26
N TRP A 31 13.88 -15.81 7.08
CA TRP A 31 13.00 -15.06 6.12
C TRP A 31 11.56 -15.60 6.21
N LEU A 32 10.60 -14.73 6.37
CA LEU A 32 9.17 -15.20 6.44
C LEU A 32 8.29 -14.30 5.55
N PRO A 33 7.15 -14.80 5.14
CA PRO A 33 6.18 -14.05 4.29
C PRO A 33 5.12 -13.31 5.13
N THR A 34 4.75 -12.12 4.73
CA THR A 34 3.71 -11.36 5.52
C THR A 34 2.68 -10.71 4.59
N GLU A 35 1.46 -10.60 5.07
CA GLU A 35 0.38 -9.98 4.24
C GLU A 35 -0.22 -8.76 4.97
N LEU A 36 -0.68 -7.76 4.25
CA LEU A 36 -1.27 -6.57 4.92
C LEU A 36 -2.46 -6.05 4.07
N ARG A 37 -3.51 -5.59 4.70
CA ARG A 37 -4.70 -5.06 3.96
C ARG A 37 -4.77 -3.53 4.11
N LEU A 38 -4.51 -2.79 3.07
CA LEU A 38 -4.56 -1.30 3.18
C LEU A 38 -5.99 -0.81 3.41
N SER A 39 -6.94 -1.44 2.78
CA SER A 39 -8.36 -1.01 2.95
C SER A 39 -8.62 -0.60 4.41
N ASP A 40 -7.88 -1.18 5.32
CA ASP A 40 -8.04 -0.85 6.77
C ASP A 40 -7.74 0.64 7.02
N HIS A 41 -6.76 1.20 6.35
CA HIS A 41 -6.43 2.65 6.56
C HIS A 41 -6.69 3.48 5.29
N ILE A 42 -7.30 2.92 4.28
CA ILE A 42 -7.54 3.71 3.02
C ILE A 42 -9.03 3.64 2.61
N GLY A 43 -9.66 4.79 2.50
CA GLY A 43 -11.10 4.84 2.10
C GLY A 43 -11.31 5.95 1.06
N ASN A 44 -12.47 6.04 0.47
CA ASN A 44 -12.73 7.09 -0.55
C ASN A 44 -13.32 8.32 0.13
N ILE A 45 -12.94 9.48 -0.29
CA ILE A 45 -13.50 10.71 0.31
C ILE A 45 -13.81 11.69 -0.80
N ASP A 46 -15.02 11.67 -1.26
CA ASP A 46 -15.47 12.58 -2.36
C ASP A 46 -14.58 12.49 -3.63
N GLY A 47 -13.96 11.36 -3.89
CA GLY A 47 -13.13 11.26 -5.14
C GLY A 47 -11.63 11.30 -4.81
N GLU A 48 -11.28 11.57 -3.57
CA GLU A 48 -9.83 11.63 -3.20
C GLU A 48 -9.43 10.43 -2.32
N LEU A 49 -8.16 10.15 -2.24
CA LEU A 49 -7.67 9.02 -1.39
C LEU A 49 -6.97 9.57 -0.13
N GLN A 50 -7.30 9.09 1.03
CA GLN A 50 -6.65 9.60 2.26
C GLN A 50 -6.46 8.48 3.30
N PHE A 51 -5.56 8.69 4.21
CA PHE A 51 -5.29 7.68 5.27
C PHE A 51 -6.33 7.88 6.39
N GLY A 52 -6.66 6.84 7.10
CA GLY A 52 -7.68 6.98 8.20
C GLY A 52 -9.03 6.45 7.73
N ASP A 53 -9.28 6.48 6.44
CA ASP A 53 -10.58 5.98 5.91
C ASP A 53 -10.46 4.51 5.49
N GLN A 54 -11.57 3.90 5.13
CA GLN A 54 -11.55 2.46 4.71
C GLN A 54 -12.53 2.21 3.54
N ASN A 55 -12.43 1.09 2.87
CA ASN A 55 -13.37 0.79 1.73
C ASN A 55 -13.10 1.74 0.55
N PHE A 56 -12.09 1.47 -0.22
CA PHE A 56 -11.75 2.33 -1.40
C PHE A 56 -11.78 1.54 -2.72
N GLN A 57 -11.28 0.33 -2.75
CA GLN A 57 -11.29 -0.43 -4.04
C GLN A 57 -12.74 -0.59 -4.53
N GLU A 58 -13.68 -0.58 -3.64
CA GLU A 58 -15.11 -0.73 -4.04
C GLU A 58 -15.51 0.44 -4.95
N THR A 59 -14.93 1.60 -4.76
CA THR A 59 -15.27 2.78 -5.61
C THR A 59 -14.05 3.23 -6.43
N CYS A 60 -13.13 2.33 -6.69
CA CYS A 60 -11.92 2.72 -7.49
C CYS A 60 -11.43 1.56 -8.36
N GLN A 61 -10.72 1.86 -9.42
CA GLN A 61 -10.22 0.78 -10.32
C GLN A 61 -8.80 1.11 -10.83
N ASP A 62 -8.25 0.22 -11.62
CA ASP A 62 -6.87 0.40 -12.19
C ASP A 62 -5.83 0.70 -11.10
N CYS A 63 -5.88 0.08 -9.97
CA CYS A 63 -4.83 0.39 -8.93
C CYS A 63 -3.53 -0.25 -9.36
N ARG A 64 -2.46 0.49 -9.41
CA ARG A 64 -1.19 -0.11 -9.83
C ARG A 64 0.00 0.59 -9.19
N LEU A 65 0.97 -0.18 -8.84
CA LEU A 65 2.20 0.35 -8.21
C LEU A 65 3.14 0.84 -9.32
N GLU A 66 3.99 1.77 -9.03
CA GLU A 66 4.94 2.27 -10.07
C GLU A 66 6.33 2.44 -9.47
N PHE A 67 7.35 1.92 -10.12
CA PHE A 67 8.74 2.06 -9.57
C PHE A 67 9.38 3.35 -10.09
N GLY A 68 10.05 4.09 -9.25
CA GLY A 68 10.69 5.37 -9.69
C GLY A 68 12.12 5.11 -10.18
N ASP A 69 12.95 6.12 -10.20
CA ASP A 69 14.36 5.94 -10.66
C ASP A 69 15.03 4.79 -9.88
N GLY A 70 14.74 4.66 -8.61
CA GLY A 70 15.35 3.55 -7.81
C GLY A 70 14.28 2.51 -7.49
N GLU A 71 14.57 1.26 -7.72
CA GLU A 71 13.57 0.20 -7.44
C GLU A 71 13.33 0.08 -5.93
N GLN A 72 13.92 0.94 -5.14
CA GLN A 72 13.73 0.87 -3.66
C GLN A 72 12.39 1.52 -3.28
N SER A 73 11.61 1.90 -4.25
CA SER A 73 10.31 2.55 -3.94
C SER A 73 9.20 2.17 -4.92
N VAL A 74 7.96 2.12 -4.50
CA VAL A 74 6.87 1.80 -5.48
C VAL A 74 5.73 2.79 -5.20
N TRP A 75 5.13 3.40 -6.19
CA TRP A 75 4.06 4.40 -5.87
C TRP A 75 2.61 3.98 -6.22
N LEU A 76 1.70 4.18 -5.31
CA LEU A 76 0.28 3.73 -5.53
C LEU A 76 -0.62 4.81 -6.14
N VAL A 77 -1.15 4.52 -7.32
CA VAL A 77 -2.08 5.45 -8.05
C VAL A 77 -3.39 4.70 -8.35
N CYS A 78 -4.53 5.34 -8.19
CA CYS A 78 -5.83 4.65 -8.47
C CYS A 78 -6.90 5.64 -8.91
N THR A 79 -7.78 5.18 -9.75
CA THR A 79 -8.90 6.03 -10.22
C THR A 79 -10.05 5.80 -9.23
N CYS A 80 -10.53 6.83 -8.60
CA CYS A 80 -11.65 6.66 -7.60
C CYS A 80 -12.87 7.42 -8.10
N GLN A 81 -14.02 6.79 -8.14
CA GLN A 81 -15.24 7.49 -8.63
C GLN A 81 -15.62 8.65 -7.69
N THR A 82 -16.18 9.70 -8.23
CA THR A 82 -16.60 10.86 -7.37
C THR A 82 -18.04 10.62 -6.94
N MET A 83 -18.55 11.40 -6.03
CA MET A 83 -19.96 11.18 -5.58
C MET A 83 -20.93 11.39 -6.75
N ASP A 84 -20.62 12.30 -7.63
CA ASP A 84 -21.52 12.53 -8.79
C ASP A 84 -21.44 11.33 -9.75
N GLY A 85 -20.45 10.48 -9.57
CA GLY A 85 -20.32 9.27 -10.45
C GLY A 85 -19.18 9.47 -11.46
N GLU A 86 -18.48 10.58 -11.41
CA GLU A 86 -17.36 10.81 -12.37
C GLU A 86 -16.11 10.05 -11.92
N TRP A 87 -15.20 9.81 -12.83
CA TRP A 87 -13.94 9.07 -12.48
C TRP A 87 -12.74 10.03 -12.48
N LYS A 88 -11.95 10.03 -11.45
CA LYS A 88 -10.76 10.95 -11.43
C LYS A 88 -9.50 10.15 -11.02
N SER A 89 -8.35 10.62 -11.40
CA SER A 89 -7.07 9.91 -11.05
C SER A 89 -6.42 10.55 -9.82
N THR A 90 -6.16 9.77 -8.80
CA THR A 90 -5.49 10.30 -7.57
C THR A 90 -4.15 9.56 -7.37
N GLN A 91 -3.30 10.06 -6.50
CA GLN A 91 -1.97 9.39 -6.27
C GLN A 91 -1.63 9.40 -4.76
N ILE A 92 -0.81 8.49 -4.32
CA ILE A 92 -0.44 8.47 -2.86
C ILE A 92 0.85 7.65 -2.66
N LEU A 93 1.74 8.11 -1.81
CA LEU A 93 3.02 7.39 -1.58
C LEU A 93 2.91 6.54 -0.29
N LEU A 94 3.07 5.25 -0.41
CA LEU A 94 2.98 4.37 0.79
C LEU A 94 4.16 4.64 1.74
N ASP A 95 5.29 5.02 1.21
CA ASP A 95 6.47 5.31 2.09
C ASP A 95 6.21 6.57 2.94
N SER A 96 6.06 6.41 4.23
CA SER A 96 5.79 7.59 5.12
C SER A 96 5.60 7.14 6.57
N GLN A 97 4.46 7.38 7.17
CA GLN A 97 4.23 6.96 8.58
C GLN A 97 3.92 5.45 8.67
N ILE A 98 4.53 4.64 7.83
CA ILE A 98 4.28 3.15 7.88
C ILE A 98 5.62 2.43 7.94
N ASP A 99 5.76 1.46 8.81
CA ASP A 99 7.06 0.73 8.92
C ASP A 99 6.82 -0.74 9.33
N ASN A 100 7.83 -1.56 9.16
CA ASN A 100 7.71 -3.01 9.52
C ASN A 100 8.84 -3.42 10.49
N ASN A 101 8.50 -4.00 11.61
CA ASN A 101 9.58 -4.42 12.56
C ASN A 101 10.36 -5.61 11.96
N ASP A 102 11.48 -5.94 12.54
CA ASP A 102 12.32 -7.07 12.04
C ASP A 102 11.49 -8.39 11.91
N SER A 103 10.68 -8.69 12.88
CA SER A 103 9.83 -9.93 12.82
C SER A 103 8.33 -9.62 12.90
N GLN A 104 7.93 -8.37 12.94
CA GLN A 104 6.46 -8.08 13.02
C GLN A 104 6.11 -6.91 12.06
N LEU A 105 4.87 -6.86 11.63
CA LEU A 105 4.46 -5.77 10.68
C LEU A 105 3.39 -4.88 11.33
N GLU A 106 3.74 -3.67 11.68
CA GLU A 106 2.75 -2.74 12.32
C GLU A 106 3.12 -1.28 12.01
N ILE A 107 2.13 -0.43 11.95
CA ILE A 107 2.40 1.01 11.66
C ILE A 107 3.40 1.57 12.69
N GLY A 108 4.08 2.62 12.33
CA GLY A 108 5.08 3.25 13.25
C GLY A 108 4.46 4.53 13.81
N MET A 1 10.77 6.22 10.91
CA MET A 1 11.64 5.05 11.21
C MET A 1 11.58 4.07 10.03
N PRO A 2 12.61 3.26 9.85
CA PRO A 2 12.75 2.24 8.77
C PRO A 2 11.45 1.85 8.04
N ASN A 3 11.51 1.46 6.78
CA ASN A 3 10.25 1.11 6.04
C ASN A 3 10.36 -0.36 5.55
N PHE A 4 9.35 -0.85 4.90
CA PHE A 4 9.39 -2.27 4.41
C PHE A 4 10.15 -2.42 3.09
N SER A 5 10.85 -1.41 2.67
CA SER A 5 11.62 -1.51 1.38
C SER A 5 12.85 -2.38 1.62
N HIS A 6 13.92 -1.77 2.06
CA HIS A 6 15.20 -2.50 2.29
C HIS A 6 14.97 -3.74 3.19
N THR A 7 14.08 -3.64 4.16
CA THR A 7 13.86 -4.81 5.08
C THR A 7 13.13 -5.94 4.37
N CYS A 8 12.31 -5.63 3.39
CA CYS A 8 11.57 -6.70 2.65
C CYS A 8 11.78 -6.58 1.14
N SER A 9 11.59 -7.66 0.42
CA SER A 9 11.77 -7.61 -1.07
C SER A 9 10.63 -8.38 -1.76
N SER A 10 10.50 -8.21 -3.06
CA SER A 10 9.40 -8.92 -3.82
C SER A 10 8.04 -8.33 -3.45
N ILE A 11 7.90 -7.04 -3.61
CA ILE A 11 6.61 -6.34 -3.28
C ILE A 11 5.49 -6.74 -4.25
N ASN A 12 4.48 -7.41 -3.76
CA ASN A 12 3.34 -7.81 -4.64
C ASN A 12 2.05 -7.11 -4.18
N TYR A 13 1.17 -6.83 -5.11
CA TYR A 13 -0.12 -6.14 -4.76
C TYR A 13 -1.26 -6.78 -5.55
N ASP A 14 -2.07 -7.58 -4.92
CA ASP A 14 -3.21 -8.18 -5.66
C ASP A 14 -4.32 -7.13 -5.79
N PRO A 15 -4.77 -6.85 -6.99
CA PRO A 15 -5.83 -5.83 -7.24
C PRO A 15 -7.22 -6.25 -6.76
N ASP A 16 -7.49 -7.53 -6.65
CA ASP A 16 -8.84 -7.97 -6.18
C ASP A 16 -8.96 -7.77 -4.65
N SER A 17 -8.13 -8.44 -3.89
CA SER A 17 -8.17 -8.33 -2.38
C SER A 17 -7.37 -7.14 -1.87
N THR A 18 -6.68 -6.44 -2.74
CA THR A 18 -5.84 -5.26 -2.33
C THR A 18 -4.96 -5.58 -1.10
N ILE A 19 -4.16 -6.60 -1.19
CA ILE A 19 -3.27 -6.95 -0.04
C ILE A 19 -1.81 -6.85 -0.51
N LEU A 20 -0.94 -6.35 0.32
CA LEU A 20 0.49 -6.25 -0.07
C LEU A 20 1.29 -7.43 0.52
N SER A 21 1.91 -8.21 -0.30
CA SER A 21 2.69 -9.39 0.22
C SER A 21 4.18 -9.16 -0.03
N ALA A 22 5.00 -9.47 0.93
CA ALA A 22 6.46 -9.27 0.77
C ALA A 22 7.22 -10.15 1.78
N GLU A 23 8.42 -10.55 1.45
CA GLU A 23 9.20 -11.40 2.39
C GLU A 23 10.15 -10.51 3.19
N CYS A 24 10.14 -10.64 4.50
CA CYS A 24 11.03 -9.79 5.34
C CYS A 24 11.99 -10.66 6.16
N GLN A 25 13.11 -10.13 6.56
CA GLN A 25 14.10 -10.93 7.36
C GLN A 25 14.02 -10.50 8.84
N ALA A 26 13.92 -11.45 9.73
CA ALA A 26 13.85 -11.11 11.17
C ALA A 26 15.25 -10.93 11.74
N ARG A 27 15.33 -10.49 12.96
CA ARG A 27 16.64 -10.29 13.62
C ARG A 27 17.39 -11.63 13.70
N ASP A 28 16.66 -12.71 13.85
CA ASP A 28 17.29 -14.05 13.94
C ASP A 28 17.92 -14.41 12.59
N GLY A 29 17.77 -13.54 11.62
CA GLY A 29 18.36 -13.83 10.28
C GLY A 29 17.42 -14.78 9.52
N GLU A 30 16.18 -14.87 9.93
CA GLU A 30 15.21 -15.78 9.24
C GLU A 30 14.23 -14.98 8.36
N TRP A 31 13.75 -15.58 7.30
CA TRP A 31 12.79 -14.89 6.39
C TRP A 31 11.36 -15.40 6.65
N LEU A 32 10.42 -14.51 6.87
CA LEU A 32 9.01 -14.96 7.12
C LEU A 32 8.04 -14.09 6.28
N PRO A 33 7.37 -14.70 5.32
CA PRO A 33 6.41 -14.00 4.44
C PRO A 33 5.54 -12.99 5.20
N THR A 34 5.20 -11.87 4.60
CA THR A 34 4.36 -10.86 5.31
C THR A 34 3.22 -10.36 4.41
N GLU A 35 2.07 -10.11 4.99
CA GLU A 35 0.90 -9.62 4.20
C GLU A 35 0.30 -8.37 4.87
N LEU A 36 -0.30 -7.48 4.12
CA LEU A 36 -0.92 -6.26 4.72
C LEU A 36 -2.17 -5.86 3.93
N ARG A 37 -3.26 -5.63 4.60
CA ARG A 37 -4.54 -5.22 3.90
C ARG A 37 -4.70 -3.70 3.96
N LEU A 38 -4.42 -3.00 2.89
CA LEU A 38 -4.55 -1.51 2.90
C LEU A 38 -6.02 -1.09 3.05
N SER A 39 -6.90 -1.74 2.34
CA SER A 39 -8.35 -1.37 2.43
C SER A 39 -8.74 -1.13 3.89
N ASP A 40 -7.99 -1.69 4.80
CA ASP A 40 -8.27 -1.50 6.27
C ASP A 40 -8.04 -0.03 6.66
N HIS A 41 -7.00 0.60 6.14
CA HIS A 41 -6.74 2.03 6.48
C HIS A 41 -6.96 2.96 5.27
N ILE A 42 -7.56 2.48 4.21
CA ILE A 42 -7.76 3.37 3.01
C ILE A 42 -9.26 3.49 2.66
N GLY A 43 -9.74 4.71 2.52
CA GLY A 43 -11.18 4.93 2.19
C GLY A 43 -11.29 6.06 1.15
N ASN A 44 -12.40 6.16 0.47
CA ASN A 44 -12.57 7.24 -0.55
C ASN A 44 -13.11 8.49 0.14
N ILE A 45 -12.68 9.63 -0.31
CA ILE A 45 -13.19 10.89 0.29
C ILE A 45 -13.49 11.87 -0.83
N ASP A 46 -14.71 11.84 -1.30
CA ASP A 46 -15.16 12.74 -2.40
C ASP A 46 -14.28 12.63 -3.67
N GLY A 47 -13.67 11.50 -3.93
CA GLY A 47 -12.85 11.36 -5.18
C GLY A 47 -11.35 11.31 -4.85
N GLU A 48 -10.98 11.52 -3.63
CA GLU A 48 -9.53 11.49 -3.26
C GLU A 48 -9.23 10.32 -2.31
N LEU A 49 -7.97 9.97 -2.18
CA LEU A 49 -7.56 8.85 -1.27
C LEU A 49 -6.92 9.44 -0.01
N GLN A 50 -7.23 8.92 1.15
CA GLN A 50 -6.61 9.45 2.41
C GLN A 50 -6.41 8.33 3.44
N PHE A 51 -5.48 8.55 4.34
CA PHE A 51 -5.20 7.56 5.41
C PHE A 51 -6.18 7.82 6.57
N GLY A 52 -6.52 6.80 7.33
CA GLY A 52 -7.47 7.00 8.47
C GLY A 52 -8.84 6.43 8.10
N ASP A 53 -9.16 6.38 6.84
CA ASP A 53 -10.47 5.83 6.41
C ASP A 53 -10.34 4.38 5.95
N GLN A 54 -11.42 3.80 5.49
CA GLN A 54 -11.37 2.38 5.01
C GLN A 54 -12.33 2.16 3.82
N ASN A 55 -12.22 1.05 3.12
CA ASN A 55 -13.15 0.79 1.96
C ASN A 55 -12.90 1.84 0.84
N PHE A 56 -12.08 1.51 -0.11
CA PHE A 56 -11.79 2.46 -1.24
C PHE A 56 -11.82 1.75 -2.62
N GLN A 57 -11.31 0.55 -2.71
CA GLN A 57 -11.33 -0.14 -4.05
C GLN A 57 -12.76 -0.27 -4.55
N GLU A 58 -13.71 -0.33 -3.66
CA GLU A 58 -15.14 -0.46 -4.07
C GLU A 58 -15.52 0.72 -4.98
N THR A 59 -14.91 1.86 -4.79
CA THR A 59 -15.23 3.05 -5.63
C THR A 59 -14.01 3.45 -6.49
N CYS A 60 -13.10 2.54 -6.71
CA CYS A 60 -11.89 2.88 -7.53
C CYS A 60 -11.43 1.68 -8.37
N GLN A 61 -10.74 1.96 -9.45
CA GLN A 61 -10.26 0.84 -10.34
C GLN A 61 -8.83 1.11 -10.83
N ASP A 62 -8.29 0.17 -11.58
CA ASP A 62 -6.91 0.30 -12.15
C ASP A 62 -5.86 0.63 -11.06
N CYS A 63 -5.96 0.06 -9.90
CA CYS A 63 -4.92 0.38 -8.86
C CYS A 63 -3.63 -0.32 -9.25
N ARG A 64 -2.54 0.39 -9.29
CA ARG A 64 -1.28 -0.28 -9.67
C ARG A 64 -0.07 0.44 -9.07
N LEU A 65 0.90 -0.34 -8.73
CA LEU A 65 2.15 0.20 -8.14
C LEU A 65 3.07 0.63 -9.28
N GLU A 66 3.94 1.57 -9.06
CA GLU A 66 4.86 2.01 -10.14
C GLU A 66 6.27 2.24 -9.56
N PHE A 67 7.29 1.70 -10.20
CA PHE A 67 8.67 1.90 -9.67
C PHE A 67 9.27 3.19 -10.22
N GLY A 68 9.91 3.97 -9.40
CA GLY A 68 10.52 5.27 -9.88
C GLY A 68 11.95 5.03 -10.38
N ASP A 69 12.77 6.06 -10.39
CA ASP A 69 14.18 5.91 -10.85
C ASP A 69 14.87 4.76 -10.10
N GLY A 70 14.59 4.61 -8.83
CA GLY A 70 15.22 3.51 -8.04
C GLY A 70 14.15 2.49 -7.65
N GLU A 71 14.41 1.24 -7.86
CA GLU A 71 13.42 0.18 -7.51
C GLU A 71 13.20 0.15 -5.99
N GLN A 72 13.79 1.06 -5.26
CA GLN A 72 13.61 1.06 -3.77
C GLN A 72 12.28 1.71 -3.42
N SER A 73 11.46 1.97 -4.38
CA SER A 73 10.15 2.62 -4.07
C SER A 73 9.01 2.11 -4.96
N VAL A 74 7.79 2.12 -4.49
CA VAL A 74 6.67 1.65 -5.36
C VAL A 74 5.54 2.69 -5.22
N TRP A 75 5.01 3.25 -6.28
CA TRP A 75 3.96 4.29 -6.06
C TRP A 75 2.51 3.87 -6.42
N LEU A 76 1.60 4.02 -5.48
CA LEU A 76 0.20 3.55 -5.70
C LEU A 76 -0.71 4.63 -6.31
N VAL A 77 -1.08 4.43 -7.56
CA VAL A 77 -2.01 5.37 -8.30
C VAL A 77 -3.35 4.65 -8.54
N CYS A 78 -4.46 5.35 -8.39
CA CYS A 78 -5.80 4.68 -8.61
C CYS A 78 -6.84 5.69 -9.07
N THR A 79 -7.74 5.23 -9.88
CA THR A 79 -8.85 6.10 -10.35
C THR A 79 -10.01 5.90 -9.34
N CYS A 80 -10.45 6.95 -8.71
CA CYS A 80 -11.54 6.81 -7.68
C CYS A 80 -12.75 7.59 -8.17
N GLN A 81 -13.91 7.00 -8.20
CA GLN A 81 -15.13 7.73 -8.67
C GLN A 81 -15.48 8.88 -7.71
N THR A 82 -16.03 9.94 -8.24
CA THR A 82 -16.41 11.09 -7.37
C THR A 82 -17.85 10.88 -6.91
N MET A 83 -18.33 11.66 -5.99
CA MET A 83 -19.74 11.46 -5.51
C MET A 83 -20.72 11.66 -6.68
N ASP A 84 -20.45 12.58 -7.55
CA ASP A 84 -21.36 12.82 -8.70
C ASP A 84 -21.31 11.60 -9.64
N GLY A 85 -20.27 10.81 -9.55
CA GLY A 85 -20.15 9.60 -10.41
C GLY A 85 -19.03 9.77 -11.44
N GLU A 86 -18.32 10.87 -11.40
CA GLU A 86 -17.21 11.08 -12.39
C GLU A 86 -15.95 10.31 -11.94
N TRP A 87 -15.07 10.03 -12.86
CA TRP A 87 -13.82 9.28 -12.52
C TRP A 87 -12.61 10.23 -12.51
N LYS A 88 -11.82 10.20 -11.48
CA LYS A 88 -10.62 11.10 -11.45
C LYS A 88 -9.38 10.29 -11.04
N SER A 89 -8.22 10.74 -11.43
CA SER A 89 -6.95 10.01 -11.09
C SER A 89 -6.34 10.57 -9.80
N THR A 90 -6.16 9.73 -8.82
CA THR A 90 -5.53 10.16 -7.52
C THR A 90 -4.19 9.43 -7.33
N GLN A 91 -3.36 9.89 -6.43
CA GLN A 91 -2.03 9.22 -6.21
C GLN A 91 -1.70 9.21 -4.70
N ILE A 92 -0.88 8.28 -4.26
CA ILE A 92 -0.52 8.24 -2.81
C ILE A 92 0.78 7.45 -2.60
N LEU A 93 1.68 7.93 -1.78
CA LEU A 93 2.97 7.22 -1.56
C LEU A 93 2.87 6.34 -0.29
N LEU A 94 2.98 5.05 -0.47
CA LEU A 94 2.91 4.13 0.70
C LEU A 94 4.05 4.43 1.70
N ASP A 95 5.18 4.86 1.22
CA ASP A 95 6.33 5.19 2.14
C ASP A 95 5.98 6.44 2.97
N SER A 96 5.77 6.29 4.25
CA SER A 96 5.44 7.47 5.12
C SER A 96 5.28 7.03 6.59
N GLN A 97 4.13 7.23 7.18
CA GLN A 97 3.93 6.82 8.61
C GLN A 97 3.64 5.31 8.72
N ILE A 98 4.18 4.49 7.84
CA ILE A 98 3.93 3.02 7.92
C ILE A 98 5.28 2.28 7.89
N ASP A 99 5.47 1.34 8.77
CA ASP A 99 6.78 0.60 8.81
C ASP A 99 6.56 -0.87 9.23
N ASN A 100 7.54 -1.70 8.96
CA ASN A 100 7.42 -3.15 9.32
C ASN A 100 8.57 -3.55 10.27
N ASN A 101 8.26 -3.99 11.45
CA ASN A 101 9.35 -4.41 12.40
C ASN A 101 10.03 -5.68 11.86
N ASP A 102 11.22 -5.96 12.32
CA ASP A 102 11.97 -7.17 11.87
C ASP A 102 11.11 -8.45 11.98
N SER A 103 10.32 -8.57 13.02
CA SER A 103 9.44 -9.78 13.19
C SER A 103 7.95 -9.39 13.31
N GLN A 104 7.62 -8.12 13.30
CA GLN A 104 6.17 -7.77 13.44
C GLN A 104 5.80 -6.64 12.44
N LEU A 105 4.54 -6.49 12.12
CA LEU A 105 4.12 -5.42 11.16
C LEU A 105 3.01 -4.55 11.76
N GLU A 106 3.32 -3.32 12.10
CA GLU A 106 2.29 -2.41 12.69
C GLU A 106 2.60 -0.96 12.33
N ILE A 107 1.58 -0.15 12.19
CA ILE A 107 1.79 1.29 11.84
C ILE A 107 2.69 1.94 12.89
N GLY A 108 3.27 3.06 12.55
CA GLY A 108 4.17 3.79 13.49
C GLY A 108 5.59 3.67 12.96
N MET A 1 9.39 7.34 9.39
CA MET A 1 10.22 6.31 10.07
C MET A 1 10.39 5.10 9.14
N PRO A 2 11.42 4.32 9.35
CA PRO A 2 11.77 3.09 8.58
C PRO A 2 10.65 2.51 7.68
N ASN A 3 10.97 1.87 6.58
CA ASN A 3 9.88 1.33 5.69
C ASN A 3 10.20 -0.15 5.36
N PHE A 4 9.37 -0.79 4.59
CA PHE A 4 9.63 -2.23 4.26
C PHE A 4 10.41 -2.40 2.94
N SER A 5 11.16 -1.41 2.56
CA SER A 5 11.96 -1.53 1.28
C SER A 5 13.17 -2.43 1.55
N HIS A 6 14.23 -1.83 2.01
CA HIS A 6 15.49 -2.60 2.28
C HIS A 6 15.22 -3.80 3.20
N THR A 7 14.33 -3.67 4.15
CA THR A 7 14.06 -4.81 5.09
C THR A 7 13.32 -5.96 4.37
N CYS A 8 12.53 -5.65 3.39
CA CYS A 8 11.79 -6.71 2.66
C CYS A 8 12.02 -6.61 1.14
N SER A 9 11.85 -7.71 0.45
CA SER A 9 12.05 -7.69 -1.05
C SER A 9 10.89 -8.42 -1.75
N SER A 10 10.77 -8.25 -3.05
CA SER A 10 9.66 -8.92 -3.81
C SER A 10 8.30 -8.34 -3.41
N ILE A 11 8.15 -7.06 -3.57
CA ILE A 11 6.88 -6.37 -3.19
C ILE A 11 5.72 -6.79 -4.13
N ASN A 12 4.69 -7.37 -3.58
CA ASN A 12 3.52 -7.79 -4.41
C ASN A 12 2.24 -7.12 -3.90
N TYR A 13 1.34 -6.77 -4.79
CA TYR A 13 0.07 -6.12 -4.38
C TYR A 13 -1.05 -6.58 -5.30
N ASP A 14 -1.92 -7.44 -4.83
CA ASP A 14 -3.04 -7.89 -5.70
C ASP A 14 -4.12 -6.77 -5.72
N PRO A 15 -4.50 -6.33 -6.89
CA PRO A 15 -5.51 -5.23 -7.04
C PRO A 15 -6.94 -5.65 -6.65
N ASP A 16 -7.22 -6.93 -6.60
CA ASP A 16 -8.61 -7.36 -6.22
C ASP A 16 -8.77 -7.26 -4.68
N SER A 17 -8.06 -8.07 -3.94
CA SER A 17 -8.17 -8.08 -2.44
C SER A 17 -7.28 -7.00 -1.80
N THR A 18 -6.53 -6.27 -2.58
CA THR A 18 -5.61 -5.21 -2.04
C THR A 18 -4.80 -5.71 -0.84
N ILE A 19 -3.98 -6.71 -1.05
CA ILE A 19 -3.14 -7.23 0.09
C ILE A 19 -1.66 -7.09 -0.30
N LEU A 20 -0.86 -6.55 0.58
CA LEU A 20 0.59 -6.41 0.26
C LEU A 20 1.37 -7.63 0.79
N SER A 21 2.02 -8.34 -0.09
CA SER A 21 2.79 -9.54 0.36
C SER A 21 4.28 -9.34 0.06
N ALA A 22 5.12 -9.69 0.99
CA ALA A 22 6.58 -9.52 0.78
C ALA A 22 7.36 -10.39 1.78
N GLU A 23 8.55 -10.78 1.44
CA GLU A 23 9.36 -11.63 2.36
C GLU A 23 10.32 -10.73 3.15
N CYS A 24 10.34 -10.85 4.44
CA CYS A 24 11.24 -9.99 5.27
C CYS A 24 12.17 -10.86 6.13
N GLN A 25 13.28 -10.31 6.57
CA GLN A 25 14.24 -11.10 7.40
C GLN A 25 13.95 -10.83 8.89
N ALA A 26 13.82 -11.88 9.67
CA ALA A 26 13.54 -11.69 11.12
C ALA A 26 14.84 -11.49 11.89
N ARG A 27 14.74 -11.13 13.13
CA ARG A 27 15.94 -10.93 13.97
C ARG A 27 16.74 -12.24 14.07
N ASP A 28 16.04 -13.35 14.05
CA ASP A 28 16.72 -14.68 14.14
C ASP A 28 17.49 -14.94 12.85
N GLY A 29 17.44 -14.02 11.91
CA GLY A 29 18.16 -14.22 10.62
C GLY A 29 17.32 -15.12 9.72
N GLU A 30 16.06 -15.28 10.02
CA GLU A 30 15.17 -16.15 9.18
C GLU A 30 14.27 -15.30 8.27
N TRP A 31 13.97 -15.80 7.09
CA TRP A 31 13.10 -15.05 6.13
C TRP A 31 11.66 -15.56 6.23
N LEU A 32 10.71 -14.67 6.41
CA LEU A 32 9.27 -15.12 6.49
C LEU A 32 8.39 -14.20 5.61
N PRO A 33 7.26 -14.71 5.16
CA PRO A 33 6.31 -13.94 4.31
C PRO A 33 5.25 -13.21 5.15
N THR A 34 4.91 -11.99 4.80
CA THR A 34 3.88 -11.24 5.60
C THR A 34 2.82 -10.62 4.68
N GLU A 35 1.60 -10.56 5.13
CA GLU A 35 0.50 -9.96 4.31
C GLU A 35 -0.08 -8.73 5.03
N LEU A 36 -0.52 -7.73 4.30
CA LEU A 36 -1.12 -6.53 4.94
C LEU A 36 -2.29 -6.00 4.10
N ARG A 37 -3.32 -5.51 4.73
CA ARG A 37 -4.51 -4.98 3.96
C ARG A 37 -4.56 -3.44 4.08
N LEU A 38 -4.31 -2.74 3.01
CA LEU A 38 -4.34 -1.24 3.09
C LEU A 38 -5.78 -0.73 3.33
N SER A 39 -6.74 -1.36 2.73
CA SER A 39 -8.15 -0.91 2.89
C SER A 39 -8.39 -0.48 4.34
N ASP A 40 -7.64 -1.05 5.25
CA ASP A 40 -7.80 -0.71 6.71
C ASP A 40 -7.53 0.79 6.93
N HIS A 41 -6.58 1.36 6.23
CA HIS A 41 -6.27 2.82 6.42
C HIS A 41 -6.57 3.63 5.14
N ILE A 42 -7.21 3.06 4.17
CA ILE A 42 -7.49 3.84 2.91
C ILE A 42 -8.99 3.82 2.57
N GLY A 43 -9.59 4.99 2.47
CA GLY A 43 -11.06 5.09 2.14
C GLY A 43 -11.27 6.18 1.09
N ASN A 44 -12.41 6.24 0.48
CA ASN A 44 -12.67 7.28 -0.56
C ASN A 44 -13.25 8.53 0.11
N ILE A 45 -12.83 9.67 -0.31
CA ILE A 45 -13.37 10.92 0.28
C ILE A 45 -13.67 11.90 -0.85
N ASP A 46 -14.88 11.86 -1.32
CA ASP A 46 -15.31 12.76 -2.43
C ASP A 46 -14.44 12.64 -3.69
N GLY A 47 -13.83 11.50 -3.95
CA GLY A 47 -13.00 11.36 -5.20
C GLY A 47 -11.50 11.37 -4.86
N GLU A 48 -11.14 11.64 -3.64
CA GLU A 48 -9.69 11.67 -3.27
C GLU A 48 -9.33 10.50 -2.34
N LEU A 49 -8.05 10.20 -2.24
CA LEU A 49 -7.60 9.08 -1.35
C LEU A 49 -6.90 9.67 -0.11
N GLN A 50 -7.22 9.20 1.06
CA GLN A 50 -6.56 9.75 2.29
C GLN A 50 -6.37 8.65 3.35
N PHE A 51 -5.46 8.87 4.24
CA PHE A 51 -5.19 7.89 5.34
C PHE A 51 -6.21 8.14 6.46
N GLY A 52 -6.57 7.12 7.20
CA GLY A 52 -7.56 7.30 8.30
C GLY A 52 -8.90 6.70 7.89
N ASP A 53 -9.24 6.76 6.64
CA ASP A 53 -10.53 6.19 6.17
C ASP A 53 -10.35 4.76 5.67
N GLN A 54 -11.44 4.08 5.39
CA GLN A 54 -11.36 2.66 4.90
C GLN A 54 -12.37 2.39 3.77
N ASN A 55 -12.28 1.28 3.08
CA ASN A 55 -13.26 0.98 1.98
C ASN A 55 -13.02 1.92 0.78
N PHE A 56 -12.05 1.61 -0.04
CA PHE A 56 -11.75 2.45 -1.24
C PHE A 56 -11.79 1.63 -2.55
N GLN A 57 -11.29 0.43 -2.55
CA GLN A 57 -11.32 -0.37 -3.82
C GLN A 57 -12.76 -0.53 -4.30
N GLU A 58 -13.70 -0.51 -3.40
CA GLU A 58 -15.14 -0.66 -3.79
C GLU A 58 -15.54 0.49 -4.73
N THR A 59 -14.94 1.64 -4.57
CA THR A 59 -15.28 2.80 -5.45
C THR A 59 -14.07 3.23 -6.28
N CYS A 60 -13.16 2.32 -6.56
CA CYS A 60 -11.95 2.69 -7.37
C CYS A 60 -11.48 1.51 -8.22
N GLN A 61 -10.76 1.79 -9.28
CA GLN A 61 -10.27 0.70 -10.18
C GLN A 61 -8.86 1.01 -10.70
N ASP A 62 -8.32 0.10 -11.47
CA ASP A 62 -6.95 0.26 -12.05
C ASP A 62 -5.89 0.58 -10.97
N CYS A 63 -5.94 -0.03 -9.83
CA CYS A 63 -4.88 0.29 -8.80
C CYS A 63 -3.58 -0.37 -9.22
N ARG A 64 -2.52 0.37 -9.27
CA ARG A 64 -1.25 -0.27 -9.68
C ARG A 64 -0.04 0.45 -9.07
N LEU A 65 0.95 -0.31 -8.77
CA LEU A 65 2.18 0.24 -8.16
C LEU A 65 3.10 0.73 -9.29
N GLU A 66 3.96 1.66 -9.02
CA GLU A 66 4.87 2.16 -10.09
C GLU A 66 6.28 2.34 -9.53
N PHE A 67 7.28 1.80 -10.17
CA PHE A 67 8.68 1.96 -9.66
C PHE A 67 9.29 3.26 -10.21
N GLY A 68 9.95 4.02 -9.37
CA GLY A 68 10.57 5.31 -9.83
C GLY A 68 11.99 5.06 -10.33
N ASP A 69 12.82 6.09 -10.36
CA ASP A 69 14.23 5.93 -10.84
C ASP A 69 14.91 4.78 -10.06
N GLY A 70 14.63 4.66 -8.79
CA GLY A 70 15.26 3.56 -7.99
C GLY A 70 14.20 2.54 -7.60
N GLU A 71 14.47 1.28 -7.82
CA GLU A 71 13.48 0.21 -7.48
C GLU A 71 13.26 0.16 -5.96
N GLN A 72 13.86 1.07 -5.22
CA GLN A 72 13.69 1.04 -3.73
C GLN A 72 12.35 1.69 -3.37
N SER A 73 11.52 1.97 -4.33
CA SER A 73 10.22 2.63 -4.01
C SER A 73 9.08 2.13 -4.91
N VAL A 74 7.86 2.13 -4.45
CA VAL A 74 6.75 1.70 -5.35
C VAL A 74 5.61 2.73 -5.16
N TRP A 75 5.07 3.30 -6.21
CA TRP A 75 4.00 4.34 -5.97
C TRP A 75 2.56 3.90 -6.30
N LEU A 76 1.66 4.09 -5.38
CA LEU A 76 0.25 3.63 -5.57
C LEU A 76 -0.67 4.71 -6.19
N VAL A 77 -1.14 4.43 -7.40
CA VAL A 77 -2.07 5.35 -8.13
C VAL A 77 -3.40 4.61 -8.38
N CYS A 78 -4.53 5.26 -8.22
CA CYS A 78 -5.85 4.57 -8.45
C CYS A 78 -6.91 5.55 -8.92
N THR A 79 -7.81 5.07 -9.72
CA THR A 79 -8.94 5.92 -10.19
C THR A 79 -10.08 5.72 -9.19
N CYS A 80 -10.55 6.76 -8.58
CA CYS A 80 -11.65 6.62 -7.56
C CYS A 80 -12.87 7.38 -8.06
N GLN A 81 -14.02 6.77 -8.07
CA GLN A 81 -15.24 7.49 -8.57
C GLN A 81 -15.59 8.67 -7.65
N THR A 82 -16.15 9.72 -8.20
CA THR A 82 -16.54 10.89 -7.36
C THR A 82 -17.98 10.68 -6.91
N MET A 83 -18.46 11.49 -6.00
CA MET A 83 -19.88 11.30 -5.55
C MET A 83 -20.85 11.49 -6.71
N ASP A 84 -20.54 12.39 -7.61
CA ASP A 84 -21.46 12.61 -8.77
C ASP A 84 -21.40 11.38 -9.70
N GLY A 85 -20.42 10.53 -9.52
CA GLY A 85 -20.30 9.31 -10.37
C GLY A 85 -19.18 9.46 -11.40
N GLU A 86 -18.46 10.55 -11.37
CA GLU A 86 -17.34 10.74 -12.35
C GLU A 86 -16.09 9.99 -11.89
N TRP A 87 -15.20 9.71 -12.80
CA TRP A 87 -13.95 8.96 -12.44
C TRP A 87 -12.75 9.92 -12.49
N LYS A 88 -11.94 9.93 -11.45
CA LYS A 88 -10.74 10.83 -11.46
C LYS A 88 -9.50 10.04 -11.03
N SER A 89 -8.33 10.50 -11.43
CA SER A 89 -7.07 9.77 -11.06
C SER A 89 -6.42 10.42 -9.84
N THR A 90 -6.19 9.65 -8.81
CA THR A 90 -5.52 10.18 -7.58
C THR A 90 -4.18 9.45 -7.38
N GLN A 91 -3.31 9.97 -6.54
CA GLN A 91 -1.98 9.31 -6.30
C GLN A 91 -1.62 9.36 -4.81
N ILE A 92 -0.78 8.47 -4.36
CA ILE A 92 -0.40 8.48 -2.90
C ILE A 92 0.92 7.70 -2.70
N LEU A 93 1.80 8.22 -1.88
CA LEU A 93 3.11 7.53 -1.65
C LEU A 93 3.08 6.75 -0.33
N LEU A 94 3.29 5.47 -0.40
CA LEU A 94 3.28 4.62 0.84
C LEU A 94 4.44 5.01 1.76
N ASP A 95 5.53 5.48 1.21
CA ASP A 95 6.70 5.88 2.06
C ASP A 95 6.30 7.03 3.01
N SER A 96 5.99 6.74 4.25
CA SER A 96 5.59 7.81 5.21
C SER A 96 5.39 7.23 6.62
N GLN A 97 4.21 7.34 7.17
CA GLN A 97 3.96 6.77 8.54
C GLN A 97 3.69 5.25 8.48
N ILE A 98 4.42 4.52 7.66
CA ILE A 98 4.21 3.04 7.58
C ILE A 98 5.56 2.33 7.74
N ASP A 99 5.62 1.33 8.55
CA ASP A 99 6.92 0.62 8.76
C ASP A 99 6.69 -0.86 9.14
N ASN A 100 7.68 -1.69 8.92
CA ASN A 100 7.55 -3.15 9.25
C ASN A 100 8.68 -3.58 10.20
N ASN A 101 8.34 -4.10 11.34
CA ASN A 101 9.42 -4.55 12.28
C ASN A 101 10.11 -5.81 11.73
N ASP A 102 11.29 -6.11 12.19
CA ASP A 102 12.03 -7.32 11.72
C ASP A 102 11.17 -8.60 11.80
N SER A 103 10.43 -8.76 12.87
CA SER A 103 9.55 -9.98 13.02
C SER A 103 8.06 -9.60 13.09
N GLN A 104 7.71 -8.34 13.06
CA GLN A 104 6.25 -7.99 13.13
C GLN A 104 5.92 -6.87 12.12
N LEU A 105 4.67 -6.77 11.72
CA LEU A 105 4.29 -5.71 10.73
C LEU A 105 3.10 -4.89 11.26
N GLU A 106 3.33 -3.64 11.57
CA GLU A 106 2.23 -2.78 12.10
C GLU A 106 2.48 -1.32 11.73
N ILE A 107 1.43 -0.55 11.56
CA ILE A 107 1.58 0.88 11.19
C ILE A 107 1.87 1.70 12.47
N GLY A 108 3.08 1.63 12.95
CA GLY A 108 3.48 2.37 14.18
C GLY A 108 2.73 1.74 15.36
N MET A 1 10.67 7.14 9.66
CA MET A 1 11.89 6.28 9.67
C MET A 1 11.71 5.16 8.64
N PRO A 2 12.81 4.55 8.21
CA PRO A 2 12.85 3.44 7.22
C PRO A 2 11.51 2.70 6.96
N ASN A 3 11.31 2.16 5.77
CA ASN A 3 10.00 1.47 5.49
C ASN A 3 10.28 -0.01 5.17
N PHE A 4 9.35 -0.70 4.59
CA PHE A 4 9.56 -2.16 4.28
C PHE A 4 10.36 -2.37 2.99
N SER A 5 11.12 -1.39 2.58
CA SER A 5 11.93 -1.56 1.33
C SER A 5 13.13 -2.45 1.64
N HIS A 6 14.20 -1.85 2.10
CA HIS A 6 15.44 -2.62 2.40
C HIS A 6 15.13 -3.81 3.34
N THR A 7 14.21 -3.66 4.26
CA THR A 7 13.92 -4.80 5.21
C THR A 7 13.17 -5.93 4.49
N CYS A 8 12.39 -5.62 3.50
CA CYS A 8 11.64 -6.68 2.76
C CYS A 8 11.87 -6.58 1.25
N SER A 9 11.71 -7.67 0.54
CA SER A 9 11.91 -7.62 -0.95
C SER A 9 10.77 -8.36 -1.66
N SER A 10 10.63 -8.17 -2.95
CA SER A 10 9.53 -8.85 -3.74
C SER A 10 8.16 -8.26 -3.35
N ILE A 11 8.04 -6.96 -3.51
CA ILE A 11 6.76 -6.27 -3.17
C ILE A 11 5.63 -6.66 -4.13
N ASN A 12 4.59 -7.27 -3.61
CA ASN A 12 3.44 -7.67 -4.48
C ASN A 12 2.16 -6.96 -4.02
N TYR A 13 1.30 -6.61 -4.94
CA TYR A 13 0.03 -5.92 -4.59
C TYR A 13 -1.11 -6.47 -5.44
N ASP A 14 -1.96 -7.28 -4.88
CA ASP A 14 -3.10 -7.80 -5.68
C ASP A 14 -4.20 -6.73 -5.73
N PRO A 15 -4.60 -6.32 -6.91
CA PRO A 15 -5.63 -5.25 -7.09
C PRO A 15 -7.06 -5.71 -6.69
N ASP A 16 -7.32 -6.98 -6.64
CA ASP A 16 -8.69 -7.44 -6.24
C ASP A 16 -8.86 -7.35 -4.71
N SER A 17 -8.10 -8.13 -3.98
CA SER A 17 -8.20 -8.15 -2.47
C SER A 17 -7.34 -7.05 -1.83
N THR A 18 -6.61 -6.30 -2.62
CA THR A 18 -5.70 -5.21 -2.08
C THR A 18 -4.87 -5.70 -0.89
N ILE A 19 -4.09 -6.74 -1.08
CA ILE A 19 -3.25 -7.24 0.04
C ILE A 19 -1.77 -7.06 -0.34
N LEU A 20 -0.98 -6.50 0.53
CA LEU A 20 0.47 -6.32 0.23
C LEU A 20 1.27 -7.51 0.77
N SER A 21 1.97 -8.20 -0.09
CA SER A 21 2.77 -9.37 0.37
C SER A 21 4.27 -9.11 0.11
N ALA A 22 5.10 -9.48 1.05
CA ALA A 22 6.57 -9.26 0.87
C ALA A 22 7.35 -10.17 1.84
N GLU A 23 8.53 -10.55 1.48
CA GLU A 23 9.35 -11.42 2.38
C GLU A 23 10.26 -10.54 3.24
N CYS A 24 10.24 -10.73 4.52
CA CYS A 24 11.10 -9.89 5.42
C CYS A 24 11.99 -10.79 6.28
N GLN A 25 13.08 -10.26 6.79
CA GLN A 25 14.01 -11.08 7.63
C GLN A 25 13.67 -10.86 9.12
N ALA A 26 13.53 -11.92 9.86
CA ALA A 26 13.21 -11.78 11.30
C ALA A 26 14.49 -11.62 12.13
N ARG A 27 14.34 -11.24 13.35
CA ARG A 27 15.52 -11.06 14.24
C ARG A 27 16.26 -12.39 14.38
N ASP A 28 15.56 -13.48 14.25
CA ASP A 28 16.20 -14.82 14.38
C ASP A 28 17.05 -15.09 13.13
N GLY A 29 17.09 -14.14 12.22
CA GLY A 29 17.89 -14.34 10.98
C GLY A 29 17.11 -15.23 10.01
N GLU A 30 15.81 -15.31 10.19
CA GLU A 30 14.97 -16.16 9.27
C GLU A 30 14.10 -15.29 8.35
N TRP A 31 13.84 -15.76 7.15
CA TRP A 31 13.00 -14.98 6.18
C TRP A 31 11.56 -15.52 6.19
N LEU A 32 10.59 -14.66 6.37
CA LEU A 32 9.16 -15.12 6.36
C LEU A 32 8.31 -14.17 5.51
N PRO A 33 7.18 -14.64 5.03
CA PRO A 33 6.24 -13.83 4.19
C PRO A 33 5.16 -13.13 5.04
N THR A 34 4.86 -11.90 4.75
CA THR A 34 3.81 -11.18 5.56
C THR A 34 2.76 -10.53 4.64
N GLU A 35 1.52 -10.53 5.04
CA GLU A 35 0.43 -9.92 4.21
C GLU A 35 -0.16 -8.70 4.95
N LEU A 36 -0.61 -7.71 4.23
CA LEU A 36 -1.20 -6.51 4.90
C LEU A 36 -2.39 -5.98 4.06
N ARG A 37 -3.46 -5.60 4.70
CA ARG A 37 -4.66 -5.06 3.96
C ARG A 37 -4.72 -3.52 4.09
N LEU A 38 -4.42 -2.80 3.05
CA LEU A 38 -4.46 -1.30 3.16
C LEU A 38 -5.89 -0.81 3.36
N SER A 39 -6.84 -1.43 2.72
CA SER A 39 -8.26 -0.98 2.86
C SER A 39 -8.54 -0.60 4.32
N ASP A 40 -7.83 -1.19 5.24
CA ASP A 40 -8.02 -0.90 6.70
C ASP A 40 -7.77 0.60 6.97
N HIS A 41 -6.77 1.19 6.33
CA HIS A 41 -6.47 2.63 6.58
C HIS A 41 -6.74 3.48 5.31
N ILE A 42 -7.35 2.94 4.30
CA ILE A 42 -7.61 3.75 3.06
C ILE A 42 -9.10 3.71 2.67
N GLY A 43 -9.71 4.86 2.55
CA GLY A 43 -11.17 4.92 2.17
C GLY A 43 -11.36 6.03 1.13
N ASN A 44 -12.50 6.08 0.49
CA ASN A 44 -12.75 7.13 -0.54
C ASN A 44 -13.39 8.35 0.12
N ILE A 45 -13.01 9.51 -0.28
CA ILE A 45 -13.60 10.73 0.31
C ILE A 45 -13.88 11.72 -0.82
N ASP A 46 -15.07 11.67 -1.33
CA ASP A 46 -15.50 12.58 -2.43
C ASP A 46 -14.56 12.51 -3.66
N GLY A 47 -13.92 11.38 -3.92
CA GLY A 47 -13.04 11.30 -5.13
C GLY A 47 -11.56 11.35 -4.75
N GLU A 48 -11.25 11.58 -3.51
CA GLU A 48 -9.81 11.64 -3.08
C GLU A 48 -9.44 10.46 -2.18
N LEU A 49 -8.18 10.17 -2.06
CA LEU A 49 -7.72 9.03 -1.19
C LEU A 49 -7.03 9.60 0.06
N GLN A 50 -7.35 9.11 1.22
CA GLN A 50 -6.68 9.63 2.46
C GLN A 50 -6.50 8.52 3.49
N PHE A 51 -5.57 8.71 4.39
CA PHE A 51 -5.30 7.71 5.46
C PHE A 51 -6.33 7.94 6.59
N GLY A 52 -6.67 6.91 7.31
CA GLY A 52 -7.68 7.07 8.42
C GLY A 52 -9.03 6.50 7.99
N ASP A 53 -9.31 6.50 6.72
CA ASP A 53 -10.60 5.95 6.23
C ASP A 53 -10.44 4.51 5.74
N GLN A 54 -11.53 3.88 5.38
CA GLN A 54 -11.46 2.46 4.89
C GLN A 54 -12.44 2.22 3.72
N ASN A 55 -12.32 1.12 3.01
CA ASN A 55 -13.26 0.85 1.88
C ASN A 55 -13.00 1.83 0.71
N PHE A 56 -12.08 1.51 -0.15
CA PHE A 56 -11.76 2.40 -1.32
C PHE A 56 -11.77 1.63 -2.65
N GLN A 57 -11.26 0.42 -2.69
CA GLN A 57 -11.26 -0.33 -3.99
C GLN A 57 -12.70 -0.50 -4.50
N GLU A 58 -13.66 -0.50 -3.61
CA GLU A 58 -15.08 -0.66 -4.03
C GLU A 58 -15.48 0.50 -4.95
N THR A 59 -14.89 1.66 -4.77
CA THR A 59 -15.24 2.83 -5.63
C THR A 59 -14.02 3.26 -6.46
N CYS A 60 -13.11 2.36 -6.72
CA CYS A 60 -11.90 2.73 -7.53
C CYS A 60 -11.42 1.55 -8.39
N GLN A 61 -10.71 1.85 -9.45
CA GLN A 61 -10.20 0.77 -10.36
C GLN A 61 -8.77 1.08 -10.84
N ASP A 62 -8.21 0.16 -11.59
CA ASP A 62 -6.83 0.31 -12.13
C ASP A 62 -5.79 0.63 -11.03
N CYS A 63 -5.90 0.04 -9.87
CA CYS A 63 -4.89 0.35 -8.82
C CYS A 63 -3.59 -0.35 -9.20
N ARG A 64 -2.50 0.37 -9.26
CA ARG A 64 -1.23 -0.29 -9.62
C ARG A 64 -0.03 0.46 -9.05
N LEU A 65 0.95 -0.29 -8.66
CA LEU A 65 2.18 0.28 -8.09
C LEU A 65 3.10 0.67 -9.25
N GLU A 66 3.96 1.63 -9.05
CA GLU A 66 4.89 2.03 -10.14
C GLU A 66 6.29 2.28 -9.57
N PHE A 67 7.31 1.74 -10.19
CA PHE A 67 8.70 1.95 -9.66
C PHE A 67 9.27 3.25 -10.25
N GLY A 68 9.91 4.05 -9.43
CA GLY A 68 10.49 5.34 -9.93
C GLY A 68 11.92 5.12 -10.44
N ASP A 69 12.73 6.15 -10.47
CA ASP A 69 14.13 6.01 -10.95
C ASP A 69 14.85 4.90 -10.16
N GLY A 70 14.60 4.81 -8.88
CA GLY A 70 15.26 3.74 -8.06
C GLY A 70 14.23 2.69 -7.65
N GLU A 71 14.53 1.45 -7.86
CA GLU A 71 13.57 0.36 -7.50
C GLU A 71 13.36 0.32 -5.99
N GLN A 72 13.94 1.23 -5.26
CA GLN A 72 13.78 1.22 -3.77
C GLN A 72 12.44 1.85 -3.41
N SER A 73 11.61 2.13 -4.37
CA SER A 73 10.30 2.77 -4.06
C SER A 73 9.18 2.28 -4.97
N VAL A 74 7.96 2.25 -4.52
CA VAL A 74 6.85 1.82 -5.44
C VAL A 74 5.70 2.82 -5.23
N TRP A 75 5.13 3.39 -6.26
CA TRP A 75 4.05 4.40 -6.01
C TRP A 75 2.61 3.96 -6.38
N LEU A 76 1.69 4.10 -5.47
CA LEU A 76 0.29 3.63 -5.72
C LEU A 76 -0.63 4.70 -6.32
N VAL A 77 -1.09 4.45 -7.53
CA VAL A 77 -2.03 5.38 -8.25
C VAL A 77 -3.36 4.64 -8.49
N CYS A 78 -4.48 5.33 -8.30
CA CYS A 78 -5.81 4.64 -8.51
C CYS A 78 -6.86 5.64 -8.98
N THR A 79 -7.75 5.16 -9.81
CA THR A 79 -8.87 6.01 -10.28
C THR A 79 -10.04 5.79 -9.30
N CYS A 80 -10.50 6.82 -8.66
CA CYS A 80 -11.62 6.65 -7.66
C CYS A 80 -12.83 7.42 -8.16
N GLN A 81 -13.98 6.80 -8.19
CA GLN A 81 -15.20 7.52 -8.68
C GLN A 81 -15.59 8.65 -7.73
N THR A 82 -16.16 9.71 -8.26
CA THR A 82 -16.58 10.84 -7.39
C THR A 82 -18.03 10.61 -6.98
N MET A 83 -18.56 11.38 -6.06
CA MET A 83 -19.97 11.14 -5.65
C MET A 83 -20.92 11.35 -6.83
N ASP A 84 -20.63 12.28 -7.69
CA ASP A 84 -21.50 12.51 -8.86
C ASP A 84 -21.40 11.31 -9.82
N GLY A 85 -20.38 10.50 -9.67
CA GLY A 85 -20.22 9.30 -10.55
C GLY A 85 -19.07 9.51 -11.55
N GLU A 86 -18.39 10.62 -11.47
CA GLU A 86 -17.25 10.86 -12.42
C GLU A 86 -15.99 10.11 -11.94
N TRP A 87 -15.08 9.86 -12.84
CA TRP A 87 -13.82 9.13 -12.47
C TRP A 87 -12.64 10.10 -12.44
N LYS A 88 -11.87 10.10 -11.40
CA LYS A 88 -10.68 11.01 -11.35
C LYS A 88 -9.43 10.23 -10.93
N SER A 89 -8.28 10.65 -11.39
CA SER A 89 -7.00 9.93 -11.04
C SER A 89 -6.39 10.51 -9.76
N THR A 90 -6.19 9.69 -8.77
CA THR A 90 -5.56 10.15 -7.48
C THR A 90 -4.22 9.41 -7.29
N GLN A 91 -3.38 9.90 -6.40
CA GLN A 91 -2.06 9.24 -6.17
C GLN A 91 -1.71 9.27 -4.66
N ILE A 92 -0.84 8.39 -4.22
CA ILE A 92 -0.46 8.39 -2.77
C ILE A 92 0.84 7.58 -2.56
N LEU A 93 1.73 8.07 -1.73
CA LEU A 93 3.01 7.34 -1.50
C LEU A 93 2.89 6.46 -0.24
N LEU A 94 3.04 5.18 -0.41
CA LEU A 94 2.95 4.25 0.76
C LEU A 94 4.08 4.53 1.76
N ASP A 95 5.23 4.95 1.28
CA ASP A 95 6.37 5.25 2.21
C ASP A 95 6.05 6.51 3.04
N SER A 96 5.85 6.36 4.33
CA SER A 96 5.54 7.53 5.20
C SER A 96 5.38 7.08 6.66
N GLN A 97 4.23 7.29 7.25
CA GLN A 97 4.03 6.88 8.69
C GLN A 97 3.75 5.35 8.79
N ILE A 98 4.31 4.56 7.92
CA ILE A 98 4.09 3.07 7.99
C ILE A 98 5.45 2.36 7.98
N ASP A 99 5.62 1.38 8.82
CA ASP A 99 6.93 0.66 8.88
C ASP A 99 6.73 -0.82 9.24
N ASN A 100 7.74 -1.63 9.00
CA ASN A 100 7.64 -3.09 9.32
C ASN A 100 8.77 -3.50 10.29
N ASN A 101 8.43 -4.00 11.45
CA ASN A 101 9.50 -4.43 12.39
C ASN A 101 10.30 -5.59 11.79
N ASP A 102 11.44 -5.89 12.35
CA ASP A 102 12.30 -7.01 11.82
C ASP A 102 11.51 -8.33 11.72
N SER A 103 10.73 -8.66 12.72
CA SER A 103 9.91 -9.92 12.67
C SER A 103 8.40 -9.63 12.74
N GLN A 104 7.98 -8.39 12.82
CA GLN A 104 6.50 -8.13 12.89
C GLN A 104 6.12 -6.95 11.97
N LEU A 105 4.89 -6.89 11.54
CA LEU A 105 4.47 -5.77 10.62
C LEU A 105 3.36 -4.93 11.29
N GLU A 106 3.67 -3.73 11.69
CA GLU A 106 2.65 -2.85 12.33
C GLU A 106 2.97 -1.37 12.07
N ILE A 107 1.97 -0.55 12.01
CA ILE A 107 2.19 0.92 11.76
C ILE A 107 3.12 1.47 12.84
N GLY A 108 3.77 2.57 12.55
CA GLY A 108 4.71 3.20 13.52
C GLY A 108 3.92 4.28 14.30
N MET A 1 9.87 6.54 10.40
CA MET A 1 10.89 5.51 10.73
C MET A 1 10.95 4.48 9.60
N PRO A 2 12.05 3.76 9.48
CA PRO A 2 12.30 2.71 8.46
C PRO A 2 11.05 2.16 7.72
N ASN A 3 11.18 1.73 6.49
CA ASN A 3 9.96 1.21 5.75
C ASN A 3 10.22 -0.25 5.34
N PHE A 4 9.27 -0.87 4.69
CA PHE A 4 9.45 -2.30 4.28
C PHE A 4 10.21 -2.44 2.95
N SER A 5 10.92 -1.42 2.55
CA SER A 5 11.69 -1.51 1.27
C SER A 5 12.93 -2.36 1.50
N HIS A 6 13.98 -1.75 1.94
CA HIS A 6 15.26 -2.48 2.18
C HIS A 6 15.05 -3.68 3.12
N THR A 7 14.20 -3.55 4.11
CA THR A 7 14.00 -4.70 5.06
C THR A 7 13.28 -5.88 4.38
N CYS A 8 12.44 -5.60 3.42
CA CYS A 8 11.71 -6.71 2.71
C CYS A 8 11.95 -6.63 1.20
N SER A 9 11.78 -7.74 0.52
CA SER A 9 11.98 -7.72 -0.98
C SER A 9 10.81 -8.45 -1.67
N SER A 10 10.65 -8.23 -2.96
CA SER A 10 9.53 -8.89 -3.72
C SER A 10 8.18 -8.26 -3.33
N ILE A 11 8.08 -6.98 -3.50
CA ILE A 11 6.84 -6.23 -3.16
C ILE A 11 5.69 -6.60 -4.12
N ASN A 12 4.65 -7.21 -3.62
CA ASN A 12 3.49 -7.58 -4.49
C ASN A 12 2.20 -6.92 -3.96
N TYR A 13 1.32 -6.56 -4.85
CA TYR A 13 0.04 -5.91 -4.43
C TYR A 13 -1.09 -6.37 -5.36
N ASP A 14 -1.95 -7.23 -4.88
CA ASP A 14 -3.07 -7.68 -5.74
C ASP A 14 -4.15 -6.57 -5.77
N PRO A 15 -4.53 -6.11 -6.93
CA PRO A 15 -5.53 -5.01 -7.08
C PRO A 15 -6.97 -5.44 -6.70
N ASP A 16 -7.27 -6.72 -6.67
CA ASP A 16 -8.64 -7.15 -6.30
C ASP A 16 -8.81 -7.09 -4.76
N SER A 17 -8.08 -7.90 -4.04
CA SER A 17 -8.19 -7.94 -2.54
C SER A 17 -7.32 -6.85 -1.87
N THR A 18 -6.58 -6.11 -2.66
CA THR A 18 -5.67 -5.04 -2.09
C THR A 18 -4.83 -5.55 -0.91
N ILE A 19 -4.05 -6.57 -1.12
CA ILE A 19 -3.20 -7.11 -0.01
C ILE A 19 -1.72 -6.93 -0.40
N LEU A 20 -0.94 -6.36 0.47
CA LEU A 20 0.51 -6.19 0.16
C LEU A 20 1.32 -7.39 0.69
N SER A 21 1.99 -8.09 -0.17
CA SER A 21 2.79 -9.27 0.29
C SER A 21 4.27 -9.01 0.03
N ALA A 22 5.11 -9.35 0.98
CA ALA A 22 6.57 -9.13 0.81
C ALA A 22 7.35 -10.07 1.75
N GLU A 23 8.54 -10.43 1.38
CA GLU A 23 9.35 -11.33 2.25
C GLU A 23 10.27 -10.48 3.14
N CYS A 24 10.19 -10.66 4.43
CA CYS A 24 11.05 -9.84 5.35
C CYS A 24 11.97 -10.76 6.17
N GLN A 25 13.08 -10.24 6.63
CA GLN A 25 14.02 -11.08 7.45
C GLN A 25 13.74 -10.87 8.94
N ALA A 26 13.64 -11.92 9.69
CA ALA A 26 13.36 -11.78 11.15
C ALA A 26 14.66 -11.52 11.90
N ARG A 27 14.55 -11.18 13.15
CA ARG A 27 15.75 -10.92 13.99
C ARG A 27 16.65 -12.15 14.01
N ASP A 28 16.07 -13.33 13.94
CA ASP A 28 16.86 -14.59 13.96
C ASP A 28 17.57 -14.74 12.61
N GLY A 29 17.35 -13.82 11.71
CA GLY A 29 18.01 -13.91 10.37
C GLY A 29 17.20 -14.87 9.49
N GLU A 30 15.96 -15.11 9.84
CA GLU A 30 15.10 -16.02 9.01
C GLU A 30 14.09 -15.23 8.17
N TRP A 31 13.79 -15.69 6.99
CA TRP A 31 12.81 -14.99 6.09
C TRP A 31 11.39 -15.48 6.40
N LEU A 32 10.47 -14.58 6.65
CA LEU A 32 9.06 -15.01 6.93
C LEU A 32 8.08 -14.12 6.14
N PRO A 33 7.49 -14.65 5.10
CA PRO A 33 6.52 -13.93 4.24
C PRO A 33 5.51 -13.11 5.07
N THR A 34 5.12 -11.94 4.61
CA THR A 34 4.14 -11.12 5.40
C THR A 34 3.04 -10.57 4.49
N GLU A 35 1.88 -10.31 5.05
CA GLU A 35 0.75 -9.77 4.24
C GLU A 35 0.12 -8.56 4.96
N LEU A 36 -0.43 -7.61 4.24
CA LEU A 36 -1.06 -6.42 4.90
C LEU A 36 -2.26 -5.94 4.06
N ARG A 37 -3.31 -5.52 4.70
CA ARG A 37 -4.52 -5.02 3.96
C ARG A 37 -4.64 -3.48 4.11
N LEU A 38 -4.46 -2.74 3.06
CA LEU A 38 -4.55 -1.26 3.17
C LEU A 38 -6.00 -0.81 3.42
N SER A 39 -6.94 -1.46 2.79
CA SER A 39 -8.37 -1.08 2.98
C SER A 39 -8.63 -0.69 4.43
N ASP A 40 -7.87 -1.26 5.34
CA ASP A 40 -8.04 -0.97 6.80
C ASP A 40 -7.77 0.53 7.06
N HIS A 41 -6.78 1.11 6.40
CA HIS A 41 -6.47 2.56 6.63
C HIS A 41 -6.72 3.40 5.36
N ILE A 42 -7.35 2.86 4.35
CA ILE A 42 -7.59 3.67 3.11
C ILE A 42 -9.07 3.63 2.70
N GLY A 43 -9.69 4.77 2.58
CA GLY A 43 -11.14 4.84 2.18
C GLY A 43 -11.32 5.95 1.14
N ASN A 44 -12.48 6.02 0.52
CA ASN A 44 -12.72 7.09 -0.50
C ASN A 44 -13.35 8.30 0.17
N ILE A 45 -12.95 9.46 -0.23
CA ILE A 45 -13.53 10.68 0.37
C ILE A 45 -13.81 11.68 -0.75
N ASP A 46 -15.01 11.66 -1.24
CA ASP A 46 -15.43 12.58 -2.33
C ASP A 46 -14.52 12.50 -3.59
N GLY A 47 -13.89 11.36 -3.84
CA GLY A 47 -13.03 11.26 -5.07
C GLY A 47 -11.54 11.30 -4.70
N GLU A 48 -11.22 11.54 -3.47
CA GLU A 48 -9.77 11.60 -3.06
C GLU A 48 -9.40 10.40 -2.18
N LEU A 49 -8.13 10.11 -2.09
CA LEU A 49 -7.66 8.96 -1.25
C LEU A 49 -6.95 9.52 0.01
N GLN A 50 -7.27 9.02 1.17
CA GLN A 50 -6.60 9.53 2.41
C GLN A 50 -6.43 8.41 3.44
N PHE A 51 -5.48 8.59 4.32
CA PHE A 51 -5.22 7.58 5.38
C PHE A 51 -6.25 7.78 6.51
N GLY A 52 -6.60 6.75 7.21
CA GLY A 52 -7.60 6.90 8.32
C GLY A 52 -8.97 6.37 7.85
N ASP A 53 -9.22 6.39 6.57
CA ASP A 53 -10.53 5.90 6.05
C ASP A 53 -10.42 4.42 5.62
N GLN A 54 -11.53 3.83 5.25
CA GLN A 54 -11.53 2.40 4.83
C GLN A 54 -12.51 2.16 3.66
N ASN A 55 -12.42 1.04 2.98
CA ASN A 55 -13.37 0.78 1.84
C ASN A 55 -13.09 1.73 0.67
N PHE A 56 -12.10 1.45 -0.12
CA PHE A 56 -11.77 2.33 -1.30
C PHE A 56 -11.82 1.56 -2.64
N GLN A 57 -11.34 0.35 -2.68
CA GLN A 57 -11.39 -0.40 -3.97
C GLN A 57 -12.83 -0.55 -4.46
N GLU A 58 -13.76 -0.50 -3.55
CA GLU A 58 -15.20 -0.64 -3.94
C GLU A 58 -15.58 0.51 -4.88
N THR A 59 -14.96 1.65 -4.75
CA THR A 59 -15.29 2.81 -5.65
C THR A 59 -14.05 3.23 -6.45
N CYS A 60 -13.13 2.33 -6.69
CA CYS A 60 -11.90 2.69 -7.47
C CYS A 60 -11.42 1.52 -8.32
N GLN A 61 -10.69 1.81 -9.37
CA GLN A 61 -10.18 0.72 -10.27
C GLN A 61 -8.76 1.04 -10.77
N ASP A 62 -8.21 0.13 -11.54
CA ASP A 62 -6.82 0.29 -12.10
C ASP A 62 -5.79 0.60 -11.01
N CYS A 63 -5.88 -0.01 -9.86
CA CYS A 63 -4.84 0.30 -8.81
C CYS A 63 -3.54 -0.39 -9.23
N ARG A 64 -2.46 0.33 -9.25
CA ARG A 64 -1.19 -0.32 -9.65
C ARG A 64 0.01 0.40 -9.04
N LEU A 65 1.02 -0.36 -8.79
CA LEU A 65 2.27 0.19 -8.19
C LEU A 65 3.14 0.72 -9.33
N GLU A 66 3.99 1.67 -9.05
CA GLU A 66 4.86 2.21 -10.13
C GLU A 66 6.28 2.46 -9.58
N PHE A 67 7.27 1.90 -10.21
CA PHE A 67 8.67 2.10 -9.70
C PHE A 67 9.27 3.37 -10.32
N GLY A 68 9.94 4.18 -9.54
CA GLY A 68 10.55 5.44 -10.08
C GLY A 68 11.98 5.18 -10.56
N ASP A 69 12.82 6.18 -10.52
CA ASP A 69 14.23 6.00 -10.98
C ASP A 69 14.88 4.82 -10.24
N GLY A 70 14.58 4.66 -8.98
CA GLY A 70 15.17 3.52 -8.20
C GLY A 70 14.08 2.49 -7.89
N GLU A 71 14.34 1.24 -8.16
CA GLU A 71 13.33 0.18 -7.90
C GLU A 71 13.10 0.03 -6.38
N GLN A 72 13.74 0.83 -5.59
CA GLN A 72 13.56 0.73 -4.11
C GLN A 72 12.19 1.27 -3.72
N SER A 73 11.66 2.18 -4.47
CA SER A 73 10.33 2.76 -4.12
C SER A 73 9.22 2.29 -5.06
N VAL A 74 8.00 2.18 -4.59
CA VAL A 74 6.91 1.76 -5.52
C VAL A 74 5.75 2.75 -5.28
N TRP A 75 5.12 3.29 -6.30
CA TRP A 75 4.04 4.29 -6.01
C TRP A 75 2.61 3.84 -6.33
N LEU A 76 1.70 4.01 -5.40
CA LEU A 76 0.30 3.53 -5.60
C LEU A 76 -0.65 4.59 -6.19
N VAL A 77 -1.04 4.37 -7.43
CA VAL A 77 -1.98 5.30 -8.16
C VAL A 77 -3.32 4.56 -8.38
N CYS A 78 -4.44 5.24 -8.23
CA CYS A 78 -5.76 4.55 -8.44
C CYS A 78 -6.82 5.54 -8.91
N THR A 79 -7.70 5.07 -9.73
CA THR A 79 -8.82 5.92 -10.22
C THR A 79 -9.98 5.73 -9.23
N CYS A 80 -10.46 6.78 -8.63
CA CYS A 80 -11.56 6.63 -7.63
C CYS A 80 -12.77 7.42 -8.13
N GLN A 81 -13.93 6.82 -8.19
CA GLN A 81 -15.14 7.55 -8.69
C GLN A 81 -15.51 8.69 -7.72
N THR A 82 -16.08 9.75 -8.24
CA THR A 82 -16.50 10.88 -7.35
C THR A 82 -17.96 10.64 -6.95
N MET A 83 -18.47 11.41 -6.03
CA MET A 83 -19.89 11.19 -5.61
C MET A 83 -20.83 11.42 -6.80
N ASP A 84 -20.53 12.37 -7.63
CA ASP A 84 -21.42 12.62 -8.81
C ASP A 84 -21.35 11.42 -9.77
N GLY A 85 -20.32 10.62 -9.66
CA GLY A 85 -20.18 9.43 -10.55
C GLY A 85 -19.04 9.61 -11.55
N GLU A 86 -18.33 10.71 -11.49
CA GLU A 86 -17.20 10.93 -12.45
C GLU A 86 -15.96 10.17 -11.98
N TRP A 87 -15.07 9.86 -12.90
CA TRP A 87 -13.84 9.10 -12.54
C TRP A 87 -12.63 10.05 -12.55
N LYS A 88 -11.82 10.04 -11.52
CA LYS A 88 -10.61 10.92 -11.51
C LYS A 88 -9.38 10.11 -11.08
N SER A 89 -8.22 10.58 -11.44
CA SER A 89 -6.96 9.85 -11.06
C SER A 89 -6.31 10.46 -9.82
N THR A 90 -6.10 9.66 -8.80
CA THR A 90 -5.45 10.16 -7.55
C THR A 90 -4.11 9.41 -7.34
N GLN A 91 -3.28 9.89 -6.46
CA GLN A 91 -1.95 9.22 -6.22
C GLN A 91 -1.62 9.24 -4.71
N ILE A 92 -0.77 8.35 -4.27
CA ILE A 92 -0.39 8.34 -2.81
C ILE A 92 0.92 7.56 -2.61
N LEU A 93 1.78 8.06 -1.76
CA LEU A 93 3.09 7.37 -1.52
C LEU A 93 3.01 6.48 -0.26
N LEU A 94 3.14 5.20 -0.43
CA LEU A 94 3.09 4.28 0.74
C LEU A 94 4.23 4.57 1.72
N ASP A 95 5.37 5.01 1.22
CA ASP A 95 6.52 5.33 2.12
C ASP A 95 6.21 6.57 2.99
N SER A 96 5.99 6.38 4.26
CA SER A 96 5.66 7.55 5.16
C SER A 96 5.52 7.08 6.61
N GLN A 97 4.36 7.28 7.21
CA GLN A 97 4.17 6.83 8.63
C GLN A 97 3.86 5.32 8.72
N ILE A 98 4.43 4.52 7.85
CA ILE A 98 4.17 3.04 7.88
C ILE A 98 5.52 2.30 7.90
N ASP A 99 5.67 1.33 8.75
CA ASP A 99 6.96 0.59 8.81
C ASP A 99 6.74 -0.88 9.22
N ASN A 100 7.70 -1.73 8.93
CA ASN A 100 7.58 -3.18 9.28
C ASN A 100 8.70 -3.60 10.23
N ASN A 101 8.38 -4.04 11.40
CA ASN A 101 9.45 -4.48 12.35
C ASN A 101 10.12 -5.77 11.83
N ASP A 102 11.27 -6.10 12.35
CA ASP A 102 11.99 -7.34 11.91
C ASP A 102 11.09 -8.59 11.97
N SER A 103 10.32 -8.73 13.02
CA SER A 103 9.40 -9.92 13.15
C SER A 103 7.93 -9.49 13.28
N GLN A 104 7.62 -8.22 13.26
CA GLN A 104 6.18 -7.81 13.40
C GLN A 104 5.84 -6.70 12.39
N LEU A 105 4.58 -6.54 12.06
CA LEU A 105 4.19 -5.46 11.08
C LEU A 105 3.10 -4.57 11.67
N GLU A 106 3.44 -3.35 11.99
CA GLU A 106 2.42 -2.41 12.58
C GLU A 106 2.77 -0.96 12.22
N ILE A 107 1.79 -0.12 12.11
CA ILE A 107 2.04 1.32 11.76
C ILE A 107 3.01 1.92 12.78
N GLY A 108 3.67 2.98 12.40
CA GLY A 108 4.65 3.65 13.30
C GLY A 108 3.89 4.17 14.52
N MET A 1 10.43 6.34 10.83
CA MET A 1 11.68 5.55 10.66
C MET A 1 11.52 4.61 9.46
N PRO A 2 12.61 4.12 8.92
CA PRO A 2 12.68 3.20 7.76
C PRO A 2 11.36 2.48 7.39
N ASN A 3 11.14 2.14 6.13
CA ASN A 3 9.83 1.48 5.76
C ASN A 3 10.13 0.01 5.38
N PHE A 4 9.18 -0.68 4.81
CA PHE A 4 9.40 -2.11 4.45
C PHE A 4 10.16 -2.27 3.12
N SER A 5 10.86 -1.26 2.70
CA SER A 5 11.63 -1.38 1.41
C SER A 5 12.87 -2.23 1.67
N HIS A 6 13.94 -1.61 2.10
CA HIS A 6 15.21 -2.33 2.34
C HIS A 6 14.99 -3.56 3.26
N THR A 7 14.11 -3.46 4.22
CA THR A 7 13.90 -4.62 5.16
C THR A 7 13.19 -5.77 4.45
N CYS A 8 12.35 -5.48 3.49
CA CYS A 8 11.61 -6.56 2.76
C CYS A 8 11.83 -6.45 1.24
N SER A 9 11.66 -7.54 0.54
CA SER A 9 11.84 -7.50 -0.95
C SER A 9 10.71 -8.26 -1.65
N SER A 10 10.56 -8.09 -2.95
CA SER A 10 9.46 -8.79 -3.71
C SER A 10 8.09 -8.19 -3.33
N ILE A 11 7.97 -6.91 -3.47
CA ILE A 11 6.69 -6.20 -3.13
C ILE A 11 5.57 -6.58 -4.11
N ASN A 12 4.55 -7.24 -3.63
CA ASN A 12 3.40 -7.62 -4.51
C ASN A 12 2.11 -6.94 -4.03
N TYR A 13 1.23 -6.63 -4.94
CA TYR A 13 -0.05 -5.95 -4.57
C TYR A 13 -1.19 -6.51 -5.44
N ASP A 14 -2.01 -7.35 -4.91
CA ASP A 14 -3.14 -7.87 -5.72
C ASP A 14 -4.26 -6.81 -5.75
N PRO A 15 -4.68 -6.39 -6.93
CA PRO A 15 -5.72 -5.34 -7.08
C PRO A 15 -7.14 -5.81 -6.70
N ASP A 16 -7.38 -7.11 -6.66
CA ASP A 16 -8.74 -7.59 -6.28
C ASP A 16 -8.91 -7.48 -4.74
N SER A 17 -8.18 -8.28 -4.01
CA SER A 17 -8.30 -8.28 -2.50
C SER A 17 -7.45 -7.18 -1.86
N THR A 18 -6.73 -6.41 -2.65
CA THR A 18 -5.84 -5.31 -2.11
C THR A 18 -4.99 -5.80 -0.92
N ILE A 19 -4.19 -6.80 -1.13
CA ILE A 19 -3.33 -7.31 -0.01
C ILE A 19 -1.86 -7.12 -0.41
N LEU A 20 -1.07 -6.55 0.46
CA LEU A 20 0.38 -6.34 0.14
C LEU A 20 1.20 -7.53 0.68
N SER A 21 1.88 -8.23 -0.17
CA SER A 21 2.70 -9.39 0.28
C SER A 21 4.19 -9.10 0.06
N ALA A 22 5.01 -9.45 1.00
CA ALA A 22 6.47 -9.20 0.86
C ALA A 22 7.25 -10.10 1.82
N GLU A 23 8.45 -10.46 1.47
CA GLU A 23 9.27 -11.34 2.36
C GLU A 23 10.20 -10.46 3.20
N CYS A 24 10.21 -10.64 4.49
CA CYS A 24 11.09 -9.80 5.36
C CYS A 24 12.02 -10.70 6.19
N GLN A 25 13.13 -10.17 6.64
CA GLN A 25 14.09 -10.98 7.45
C GLN A 25 13.79 -10.79 8.93
N ALA A 26 13.71 -11.86 9.68
CA ALA A 26 13.42 -11.73 11.14
C ALA A 26 14.71 -11.44 11.90
N ARG A 27 14.57 -11.19 13.16
CA ARG A 27 15.75 -10.89 14.01
C ARG A 27 16.72 -12.07 13.98
N ASP A 28 16.20 -13.26 13.93
CA ASP A 28 17.06 -14.48 13.90
C ASP A 28 17.70 -14.60 12.52
N GLY A 29 17.35 -13.73 11.61
CA GLY A 29 17.94 -13.79 10.24
C GLY A 29 17.03 -14.64 9.35
N GLU A 30 16.03 -15.26 9.91
CA GLU A 30 15.09 -16.10 9.10
C GLU A 30 14.20 -15.23 8.19
N TRP A 31 13.91 -15.71 7.01
CA TRP A 31 13.04 -14.94 6.06
C TRP A 31 11.60 -15.45 6.15
N LEU A 32 10.64 -14.57 6.32
CA LEU A 32 9.21 -15.02 6.38
C LEU A 32 8.33 -14.10 5.51
N PRO A 33 7.21 -14.59 5.05
CA PRO A 33 6.26 -13.82 4.21
C PRO A 33 5.19 -13.09 5.05
N THR A 34 4.82 -11.88 4.68
CA THR A 34 3.79 -11.14 5.48
C THR A 34 2.74 -10.52 4.56
N GLU A 35 1.50 -10.50 4.99
CA GLU A 35 0.40 -9.91 4.15
C GLU A 35 -0.21 -8.70 4.89
N LEU A 36 -0.69 -7.72 4.16
CA LEU A 36 -1.30 -6.53 4.82
C LEU A 36 -2.51 -6.03 3.98
N ARG A 37 -3.56 -5.61 4.63
CA ARG A 37 -4.77 -5.11 3.88
C ARG A 37 -4.84 -3.57 4.01
N LEU A 38 -4.61 -2.85 2.94
CA LEU A 38 -4.67 -1.35 3.03
C LEU A 38 -6.11 -0.88 3.28
N SER A 39 -7.07 -1.52 2.68
CA SER A 39 -8.49 -1.11 2.88
C SER A 39 -8.73 -0.69 4.33
N ASP A 40 -7.96 -1.26 5.24
CA ASP A 40 -8.09 -0.93 6.69
C ASP A 40 -7.73 0.55 6.94
N HIS A 41 -6.71 1.05 6.27
CA HIS A 41 -6.31 2.49 6.48
C HIS A 41 -6.58 3.34 5.23
N ILE A 42 -7.23 2.81 4.22
CA ILE A 42 -7.48 3.63 2.99
C ILE A 42 -8.97 3.61 2.61
N GLY A 43 -9.58 4.77 2.50
CA GLY A 43 -11.03 4.84 2.12
C GLY A 43 -11.22 5.95 1.08
N ASN A 44 -12.39 6.05 0.50
CA ASN A 44 -12.63 7.11 -0.52
C ASN A 44 -13.22 8.33 0.16
N ILE A 45 -12.81 9.50 -0.25
CA ILE A 45 -13.36 10.72 0.36
C ILE A 45 -13.68 11.71 -0.76
N ASP A 46 -14.88 11.67 -1.22
CA ASP A 46 -15.34 12.58 -2.31
C ASP A 46 -14.46 12.49 -3.59
N GLY A 47 -13.86 11.35 -3.86
CA GLY A 47 -13.02 11.24 -5.11
C GLY A 47 -11.53 11.27 -4.77
N GLU A 48 -11.17 11.52 -3.55
CA GLU A 48 -9.71 11.57 -3.19
C GLU A 48 -9.34 10.38 -2.28
N LEU A 49 -8.07 10.09 -2.17
CA LEU A 49 -7.60 8.96 -1.30
C LEU A 49 -6.92 9.54 -0.05
N GLN A 50 -7.24 9.03 1.11
CA GLN A 50 -6.59 9.56 2.36
C GLN A 50 -6.35 8.44 3.37
N PHE A 51 -5.40 8.64 4.23
CA PHE A 51 -5.08 7.64 5.29
C PHE A 51 -6.08 7.82 6.45
N GLY A 52 -6.37 6.78 7.17
CA GLY A 52 -7.34 6.89 8.30
C GLY A 52 -8.71 6.33 7.88
N ASP A 53 -9.08 6.52 6.65
CA ASP A 53 -10.39 5.99 6.18
C ASP A 53 -10.26 4.54 5.69
N GLN A 54 -11.36 3.92 5.35
CA GLN A 54 -11.32 2.50 4.86
C GLN A 54 -12.32 2.27 3.71
N ASN A 55 -12.22 1.18 2.99
CA ASN A 55 -13.19 0.92 1.86
C ASN A 55 -12.92 1.88 0.69
N PHE A 56 -12.01 1.52 -0.18
CA PHE A 56 -11.69 2.39 -1.35
C PHE A 56 -11.73 1.60 -2.68
N GLN A 57 -11.23 0.39 -2.71
CA GLN A 57 -11.26 -0.38 -4.00
C GLN A 57 -12.70 -0.54 -4.48
N GLU A 58 -13.64 -0.52 -3.58
CA GLU A 58 -15.08 -0.67 -3.97
C GLU A 58 -15.48 0.50 -4.88
N THR A 59 -14.88 1.65 -4.71
CA THR A 59 -15.22 2.83 -5.57
C THR A 59 -14.01 3.26 -6.40
N CYS A 60 -13.10 2.35 -6.68
CA CYS A 60 -11.89 2.72 -7.49
C CYS A 60 -11.42 1.54 -8.35
N GLN A 61 -10.71 1.84 -9.41
CA GLN A 61 -10.22 0.74 -10.32
C GLN A 61 -8.80 1.05 -10.82
N ASP A 62 -8.25 0.13 -11.57
CA ASP A 62 -6.87 0.28 -12.14
C ASP A 62 -5.83 0.60 -11.05
N CYS A 63 -5.91 0.00 -9.90
CA CYS A 63 -4.88 0.31 -8.86
C CYS A 63 -3.57 -0.36 -9.26
N ARG A 64 -2.50 0.35 -9.30
CA ARG A 64 -1.22 -0.29 -9.69
C ARG A 64 -0.03 0.45 -9.09
N LEU A 65 0.95 -0.32 -8.71
CA LEU A 65 2.18 0.25 -8.12
C LEU A 65 3.12 0.64 -9.26
N GLU A 66 3.98 1.58 -9.05
CA GLU A 66 4.91 1.99 -10.14
C GLU A 66 6.32 2.23 -9.55
N PHE A 67 7.34 1.70 -10.15
CA PHE A 67 8.73 1.91 -9.62
C PHE A 67 9.32 3.20 -10.21
N GLY A 68 9.98 3.99 -9.40
CA GLY A 68 10.58 5.27 -9.91
C GLY A 68 12.00 5.03 -10.43
N ASP A 69 12.82 6.05 -10.47
CA ASP A 69 14.23 5.88 -10.95
C ASP A 69 14.92 4.74 -10.19
N GLY A 70 14.68 4.63 -8.91
CA GLY A 70 15.32 3.54 -8.11
C GLY A 70 14.26 2.51 -7.71
N GLU A 71 14.53 1.26 -7.91
CA GLU A 71 13.55 0.20 -7.55
C GLU A 71 13.34 0.17 -6.03
N GLN A 72 13.93 1.07 -5.31
CA GLN A 72 13.77 1.08 -3.82
C GLN A 72 12.43 1.72 -3.46
N SER A 73 11.62 2.02 -4.42
CA SER A 73 10.31 2.67 -4.11
C SER A 73 9.19 2.18 -5.03
N VAL A 74 7.95 2.19 -4.58
CA VAL A 74 6.85 1.77 -5.49
C VAL A 74 5.70 2.77 -5.29
N TRP A 75 5.12 3.33 -6.32
CA TRP A 75 4.04 4.36 -6.05
C TRP A 75 2.60 3.92 -6.41
N LEU A 76 1.71 4.07 -5.47
CA LEU A 76 0.29 3.60 -5.69
C LEU A 76 -0.62 4.69 -6.28
N VAL A 77 -1.08 4.44 -7.49
CA VAL A 77 -2.02 5.38 -8.21
C VAL A 77 -3.36 4.64 -8.46
N CYS A 78 -4.48 5.30 -8.29
CA CYS A 78 -5.80 4.61 -8.53
C CYS A 78 -6.86 5.61 -8.98
N THR A 79 -7.75 5.13 -9.80
CA THR A 79 -8.88 5.98 -10.26
C THR A 79 -10.03 5.77 -9.26
N CYS A 80 -10.48 6.81 -8.62
CA CYS A 80 -11.59 6.65 -7.61
C CYS A 80 -12.81 7.42 -8.10
N GLN A 81 -13.96 6.81 -8.12
CA GLN A 81 -15.18 7.53 -8.60
C GLN A 81 -15.54 8.69 -7.66
N THR A 82 -16.11 9.74 -8.19
CA THR A 82 -16.50 10.89 -7.32
C THR A 82 -17.95 10.67 -6.88
N MET A 83 -18.44 11.44 -5.96
CA MET A 83 -19.84 11.23 -5.51
C MET A 83 -20.82 11.45 -6.67
N ASP A 84 -20.52 12.37 -7.54
CA ASP A 84 -21.43 12.61 -8.70
C ASP A 84 -21.36 11.41 -9.65
N GLY A 85 -20.37 10.56 -9.50
CA GLY A 85 -20.25 9.36 -10.37
C GLY A 85 -19.13 9.54 -11.40
N GLU A 86 -18.42 10.64 -11.35
CA GLU A 86 -17.30 10.85 -12.32
C GLU A 86 -16.05 10.09 -11.88
N TRP A 87 -15.15 9.83 -12.79
CA TRP A 87 -13.90 9.08 -12.46
C TRP A 87 -12.69 10.03 -12.49
N LYS A 88 -11.89 10.03 -11.46
CA LYS A 88 -10.68 10.92 -11.47
C LYS A 88 -9.44 10.12 -11.05
N SER A 89 -8.27 10.59 -11.44
CA SER A 89 -7.01 9.86 -11.08
C SER A 89 -6.35 10.48 -9.84
N THR A 90 -6.12 9.70 -8.83
CA THR A 90 -5.46 10.21 -7.58
C THR A 90 -4.12 9.48 -7.40
N GLN A 91 -3.27 9.97 -6.53
CA GLN A 91 -1.93 9.32 -6.30
C GLN A 91 -1.59 9.32 -4.80
N ILE A 92 -0.77 8.41 -4.35
CA ILE A 92 -0.39 8.37 -2.90
C ILE A 92 0.92 7.59 -2.71
N LEU A 93 1.79 8.08 -1.86
CA LEU A 93 3.09 7.37 -1.63
C LEU A 93 3.02 6.52 -0.37
N LEU A 94 3.17 5.23 -0.50
CA LEU A 94 3.12 4.33 0.69
C LEU A 94 4.30 4.61 1.63
N ASP A 95 5.42 5.02 1.10
CA ASP A 95 6.61 5.33 1.96
C ASP A 95 6.34 6.58 2.81
N SER A 96 6.17 6.43 4.11
CA SER A 96 5.91 7.60 5.00
C SER A 96 5.69 7.15 6.44
N GLN A 97 4.52 7.41 7.01
CA GLN A 97 4.27 6.97 8.42
C GLN A 97 3.95 5.46 8.50
N ILE A 98 4.64 4.65 7.74
CA ILE A 98 4.38 3.16 7.78
C ILE A 98 5.72 2.43 7.99
N ASP A 99 5.75 1.48 8.88
CA ASP A 99 7.02 0.75 9.15
C ASP A 99 6.76 -0.73 9.50
N ASN A 100 7.73 -1.59 9.29
CA ASN A 100 7.56 -3.03 9.60
C ASN A 100 8.70 -3.51 10.53
N ASN A 101 8.37 -4.09 11.65
CA ASN A 101 9.44 -4.58 12.56
C ASN A 101 10.08 -5.86 11.97
N ASP A 102 11.23 -6.24 12.46
CA ASP A 102 11.93 -7.46 11.96
C ASP A 102 11.01 -8.70 11.99
N SER A 103 10.24 -8.86 13.04
CA SER A 103 9.30 -10.03 13.15
C SER A 103 7.84 -9.59 13.30
N GLN A 104 7.54 -8.32 13.29
CA GLN A 104 6.11 -7.89 13.44
C GLN A 104 5.78 -6.77 12.45
N LEU A 105 4.52 -6.64 12.09
CA LEU A 105 4.13 -5.56 11.11
C LEU A 105 3.08 -4.63 11.73
N GLU A 106 3.45 -3.41 12.04
CA GLU A 106 2.48 -2.45 12.65
C GLU A 106 2.80 -1.03 12.20
N ILE A 107 1.78 -0.24 11.97
CA ILE A 107 1.99 1.17 11.53
C ILE A 107 2.42 2.02 12.72
N GLY A 108 3.67 1.89 13.13
CA GLY A 108 4.19 2.67 14.28
C GLY A 108 3.81 1.93 15.56
N MET A 1 10.63 6.23 10.47
CA MET A 1 11.55 5.08 10.74
C MET A 1 11.40 4.06 9.60
N PRO A 2 12.39 3.22 9.40
CA PRO A 2 12.46 2.15 8.36
C PRO A 2 11.10 1.78 7.69
N ASN A 3 11.10 1.36 6.45
CA ASN A 3 9.80 1.03 5.78
C ASN A 3 9.84 -0.45 5.32
N PHE A 4 8.78 -0.93 4.72
CA PHE A 4 8.76 -2.36 4.28
C PHE A 4 9.48 -2.57 2.94
N SER A 5 10.18 -1.59 2.46
CA SER A 5 10.91 -1.75 1.15
C SER A 5 12.28 -2.37 1.44
N HIS A 6 13.24 -1.55 1.74
CA HIS A 6 14.63 -2.03 2.00
C HIS A 6 14.61 -3.25 2.95
N THR A 7 13.71 -3.29 3.90
CA THR A 7 13.68 -4.45 4.86
C THR A 7 13.07 -5.70 4.20
N CYS A 8 12.21 -5.52 3.24
CA CYS A 8 11.57 -6.69 2.57
C CYS A 8 11.79 -6.63 1.05
N SER A 9 11.65 -7.74 0.38
CA SER A 9 11.86 -7.73 -1.12
C SER A 9 10.69 -8.47 -1.81
N SER A 10 10.52 -8.26 -3.09
CA SER A 10 9.40 -8.93 -3.85
C SER A 10 8.05 -8.31 -3.45
N ILE A 11 7.94 -7.02 -3.57
CA ILE A 11 6.68 -6.31 -3.21
C ILE A 11 5.53 -6.67 -4.17
N ASN A 12 4.49 -7.28 -3.66
CA ASN A 12 3.34 -7.65 -4.53
C ASN A 12 2.07 -6.95 -4.03
N TYR A 13 1.19 -6.58 -4.93
CA TYR A 13 -0.08 -5.89 -4.54
C TYR A 13 -1.23 -6.44 -5.36
N ASP A 14 -2.07 -7.24 -4.78
CA ASP A 14 -3.23 -7.78 -5.55
C ASP A 14 -4.33 -6.69 -5.60
N PRO A 15 -4.75 -6.30 -6.78
CA PRO A 15 -5.79 -5.24 -6.95
C PRO A 15 -7.20 -5.69 -6.54
N ASP A 16 -7.47 -6.98 -6.49
CA ASP A 16 -8.83 -7.43 -6.08
C ASP A 16 -8.98 -7.36 -4.55
N SER A 17 -8.22 -8.14 -3.83
CA SER A 17 -8.31 -8.17 -2.32
C SER A 17 -7.44 -7.08 -1.68
N THR A 18 -6.73 -6.31 -2.47
CA THR A 18 -5.83 -5.23 -1.94
C THR A 18 -4.98 -5.72 -0.75
N ILE A 19 -4.17 -6.72 -0.97
CA ILE A 19 -3.30 -7.23 0.14
C ILE A 19 -1.84 -7.06 -0.26
N LEU A 20 -1.03 -6.50 0.60
CA LEU A 20 0.41 -6.32 0.27
C LEU A 20 1.22 -7.51 0.80
N SER A 21 1.91 -8.20 -0.06
CA SER A 21 2.72 -9.37 0.39
C SER A 21 4.21 -9.12 0.10
N ALA A 22 5.06 -9.47 1.02
CA ALA A 22 6.52 -9.26 0.82
C ALA A 22 7.31 -10.14 1.79
N GLU A 23 8.51 -10.51 1.42
CA GLU A 23 9.33 -11.37 2.32
C GLU A 23 10.27 -10.48 3.14
N CYS A 24 10.27 -10.62 4.43
CA CYS A 24 11.15 -9.77 5.30
C CYS A 24 12.10 -10.64 6.12
N GLN A 25 13.21 -10.10 6.55
CA GLN A 25 14.18 -10.90 7.35
C GLN A 25 13.85 -10.75 8.85
N ALA A 26 13.81 -11.84 9.56
CA ALA A 26 13.50 -11.76 11.01
C ALA A 26 14.75 -11.42 11.81
N ARG A 27 14.57 -11.14 13.06
CA ARG A 27 15.72 -10.80 13.93
C ARG A 27 16.74 -11.95 13.93
N ASP A 28 16.26 -13.16 13.86
CA ASP A 28 17.16 -14.34 13.86
C ASP A 28 17.80 -14.47 12.47
N GLY A 29 17.44 -13.62 11.56
CA GLY A 29 18.01 -13.69 10.18
C GLY A 29 17.10 -14.55 9.30
N GLU A 30 16.11 -15.19 9.89
CA GLU A 30 15.17 -16.05 9.10
C GLU A 30 14.26 -15.19 8.20
N TRP A 31 14.01 -15.64 7.00
CA TRP A 31 13.14 -14.88 6.05
C TRP A 31 11.69 -15.41 6.15
N LEU A 32 10.73 -14.53 6.34
CA LEU A 32 9.31 -14.98 6.41
C LEU A 32 8.42 -14.07 5.56
N PRO A 33 7.29 -14.56 5.10
CA PRO A 33 6.33 -13.80 4.27
C PRO A 33 5.27 -13.06 5.13
N THR A 34 4.92 -11.86 4.77
CA THR A 34 3.89 -11.11 5.57
C THR A 34 2.82 -10.49 4.67
N GLU A 35 1.59 -10.46 5.13
CA GLU A 35 0.48 -9.87 4.32
C GLU A 35 -0.10 -8.65 5.05
N LEU A 36 -0.58 -7.66 4.33
CA LEU A 36 -1.17 -6.45 4.99
C LEU A 36 -2.36 -5.94 4.15
N ARG A 37 -3.41 -5.52 4.80
CA ARG A 37 -4.61 -4.99 4.05
C ARG A 37 -4.67 -3.45 4.18
N LEU A 38 -4.38 -2.73 3.13
CA LEU A 38 -4.42 -1.24 3.22
C LEU A 38 -5.85 -0.74 3.44
N SER A 39 -6.81 -1.35 2.81
CA SER A 39 -8.23 -0.92 2.97
C SER A 39 -8.49 -0.53 4.43
N ASP A 40 -7.75 -1.11 5.35
CA ASP A 40 -7.93 -0.81 6.80
C ASP A 40 -7.69 0.70 7.06
N HIS A 41 -6.72 1.29 6.40
CA HIS A 41 -6.45 2.75 6.63
C HIS A 41 -6.69 3.57 5.35
N ILE A 42 -7.29 3.02 4.33
CA ILE A 42 -7.52 3.81 3.07
C ILE A 42 -8.99 3.74 2.64
N GLY A 43 -9.63 4.88 2.52
CA GLY A 43 -11.07 4.92 2.09
C GLY A 43 -11.27 6.03 1.05
N ASN A 44 -12.43 6.12 0.47
CA ASN A 44 -12.67 7.18 -0.56
C ASN A 44 -13.29 8.40 0.10
N ILE A 45 -12.90 9.56 -0.31
CA ILE A 45 -13.49 10.79 0.28
C ILE A 45 -13.79 11.78 -0.84
N ASP A 46 -14.99 11.73 -1.33
CA ASP A 46 -15.43 12.63 -2.43
C ASP A 46 -14.53 12.54 -3.68
N GLY A 47 -13.90 11.42 -3.94
CA GLY A 47 -13.04 11.32 -5.17
C GLY A 47 -11.55 11.36 -4.82
N GLU A 48 -11.23 11.60 -3.58
CA GLU A 48 -9.78 11.66 -3.19
C GLU A 48 -9.40 10.49 -2.28
N LEU A 49 -8.13 10.20 -2.16
CA LEU A 49 -7.67 9.07 -1.29
C LEU A 49 -6.99 9.66 -0.03
N GLN A 50 -7.31 9.17 1.13
CA GLN A 50 -6.67 9.71 2.37
C GLN A 50 -6.49 8.59 3.42
N PHE A 51 -5.55 8.79 4.30
CA PHE A 51 -5.28 7.79 5.37
C PHE A 51 -6.33 8.00 6.49
N GLY A 52 -6.68 6.96 7.19
CA GLY A 52 -7.71 7.10 8.27
C GLY A 52 -9.07 6.58 7.79
N ASP A 53 -9.25 6.48 6.51
CA ASP A 53 -10.54 5.98 5.95
C ASP A 53 -10.42 4.52 5.52
N GLN A 54 -11.53 3.90 5.17
CA GLN A 54 -11.50 2.48 4.73
C GLN A 54 -12.49 2.23 3.57
N ASN A 55 -12.40 1.11 2.89
CA ASN A 55 -13.37 0.83 1.76
C ASN A 55 -13.09 1.76 0.58
N PHE A 56 -12.01 1.54 -0.14
CA PHE A 56 -11.67 2.39 -1.32
C PHE A 56 -11.72 1.60 -2.64
N GLN A 57 -11.24 0.39 -2.67
CA GLN A 57 -11.29 -0.38 -3.96
C GLN A 57 -12.74 -0.56 -4.41
N GLU A 58 -13.67 -0.46 -3.51
CA GLU A 58 -15.11 -0.61 -3.87
C GLU A 58 -15.51 0.51 -4.86
N THR A 59 -14.88 1.65 -4.77
CA THR A 59 -15.23 2.78 -5.70
C THR A 59 -13.98 3.21 -6.49
N CYS A 60 -13.06 2.31 -6.72
CA CYS A 60 -11.82 2.69 -7.49
C CYS A 60 -11.33 1.50 -8.34
N GLN A 61 -10.61 1.79 -9.40
CA GLN A 61 -10.10 0.69 -10.28
C GLN A 61 -8.67 1.00 -10.76
N ASP A 62 -8.11 0.07 -11.51
CA ASP A 62 -6.73 0.22 -12.05
C ASP A 62 -5.69 0.55 -10.95
N CYS A 63 -5.82 -0.02 -9.79
CA CYS A 63 -4.79 0.29 -8.74
C CYS A 63 -3.49 -0.42 -9.11
N ARG A 64 -2.41 0.29 -9.15
CA ARG A 64 -1.14 -0.38 -9.52
C ARG A 64 0.06 0.35 -8.93
N LEU A 65 1.05 -0.40 -8.59
CA LEU A 65 2.29 0.17 -8.03
C LEU A 65 3.20 0.60 -9.18
N GLU A 66 4.03 1.57 -8.97
CA GLU A 66 4.94 2.01 -10.07
C GLU A 66 6.34 2.28 -9.51
N PHE A 67 7.36 1.73 -10.12
CA PHE A 67 8.75 1.97 -9.60
C PHE A 67 9.32 3.26 -10.22
N GLY A 68 9.96 4.08 -9.42
CA GLY A 68 10.54 5.35 -9.96
C GLY A 68 11.95 5.12 -10.50
N ASP A 69 12.75 6.15 -10.59
CA ASP A 69 14.14 5.99 -11.12
C ASP A 69 14.88 4.89 -10.33
N GLY A 70 14.65 4.80 -9.05
CA GLY A 70 15.33 3.73 -8.24
C GLY A 70 14.30 2.69 -7.81
N GLU A 71 14.62 1.44 -8.01
CA GLU A 71 13.66 0.36 -7.63
C GLU A 71 13.49 0.31 -6.11
N GLN A 72 14.07 1.25 -5.39
CA GLN A 72 13.95 1.23 -3.90
C GLN A 72 12.60 1.85 -3.49
N SER A 73 11.75 2.12 -4.45
CA SER A 73 10.44 2.74 -4.11
C SER A 73 9.31 2.27 -5.03
N VAL A 74 8.09 2.22 -4.56
CA VAL A 74 6.98 1.81 -5.48
C VAL A 74 5.82 2.79 -5.23
N TRP A 75 5.18 3.33 -6.23
CA TRP A 75 4.09 4.33 -5.93
C TRP A 75 2.66 3.87 -6.26
N LEU A 76 1.75 4.06 -5.33
CA LEU A 76 0.35 3.57 -5.53
C LEU A 76 -0.59 4.64 -6.13
N VAL A 77 -0.97 4.42 -7.38
CA VAL A 77 -1.90 5.35 -8.11
C VAL A 77 -3.25 4.61 -8.34
N CYS A 78 -4.37 5.29 -8.20
CA CYS A 78 -5.68 4.60 -8.41
C CYS A 78 -6.74 5.59 -8.90
N THR A 79 -7.62 5.11 -9.72
CA THR A 79 -8.74 5.95 -10.22
C THR A 79 -9.90 5.75 -9.24
N CYS A 80 -10.40 6.79 -8.65
CA CYS A 80 -11.52 6.64 -7.66
C CYS A 80 -12.72 7.42 -8.18
N GLN A 81 -13.87 6.80 -8.26
CA GLN A 81 -15.08 7.53 -8.76
C GLN A 81 -15.47 8.66 -7.81
N THR A 82 -16.06 9.71 -8.34
CA THR A 82 -16.48 10.85 -7.48
C THR A 82 -17.92 10.61 -7.06
N MET A 83 -18.44 11.37 -6.14
CA MET A 83 -19.85 11.14 -5.71
C MET A 83 -20.81 11.35 -6.89
N ASP A 84 -20.51 12.29 -7.75
CA ASP A 84 -21.40 12.53 -8.92
C ASP A 84 -21.32 11.32 -9.87
N GLY A 85 -20.28 10.53 -9.76
CA GLY A 85 -20.13 9.33 -10.63
C GLY A 85 -19.00 9.51 -11.63
N GLU A 86 -18.30 10.62 -11.58
CA GLU A 86 -17.17 10.84 -12.53
C GLU A 86 -15.91 10.09 -12.07
N TRP A 87 -15.02 9.80 -12.97
CA TRP A 87 -13.76 9.06 -12.62
C TRP A 87 -12.57 10.02 -12.60
N LYS A 88 -11.79 10.01 -11.55
CA LYS A 88 -10.60 10.91 -11.50
C LYS A 88 -9.35 10.12 -11.08
N SER A 89 -8.19 10.60 -11.44
CA SER A 89 -6.93 9.87 -11.08
C SER A 89 -6.28 10.50 -9.83
N THR A 90 -6.05 9.71 -8.82
CA THR A 90 -5.39 10.22 -7.56
C THR A 90 -4.07 9.48 -7.35
N GLN A 91 -3.23 9.96 -6.47
CA GLN A 91 -1.91 9.30 -6.23
C GLN A 91 -1.57 9.31 -4.72
N ILE A 92 -0.71 8.44 -4.27
CA ILE A 92 -0.35 8.42 -2.82
C ILE A 92 0.93 7.59 -2.59
N LEU A 93 1.82 8.06 -1.74
CA LEU A 93 3.09 7.30 -1.49
C LEU A 93 2.94 6.43 -0.23
N LEU A 94 3.03 5.14 -0.41
CA LEU A 94 2.91 4.21 0.77
C LEU A 94 4.04 4.48 1.78
N ASP A 95 5.19 4.87 1.32
CA ASP A 95 6.33 5.16 2.25
C ASP A 95 6.03 6.42 3.10
N SER A 96 5.84 6.27 4.38
CA SER A 96 5.53 7.45 5.25
C SER A 96 5.38 7.02 6.72
N GLN A 97 4.24 7.24 7.32
CA GLN A 97 4.04 6.82 8.76
C GLN A 97 3.75 5.31 8.86
N ILE A 98 4.33 4.50 8.00
CA ILE A 98 4.08 3.01 8.07
C ILE A 98 5.44 2.29 8.08
N ASP A 99 5.60 1.32 8.94
CA ASP A 99 6.91 0.60 9.00
C ASP A 99 6.70 -0.88 9.34
N ASN A 100 7.69 -1.70 9.08
CA ASN A 100 7.58 -3.16 9.38
C ASN A 100 8.71 -3.61 10.33
N ASN A 101 8.39 -4.07 11.50
CA ASN A 101 9.46 -4.53 12.43
C ASN A 101 10.17 -5.76 11.84
N ASP A 102 11.31 -6.10 12.37
CA ASP A 102 12.09 -7.28 11.86
C ASP A 102 11.23 -8.57 11.86
N SER A 103 10.47 -8.78 12.90
CA SER A 103 9.58 -10.01 12.96
C SER A 103 8.09 -9.65 13.07
N GLN A 104 7.73 -8.39 13.11
CA GLN A 104 6.28 -8.04 13.23
C GLN A 104 5.94 -6.88 12.28
N LEU A 105 4.68 -6.76 11.89
CA LEU A 105 4.29 -5.64 10.97
C LEU A 105 3.21 -4.77 11.62
N GLU A 106 3.54 -3.56 11.99
CA GLU A 106 2.55 -2.66 12.63
C GLU A 106 2.89 -1.19 12.34
N ILE A 107 1.91 -0.35 12.28
CA ILE A 107 2.16 1.10 12.00
C ILE A 107 3.12 1.66 13.05
N GLY A 108 3.79 2.73 12.73
CA GLY A 108 4.76 3.37 13.66
C GLY A 108 3.96 3.99 14.81
N MET A 1 9.61 6.14 10.73
CA MET A 1 10.72 5.16 10.92
C MET A 1 10.79 4.24 9.69
N PRO A 2 11.96 3.68 9.42
CA PRO A 2 12.24 2.76 8.29
C PRO A 2 11.00 2.14 7.59
N ASN A 3 11.07 1.84 6.31
CA ASN A 3 9.86 1.26 5.61
C ASN A 3 10.14 -0.20 5.24
N PHE A 4 9.22 -0.87 4.64
CA PHE A 4 9.42 -2.32 4.28
C PHE A 4 10.22 -2.48 2.98
N SER A 5 10.92 -1.47 2.55
CA SER A 5 11.73 -1.59 1.30
C SER A 5 12.98 -2.42 1.59
N HIS A 6 14.01 -1.77 2.04
CA HIS A 6 15.30 -2.47 2.34
C HIS A 6 15.07 -3.69 3.27
N THR A 7 14.15 -3.58 4.20
CA THR A 7 13.93 -4.73 5.15
C THR A 7 13.24 -5.90 4.43
N CYS A 8 12.42 -5.63 3.46
CA CYS A 8 11.71 -6.73 2.73
C CYS A 8 11.96 -6.64 1.23
N SER A 9 11.82 -7.74 0.52
CA SER A 9 12.04 -7.72 -0.96
C SER A 9 10.89 -8.46 -1.68
N SER A 10 10.75 -8.25 -2.96
CA SER A 10 9.65 -8.92 -3.75
C SER A 10 8.28 -8.33 -3.36
N ILE A 11 8.15 -7.05 -3.52
CA ILE A 11 6.88 -6.36 -3.16
C ILE A 11 5.74 -6.77 -4.11
N ASN A 12 4.69 -7.35 -3.58
CA ASN A 12 3.53 -7.76 -4.43
C ASN A 12 2.25 -7.12 -3.91
N TYR A 13 1.36 -6.74 -4.79
CA TYR A 13 0.07 -6.09 -4.39
C TYR A 13 -1.04 -6.53 -5.34
N ASP A 14 -1.91 -7.40 -4.91
CA ASP A 14 -3.02 -7.81 -5.80
C ASP A 14 -4.10 -6.70 -5.80
N PRO A 15 -4.47 -6.22 -6.95
CA PRO A 15 -5.48 -5.12 -7.07
C PRO A 15 -6.91 -5.55 -6.70
N ASP A 16 -7.19 -6.83 -6.67
CA ASP A 16 -8.58 -7.28 -6.31
C ASP A 16 -8.76 -7.22 -4.77
N SER A 17 -8.00 -8.01 -4.05
CA SER A 17 -8.12 -8.07 -2.55
C SER A 17 -7.27 -6.98 -1.88
N THR A 18 -6.52 -6.22 -2.64
CA THR A 18 -5.64 -5.13 -2.07
C THR A 18 -4.81 -5.64 -0.87
N ILE A 19 -4.01 -6.66 -1.08
CA ILE A 19 -3.18 -7.18 0.04
C ILE A 19 -1.70 -7.01 -0.32
N LEU A 20 -0.92 -6.47 0.56
CA LEU A 20 0.54 -6.28 0.27
C LEU A 20 1.33 -7.50 0.80
N SER A 21 2.02 -8.20 -0.05
CA SER A 21 2.81 -9.38 0.40
C SER A 21 4.30 -9.13 0.14
N ALA A 22 5.13 -9.49 1.08
CA ALA A 22 6.60 -9.28 0.90
C ALA A 22 7.36 -10.17 1.89
N GLU A 23 8.55 -10.57 1.54
CA GLU A 23 9.36 -11.43 2.45
C GLU A 23 10.31 -10.55 3.27
N CYS A 24 10.30 -10.67 4.56
CA CYS A 24 11.19 -9.83 5.41
C CYS A 24 12.13 -10.71 6.24
N GLN A 25 13.24 -10.17 6.69
CA GLN A 25 14.20 -10.98 7.51
C GLN A 25 13.94 -10.72 8.99
N ALA A 26 13.82 -11.75 9.77
CA ALA A 26 13.56 -11.57 11.22
C ALA A 26 14.88 -11.37 11.96
N ARG A 27 14.79 -11.05 13.22
CA ARG A 27 16.01 -10.82 14.03
C ARG A 27 16.84 -12.11 14.08
N ASP A 28 16.18 -13.24 14.05
CA ASP A 28 16.90 -14.54 14.11
C ASP A 28 17.65 -14.76 12.78
N GLY A 29 17.53 -13.82 11.88
CA GLY A 29 18.23 -13.96 10.56
C GLY A 29 17.40 -14.86 9.65
N GLU A 30 16.17 -15.10 10.01
CA GLU A 30 15.28 -15.97 9.16
C GLU A 30 14.37 -15.12 8.25
N TRP A 31 13.99 -15.66 7.11
CA TRP A 31 13.11 -14.91 6.16
C TRP A 31 11.67 -15.43 6.29
N LEU A 32 10.71 -14.57 6.47
CA LEU A 32 9.28 -15.02 6.57
C LEU A 32 8.39 -14.13 5.67
N PRO A 33 7.25 -14.65 5.26
CA PRO A 33 6.28 -13.92 4.40
C PRO A 33 5.25 -13.12 5.23
N THR A 34 4.90 -11.94 4.81
CA THR A 34 3.90 -11.14 5.59
C THR A 34 2.84 -10.52 4.66
N GLU A 35 1.62 -10.45 5.13
CA GLU A 35 0.50 -9.89 4.30
C GLU A 35 -0.10 -8.66 5.02
N LEU A 36 -0.59 -7.69 4.28
CA LEU A 36 -1.20 -6.49 4.94
C LEU A 36 -2.38 -5.99 4.09
N ARG A 37 -3.45 -5.56 4.71
CA ARG A 37 -4.64 -5.05 3.95
C ARG A 37 -4.73 -3.52 4.09
N LEU A 38 -4.49 -2.79 3.05
CA LEU A 38 -4.56 -1.29 3.15
C LEU A 38 -6.00 -0.83 3.37
N SER A 39 -6.94 -1.45 2.74
CA SER A 39 -8.37 -1.05 2.90
C SER A 39 -8.64 -0.66 4.35
N ASP A 40 -7.91 -1.25 5.26
CA ASP A 40 -8.09 -0.95 6.73
C ASP A 40 -7.80 0.54 7.00
N HIS A 41 -6.81 1.10 6.35
CA HIS A 41 -6.48 2.55 6.60
C HIS A 41 -6.72 3.41 5.34
N ILE A 42 -7.34 2.86 4.32
CA ILE A 42 -7.57 3.69 3.07
C ILE A 42 -9.05 3.63 2.65
N GLY A 43 -9.67 4.78 2.55
CA GLY A 43 -11.12 4.84 2.13
C GLY A 43 -11.30 5.96 1.11
N ASN A 44 -12.46 6.06 0.51
CA ASN A 44 -12.70 7.13 -0.50
C ASN A 44 -13.29 8.35 0.19
N ILE A 45 -12.89 9.52 -0.23
CA ILE A 45 -13.44 10.74 0.38
C ILE A 45 -13.74 11.75 -0.73
N ASP A 46 -14.95 11.74 -1.19
CA ASP A 46 -15.38 12.68 -2.28
C ASP A 46 -14.49 12.58 -3.54
N GLY A 47 -13.89 11.45 -3.82
CA GLY A 47 -13.04 11.34 -5.06
C GLY A 47 -11.54 11.36 -4.71
N GLU A 48 -11.19 11.62 -3.48
CA GLU A 48 -9.75 11.65 -3.10
C GLU A 48 -9.37 10.44 -2.23
N LEU A 49 -8.10 10.15 -2.14
CA LEU A 49 -7.64 9.00 -1.30
C LEU A 49 -6.93 9.54 -0.04
N GLN A 50 -7.25 9.04 1.12
CA GLN A 50 -6.58 9.53 2.35
C GLN A 50 -6.41 8.39 3.37
N PHE A 51 -5.47 8.57 4.26
CA PHE A 51 -5.21 7.54 5.32
C PHE A 51 -6.26 7.73 6.43
N GLY A 52 -6.60 6.68 7.13
CA GLY A 52 -7.61 6.80 8.22
C GLY A 52 -8.97 6.27 7.73
N ASP A 53 -9.27 6.45 6.48
CA ASP A 53 -10.57 5.96 5.95
C ASP A 53 -10.47 4.49 5.51
N GLN A 54 -11.58 3.88 5.18
CA GLN A 54 -11.56 2.45 4.74
C GLN A 54 -12.55 2.20 3.58
N ASN A 55 -12.45 1.10 2.88
CA ASN A 55 -13.40 0.82 1.75
C ASN A 55 -13.12 1.77 0.57
N PHE A 56 -12.09 1.50 -0.19
CA PHE A 56 -11.76 2.37 -1.37
C PHE A 56 -11.78 1.58 -2.70
N GLN A 57 -11.29 0.36 -2.72
CA GLN A 57 -11.30 -0.40 -4.02
C GLN A 57 -12.74 -0.55 -4.51
N GLU A 58 -13.69 -0.52 -3.62
CA GLU A 58 -15.12 -0.67 -4.03
C GLU A 58 -15.52 0.50 -4.93
N THR A 59 -14.93 1.66 -4.73
CA THR A 59 -15.28 2.85 -5.57
C THR A 59 -14.06 3.29 -6.40
N CYS A 60 -13.18 2.38 -6.71
CA CYS A 60 -11.97 2.77 -7.52
C CYS A 60 -11.49 1.60 -8.40
N GLN A 61 -10.78 1.92 -9.45
CA GLN A 61 -10.27 0.84 -10.36
C GLN A 61 -8.85 1.16 -10.86
N ASP A 62 -8.31 0.26 -11.62
CA ASP A 62 -6.92 0.42 -12.19
C ASP A 62 -5.88 0.73 -11.09
N CYS A 63 -5.96 0.08 -9.95
CA CYS A 63 -4.93 0.38 -8.90
C CYS A 63 -3.63 -0.30 -9.32
N ARG A 64 -2.55 0.42 -9.36
CA ARG A 64 -1.28 -0.22 -9.76
C ARG A 64 -0.07 0.51 -9.16
N LEU A 65 0.89 -0.25 -8.79
CA LEU A 65 2.14 0.30 -8.20
C LEU A 65 3.06 0.71 -9.34
N GLU A 66 3.94 1.64 -9.12
CA GLU A 66 4.88 2.06 -10.21
C GLU A 66 6.28 2.26 -9.63
N PHE A 67 7.29 1.71 -10.25
CA PHE A 67 8.68 1.88 -9.74
C PHE A 67 9.30 3.18 -10.29
N GLY A 68 9.95 3.94 -9.46
CA GLY A 68 10.57 5.23 -9.95
C GLY A 68 11.99 4.97 -10.47
N ASP A 69 12.81 5.99 -10.52
CA ASP A 69 14.20 5.81 -11.02
C ASP A 69 14.90 4.68 -10.24
N GLY A 70 14.66 4.57 -8.96
CA GLY A 70 15.30 3.49 -8.16
C GLY A 70 14.24 2.46 -7.74
N GLU A 71 14.52 1.21 -7.96
CA GLU A 71 13.53 0.15 -7.60
C GLU A 71 13.32 0.11 -6.07
N GLN A 72 13.92 1.03 -5.35
CA GLN A 72 13.74 1.02 -3.86
C GLN A 72 12.42 1.69 -3.49
N SER A 73 11.60 1.96 -4.46
CA SER A 73 10.30 2.63 -4.15
C SER A 73 9.16 2.13 -5.04
N VAL A 74 7.93 2.16 -4.58
CA VAL A 74 6.81 1.71 -5.46
C VAL A 74 5.67 2.74 -5.28
N TRP A 75 5.12 3.31 -6.31
CA TRP A 75 4.06 4.35 -6.07
C TRP A 75 2.62 3.93 -6.45
N LEU A 76 1.70 4.09 -5.54
CA LEU A 76 0.30 3.63 -5.77
C LEU A 76 -0.61 4.73 -6.36
N VAL A 77 -1.15 4.45 -7.55
CA VAL A 77 -2.08 5.40 -8.25
C VAL A 77 -3.42 4.68 -8.50
N CYS A 78 -4.54 5.33 -8.28
CA CYS A 78 -5.87 4.67 -8.52
C CYS A 78 -6.93 5.66 -8.96
N THR A 79 -7.82 5.21 -9.78
CA THR A 79 -8.93 6.07 -10.24
C THR A 79 -10.09 5.85 -9.25
N CYS A 80 -10.55 6.88 -8.60
CA CYS A 80 -11.65 6.70 -7.59
C CYS A 80 -12.88 7.48 -8.08
N GLN A 81 -14.04 6.87 -8.09
CA GLN A 81 -15.25 7.59 -8.58
C GLN A 81 -15.60 8.75 -7.63
N THR A 82 -16.13 9.82 -8.17
CA THR A 82 -16.53 10.98 -7.31
C THR A 82 -17.98 10.78 -6.88
N MET A 83 -18.47 11.56 -5.96
CA MET A 83 -19.89 11.37 -5.52
C MET A 83 -20.84 11.61 -6.69
N ASP A 84 -20.51 12.52 -7.56
CA ASP A 84 -21.41 12.78 -8.72
C ASP A 84 -21.36 11.59 -9.69
N GLY A 85 -20.44 10.69 -9.48
CA GLY A 85 -20.34 9.48 -10.37
C GLY A 85 -19.21 9.67 -11.38
N GLU A 86 -18.48 10.75 -11.33
CA GLU A 86 -17.37 10.95 -12.29
C GLU A 86 -16.11 10.17 -11.85
N TRP A 87 -15.19 9.96 -12.75
CA TRP A 87 -13.94 9.21 -12.40
C TRP A 87 -12.74 10.15 -12.42
N LYS A 88 -11.94 10.14 -11.39
CA LYS A 88 -10.73 11.03 -11.38
C LYS A 88 -9.49 10.21 -10.96
N SER A 89 -8.33 10.66 -11.37
CA SER A 89 -7.07 9.92 -11.02
C SER A 89 -6.40 10.54 -9.80
N THR A 90 -6.14 9.75 -8.78
CA THR A 90 -5.47 10.26 -7.55
C THR A 90 -4.14 9.49 -7.36
N GLN A 91 -3.28 9.98 -6.50
CA GLN A 91 -1.96 9.29 -6.28
C GLN A 91 -1.61 9.30 -4.78
N ILE A 92 -0.76 8.40 -4.34
CA ILE A 92 -0.39 8.37 -2.89
C ILE A 92 0.91 7.56 -2.69
N LEU A 93 1.80 8.03 -1.85
CA LEU A 93 3.09 7.30 -1.63
C LEU A 93 2.97 6.41 -0.38
N LEU A 94 3.11 5.12 -0.54
CA LEU A 94 3.01 4.19 0.62
C LEU A 94 4.17 4.46 1.61
N ASP A 95 5.31 4.87 1.12
CA ASP A 95 6.47 5.16 2.04
C ASP A 95 6.19 6.43 2.87
N SER A 96 6.01 6.30 4.15
CA SER A 96 5.74 7.49 5.01
C SER A 96 5.55 7.07 6.48
N GLN A 97 4.39 7.33 7.06
CA GLN A 97 4.16 6.92 8.48
C GLN A 97 3.84 5.41 8.59
N ILE A 98 4.41 4.59 7.74
CA ILE A 98 4.14 3.11 7.81
C ILE A 98 5.49 2.37 7.84
N ASP A 99 5.63 1.39 8.69
CA ASP A 99 6.92 0.65 8.77
C ASP A 99 6.69 -0.81 9.18
N ASN A 100 7.66 -1.66 8.95
CA ASN A 100 7.54 -3.10 9.31
C ASN A 100 8.65 -3.52 10.28
N ASN A 101 8.30 -4.05 11.41
CA ASN A 101 9.36 -4.48 12.38
C ASN A 101 10.05 -5.76 11.86
N ASP A 102 11.19 -6.09 12.40
CA ASP A 102 11.95 -7.30 11.96
C ASP A 102 11.06 -8.58 12.02
N SER A 103 10.27 -8.71 13.05
CA SER A 103 9.36 -9.91 13.17
C SER A 103 7.88 -9.51 13.25
N GLN A 104 7.55 -8.24 13.22
CA GLN A 104 6.09 -7.88 13.29
C GLN A 104 5.78 -6.75 12.29
N LEU A 105 4.53 -6.60 11.91
CA LEU A 105 4.16 -5.54 10.93
C LEU A 105 3.06 -4.64 11.50
N GLU A 106 3.39 -3.41 11.83
CA GLU A 106 2.37 -2.47 12.40
C GLU A 106 2.75 -1.03 12.08
N ILE A 107 1.77 -0.17 11.98
CA ILE A 107 2.04 1.27 11.67
C ILE A 107 3.02 1.84 12.71
N GLY A 108 3.69 2.89 12.37
CA GLY A 108 4.68 3.53 13.29
C GLY A 108 3.92 3.94 14.56
N MET A 1 10.18 7.02 9.65
CA MET A 1 11.23 6.03 10.02
C MET A 1 11.22 4.89 8.99
N PRO A 2 12.30 4.16 8.90
CA PRO A 2 12.50 3.00 7.97
C PRO A 2 11.21 2.40 7.36
N ASN A 3 11.27 1.82 6.18
CA ASN A 3 10.01 1.26 5.55
C ASN A 3 10.25 -0.23 5.22
N PHE A 4 9.30 -0.88 4.62
CA PHE A 4 9.47 -2.33 4.29
C PHE A 4 10.27 -2.55 2.99
N SER A 5 10.84 -1.51 2.44
CA SER A 5 11.63 -1.68 1.19
C SER A 5 12.93 -2.40 1.53
N HIS A 6 13.93 -1.66 1.92
CA HIS A 6 15.27 -2.26 2.25
C HIS A 6 15.11 -3.48 3.18
N THR A 7 14.15 -3.45 4.08
CA THR A 7 13.99 -4.60 5.03
C THR A 7 13.35 -5.81 4.34
N CYS A 8 12.51 -5.58 3.36
CA CYS A 8 11.85 -6.73 2.65
C CYS A 8 12.05 -6.61 1.13
N SER A 9 11.86 -7.70 0.43
CA SER A 9 12.03 -7.65 -1.07
C SER A 9 10.88 -8.42 -1.75
N SER A 10 10.72 -8.25 -3.05
CA SER A 10 9.63 -8.95 -3.80
C SER A 10 8.26 -8.36 -3.41
N ILE A 11 8.12 -7.07 -3.56
CA ILE A 11 6.85 -6.38 -3.20
C ILE A 11 5.72 -6.77 -4.17
N ASN A 12 4.69 -7.41 -3.66
CA ASN A 12 3.54 -7.81 -4.52
C ASN A 12 2.26 -7.09 -4.06
N TYR A 13 1.38 -6.79 -4.99
CA TYR A 13 0.11 -6.09 -4.64
C TYR A 13 -1.04 -6.69 -5.45
N ASP A 14 -1.85 -7.49 -4.84
CA ASP A 14 -3.01 -8.06 -5.59
C ASP A 14 -4.13 -7.00 -5.67
N PRO A 15 -4.51 -6.62 -6.87
CA PRO A 15 -5.56 -5.57 -7.07
C PRO A 15 -6.98 -6.02 -6.68
N ASP A 16 -7.24 -7.30 -6.64
CA ASP A 16 -8.61 -7.76 -6.26
C ASP A 16 -8.78 -7.68 -4.72
N SER A 17 -8.01 -8.43 -3.98
CA SER A 17 -8.11 -8.45 -2.48
C SER A 17 -7.29 -7.31 -1.85
N THR A 18 -6.57 -6.56 -2.64
CA THR A 18 -5.71 -5.44 -2.09
C THR A 18 -4.86 -5.90 -0.89
N ILE A 19 -4.06 -6.92 -1.07
CA ILE A 19 -3.20 -7.40 0.06
C ILE A 19 -1.73 -7.23 -0.36
N LEU A 20 -0.92 -6.66 0.49
CA LEU A 20 0.52 -6.49 0.15
C LEU A 20 1.33 -7.65 0.74
N SER A 21 2.00 -8.40 -0.09
CA SER A 21 2.81 -9.55 0.40
C SER A 21 4.29 -9.29 0.15
N ALA A 22 5.12 -9.62 1.09
CA ALA A 22 6.59 -9.39 0.92
C ALA A 22 7.37 -10.28 1.90
N GLU A 23 8.57 -10.64 1.56
CA GLU A 23 9.38 -11.50 2.47
C GLU A 23 10.32 -10.60 3.30
N CYS A 24 10.33 -10.77 4.59
CA CYS A 24 11.22 -9.92 5.45
C CYS A 24 12.12 -10.80 6.32
N GLN A 25 13.20 -10.26 6.82
CA GLN A 25 14.14 -11.07 7.68
C GLN A 25 13.66 -10.99 9.14
N ALA A 26 13.56 -12.11 9.79
CA ALA A 26 13.11 -12.10 11.21
C ALA A 26 14.30 -11.90 12.14
N ARG A 27 14.02 -11.52 13.36
CA ARG A 27 15.10 -11.30 14.34
C ARG A 27 15.93 -12.58 14.51
N ASP A 28 15.30 -13.71 14.27
CA ASP A 28 16.02 -15.01 14.41
C ASP A 28 16.95 -15.20 13.20
N GLY A 29 17.04 -14.21 12.36
CA GLY A 29 17.91 -14.32 11.16
C GLY A 29 17.23 -15.23 10.13
N GLU A 30 15.94 -15.38 10.22
CA GLU A 30 15.19 -16.23 9.24
C GLU A 30 14.25 -15.38 8.36
N TRP A 31 14.10 -15.77 7.11
CA TRP A 31 13.21 -15.02 6.17
C TRP A 31 11.76 -15.52 6.32
N LEU A 32 10.81 -14.63 6.52
CA LEU A 32 9.39 -15.07 6.64
C LEU A 32 8.50 -14.20 5.74
N PRO A 33 7.37 -14.72 5.32
CA PRO A 33 6.39 -13.99 4.46
C PRO A 33 5.34 -13.22 5.28
N THR A 34 4.97 -12.05 4.84
CA THR A 34 3.94 -11.26 5.62
C THR A 34 2.89 -10.65 4.68
N GLU A 35 1.67 -10.55 5.13
CA GLU A 35 0.58 -9.97 4.30
C GLU A 35 0.00 -8.72 4.99
N LEU A 36 -0.51 -7.77 4.23
CA LEU A 36 -1.09 -6.55 4.86
C LEU A 36 -2.28 -6.05 4.02
N ARG A 37 -3.32 -5.59 4.65
CA ARG A 37 -4.52 -5.08 3.90
C ARG A 37 -4.59 -3.54 4.00
N LEU A 38 -4.32 -2.84 2.94
CA LEU A 38 -4.36 -1.33 3.00
C LEU A 38 -5.80 -0.83 3.22
N SER A 39 -6.75 -1.47 2.60
CA SER A 39 -8.17 -1.03 2.75
C SER A 39 -8.45 -0.66 4.20
N ASP A 40 -7.72 -1.24 5.11
CA ASP A 40 -7.90 -0.96 6.57
C ASP A 40 -7.62 0.52 6.86
N HIS A 41 -6.63 1.11 6.20
CA HIS A 41 -6.31 2.56 6.45
C HIS A 41 -6.60 3.43 5.21
N ILE A 42 -7.27 2.91 4.21
CA ILE A 42 -7.55 3.73 2.99
C ILE A 42 -9.04 3.70 2.62
N GLY A 43 -9.66 4.85 2.52
CA GLY A 43 -11.12 4.92 2.16
C GLY A 43 -11.33 6.03 1.12
N ASN A 44 -12.49 6.09 0.52
CA ASN A 44 -12.75 7.16 -0.50
C ASN A 44 -13.38 8.37 0.18
N ILE A 45 -12.99 9.53 -0.21
CA ILE A 45 -13.58 10.74 0.41
C ILE A 45 -13.88 11.75 -0.71
N ASP A 46 -15.07 11.69 -1.21
CA ASP A 46 -15.51 12.62 -2.30
C ASP A 46 -14.60 12.55 -3.55
N GLY A 47 -13.98 11.42 -3.83
CA GLY A 47 -13.12 11.34 -5.06
C GLY A 47 -11.64 11.38 -4.70
N GLU A 48 -11.30 11.63 -3.46
CA GLU A 48 -9.86 11.70 -3.06
C GLU A 48 -9.47 10.50 -2.18
N LEU A 49 -8.21 10.20 -2.12
CA LEU A 49 -7.72 9.05 -1.27
C LEU A 49 -7.00 9.60 -0.03
N GLN A 50 -7.32 9.11 1.14
CA GLN A 50 -6.63 9.61 2.37
C GLN A 50 -6.40 8.48 3.38
N PHE A 51 -5.45 8.67 4.24
CA PHE A 51 -5.14 7.67 5.29
C PHE A 51 -6.15 7.83 6.45
N GLY A 52 -6.44 6.79 7.16
CA GLY A 52 -7.41 6.90 8.29
C GLY A 52 -8.77 6.34 7.88
N ASP A 53 -9.15 6.53 6.64
CA ASP A 53 -10.45 5.99 6.16
C ASP A 53 -10.31 4.54 5.69
N GLN A 54 -11.41 3.92 5.35
CA GLN A 54 -11.37 2.49 4.88
C GLN A 54 -12.37 2.25 3.72
N ASN A 55 -12.28 1.14 3.04
CA ASN A 55 -13.24 0.87 1.91
C ASN A 55 -13.00 1.85 0.75
N PHE A 56 -12.07 1.53 -0.12
CA PHE A 56 -11.78 2.41 -1.29
C PHE A 56 -11.83 1.64 -2.63
N GLN A 57 -11.34 0.43 -2.68
CA GLN A 57 -11.38 -0.33 -3.97
C GLN A 57 -12.82 -0.47 -4.45
N GLU A 58 -13.76 -0.43 -3.54
CA GLU A 58 -15.19 -0.56 -3.93
C GLU A 58 -15.58 0.59 -4.87
N THR A 59 -14.97 1.74 -4.70
CA THR A 59 -15.31 2.91 -5.58
C THR A 59 -14.09 3.33 -6.41
N CYS A 60 -13.18 2.42 -6.64
CA CYS A 60 -11.96 2.78 -7.45
C CYS A 60 -11.48 1.60 -8.30
N GLN A 61 -10.76 1.89 -9.36
CA GLN A 61 -10.27 0.79 -10.25
C GLN A 61 -8.84 1.10 -10.76
N ASP A 62 -8.30 0.18 -11.52
CA ASP A 62 -6.92 0.33 -12.09
C ASP A 62 -5.87 0.67 -11.01
N CYS A 63 -5.95 0.08 -9.85
CA CYS A 63 -4.91 0.41 -8.82
C CYS A 63 -3.60 -0.27 -9.22
N ARG A 64 -2.53 0.46 -9.27
CA ARG A 64 -1.26 -0.18 -9.66
C ARG A 64 -0.06 0.55 -9.06
N LEU A 65 0.93 -0.21 -8.74
CA LEU A 65 2.17 0.35 -8.15
C LEU A 65 3.09 0.80 -9.30
N GLU A 66 3.94 1.74 -9.07
CA GLU A 66 4.86 2.19 -10.15
C GLU A 66 6.26 2.45 -9.58
N PHE A 67 7.28 1.89 -10.17
CA PHE A 67 8.66 2.11 -9.64
C PHE A 67 9.25 3.40 -10.23
N GLY A 68 9.90 4.19 -9.43
CA GLY A 68 10.50 5.47 -9.94
C GLY A 68 11.92 5.24 -10.47
N ASP A 69 12.73 6.26 -10.50
CA ASP A 69 14.15 6.10 -10.99
C ASP A 69 14.84 4.98 -10.21
N GLY A 70 14.61 4.88 -8.93
CA GLY A 70 15.25 3.81 -8.12
C GLY A 70 14.20 2.77 -7.71
N GLU A 71 14.48 1.52 -7.91
CA GLU A 71 13.51 0.46 -7.53
C GLU A 71 13.30 0.43 -6.01
N GLN A 72 13.88 1.36 -5.29
CA GLN A 72 13.72 1.37 -3.81
C GLN A 72 12.38 2.00 -3.44
N SER A 73 11.55 2.26 -4.41
CA SER A 73 10.23 2.89 -4.11
C SER A 73 9.12 2.40 -5.03
N VAL A 74 7.88 2.36 -4.59
CA VAL A 74 6.79 1.93 -5.52
C VAL A 74 5.63 2.93 -5.32
N TRP A 75 5.03 3.46 -6.35
CA TRP A 75 3.95 4.48 -6.09
C TRP A 75 2.52 4.02 -6.43
N LEU A 76 1.61 4.17 -5.49
CA LEU A 76 0.22 3.69 -5.69
C LEU A 76 -0.73 4.75 -6.29
N VAL A 77 -1.13 4.51 -7.53
CA VAL A 77 -2.07 5.43 -8.27
C VAL A 77 -3.42 4.69 -8.48
N CYS A 78 -4.53 5.36 -8.31
CA CYS A 78 -5.86 4.67 -8.51
C CYS A 78 -6.92 5.65 -8.97
N THR A 79 -7.81 5.17 -9.78
CA THR A 79 -8.95 6.01 -10.26
C THR A 79 -10.09 5.82 -9.25
N CYS A 80 -10.56 6.86 -8.63
CA CYS A 80 -11.66 6.71 -7.62
C CYS A 80 -12.87 7.49 -8.12
N GLN A 81 -14.02 6.88 -8.15
CA GLN A 81 -15.24 7.61 -8.64
C GLN A 81 -15.62 8.74 -7.68
N THR A 82 -16.20 9.79 -8.20
CA THR A 82 -16.61 10.93 -7.33
C THR A 82 -18.06 10.69 -6.90
N MET A 83 -18.56 11.44 -5.98
CA MET A 83 -19.98 11.22 -5.54
C MET A 83 -20.94 11.43 -6.70
N ASP A 84 -20.67 12.38 -7.55
CA ASP A 84 -21.57 12.62 -8.71
C ASP A 84 -21.50 11.40 -9.66
N GLY A 85 -20.44 10.63 -9.56
CA GLY A 85 -20.31 9.43 -10.44
C GLY A 85 -19.17 9.62 -11.45
N GLU A 86 -18.49 10.73 -11.40
CA GLU A 86 -17.38 10.96 -12.38
C GLU A 86 -16.10 10.22 -11.92
N TRP A 87 -15.21 9.94 -12.83
CA TRP A 87 -13.96 9.21 -12.47
C TRP A 87 -12.76 10.18 -12.48
N LYS A 88 -11.97 10.18 -11.44
CA LYS A 88 -10.78 11.09 -11.43
C LYS A 88 -9.53 10.29 -11.01
N SER A 89 -8.38 10.71 -11.49
CA SER A 89 -7.10 9.99 -11.13
C SER A 89 -6.47 10.60 -9.88
N THR A 90 -6.25 9.79 -8.87
CA THR A 90 -5.59 10.29 -7.62
C THR A 90 -4.25 9.54 -7.42
N GLN A 91 -3.41 10.01 -6.53
CA GLN A 91 -2.09 9.34 -6.31
C GLN A 91 -1.73 9.38 -4.81
N ILE A 92 -0.86 8.50 -4.36
CA ILE A 92 -0.47 8.51 -2.92
C ILE A 92 0.86 7.76 -2.72
N LEU A 93 1.73 8.27 -1.89
CA LEU A 93 3.05 7.61 -1.66
C LEU A 93 3.00 6.75 -0.39
N LEU A 94 3.16 5.48 -0.52
CA LEU A 94 3.15 4.57 0.67
C LEU A 94 4.33 4.88 1.59
N ASP A 95 5.44 5.32 1.04
CA ASP A 95 6.64 5.63 1.88
C ASP A 95 6.31 6.81 2.83
N SER A 96 6.09 6.53 4.10
CA SER A 96 5.78 7.63 5.07
C SER A 96 5.62 7.05 6.49
N GLN A 97 4.53 7.35 7.17
CA GLN A 97 4.35 6.81 8.56
C GLN A 97 4.05 5.29 8.52
N ILE A 98 4.76 4.53 7.74
CA ILE A 98 4.52 3.04 7.68
C ILE A 98 5.86 2.32 7.86
N ASP A 99 5.92 1.35 8.72
CA ASP A 99 7.21 0.62 8.94
C ASP A 99 6.96 -0.86 9.29
N ASN A 100 7.92 -1.70 9.05
CA ASN A 100 7.78 -3.16 9.36
C ASN A 100 8.92 -3.62 10.28
N ASN A 101 8.62 -4.02 11.49
CA ASN A 101 9.70 -4.49 12.40
C ASN A 101 10.33 -5.77 11.83
N ASP A 102 11.46 -6.17 12.36
CA ASP A 102 12.16 -7.41 11.88
C ASP A 102 11.23 -8.64 11.88
N SER A 103 10.45 -8.80 12.92
CA SER A 103 9.50 -9.97 12.98
C SER A 103 8.03 -9.51 13.15
N GLN A 104 7.75 -8.23 13.14
CA GLN A 104 6.32 -7.81 13.31
C GLN A 104 5.98 -6.68 12.31
N LEU A 105 4.73 -6.55 11.95
CA LEU A 105 4.33 -5.48 10.97
C LEU A 105 3.21 -4.61 11.56
N GLU A 106 3.51 -3.37 11.88
CA GLU A 106 2.48 -2.46 12.45
C GLU A 106 2.74 -1.02 12.00
N ILE A 107 1.69 -0.29 11.73
CA ILE A 107 1.84 1.13 11.27
C ILE A 107 2.22 2.01 12.48
N GLY A 108 3.45 1.94 12.88
CA GLY A 108 3.93 2.74 14.05
C GLY A 108 4.89 3.82 13.50
N MET A 1 11.11 5.21 12.00
CA MET A 1 12.19 4.19 11.86
C MET A 1 12.00 3.43 10.55
N PRO A 2 13.04 2.81 10.05
CA PRO A 2 13.07 2.02 8.79
C PRO A 2 11.69 1.60 8.21
N ASN A 3 11.56 1.46 6.91
CA ASN A 3 10.22 1.10 6.34
C ASN A 3 10.29 -0.35 5.79
N PHE A 4 9.24 -0.82 5.17
CA PHE A 4 9.25 -2.22 4.65
C PHE A 4 9.97 -2.33 3.29
N SER A 5 10.61 -1.29 2.85
CA SER A 5 11.33 -1.36 1.54
C SER A 5 12.61 -2.18 1.73
N HIS A 6 13.66 -1.53 2.15
CA HIS A 6 14.96 -2.21 2.33
C HIS A 6 14.83 -3.45 3.23
N THR A 7 13.98 -3.40 4.24
CA THR A 7 13.84 -4.56 5.16
C THR A 7 13.14 -5.74 4.47
N CYS A 8 12.27 -5.46 3.53
CA CYS A 8 11.55 -6.57 2.82
C CYS A 8 11.76 -6.45 1.30
N SER A 9 11.59 -7.53 0.59
CA SER A 9 11.76 -7.49 -0.90
C SER A 9 10.62 -8.24 -1.60
N SER A 10 10.48 -8.07 -2.89
CA SER A 10 9.39 -8.77 -3.66
C SER A 10 8.02 -8.16 -3.30
N ILE A 11 7.91 -6.87 -3.45
CA ILE A 11 6.64 -6.16 -3.12
C ILE A 11 5.53 -6.51 -4.13
N ASN A 12 4.51 -7.21 -3.69
CA ASN A 12 3.39 -7.56 -4.61
C ASN A 12 2.10 -6.85 -4.17
N TYR A 13 1.22 -6.56 -5.08
CA TYR A 13 -0.06 -5.86 -4.75
C TYR A 13 -1.19 -6.48 -5.56
N ASP A 14 -2.00 -7.30 -4.96
CA ASP A 14 -3.15 -7.87 -5.71
C ASP A 14 -4.27 -6.82 -5.80
N PRO A 15 -4.67 -6.46 -6.99
CA PRO A 15 -5.72 -5.41 -7.20
C PRO A 15 -7.14 -5.88 -6.80
N ASP A 16 -7.40 -7.16 -6.77
CA ASP A 16 -8.76 -7.64 -6.38
C ASP A 16 -8.92 -7.55 -4.85
N SER A 17 -8.14 -8.31 -4.12
CA SER A 17 -8.26 -8.33 -2.62
C SER A 17 -7.43 -7.20 -1.97
N THR A 18 -6.74 -6.43 -2.75
CA THR A 18 -5.88 -5.31 -2.21
C THR A 18 -5.02 -5.77 -1.02
N ILE A 19 -4.20 -6.78 -1.22
CA ILE A 19 -3.33 -7.26 -0.12
C ILE A 19 -1.87 -7.06 -0.52
N LEU A 20 -1.08 -6.46 0.33
CA LEU A 20 0.37 -6.25 -0.01
C LEU A 20 1.20 -7.41 0.57
N SER A 21 1.87 -8.15 -0.27
CA SER A 21 2.70 -9.29 0.22
C SER A 21 4.18 -8.97 0.04
N ALA A 22 4.98 -9.27 1.03
CA ALA A 22 6.44 -8.99 0.94
C ALA A 22 7.22 -9.93 1.86
N GLU A 23 8.41 -10.28 1.50
CA GLU A 23 9.22 -11.20 2.37
C GLU A 23 10.14 -10.35 3.25
N CYS A 24 10.08 -10.53 4.54
CA CYS A 24 10.94 -9.72 5.46
C CYS A 24 11.87 -10.64 6.26
N GLN A 25 12.99 -10.13 6.72
CA GLN A 25 13.94 -10.97 7.51
C GLN A 25 13.71 -10.73 9.01
N ALA A 26 13.62 -11.77 9.78
CA ALA A 26 13.39 -11.61 11.25
C ALA A 26 14.72 -11.36 11.95
N ARG A 27 14.64 -11.04 13.21
CA ARG A 27 15.87 -10.78 14.01
C ARG A 27 16.77 -12.02 14.00
N ASP A 28 16.17 -13.18 13.93
CA ASP A 28 16.96 -14.45 13.93
C ASP A 28 17.65 -14.60 12.57
N GLY A 29 17.43 -13.67 11.68
CA GLY A 29 18.07 -13.76 10.33
C GLY A 29 17.24 -14.70 9.44
N GLU A 30 16.01 -14.96 9.81
CA GLU A 30 15.14 -15.86 8.99
C GLU A 30 14.13 -15.06 8.15
N TRP A 31 13.74 -15.59 7.02
CA TRP A 31 12.75 -14.88 6.13
C TRP A 31 11.33 -15.39 6.42
N LEU A 32 10.40 -14.51 6.66
CA LEU A 32 8.99 -14.95 6.93
C LEU A 32 8.00 -14.08 6.13
N PRO A 33 7.42 -14.62 5.09
CA PRO A 33 6.44 -13.90 4.23
C PRO A 33 5.46 -13.03 5.05
N THR A 34 5.07 -11.89 4.54
CA THR A 34 4.13 -11.02 5.32
C THR A 34 3.02 -10.46 4.41
N GLU A 35 1.84 -10.31 4.94
CA GLU A 35 0.68 -9.78 4.13
C GLU A 35 0.09 -8.54 4.83
N LEU A 36 -0.51 -7.64 4.08
CA LEU A 36 -1.11 -6.42 4.72
C LEU A 36 -2.33 -5.96 3.89
N ARG A 37 -3.37 -5.53 4.54
CA ARG A 37 -4.59 -5.03 3.79
C ARG A 37 -4.70 -3.50 3.92
N LEU A 38 -4.46 -2.78 2.86
CA LEU A 38 -4.55 -1.29 2.94
C LEU A 38 -6.00 -0.84 3.19
N SER A 39 -6.95 -1.48 2.57
CA SER A 39 -8.38 -1.08 2.77
C SER A 39 -8.63 -0.71 4.22
N ASP A 40 -7.85 -1.27 5.12
CA ASP A 40 -8.00 -0.97 6.58
C ASP A 40 -7.71 0.52 6.85
N HIS A 41 -6.72 1.09 6.19
CA HIS A 41 -6.38 2.53 6.42
C HIS A 41 -6.66 3.39 5.17
N ILE A 42 -7.30 2.85 4.17
CA ILE A 42 -7.56 3.68 2.93
C ILE A 42 -9.05 3.63 2.55
N GLY A 43 -9.68 4.78 2.45
CA GLY A 43 -11.12 4.85 2.08
C GLY A 43 -11.33 5.97 1.05
N ASN A 44 -12.49 6.04 0.44
CA ASN A 44 -12.75 7.11 -0.57
C ASN A 44 -13.37 8.32 0.13
N ILE A 45 -12.96 9.48 -0.24
CA ILE A 45 -13.54 10.69 0.37
C ILE A 45 -13.84 11.71 -0.73
N ASP A 46 -15.03 11.66 -1.23
CA ASP A 46 -15.48 12.58 -2.31
C ASP A 46 -14.58 12.51 -3.57
N GLY A 47 -13.95 11.39 -3.85
CA GLY A 47 -13.09 11.31 -5.08
C GLY A 47 -11.60 11.35 -4.73
N GLU A 48 -11.27 11.58 -3.49
CA GLU A 48 -9.82 11.64 -3.09
C GLU A 48 -9.44 10.44 -2.21
N LEU A 49 -8.17 10.15 -2.13
CA LEU A 49 -7.68 9.00 -1.28
C LEU A 49 -7.00 9.56 -0.03
N GLN A 50 -7.32 9.05 1.13
CA GLN A 50 -6.65 9.57 2.38
C GLN A 50 -6.46 8.44 3.39
N PHE A 51 -5.51 8.62 4.27
CA PHE A 51 -5.23 7.61 5.33
C PHE A 51 -6.24 7.81 6.47
N GLY A 52 -6.57 6.77 7.18
CA GLY A 52 -7.55 6.90 8.30
C GLY A 52 -8.91 6.31 7.88
N ASP A 53 -9.26 6.45 6.64
CA ASP A 53 -10.55 5.89 6.15
C ASP A 53 -10.38 4.45 5.64
N GLN A 54 -11.48 3.81 5.31
CA GLN A 54 -11.40 2.40 4.80
C GLN A 54 -12.42 2.17 3.66
N ASN A 55 -12.31 1.08 2.94
CA ASN A 55 -13.30 0.81 1.83
C ASN A 55 -13.05 1.77 0.65
N PHE A 56 -12.10 1.46 -0.20
CA PHE A 56 -11.81 2.34 -1.37
C PHE A 56 -11.87 1.56 -2.70
N GLN A 57 -11.39 0.34 -2.75
CA GLN A 57 -11.44 -0.42 -4.04
C GLN A 57 -12.89 -0.55 -4.51
N GLU A 58 -13.82 -0.51 -3.59
CA GLU A 58 -15.25 -0.63 -3.97
C GLU A 58 -15.64 0.52 -4.93
N THR A 59 -15.00 1.65 -4.79
CA THR A 59 -15.33 2.82 -5.69
C THR A 59 -14.08 3.24 -6.48
N CYS A 60 -13.14 2.35 -6.67
CA CYS A 60 -11.90 2.72 -7.43
C CYS A 60 -11.41 1.53 -8.27
N GLN A 61 -10.69 1.82 -9.33
CA GLN A 61 -10.19 0.71 -10.21
C GLN A 61 -8.76 1.01 -10.71
N ASP A 62 -8.21 0.10 -11.46
CA ASP A 62 -6.83 0.25 -12.03
C ASP A 62 -5.79 0.58 -10.93
N CYS A 63 -5.88 0.00 -9.76
CA CYS A 63 -4.86 0.32 -8.73
C CYS A 63 -3.56 -0.37 -9.11
N ARG A 64 -2.47 0.34 -9.14
CA ARG A 64 -1.20 -0.32 -9.52
C ARG A 64 0.00 0.42 -8.93
N LEU A 65 1.01 -0.34 -8.64
CA LEU A 65 2.25 0.23 -8.07
C LEU A 65 3.13 0.71 -9.23
N GLU A 66 3.97 1.67 -9.00
CA GLU A 66 4.85 2.15 -10.11
C GLU A 66 6.27 2.43 -9.56
N PHE A 67 7.27 1.83 -10.14
CA PHE A 67 8.67 2.04 -9.64
C PHE A 67 9.26 3.30 -10.31
N GLY A 68 9.95 4.12 -9.56
CA GLY A 68 10.55 5.37 -10.14
C GLY A 68 11.93 5.07 -10.74
N ASP A 69 12.76 6.07 -10.87
CA ASP A 69 14.12 5.85 -11.44
C ASP A 69 14.84 4.72 -10.67
N GLY A 70 14.65 4.65 -9.38
CA GLY A 70 15.32 3.58 -8.58
C GLY A 70 14.26 2.57 -8.10
N GLU A 71 14.50 1.32 -8.28
CA GLU A 71 13.53 0.28 -7.85
C GLU A 71 13.39 0.28 -6.31
N GLN A 72 14.01 1.22 -5.65
CA GLN A 72 13.93 1.27 -4.16
C GLN A 72 12.59 1.91 -3.75
N SER A 73 11.72 2.13 -4.68
CA SER A 73 10.42 2.77 -4.32
C SER A 73 9.26 2.24 -5.17
N VAL A 74 8.05 2.24 -4.66
CA VAL A 74 6.91 1.77 -5.50
C VAL A 74 5.76 2.78 -5.29
N TRP A 75 5.15 3.31 -6.32
CA TRP A 75 4.08 4.33 -6.06
C TRP A 75 2.63 3.89 -6.37
N LEU A 76 1.74 4.07 -5.43
CA LEU A 76 0.33 3.59 -5.63
C LEU A 76 -0.60 4.67 -6.21
N VAL A 77 -1.03 4.43 -7.44
CA VAL A 77 -1.97 5.36 -8.16
C VAL A 77 -3.32 4.62 -8.38
N CYS A 78 -4.44 5.31 -8.21
CA CYS A 78 -5.77 4.62 -8.43
C CYS A 78 -6.82 5.61 -8.89
N THR A 79 -7.72 5.13 -9.70
CA THR A 79 -8.83 5.97 -10.19
C THR A 79 -9.99 5.78 -9.19
N CYS A 80 -10.49 6.84 -8.61
CA CYS A 80 -11.61 6.69 -7.60
C CYS A 80 -12.81 7.48 -8.11
N GLN A 81 -13.95 6.86 -8.20
CA GLN A 81 -15.16 7.59 -8.69
C GLN A 81 -15.55 8.72 -7.72
N THR A 82 -16.15 9.77 -8.23
CA THR A 82 -16.57 10.90 -7.34
C THR A 82 -18.02 10.64 -6.93
N MET A 83 -18.53 11.40 -5.99
CA MET A 83 -19.95 11.15 -5.56
C MET A 83 -20.91 11.38 -6.74
N ASP A 84 -20.61 12.34 -7.58
CA ASP A 84 -21.51 12.59 -8.74
C ASP A 84 -21.42 11.41 -9.72
N GLY A 85 -20.38 10.62 -9.62
CA GLY A 85 -20.24 9.43 -10.52
C GLY A 85 -19.11 9.64 -11.53
N GLU A 86 -18.42 10.76 -11.46
CA GLU A 86 -17.29 11.00 -12.41
C GLU A 86 -16.04 10.23 -11.98
N TRP A 87 -15.17 9.92 -12.89
CA TRP A 87 -13.93 9.16 -12.56
C TRP A 87 -12.72 10.11 -12.57
N LYS A 88 -11.90 10.08 -11.55
CA LYS A 88 -10.70 10.96 -11.53
C LYS A 88 -9.46 10.15 -11.12
N SER A 89 -8.29 10.65 -11.43
CA SER A 89 -7.03 9.92 -11.08
C SER A 89 -6.37 10.55 -9.85
N THR A 90 -6.12 9.76 -8.83
CA THR A 90 -5.44 10.28 -7.60
C THR A 90 -4.11 9.52 -7.41
N GLN A 91 -3.26 9.99 -6.52
CA GLN A 91 -1.95 9.31 -6.29
C GLN A 91 -1.60 9.30 -4.79
N ILE A 92 -0.75 8.41 -4.35
CA ILE A 92 -0.39 8.38 -2.90
C ILE A 92 0.89 7.54 -2.70
N LEU A 93 1.80 8.00 -1.86
CA LEU A 93 3.06 7.25 -1.63
C LEU A 93 2.95 6.40 -0.36
N LEU A 94 3.06 5.11 -0.49
CA LEU A 94 2.98 4.21 0.70
C LEU A 94 4.14 4.47 1.67
N ASP A 95 5.29 4.85 1.15
CA ASP A 95 6.47 5.13 2.03
C ASP A 95 6.21 6.42 2.85
N SER A 96 6.07 6.30 4.15
CA SER A 96 5.82 7.51 5.00
C SER A 96 5.62 7.10 6.48
N GLN A 97 4.47 7.38 7.05
CA GLN A 97 4.24 6.99 8.48
C GLN A 97 3.91 5.48 8.60
N ILE A 98 4.53 4.64 7.82
CA ILE A 98 4.25 3.17 7.91
C ILE A 98 5.58 2.42 8.04
N ASP A 99 5.66 1.48 8.93
CA ASP A 99 6.95 0.73 9.11
C ASP A 99 6.68 -0.74 9.53
N ASN A 100 7.62 -1.61 9.27
CA ASN A 100 7.46 -3.04 9.63
C ASN A 100 8.61 -3.50 10.55
N ASN A 101 8.29 -4.02 11.70
CA ASN A 101 9.38 -4.48 12.61
C ASN A 101 10.04 -5.75 12.02
N ASP A 102 11.23 -6.07 12.48
CA ASP A 102 11.96 -7.27 11.96
C ASP A 102 11.09 -8.55 12.04
N SER A 103 10.41 -8.75 13.14
CA SER A 103 9.52 -9.95 13.28
C SER A 103 8.04 -9.57 13.41
N GLN A 104 7.70 -8.31 13.47
CA GLN A 104 6.25 -7.96 13.59
C GLN A 104 5.89 -6.87 12.56
N LEU A 105 4.62 -6.79 12.19
CA LEU A 105 4.20 -5.76 11.17
C LEU A 105 3.18 -4.80 11.79
N GLU A 106 3.58 -3.58 12.06
CA GLU A 106 2.64 -2.59 12.65
C GLU A 106 3.01 -1.17 12.19
N ILE A 107 2.03 -0.31 12.03
CA ILE A 107 2.31 1.09 11.60
C ILE A 107 3.30 1.74 12.58
N GLY A 108 3.93 2.80 12.15
CA GLY A 108 4.92 3.51 13.00
C GLY A 108 5.64 4.54 12.13
N MET A 1 9.87 6.05 10.92
CA MET A 1 11.14 5.27 10.84
C MET A 1 11.13 4.41 9.58
N PRO A 2 12.28 3.97 9.13
CA PRO A 2 12.49 3.12 7.93
C PRO A 2 11.23 2.40 7.37
N ASN A 3 11.13 2.15 6.09
CA ASN A 3 9.90 1.48 5.55
C ASN A 3 10.23 0.01 5.21
N PHE A 4 9.31 -0.71 4.64
CA PHE A 4 9.58 -2.15 4.32
C PHE A 4 10.36 -2.31 3.00
N SER A 5 11.08 -1.31 2.58
CA SER A 5 11.87 -1.43 1.31
C SER A 5 13.08 -2.33 1.58
N HIS A 6 14.14 -1.73 2.04
CA HIS A 6 15.40 -2.49 2.30
C HIS A 6 15.13 -3.71 3.22
N THR A 7 14.24 -3.58 4.17
CA THR A 7 13.98 -4.73 5.11
C THR A 7 13.25 -5.87 4.39
N CYS A 8 12.43 -5.55 3.41
CA CYS A 8 11.69 -6.63 2.67
C CYS A 8 11.92 -6.51 1.16
N SER A 9 11.74 -7.59 0.46
CA SER A 9 11.94 -7.55 -1.04
C SER A 9 10.79 -8.29 -1.75
N SER A 10 10.64 -8.08 -3.04
CA SER A 10 9.54 -8.75 -3.82
C SER A 10 8.18 -8.17 -3.42
N ILE A 11 8.04 -6.89 -3.56
CA ILE A 11 6.77 -6.19 -3.20
C ILE A 11 5.62 -6.60 -4.15
N ASN A 12 4.57 -7.18 -3.62
CA ASN A 12 3.42 -7.57 -4.48
C ASN A 12 2.13 -6.94 -3.94
N TYR A 13 1.23 -6.58 -4.82
CA TYR A 13 -0.06 -5.95 -4.39
C TYR A 13 -1.18 -6.44 -5.30
N ASP A 14 -2.04 -7.28 -4.79
CA ASP A 14 -3.17 -7.76 -5.64
C ASP A 14 -4.26 -6.66 -5.68
N PRO A 15 -4.64 -6.23 -6.85
CA PRO A 15 -5.66 -5.15 -7.01
C PRO A 15 -7.09 -5.59 -6.63
N ASP A 16 -7.37 -6.87 -6.59
CA ASP A 16 -8.74 -7.32 -6.21
C ASP A 16 -8.92 -7.25 -4.67
N SER A 17 -8.18 -8.05 -3.95
CA SER A 17 -8.29 -8.09 -2.45
C SER A 17 -7.41 -7.00 -1.78
N THR A 18 -6.68 -6.25 -2.56
CA THR A 18 -5.77 -5.17 -2.00
C THR A 18 -4.94 -5.69 -0.81
N ILE A 19 -4.13 -6.68 -1.03
CA ILE A 19 -3.28 -7.21 0.09
C ILE A 19 -1.80 -7.04 -0.29
N LEU A 20 -1.01 -6.49 0.58
CA LEU A 20 0.44 -6.32 0.27
C LEU A 20 1.23 -7.52 0.80
N SER A 21 1.93 -8.21 -0.07
CA SER A 21 2.72 -9.40 0.37
C SER A 21 4.20 -9.16 0.09
N ALA A 22 5.05 -9.54 1.02
CA ALA A 22 6.51 -9.34 0.81
C ALA A 22 7.29 -10.22 1.80
N GLU A 23 8.48 -10.62 1.45
CA GLU A 23 9.29 -11.47 2.37
C GLU A 23 10.25 -10.57 3.16
N CYS A 24 10.27 -10.71 4.46
CA CYS A 24 11.17 -9.85 5.29
C CYS A 24 12.11 -10.73 6.13
N GLN A 25 13.22 -10.19 6.57
CA GLN A 25 14.18 -10.99 7.39
C GLN A 25 13.93 -10.72 8.88
N ALA A 26 13.80 -11.75 9.66
CA ALA A 26 13.55 -11.56 11.11
C ALA A 26 14.88 -11.40 11.86
N ARG A 27 14.80 -11.00 13.09
CA ARG A 27 16.02 -10.82 13.91
C ARG A 27 16.78 -12.15 14.01
N ASP A 28 16.06 -13.25 13.99
CA ASP A 28 16.71 -14.58 14.09
C ASP A 28 17.48 -14.86 12.79
N GLY A 29 17.44 -13.94 11.87
CA GLY A 29 18.17 -14.14 10.57
C GLY A 29 17.33 -15.06 9.68
N GLU A 30 16.06 -15.15 9.93
CA GLU A 30 15.17 -16.02 9.09
C GLU A 30 14.27 -15.16 8.17
N TRP A 31 13.93 -15.68 7.01
CA TRP A 31 13.05 -14.93 6.06
C TRP A 31 11.62 -15.44 6.17
N LEU A 32 10.66 -14.57 6.38
CA LEU A 32 9.24 -15.02 6.46
C LEU A 32 8.35 -14.12 5.59
N PRO A 33 7.23 -14.63 5.13
CA PRO A 33 6.26 -13.87 4.28
C PRO A 33 5.19 -13.15 5.12
N THR A 34 4.84 -11.94 4.78
CA THR A 34 3.80 -11.20 5.58
C THR A 34 2.76 -10.58 4.65
N GLU A 35 1.52 -10.54 5.10
CA GLU A 35 0.42 -9.94 4.27
C GLU A 35 -0.17 -8.73 5.00
N LEU A 36 -0.65 -7.73 4.28
CA LEU A 36 -1.25 -6.54 4.95
C LEU A 36 -2.44 -6.02 4.10
N ARG A 37 -3.51 -5.64 4.75
CA ARG A 37 -4.71 -5.11 4.00
C ARG A 37 -4.80 -3.59 4.16
N LEU A 38 -4.56 -2.84 3.12
CA LEU A 38 -4.63 -1.35 3.23
C LEU A 38 -6.07 -0.88 3.44
N SER A 39 -7.01 -1.52 2.83
CA SER A 39 -8.44 -1.11 2.98
C SER A 39 -8.71 -0.71 4.43
N ASP A 40 -7.98 -1.28 5.36
CA ASP A 40 -8.15 -0.96 6.81
C ASP A 40 -7.91 0.54 7.05
N HIS A 41 -6.94 1.13 6.38
CA HIS A 41 -6.67 2.59 6.59
C HIS A 41 -6.91 3.40 5.28
N ILE A 42 -7.48 2.81 4.27
CA ILE A 42 -7.69 3.57 2.99
C ILE A 42 -9.19 3.64 2.64
N GLY A 43 -9.70 4.84 2.51
CA GLY A 43 -11.16 5.02 2.16
C GLY A 43 -11.29 6.11 1.09
N ASN A 44 -12.42 6.21 0.45
CA ASN A 44 -12.61 7.25 -0.59
C ASN A 44 -13.16 8.52 0.05
N ILE A 45 -12.74 9.65 -0.41
CA ILE A 45 -13.24 10.92 0.16
C ILE A 45 -13.54 11.87 -0.99
N ASP A 46 -14.75 11.84 -1.46
CA ASP A 46 -15.18 12.73 -2.58
C ASP A 46 -14.30 12.58 -3.84
N GLY A 47 -13.69 11.44 -4.06
CA GLY A 47 -12.86 11.27 -5.30
C GLY A 47 -11.36 11.23 -4.97
N GLU A 48 -11.00 11.47 -3.74
CA GLU A 48 -9.54 11.47 -3.37
C GLU A 48 -9.23 10.31 -2.40
N LEU A 49 -7.97 10.01 -2.23
CA LEU A 49 -7.57 8.91 -1.29
C LEU A 49 -6.93 9.53 -0.03
N GLN A 50 -7.25 9.02 1.13
CA GLN A 50 -6.65 9.59 2.37
C GLN A 50 -6.45 8.50 3.44
N PHE A 51 -5.53 8.73 4.32
CA PHE A 51 -5.25 7.76 5.42
C PHE A 51 -6.26 8.00 6.55
N GLY A 52 -6.60 6.99 7.29
CA GLY A 52 -7.59 7.16 8.40
C GLY A 52 -8.95 6.59 7.98
N ASP A 53 -9.29 6.67 6.74
CA ASP A 53 -10.59 6.14 6.26
C ASP A 53 -10.45 4.69 5.78
N GLN A 54 -11.55 4.06 5.45
CA GLN A 54 -11.49 2.64 4.97
C GLN A 54 -12.47 2.40 3.80
N ASN A 55 -12.36 1.30 3.10
CA ASN A 55 -13.31 1.03 1.95
C ASN A 55 -13.01 1.99 0.78
N PHE A 56 -12.13 1.61 -0.10
CA PHE A 56 -11.79 2.49 -1.28
C PHE A 56 -11.79 1.69 -2.60
N GLN A 57 -11.27 0.49 -2.62
CA GLN A 57 -11.26 -0.28 -3.90
C GLN A 57 -12.69 -0.45 -4.42
N GLU A 58 -13.66 -0.47 -3.53
CA GLU A 58 -15.07 -0.63 -3.96
C GLU A 58 -15.46 0.53 -4.89
N THR A 59 -14.86 1.68 -4.72
CA THR A 59 -15.20 2.86 -5.59
C THR A 59 -13.98 3.27 -6.42
N CYS A 60 -13.07 2.36 -6.67
CA CYS A 60 -11.85 2.71 -7.47
C CYS A 60 -11.37 1.52 -8.32
N GLN A 61 -10.67 1.80 -9.39
CA GLN A 61 -10.17 0.70 -10.27
C GLN A 61 -8.73 0.98 -10.73
N ASP A 62 -8.18 0.05 -11.47
CA ASP A 62 -6.78 0.16 -12.00
C ASP A 62 -5.76 0.50 -10.89
N CYS A 63 -5.91 -0.04 -9.71
CA CYS A 63 -4.90 0.28 -8.66
C CYS A 63 -3.61 -0.46 -8.99
N ARG A 64 -2.50 0.22 -9.04
CA ARG A 64 -1.24 -0.48 -9.36
C ARG A 64 -0.04 0.28 -8.82
N LEU A 65 0.95 -0.47 -8.47
CA LEU A 65 2.20 0.11 -7.93
C LEU A 65 3.09 0.51 -9.10
N GLU A 66 3.95 1.47 -8.93
CA GLU A 66 4.84 1.89 -10.05
C GLU A 66 6.25 2.15 -9.52
N PHE A 67 7.25 1.63 -10.17
CA PHE A 67 8.65 1.85 -9.70
C PHE A 67 9.21 3.16 -10.29
N GLY A 68 9.81 3.99 -9.48
CA GLY A 68 10.36 5.29 -9.99
C GLY A 68 11.79 5.09 -10.55
N ASP A 69 12.54 6.15 -10.66
CA ASP A 69 13.94 6.02 -11.19
C ASP A 69 14.72 4.95 -10.39
N GLY A 70 14.49 4.88 -9.11
CA GLY A 70 15.20 3.85 -8.28
C GLY A 70 14.21 2.80 -7.81
N GLU A 71 14.54 1.55 -7.97
CA GLU A 71 13.61 0.46 -7.55
C GLU A 71 13.45 0.47 -6.02
N GLN A 72 14.02 1.44 -5.35
CA GLN A 72 13.90 1.49 -3.86
C GLN A 72 12.54 2.09 -3.47
N SER A 73 11.69 2.31 -4.43
CA SER A 73 10.36 2.91 -4.09
C SER A 73 9.24 2.39 -5.00
N VAL A 74 8.02 2.36 -4.53
CA VAL A 74 6.91 1.89 -5.43
C VAL A 74 5.74 2.86 -5.22
N TRP A 75 5.14 3.41 -6.26
CA TRP A 75 4.04 4.40 -6.00
C TRP A 75 2.61 3.93 -6.36
N LEU A 76 1.70 4.07 -5.44
CA LEU A 76 0.31 3.57 -5.67
C LEU A 76 -0.63 4.62 -6.28
N VAL A 77 -1.01 4.41 -7.53
CA VAL A 77 -1.95 5.33 -8.26
C VAL A 77 -3.30 4.60 -8.46
N CYS A 78 -4.40 5.29 -8.31
CA CYS A 78 -5.74 4.61 -8.50
C CYS A 78 -6.79 5.59 -8.99
N THR A 79 -7.70 5.10 -9.78
CA THR A 79 -8.81 5.93 -10.28
C THR A 79 -9.98 5.74 -9.29
N CYS A 80 -10.42 6.78 -8.66
CA CYS A 80 -11.53 6.63 -7.64
C CYS A 80 -12.75 7.40 -8.16
N GLN A 81 -13.90 6.80 -8.17
CA GLN A 81 -15.12 7.51 -8.67
C GLN A 81 -15.48 8.68 -7.74
N THR A 82 -16.03 9.73 -8.29
CA THR A 82 -16.43 10.90 -7.44
C THR A 82 -17.87 10.68 -7.01
N MET A 83 -18.38 11.47 -6.09
CA MET A 83 -19.79 11.27 -5.64
C MET A 83 -20.74 11.48 -6.81
N ASP A 84 -20.44 12.38 -7.70
CA ASP A 84 -21.34 12.62 -8.86
C ASP A 84 -21.28 11.40 -9.81
N GLY A 85 -20.31 10.53 -9.61
CA GLY A 85 -20.19 9.32 -10.48
C GLY A 85 -19.06 9.50 -11.50
N GLU A 86 -18.35 10.59 -11.45
CA GLU A 86 -17.23 10.80 -12.42
C GLU A 86 -15.98 10.03 -11.96
N TRP A 87 -15.05 9.81 -12.86
CA TRP A 87 -13.81 9.07 -12.50
C TRP A 87 -12.60 10.02 -12.52
N LYS A 88 -11.82 10.04 -11.48
CA LYS A 88 -10.63 10.94 -11.46
C LYS A 88 -9.38 10.15 -11.03
N SER A 89 -8.22 10.58 -11.47
CA SER A 89 -6.96 9.85 -11.10
C SER A 89 -6.35 10.43 -9.80
N THR A 90 -6.17 9.60 -8.81
CA THR A 90 -5.56 10.06 -7.52
C THR A 90 -4.21 9.35 -7.33
N GLN A 91 -3.38 9.84 -6.44
CA GLN A 91 -2.04 9.20 -6.20
C GLN A 91 -1.70 9.22 -4.70
N ILE A 92 -0.87 8.31 -4.25
CA ILE A 92 -0.51 8.29 -2.80
C ILE A 92 0.81 7.51 -2.59
N LEU A 93 1.68 8.01 -1.76
CA LEU A 93 2.99 7.32 -1.53
C LEU A 93 2.91 6.45 -0.27
N LEU A 94 3.09 5.17 -0.41
CA LEU A 94 3.03 4.26 0.77
C LEU A 94 4.18 4.58 1.75
N ASP A 95 5.29 5.04 1.26
CA ASP A 95 6.44 5.39 2.15
C ASP A 95 6.08 6.61 3.03
N SER A 96 5.82 6.40 4.29
CA SER A 96 5.45 7.53 5.20
C SER A 96 5.21 7.03 6.63
N GLN A 97 4.04 7.21 7.17
CA GLN A 97 3.76 6.73 8.58
C GLN A 97 3.50 5.20 8.60
N ILE A 98 4.14 4.45 7.73
CA ILE A 98 3.92 2.96 7.72
C ILE A 98 5.29 2.27 7.81
N ASP A 99 5.42 1.29 8.65
CA ASP A 99 6.74 0.59 8.80
C ASP A 99 6.54 -0.90 9.16
N ASN A 100 7.54 -1.70 8.96
CA ASN A 100 7.45 -3.15 9.28
C ASN A 100 8.57 -3.57 10.26
N ASN A 101 8.23 -4.03 11.42
CA ASN A 101 9.28 -4.45 12.38
C ASN A 101 10.03 -5.68 11.83
N ASP A 102 11.21 -5.95 12.33
CA ASP A 102 12.01 -7.12 11.85
C ASP A 102 11.20 -8.43 11.91
N SER A 103 10.45 -8.65 12.97
CA SER A 103 9.61 -9.89 13.08
C SER A 103 8.10 -9.57 13.12
N GLN A 104 7.71 -8.32 13.11
CA GLN A 104 6.24 -8.02 13.16
C GLN A 104 5.90 -6.89 12.17
N LEU A 105 4.64 -6.79 11.79
CA LEU A 105 4.24 -5.71 10.82
C LEU A 105 3.12 -4.85 11.42
N GLU A 106 3.42 -3.62 11.77
CA GLU A 106 2.38 -2.73 12.36
C GLU A 106 2.72 -1.27 12.08
N ILE A 107 1.74 -0.41 12.02
CA ILE A 107 1.99 1.04 11.75
C ILE A 107 2.97 1.58 12.80
N GLY A 108 3.66 2.63 12.46
CA GLY A 108 4.65 3.24 13.38
C GLY A 108 5.43 2.11 14.06
N MET A 1 10.94 7.03 10.07
CA MET A 1 11.92 5.96 10.41
C MET A 1 11.78 4.82 9.41
N PRO A 2 12.79 3.96 9.32
CA PRO A 2 12.85 2.78 8.41
C PRO A 2 11.50 2.31 7.81
N ASN A 3 11.50 1.71 6.64
CA ASN A 3 10.19 1.27 6.02
C ASN A 3 10.32 -0.20 5.58
N PHE A 4 9.30 -0.74 4.98
CA PHE A 4 9.36 -2.17 4.54
C PHE A 4 10.09 -2.34 3.20
N SER A 5 10.74 -1.32 2.72
CA SER A 5 11.48 -1.45 1.43
C SER A 5 12.76 -2.25 1.67
N HIS A 6 13.80 -1.59 2.06
CA HIS A 6 15.11 -2.27 2.30
C HIS A 6 14.94 -3.49 3.22
N THR A 7 14.06 -3.42 4.19
CA THR A 7 13.89 -4.58 5.13
C THR A 7 13.20 -5.76 4.44
N CYS A 8 12.35 -5.50 3.47
CA CYS A 8 11.64 -6.60 2.76
C CYS A 8 11.82 -6.49 1.24
N SER A 9 11.64 -7.57 0.54
CA SER A 9 11.80 -7.53 -0.95
C SER A 9 10.66 -8.30 -1.64
N SER A 10 10.49 -8.13 -2.93
CA SER A 10 9.39 -8.84 -3.67
C SER A 10 8.03 -8.23 -3.31
N ILE A 11 7.92 -6.94 -3.47
CA ILE A 11 6.65 -6.23 -3.15
C ILE A 11 5.52 -6.61 -4.13
N ASN A 12 4.51 -7.27 -3.65
CA ASN A 12 3.37 -7.66 -4.54
C ASN A 12 2.09 -6.94 -4.10
N TYR A 13 1.22 -6.65 -5.02
CA TYR A 13 -0.06 -5.95 -4.69
C TYR A 13 -1.20 -6.55 -5.50
N ASP A 14 -2.02 -7.36 -4.88
CA ASP A 14 -3.17 -7.94 -5.63
C ASP A 14 -4.29 -6.89 -5.70
N PRO A 15 -4.70 -6.52 -6.89
CA PRO A 15 -5.76 -5.48 -7.08
C PRO A 15 -7.17 -5.95 -6.68
N ASP A 16 -7.41 -7.24 -6.63
CA ASP A 16 -8.77 -7.72 -6.24
C ASP A 16 -8.94 -7.63 -4.70
N SER A 17 -8.16 -8.39 -3.97
CA SER A 17 -8.26 -8.40 -2.47
C SER A 17 -7.44 -7.26 -1.84
N THR A 18 -6.75 -6.49 -2.63
CA THR A 18 -5.89 -5.36 -2.10
C THR A 18 -5.01 -5.82 -0.91
N ILE A 19 -4.23 -6.84 -1.10
CA ILE A 19 -3.34 -7.31 0.01
C ILE A 19 -1.87 -7.13 -0.42
N LEU A 20 -1.06 -6.55 0.42
CA LEU A 20 0.38 -6.38 0.06
C LEU A 20 1.20 -7.53 0.64
N SER A 21 1.88 -8.28 -0.19
CA SER A 21 2.70 -9.41 0.32
C SER A 21 4.19 -9.11 0.10
N ALA A 22 5.00 -9.45 1.05
CA ALA A 22 6.46 -9.19 0.91
C ALA A 22 7.24 -10.09 1.88
N GLU A 23 8.45 -10.46 1.53
CA GLU A 23 9.26 -11.34 2.42
C GLU A 23 10.18 -10.46 3.27
N CYS A 24 10.20 -10.66 4.56
CA CYS A 24 11.07 -9.81 5.43
C CYS A 24 12.01 -10.71 6.25
N GLN A 25 13.12 -10.18 6.70
CA GLN A 25 14.09 -10.99 7.51
C GLN A 25 13.75 -10.86 8.99
N ALA A 26 13.71 -11.95 9.71
CA ALA A 26 13.39 -11.88 11.16
C ALA A 26 14.65 -11.57 11.97
N ARG A 27 14.48 -11.34 13.23
CA ARG A 27 15.63 -11.04 14.11
C ARG A 27 16.62 -12.21 14.09
N ASP A 28 16.12 -13.42 13.96
CA ASP A 28 17.00 -14.61 13.94
C ASP A 28 17.71 -14.69 12.57
N GLY A 29 17.39 -13.78 11.70
CA GLY A 29 18.03 -13.80 10.34
C GLY A 29 17.20 -14.71 9.41
N GLU A 30 16.06 -15.14 9.85
CA GLU A 30 15.20 -16.02 8.99
C GLU A 30 14.25 -15.19 8.11
N TRP A 31 14.01 -15.64 6.90
CA TRP A 31 13.09 -14.90 5.98
C TRP A 31 11.65 -15.44 6.12
N LEU A 32 10.70 -14.57 6.32
CA LEU A 32 9.27 -15.03 6.44
C LEU A 32 8.36 -14.16 5.55
N PRO A 33 7.22 -14.69 5.17
CA PRO A 33 6.23 -13.98 4.31
C PRO A 33 5.21 -13.18 5.15
N THR A 34 4.82 -12.01 4.70
CA THR A 34 3.83 -11.20 5.49
C THR A 34 2.75 -10.62 4.57
N GLU A 35 1.54 -10.47 5.08
CA GLU A 35 0.42 -9.91 4.26
C GLU A 35 -0.12 -8.64 4.93
N LEU A 36 -0.64 -7.71 4.18
CA LEU A 36 -1.20 -6.45 4.79
C LEU A 36 -2.39 -5.97 3.95
N ARG A 37 -3.44 -5.52 4.60
CA ARG A 37 -4.65 -5.02 3.86
C ARG A 37 -4.73 -3.48 3.96
N LEU A 38 -4.46 -2.77 2.90
CA LEU A 38 -4.51 -1.27 2.97
C LEU A 38 -5.94 -0.79 3.21
N SER A 39 -6.91 -1.44 2.62
CA SER A 39 -8.32 -1.00 2.81
C SER A 39 -8.56 -0.59 4.26
N ASP A 40 -7.80 -1.15 5.16
CA ASP A 40 -7.94 -0.82 6.62
C ASP A 40 -7.59 0.67 6.86
N HIS A 41 -6.58 1.18 6.19
CA HIS A 41 -6.21 2.62 6.40
C HIS A 41 -6.50 3.46 5.15
N ILE A 42 -7.15 2.92 4.15
CA ILE A 42 -7.41 3.73 2.91
C ILE A 42 -8.91 3.69 2.54
N GLY A 43 -9.54 4.84 2.44
CA GLY A 43 -10.99 4.90 2.07
C GLY A 43 -11.21 6.01 1.03
N ASN A 44 -12.39 6.10 0.47
CA ASN A 44 -12.66 7.16 -0.54
C ASN A 44 -13.26 8.38 0.15
N ILE A 45 -12.87 9.54 -0.27
CA ILE A 45 -13.43 10.76 0.35
C ILE A 45 -13.75 11.76 -0.77
N ASP A 46 -14.96 11.72 -1.23
CA ASP A 46 -15.42 12.64 -2.32
C ASP A 46 -14.54 12.55 -3.59
N GLY A 47 -13.91 11.43 -3.86
CA GLY A 47 -13.08 11.33 -5.11
C GLY A 47 -11.59 11.36 -4.78
N GLU A 48 -11.23 11.63 -3.56
CA GLU A 48 -9.77 11.69 -3.20
C GLU A 48 -9.37 10.49 -2.31
N LEU A 49 -8.10 10.19 -2.26
CA LEU A 49 -7.61 9.05 -1.42
C LEU A 49 -6.88 9.60 -0.19
N GLN A 50 -7.19 9.11 0.98
CA GLN A 50 -6.50 9.62 2.21
C GLN A 50 -6.30 8.49 3.23
N PHE A 51 -5.37 8.69 4.12
CA PHE A 51 -5.08 7.68 5.18
C PHE A 51 -6.11 7.87 6.32
N GLY A 52 -6.43 6.82 7.03
CA GLY A 52 -7.43 6.94 8.13
C GLY A 52 -8.78 6.39 7.68
N ASP A 53 -9.12 6.57 6.43
CA ASP A 53 -10.42 6.06 5.92
C ASP A 53 -10.30 4.59 5.49
N GLN A 54 -11.41 3.98 5.16
CA GLN A 54 -11.38 2.54 4.73
C GLN A 54 -12.38 2.28 3.58
N ASN A 55 -12.29 1.16 2.90
CA ASN A 55 -13.26 0.86 1.79
C ASN A 55 -13.01 1.81 0.60
N PHE A 56 -12.03 1.52 -0.21
CA PHE A 56 -11.72 2.38 -1.41
C PHE A 56 -11.77 1.58 -2.72
N GLN A 57 -11.26 0.37 -2.74
CA GLN A 57 -11.29 -0.41 -4.02
C GLN A 57 -12.74 -0.55 -4.51
N GLU A 58 -13.68 -0.55 -3.61
CA GLU A 58 -15.11 -0.69 -4.00
C GLU A 58 -15.50 0.49 -4.91
N THR A 59 -14.91 1.64 -4.71
CA THR A 59 -15.25 2.83 -5.56
C THR A 59 -14.03 3.25 -6.40
N CYS A 60 -13.11 2.35 -6.64
CA CYS A 60 -11.89 2.72 -7.44
C CYS A 60 -11.42 1.54 -8.29
N GLN A 61 -10.72 1.82 -9.37
CA GLN A 61 -10.23 0.71 -10.25
C GLN A 61 -8.81 1.02 -10.77
N ASP A 62 -8.26 0.09 -11.51
CA ASP A 62 -6.88 0.24 -12.09
C ASP A 62 -5.84 0.59 -11.02
N CYS A 63 -5.90 0.01 -9.85
CA CYS A 63 -4.86 0.34 -8.82
C CYS A 63 -3.55 -0.33 -9.24
N ARG A 64 -2.49 0.40 -9.29
CA ARG A 64 -1.21 -0.22 -9.68
C ARG A 64 -0.02 0.51 -9.09
N LEU A 65 0.97 -0.25 -8.75
CA LEU A 65 2.21 0.31 -8.15
C LEU A 65 3.12 0.75 -9.29
N GLU A 66 3.97 1.72 -9.06
CA GLU A 66 4.89 2.16 -10.15
C GLU A 66 6.28 2.41 -9.57
N PHE A 67 7.30 1.83 -10.16
CA PHE A 67 8.69 2.03 -9.62
C PHE A 67 9.29 3.31 -10.24
N GLY A 68 9.97 4.09 -9.45
CA GLY A 68 10.59 5.36 -9.97
C GLY A 68 12.00 5.08 -10.51
N ASP A 69 12.84 6.09 -10.56
CA ASP A 69 14.23 5.90 -11.06
C ASP A 69 14.92 4.76 -10.29
N GLY A 70 14.68 4.67 -9.01
CA GLY A 70 15.31 3.58 -8.20
C GLY A 70 14.25 2.54 -7.81
N GLU A 71 14.52 1.30 -8.02
CA GLU A 71 13.54 0.23 -7.68
C GLU A 71 13.34 0.17 -6.16
N GLN A 72 13.94 1.06 -5.42
CA GLN A 72 13.78 1.04 -3.93
C GLN A 72 12.44 1.68 -3.55
N SER A 73 11.63 2.01 -4.50
CA SER A 73 10.33 2.66 -4.18
C SER A 73 9.21 2.23 -5.13
N VAL A 74 7.97 2.21 -4.68
CA VAL A 74 6.87 1.84 -5.62
C VAL A 74 5.73 2.84 -5.36
N TRP A 75 5.10 3.40 -6.36
CA TRP A 75 4.03 4.41 -6.04
C TRP A 75 2.59 3.98 -6.38
N LEU A 76 1.69 4.17 -5.45
CA LEU A 76 0.27 3.71 -5.64
C LEU A 76 -0.65 4.79 -6.25
N VAL A 77 -1.12 4.51 -7.46
CA VAL A 77 -2.05 5.43 -8.19
C VAL A 77 -3.38 4.68 -8.44
N CYS A 78 -4.51 5.33 -8.27
CA CYS A 78 -5.82 4.64 -8.50
C CYS A 78 -6.89 5.63 -8.95
N THR A 79 -7.78 5.16 -9.78
CA THR A 79 -8.91 6.00 -10.25
C THR A 79 -10.05 5.79 -9.24
N CYS A 80 -10.53 6.82 -8.61
CA CYS A 80 -11.62 6.65 -7.60
C CYS A 80 -12.86 7.42 -8.09
N GLN A 81 -14.00 6.80 -8.12
CA GLN A 81 -15.23 7.52 -8.59
C GLN A 81 -15.59 8.67 -7.66
N THR A 82 -16.18 9.71 -8.19
CA THR A 82 -16.59 10.86 -7.31
C THR A 82 -18.03 10.62 -6.87
N MET A 83 -18.52 11.40 -5.95
CA MET A 83 -19.92 11.17 -5.49
C MET A 83 -20.90 11.36 -6.65
N ASP A 84 -20.64 12.28 -7.53
CA ASP A 84 -21.55 12.50 -8.68
C ASP A 84 -21.48 11.27 -9.62
N GLY A 85 -20.43 10.51 -9.51
CA GLY A 85 -20.29 9.28 -10.38
C GLY A 85 -19.18 9.47 -11.40
N GLU A 86 -18.48 10.57 -11.37
CA GLU A 86 -17.37 10.79 -12.35
C GLU A 86 -16.10 10.05 -11.89
N TRP A 87 -15.21 9.77 -12.81
CA TRP A 87 -13.96 9.04 -12.46
C TRP A 87 -12.77 10.01 -12.47
N LYS A 88 -11.98 10.03 -11.43
CA LYS A 88 -10.80 10.95 -11.41
C LYS A 88 -9.53 10.18 -11.00
N SER A 89 -8.39 10.61 -11.47
CA SER A 89 -7.11 9.90 -11.14
C SER A 89 -6.43 10.55 -9.92
N THR A 90 -6.18 9.78 -8.90
CA THR A 90 -5.49 10.31 -7.68
C THR A 90 -4.16 9.57 -7.48
N GLN A 91 -3.30 10.06 -6.62
CA GLN A 91 -1.97 9.39 -6.39
C GLN A 91 -1.61 9.44 -4.90
N ILE A 92 -0.76 8.55 -4.45
CA ILE A 92 -0.38 8.55 -3.00
C ILE A 92 0.92 7.75 -2.79
N LEU A 93 1.81 8.24 -1.97
CA LEU A 93 3.10 7.51 -1.73
C LEU A 93 3.02 6.70 -0.43
N LEU A 94 3.19 5.41 -0.52
CA LEU A 94 3.14 4.55 0.70
C LEU A 94 4.31 4.87 1.64
N ASP A 95 5.42 5.29 1.10
CA ASP A 95 6.61 5.63 1.96
C ASP A 95 6.27 6.83 2.87
N SER A 96 6.04 6.58 4.14
CA SER A 96 5.70 7.70 5.10
C SER A 96 5.59 7.16 6.52
N GLN A 97 4.46 7.34 7.17
CA GLN A 97 4.31 6.83 8.58
C GLN A 97 3.99 5.31 8.59
N ILE A 98 4.73 4.52 7.85
CA ILE A 98 4.47 3.04 7.85
C ILE A 98 5.79 2.31 8.10
N ASP A 99 5.79 1.34 8.98
CA ASP A 99 7.04 0.60 9.29
C ASP A 99 6.76 -0.86 9.65
N ASN A 100 7.73 -1.73 9.49
CA ASN A 100 7.54 -3.17 9.82
C ASN A 100 8.69 -3.67 10.72
N ASN A 101 8.38 -4.21 11.86
CA ASN A 101 9.46 -4.72 12.75
C ASN A 101 10.09 -5.98 12.12
N ASP A 102 11.26 -6.35 12.60
CA ASP A 102 11.96 -7.56 12.05
C ASP A 102 11.04 -8.82 12.07
N SER A 103 10.29 -9.00 13.12
CA SER A 103 9.36 -10.19 13.20
C SER A 103 7.90 -9.76 13.37
N GLN A 104 7.59 -8.49 13.37
CA GLN A 104 6.16 -8.08 13.54
C GLN A 104 5.81 -6.95 12.55
N LEU A 105 4.55 -6.82 12.19
CA LEU A 105 4.15 -5.75 11.22
C LEU A 105 3.14 -4.80 11.88
N GLU A 106 3.55 -3.59 12.18
CA GLU A 106 2.62 -2.61 12.81
C GLU A 106 2.91 -1.19 12.31
N ILE A 107 1.89 -0.43 12.04
CA ILE A 107 2.08 0.96 11.54
C ILE A 107 2.41 1.89 12.71
N GLY A 108 3.65 1.92 13.10
CA GLY A 108 4.09 2.78 14.24
C GLY A 108 4.00 1.95 15.52
N MET A 1 10.81 7.02 9.87
CA MET A 1 11.93 6.06 10.01
C MET A 1 11.76 4.94 8.98
N PRO A 2 12.82 4.25 8.65
CA PRO A 2 12.88 3.13 7.67
C PRO A 2 11.51 2.49 7.31
N ASN A 3 11.35 1.96 6.11
CA ASN A 3 10.01 1.37 5.72
C ASN A 3 10.22 -0.11 5.35
N PHE A 4 9.23 -0.74 4.78
CA PHE A 4 9.37 -2.18 4.42
C PHE A 4 10.12 -2.39 3.09
N SER A 5 10.79 -1.38 2.61
CA SER A 5 11.55 -1.54 1.32
C SER A 5 12.81 -2.36 1.60
N HIS A 6 13.86 -1.71 2.00
CA HIS A 6 15.15 -2.40 2.26
C HIS A 6 14.95 -3.60 3.21
N THR A 7 14.07 -3.50 4.17
CA THR A 7 13.88 -4.64 5.13
C THR A 7 13.19 -5.82 4.45
N CYS A 8 12.35 -5.57 3.48
CA CYS A 8 11.64 -6.68 2.78
C CYS A 8 11.88 -6.61 1.26
N SER A 9 11.73 -7.72 0.59
CA SER A 9 11.94 -7.72 -0.91
C SER A 9 10.78 -8.44 -1.60
N SER A 10 10.62 -8.23 -2.89
CA SER A 10 9.50 -8.88 -3.65
C SER A 10 8.15 -8.24 -3.28
N ILE A 11 8.06 -6.96 -3.45
CA ILE A 11 6.81 -6.22 -3.12
C ILE A 11 5.67 -6.56 -4.09
N ASN A 12 4.64 -7.19 -3.61
CA ASN A 12 3.49 -7.56 -4.50
C ASN A 12 2.20 -6.91 -3.97
N TYR A 13 1.30 -6.57 -4.86
CA TYR A 13 0.02 -5.92 -4.45
C TYR A 13 -1.10 -6.39 -5.37
N ASP A 14 -1.95 -7.27 -4.91
CA ASP A 14 -3.07 -7.72 -5.77
C ASP A 14 -4.16 -6.62 -5.79
N PRO A 15 -4.54 -6.17 -6.97
CA PRO A 15 -5.56 -5.09 -7.12
C PRO A 15 -6.99 -5.53 -6.74
N ASP A 16 -7.27 -6.81 -6.72
CA ASP A 16 -8.64 -7.26 -6.34
C ASP A 16 -8.82 -7.19 -4.81
N SER A 17 -8.10 -8.00 -4.09
CA SER A 17 -8.22 -8.03 -2.58
C SER A 17 -7.33 -6.96 -1.92
N THR A 18 -6.61 -6.21 -2.69
CA THR A 18 -5.70 -5.14 -2.13
C THR A 18 -4.87 -5.66 -0.95
N ILE A 19 -4.06 -6.66 -1.16
CA ILE A 19 -3.21 -7.20 -0.05
C ILE A 19 -1.73 -7.02 -0.42
N LEU A 20 -0.96 -6.46 0.46
CA LEU A 20 0.49 -6.27 0.16
C LEU A 20 1.29 -7.49 0.67
N SER A 21 1.96 -8.18 -0.21
CA SER A 21 2.76 -9.37 0.22
C SER A 21 4.24 -9.13 -0.03
N ALA A 22 5.07 -9.44 0.91
CA ALA A 22 6.54 -9.23 0.74
C ALA A 22 7.31 -10.14 1.71
N GLU A 23 8.52 -10.48 1.37
CA GLU A 23 9.33 -11.35 2.27
C GLU A 23 10.20 -10.48 3.17
N CYS A 24 10.14 -10.67 4.46
CA CYS A 24 10.96 -9.84 5.39
C CYS A 24 11.89 -10.73 6.23
N GLN A 25 13.01 -10.20 6.66
CA GLN A 25 13.96 -11.01 7.49
C GLN A 25 13.70 -10.76 8.98
N ALA A 26 13.56 -11.81 9.75
CA ALA A 26 13.30 -11.63 11.20
C ALA A 26 14.61 -11.43 11.94
N ARG A 27 14.52 -11.10 13.20
CA ARG A 27 15.74 -10.89 14.02
C ARG A 27 16.57 -12.17 14.05
N ASP A 28 15.93 -13.31 13.99
CA ASP A 28 16.66 -14.60 14.02
C ASP A 28 17.44 -14.76 12.70
N GLY A 29 17.34 -13.79 11.83
CA GLY A 29 18.07 -13.89 10.53
C GLY A 29 17.30 -14.83 9.59
N GLU A 30 16.03 -15.02 9.84
CA GLU A 30 15.21 -15.92 8.96
C GLU A 30 14.20 -15.12 8.12
N TRP A 31 13.79 -15.65 7.00
CA TRP A 31 12.80 -14.95 6.12
C TRP A 31 11.38 -15.44 6.42
N LEU A 32 10.44 -14.56 6.65
CA LEU A 32 9.03 -14.99 6.93
C LEU A 32 8.05 -14.11 6.14
N PRO A 33 7.46 -14.64 5.10
CA PRO A 33 6.48 -13.91 4.24
C PRO A 33 5.48 -13.08 5.09
N THR A 34 5.10 -11.92 4.61
CA THR A 34 4.12 -11.09 5.41
C THR A 34 3.03 -10.53 4.50
N GLU A 35 1.82 -10.41 5.02
CA GLU A 35 0.68 -9.86 4.21
C GLU A 35 0.07 -8.66 4.94
N LEU A 36 -0.48 -7.71 4.21
CA LEU A 36 -1.11 -6.53 4.87
C LEU A 36 -2.30 -6.04 4.02
N ARG A 37 -3.35 -5.59 4.66
CA ARG A 37 -4.55 -5.10 3.90
C ARG A 37 -4.67 -3.57 4.04
N LEU A 38 -4.48 -2.84 2.98
CA LEU A 38 -4.57 -1.34 3.08
C LEU A 38 -6.01 -0.90 3.35
N SER A 39 -6.96 -1.55 2.75
CA SER A 39 -8.39 -1.16 2.95
C SER A 39 -8.62 -0.76 4.41
N ASP A 40 -7.85 -1.31 5.30
CA ASP A 40 -7.99 -1.00 6.76
C ASP A 40 -7.66 0.49 7.02
N HIS A 41 -6.68 1.03 6.32
CA HIS A 41 -6.32 2.47 6.54
C HIS A 41 -6.58 3.31 5.28
N ILE A 42 -7.21 2.78 4.27
CA ILE A 42 -7.46 3.59 3.03
C ILE A 42 -8.95 3.54 2.63
N GLY A 43 -9.57 4.69 2.53
CA GLY A 43 -11.02 4.76 2.13
C GLY A 43 -11.21 5.88 1.10
N ASN A 44 -12.38 5.98 0.53
CA ASN A 44 -12.63 7.05 -0.49
C ASN A 44 -13.23 8.27 0.21
N ILE A 45 -12.82 9.43 -0.19
CA ILE A 45 -13.37 10.65 0.44
C ILE A 45 -13.69 11.66 -0.66
N ASP A 46 -14.89 11.63 -1.15
CA ASP A 46 -15.34 12.55 -2.22
C ASP A 46 -14.45 12.48 -3.49
N GLY A 47 -13.85 11.35 -3.79
CA GLY A 47 -13.01 11.25 -5.03
C GLY A 47 -11.52 11.26 -4.69
N GLU A 48 -11.17 11.50 -3.45
CA GLU A 48 -9.71 11.54 -3.08
C GLU A 48 -9.35 10.35 -2.19
N LEU A 49 -8.07 10.05 -2.08
CA LEU A 49 -7.61 8.91 -1.22
C LEU A 49 -6.93 9.47 0.03
N GLN A 50 -7.24 8.95 1.19
CA GLN A 50 -6.59 9.47 2.44
C GLN A 50 -6.36 8.34 3.44
N PHE A 51 -5.43 8.53 4.33
CA PHE A 51 -5.11 7.52 5.37
C PHE A 51 -6.14 7.68 6.51
N GLY A 52 -6.46 6.62 7.21
CA GLY A 52 -7.44 6.72 8.32
C GLY A 52 -8.80 6.17 7.86
N ASP A 53 -9.14 6.36 6.61
CA ASP A 53 -10.43 5.85 6.10
C ASP A 53 -10.30 4.41 5.61
N GLN A 54 -11.42 3.79 5.28
CA GLN A 54 -11.38 2.37 4.79
C GLN A 54 -12.39 2.14 3.64
N ASN A 55 -12.31 1.04 2.93
CA ASN A 55 -13.29 0.78 1.81
C ASN A 55 -13.00 1.73 0.64
N PHE A 56 -12.01 1.44 -0.16
CA PHE A 56 -11.68 2.30 -1.34
C PHE A 56 -11.75 1.51 -2.67
N GLN A 57 -11.28 0.30 -2.71
CA GLN A 57 -11.33 -0.47 -4.00
C GLN A 57 -12.79 -0.61 -4.45
N GLU A 58 -13.71 -0.53 -3.54
CA GLU A 58 -15.15 -0.67 -3.91
C GLU A 58 -15.55 0.48 -4.86
N THR A 59 -14.92 1.61 -4.73
CA THR A 59 -15.26 2.78 -5.62
C THR A 59 -14.03 3.21 -6.44
N CYS A 60 -13.13 2.30 -6.70
CA CYS A 60 -11.90 2.67 -7.49
C CYS A 60 -11.43 1.51 -8.36
N GLN A 61 -10.69 1.81 -9.40
CA GLN A 61 -10.20 0.73 -10.32
C GLN A 61 -8.77 1.05 -10.82
N ASP A 62 -8.23 0.15 -11.60
CA ASP A 62 -6.85 0.31 -12.17
C ASP A 62 -5.80 0.62 -11.08
N CYS A 63 -5.88 0.00 -9.93
CA CYS A 63 -4.85 0.30 -8.88
C CYS A 63 -3.54 -0.37 -9.31
N ARG A 64 -2.46 0.35 -9.32
CA ARG A 64 -1.20 -0.29 -9.73
C ARG A 64 0.00 0.42 -9.11
N LEU A 65 1.00 -0.34 -8.84
CA LEU A 65 2.25 0.19 -8.24
C LEU A 65 3.13 0.73 -9.36
N GLU A 66 3.98 1.67 -9.09
CA GLU A 66 4.87 2.21 -10.16
C GLU A 66 6.27 2.45 -9.60
N PHE A 67 7.29 1.88 -10.20
CA PHE A 67 8.68 2.07 -9.69
C PHE A 67 9.28 3.35 -10.31
N GLY A 68 9.96 4.15 -9.52
CA GLY A 68 10.57 5.42 -10.06
C GLY A 68 12.00 5.14 -10.54
N ASP A 69 12.85 6.13 -10.51
CA ASP A 69 14.27 5.95 -10.97
C ASP A 69 14.90 4.76 -10.23
N GLY A 70 14.59 4.59 -8.97
CA GLY A 70 15.17 3.44 -8.20
C GLY A 70 14.08 2.42 -7.89
N GLU A 71 14.32 1.18 -8.16
CA GLU A 71 13.29 0.12 -7.88
C GLU A 71 13.06 -0.01 -6.38
N GLN A 72 13.71 0.80 -5.58
CA GLN A 72 13.53 0.70 -4.09
C GLN A 72 12.16 1.26 -3.71
N SER A 73 11.64 2.17 -4.48
CA SER A 73 10.31 2.75 -4.13
C SER A 73 9.19 2.28 -5.07
N VAL A 74 7.97 2.18 -4.59
CA VAL A 74 6.88 1.76 -5.53
C VAL A 74 5.72 2.76 -5.30
N TRP A 75 5.10 3.30 -6.33
CA TRP A 75 4.03 4.31 -6.04
C TRP A 75 2.58 3.86 -6.36
N LEU A 76 1.68 4.03 -5.42
CA LEU A 76 0.28 3.55 -5.61
C LEU A 76 -0.66 4.62 -6.19
N VAL A 77 -1.04 4.41 -7.44
CA VAL A 77 -1.99 5.34 -8.16
C VAL A 77 -3.32 4.59 -8.41
N CYS A 78 -4.44 5.26 -8.24
CA CYS A 78 -5.76 4.58 -8.47
C CYS A 78 -6.83 5.56 -8.92
N THR A 79 -7.72 5.09 -9.74
CA THR A 79 -8.85 5.94 -10.22
C THR A 79 -10.00 5.73 -9.23
N CYS A 80 -10.46 6.77 -8.59
CA CYS A 80 -11.57 6.61 -7.59
C CYS A 80 -12.78 7.41 -8.08
N GLN A 81 -13.93 6.80 -8.14
CA GLN A 81 -15.14 7.55 -8.62
C GLN A 81 -15.52 8.68 -7.66
N THR A 82 -16.08 9.74 -8.17
CA THR A 82 -16.48 10.88 -7.29
C THR A 82 -17.92 10.64 -6.86
N MET A 83 -18.42 11.40 -5.91
CA MET A 83 -19.83 11.18 -5.48
C MET A 83 -20.80 11.41 -6.65
N ASP A 84 -20.52 12.36 -7.49
CA ASP A 84 -21.41 12.61 -8.65
C ASP A 84 -21.36 11.40 -9.61
N GLY A 85 -20.31 10.61 -9.51
CA GLY A 85 -20.20 9.41 -10.40
C GLY A 85 -19.07 9.61 -11.42
N GLU A 86 -18.36 10.70 -11.35
CA GLU A 86 -17.24 10.92 -12.33
C GLU A 86 -15.98 10.16 -11.88
N TRP A 87 -15.09 9.89 -12.79
CA TRP A 87 -13.84 9.14 -12.45
C TRP A 87 -12.65 10.10 -12.43
N LYS A 88 -11.86 10.08 -11.39
CA LYS A 88 -10.66 10.98 -11.34
C LYS A 88 -9.42 10.18 -10.93
N SER A 89 -8.25 10.62 -11.35
CA SER A 89 -7.00 9.89 -11.00
C SER A 89 -6.35 10.49 -9.74
N THR A 90 -6.14 9.68 -8.73
CA THR A 90 -5.49 10.17 -7.47
C THR A 90 -4.15 9.43 -7.29
N GLN A 91 -3.29 9.92 -6.42
CA GLN A 91 -1.96 9.26 -6.20
C GLN A 91 -1.60 9.29 -4.71
N ILE A 92 -0.73 8.42 -4.27
CA ILE A 92 -0.34 8.40 -2.82
C ILE A 92 1.00 7.65 -2.64
N LEU A 93 1.86 8.15 -1.79
CA LEU A 93 3.17 7.48 -1.57
C LEU A 93 3.13 6.63 -0.30
N LEU A 94 3.32 5.35 -0.44
CA LEU A 94 3.30 4.43 0.75
C LEU A 94 4.46 4.77 1.70
N ASP A 95 5.56 5.25 1.19
CA ASP A 95 6.72 5.62 2.06
C ASP A 95 6.36 6.83 2.94
N SER A 96 6.10 6.61 4.21
CA SER A 96 5.74 7.75 5.12
C SER A 96 5.56 7.25 6.56
N GLN A 97 4.39 7.43 7.14
CA GLN A 97 4.18 6.95 8.55
C GLN A 97 3.85 5.44 8.57
N ILE A 98 4.52 4.64 7.78
CA ILE A 98 4.25 3.16 7.78
C ILE A 98 5.59 2.42 7.93
N ASP A 99 5.63 1.44 8.79
CA ASP A 99 6.90 0.69 9.01
C ASP A 99 6.62 -0.78 9.36
N ASN A 100 7.59 -1.64 9.13
CA ASN A 100 7.42 -3.09 9.44
C ASN A 100 8.55 -3.58 10.36
N ASN A 101 8.23 -4.05 11.53
CA ASN A 101 9.30 -4.55 12.45
C ASN A 101 9.93 -5.82 11.87
N ASP A 102 11.10 -6.17 12.33
CA ASP A 102 11.80 -7.40 11.82
C ASP A 102 10.90 -8.65 11.91
N SER A 103 10.18 -8.80 12.99
CA SER A 103 9.25 -9.98 13.15
C SER A 103 7.78 -9.56 13.25
N GLN A 104 7.47 -8.29 13.24
CA GLN A 104 6.03 -7.89 13.35
C GLN A 104 5.72 -6.76 12.35
N LEU A 105 4.47 -6.60 11.99
CA LEU A 105 4.10 -5.52 11.01
C LEU A 105 2.97 -4.65 11.58
N GLU A 106 3.27 -3.42 11.91
CA GLU A 106 2.23 -2.50 12.47
C GLU A 106 2.54 -1.05 12.09
N ILE A 107 1.54 -0.24 11.92
CA ILE A 107 1.75 1.18 11.56
C ILE A 107 2.12 1.97 12.81
N GLY A 108 3.34 1.84 13.25
CA GLY A 108 3.82 2.56 14.47
C GLY A 108 3.52 4.05 14.28
N MET A 1 10.68 6.29 10.80
CA MET A 1 11.79 5.31 10.78
C MET A 1 11.63 4.38 9.57
N PRO A 2 12.72 3.85 9.06
CA PRO A 2 12.78 2.94 7.88
C PRO A 2 11.43 2.29 7.46
N ASN A 3 11.22 2.00 6.19
CA ASN A 3 9.91 1.40 5.77
C ASN A 3 10.15 -0.06 5.36
N PHE A 4 9.17 -0.71 4.78
CA PHE A 4 9.34 -2.14 4.38
C PHE A 4 10.10 -2.31 3.06
N SER A 5 10.81 -1.29 2.63
CA SER A 5 11.57 -1.41 1.35
C SER A 5 12.83 -2.25 1.60
N HIS A 6 13.88 -1.59 2.03
CA HIS A 6 15.17 -2.30 2.28
C HIS A 6 14.97 -3.51 3.22
N THR A 7 14.07 -3.41 4.19
CA THR A 7 13.88 -4.55 5.13
C THR A 7 13.19 -5.74 4.44
N CYS A 8 12.35 -5.47 3.48
CA CYS A 8 11.64 -6.58 2.76
C CYS A 8 11.87 -6.50 1.25
N SER A 9 11.72 -7.60 0.57
CA SER A 9 11.91 -7.58 -0.93
C SER A 9 10.77 -8.33 -1.63
N SER A 10 10.62 -8.14 -2.92
CA SER A 10 9.52 -8.82 -3.68
C SER A 10 8.15 -8.20 -3.31
N ILE A 11 8.04 -6.92 -3.47
CA ILE A 11 6.78 -6.19 -3.15
C ILE A 11 5.65 -6.57 -4.13
N ASN A 12 4.62 -7.23 -3.65
CA ASN A 12 3.48 -7.60 -4.54
C ASN A 12 2.20 -6.91 -4.08
N TYR A 13 1.33 -6.60 -4.99
CA TYR A 13 0.05 -5.91 -4.64
C TYR A 13 -1.09 -6.49 -5.48
N ASP A 14 -1.91 -7.30 -4.89
CA ASP A 14 -3.05 -7.86 -5.66
C ASP A 14 -4.17 -6.81 -5.72
N PRO A 15 -4.58 -6.41 -6.91
CA PRO A 15 -5.63 -5.36 -7.10
C PRO A 15 -7.04 -5.84 -6.72
N ASP A 16 -7.29 -7.13 -6.71
CA ASP A 16 -8.66 -7.61 -6.35
C ASP A 16 -8.84 -7.54 -4.81
N SER A 17 -8.09 -8.31 -4.08
CA SER A 17 -8.21 -8.34 -2.57
C SER A 17 -7.39 -7.24 -1.91
N THR A 18 -6.68 -6.46 -2.68
CA THR A 18 -5.81 -5.35 -2.11
C THR A 18 -4.95 -5.84 -0.93
N ILE A 19 -4.17 -6.85 -1.14
CA ILE A 19 -3.30 -7.36 -0.03
C ILE A 19 -1.84 -7.15 -0.42
N LEU A 20 -1.05 -6.56 0.43
CA LEU A 20 0.40 -6.36 0.12
C LEU A 20 1.22 -7.52 0.66
N SER A 21 1.91 -8.22 -0.20
CA SER A 21 2.74 -9.38 0.26
C SER A 21 4.23 -9.08 0.02
N ALA A 22 5.06 -9.39 0.97
CA ALA A 22 6.52 -9.13 0.81
C ALA A 22 7.31 -10.05 1.73
N GLU A 23 8.53 -10.37 1.37
CA GLU A 23 9.36 -11.26 2.23
C GLU A 23 10.25 -10.40 3.14
N CYS A 24 10.17 -10.60 4.42
CA CYS A 24 10.99 -9.78 5.36
C CYS A 24 11.91 -10.68 6.19
N GLN A 25 13.00 -10.16 6.68
CA GLN A 25 13.96 -10.99 7.50
C GLN A 25 13.59 -10.85 8.98
N ALA A 26 13.50 -11.94 9.68
CA ALA A 26 13.16 -11.86 11.12
C ALA A 26 14.40 -11.56 11.96
N ARG A 27 14.20 -11.25 13.20
CA ARG A 27 15.35 -10.94 14.10
C ARG A 27 16.31 -12.13 14.12
N ASP A 28 15.80 -13.32 13.99
CA ASP A 28 16.67 -14.54 14.01
C ASP A 28 17.40 -14.64 12.66
N GLY A 29 17.18 -13.70 11.79
CA GLY A 29 17.86 -13.74 10.46
C GLY A 29 17.10 -14.71 9.55
N GLU A 30 15.87 -15.03 9.88
CA GLU A 30 15.06 -15.95 9.02
C GLU A 30 14.02 -15.18 8.19
N TRP A 31 13.84 -15.57 6.95
CA TRP A 31 12.86 -14.88 6.06
C TRP A 31 11.44 -15.38 6.38
N LEU A 32 10.51 -14.50 6.61
CA LEU A 32 9.10 -14.93 6.90
C LEU A 32 8.10 -14.06 6.13
N PRO A 33 7.54 -14.58 5.07
CA PRO A 33 6.54 -13.85 4.23
C PRO A 33 5.52 -13.06 5.06
N THR A 34 5.14 -11.89 4.62
CA THR A 34 4.14 -11.09 5.43
C THR A 34 3.04 -10.51 4.52
N GLU A 35 1.83 -10.45 5.01
CA GLU A 35 0.70 -9.91 4.21
C GLU A 35 0.08 -8.70 4.93
N LEU A 36 -0.48 -7.76 4.20
CA LEU A 36 -1.10 -6.57 4.86
C LEU A 36 -2.31 -6.09 4.02
N ARG A 37 -3.36 -5.64 4.66
CA ARG A 37 -4.56 -5.15 3.92
C ARG A 37 -4.66 -3.61 4.03
N LEU A 38 -4.43 -2.89 2.98
CA LEU A 38 -4.52 -1.39 3.06
C LEU A 38 -5.95 -0.93 3.30
N SER A 39 -6.90 -1.58 2.69
CA SER A 39 -8.33 -1.17 2.88
C SER A 39 -8.58 -0.79 4.34
N ASP A 40 -7.82 -1.36 5.24
CA ASP A 40 -7.97 -1.07 6.70
C ASP A 40 -7.65 0.41 6.98
N HIS A 41 -6.64 0.96 6.32
CA HIS A 41 -6.28 2.40 6.56
C HIS A 41 -6.54 3.26 5.31
N ILE A 42 -7.18 2.74 4.29
CA ILE A 42 -7.43 3.56 3.06
C ILE A 42 -8.92 3.53 2.67
N GLY A 43 -9.53 4.69 2.56
CA GLY A 43 -10.97 4.76 2.17
C GLY A 43 -11.16 5.88 1.13
N ASN A 44 -12.33 6.00 0.56
CA ASN A 44 -12.58 7.07 -0.45
C ASN A 44 -13.18 8.29 0.24
N ILE A 45 -12.82 9.44 -0.20
CA ILE A 45 -13.38 10.67 0.41
C ILE A 45 -13.70 11.67 -0.69
N ASP A 46 -14.91 11.63 -1.15
CA ASP A 46 -15.37 12.54 -2.25
C ASP A 46 -14.49 12.46 -3.52
N GLY A 47 -13.89 11.33 -3.80
CA GLY A 47 -13.05 11.23 -5.05
C GLY A 47 -11.55 11.26 -4.72
N GLU A 48 -11.20 11.52 -3.49
CA GLU A 48 -9.74 11.57 -3.13
C GLU A 48 -9.35 10.38 -2.24
N LEU A 49 -8.08 10.09 -2.15
CA LEU A 49 -7.60 8.96 -1.30
C LEU A 49 -6.92 9.52 -0.04
N GLN A 50 -7.20 8.98 1.12
CA GLN A 50 -6.55 9.51 2.36
C GLN A 50 -6.30 8.37 3.36
N PHE A 51 -5.36 8.59 4.24
CA PHE A 51 -5.02 7.58 5.28
C PHE A 51 -6.02 7.74 6.44
N GLY A 52 -6.30 6.69 7.15
CA GLY A 52 -7.27 6.78 8.29
C GLY A 52 -8.63 6.23 7.88
N ASP A 53 -9.01 6.44 6.66
CA ASP A 53 -10.33 5.92 6.17
C ASP A 53 -10.20 4.46 5.69
N GLN A 54 -11.31 3.85 5.37
CA GLN A 54 -11.28 2.42 4.89
C GLN A 54 -12.26 2.20 3.72
N ASN A 55 -12.17 1.10 3.01
CA ASN A 55 -13.13 0.86 1.88
C ASN A 55 -12.85 1.82 0.71
N PHE A 56 -11.92 1.49 -0.15
CA PHE A 56 -11.60 2.37 -1.32
C PHE A 56 -11.65 1.60 -2.65
N GLN A 57 -11.16 0.39 -2.70
CA GLN A 57 -11.20 -0.36 -4.00
C GLN A 57 -12.64 -0.53 -4.47
N GLU A 58 -13.58 -0.50 -3.56
CA GLU A 58 -15.00 -0.65 -3.93
C GLU A 58 -15.43 0.51 -4.84
N THR A 59 -14.83 1.67 -4.67
CA THR A 59 -15.19 2.85 -5.52
C THR A 59 -13.98 3.29 -6.37
N CYS A 60 -13.10 2.38 -6.68
CA CYS A 60 -11.89 2.76 -7.50
C CYS A 60 -11.44 1.59 -8.38
N GLN A 61 -10.72 1.89 -9.44
CA GLN A 61 -10.24 0.81 -10.36
C GLN A 61 -8.81 1.11 -10.86
N ASP A 62 -8.27 0.19 -11.62
CA ASP A 62 -6.88 0.35 -12.18
C ASP A 62 -5.84 0.67 -11.10
N CYS A 63 -5.93 0.07 -9.94
CA CYS A 63 -4.89 0.38 -8.91
C CYS A 63 -3.59 -0.30 -9.30
N ARG A 64 -2.51 0.41 -9.34
CA ARG A 64 -1.24 -0.23 -9.72
C ARG A 64 -0.04 0.50 -9.15
N LEU A 65 0.93 -0.26 -8.76
CA LEU A 65 2.17 0.32 -8.19
C LEU A 65 3.10 0.70 -9.34
N GLU A 66 3.99 1.64 -9.13
CA GLU A 66 4.92 2.02 -10.23
C GLU A 66 6.33 2.25 -9.65
N PHE A 67 7.34 1.69 -10.25
CA PHE A 67 8.72 1.88 -9.73
C PHE A 67 9.32 3.18 -10.31
N GLY A 68 9.98 3.96 -9.50
CA GLY A 68 10.59 5.25 -9.98
C GLY A 68 12.01 5.00 -10.50
N ASP A 69 12.84 6.01 -10.51
CA ASP A 69 14.25 5.85 -10.99
C ASP A 69 14.93 4.70 -10.24
N GLY A 70 14.67 4.57 -8.96
CA GLY A 70 15.31 3.46 -8.18
C GLY A 70 14.23 2.46 -7.76
N GLU A 71 14.48 1.20 -7.96
CA GLU A 71 13.48 0.17 -7.60
C GLU A 71 13.27 0.15 -6.07
N GLN A 72 13.87 1.08 -5.36
CA GLN A 72 13.70 1.10 -3.87
C GLN A 72 12.37 1.77 -3.52
N SER A 73 11.55 2.03 -4.49
CA SER A 73 10.26 2.70 -4.20
C SER A 73 9.12 2.20 -5.09
N VAL A 74 7.89 2.24 -4.63
CA VAL A 74 6.77 1.79 -5.53
C VAL A 74 5.64 2.82 -5.36
N TRP A 75 5.10 3.39 -6.41
CA TRP A 75 4.03 4.43 -6.18
C TRP A 75 2.60 4.00 -6.52
N LEU A 76 1.69 4.14 -5.59
CA LEU A 76 0.29 3.67 -5.80
C LEU A 76 -0.64 4.75 -6.39
N VAL A 77 -1.10 4.51 -7.61
CA VAL A 77 -2.04 5.44 -8.32
C VAL A 77 -3.38 4.70 -8.55
N CYS A 78 -4.50 5.36 -8.35
CA CYS A 78 -5.83 4.68 -8.56
C CYS A 78 -6.89 5.66 -9.01
N THR A 79 -7.79 5.20 -9.82
CA THR A 79 -8.92 6.04 -10.29
C THR A 79 -10.06 5.83 -9.29
N CYS A 80 -10.50 6.85 -8.61
CA CYS A 80 -11.60 6.68 -7.60
C CYS A 80 -12.83 7.45 -8.09
N GLN A 81 -13.97 6.84 -8.08
CA GLN A 81 -15.20 7.55 -8.56
C GLN A 81 -15.57 8.70 -7.60
N THR A 82 -16.15 9.76 -8.12
CA THR A 82 -16.54 10.90 -7.25
C THR A 82 -17.99 10.66 -6.81
N MET A 83 -18.48 11.42 -5.88
CA MET A 83 -19.90 11.20 -5.43
C MET A 83 -20.87 11.42 -6.58
N ASP A 84 -20.57 12.34 -7.45
CA ASP A 84 -21.48 12.59 -8.61
C ASP A 84 -21.41 11.39 -9.57
N GLY A 85 -20.40 10.56 -9.43
CA GLY A 85 -20.28 9.36 -10.32
C GLY A 85 -19.16 9.55 -11.34
N GLU A 86 -18.46 10.66 -11.28
CA GLU A 86 -17.34 10.88 -12.26
C GLU A 86 -16.08 10.14 -11.82
N TRP A 87 -15.18 9.88 -12.74
CA TRP A 87 -13.93 9.14 -12.39
C TRP A 87 -12.73 10.11 -12.42
N LYS A 88 -11.93 10.13 -11.39
CA LYS A 88 -10.74 11.03 -11.39
C LYS A 88 -9.48 10.25 -10.99
N SER A 89 -8.34 10.67 -11.47
CA SER A 89 -7.06 9.95 -11.13
C SER A 89 -6.40 10.57 -9.89
N THR A 90 -6.17 9.77 -8.88
CA THR A 90 -5.50 10.27 -7.63
C THR A 90 -4.16 9.53 -7.45
N GLN A 91 -3.30 10.03 -6.58
CA GLN A 91 -1.97 9.35 -6.36
C GLN A 91 -1.62 9.35 -4.86
N ILE A 92 -0.77 8.46 -4.43
CA ILE A 92 -0.40 8.43 -2.97
C ILE A 92 0.90 7.64 -2.78
N LEU A 93 1.78 8.11 -1.94
CA LEU A 93 3.08 7.40 -1.71
C LEU A 93 2.99 6.53 -0.45
N LEU A 94 3.12 5.24 -0.61
CA LEU A 94 3.06 4.32 0.57
C LEU A 94 4.23 4.60 1.53
N ASP A 95 5.36 5.01 1.02
CA ASP A 95 6.54 5.30 1.90
C ASP A 95 6.26 6.57 2.74
N SER A 96 6.10 6.42 4.03
CA SER A 96 5.82 7.60 4.91
C SER A 96 5.62 7.15 6.37
N GLN A 97 4.47 7.41 6.95
CA GLN A 97 4.23 6.99 8.37
C GLN A 97 3.91 5.48 8.45
N ILE A 98 4.57 4.66 7.67
CA ILE A 98 4.32 3.18 7.73
C ILE A 98 5.66 2.45 7.90
N ASP A 99 5.72 1.49 8.77
CA ASP A 99 7.00 0.75 9.00
C ASP A 99 6.73 -0.72 9.37
N ASN A 100 7.70 -1.58 9.12
CA ASN A 100 7.55 -3.02 9.44
C ASN A 100 8.68 -3.49 10.37
N ASN A 101 8.36 -3.99 11.53
CA ASN A 101 9.44 -4.47 12.45
C ASN A 101 10.06 -5.76 11.88
N ASP A 102 11.20 -6.14 12.39
CA ASP A 102 11.89 -7.39 11.92
C ASP A 102 10.96 -8.61 11.97
N SER A 103 10.20 -8.75 13.02
CA SER A 103 9.25 -9.92 13.14
C SER A 103 7.79 -9.46 13.29
N GLN A 104 7.51 -8.19 13.28
CA GLN A 104 6.07 -7.75 13.43
C GLN A 104 5.76 -6.62 12.43
N LEU A 105 4.51 -6.49 12.04
CA LEU A 105 4.14 -5.41 11.06
C LEU A 105 3.04 -4.52 11.65
N GLU A 106 3.34 -3.29 11.95
CA GLU A 106 2.32 -2.37 12.52
C GLU A 106 2.64 -0.92 12.15
N ILE A 107 1.63 -0.10 11.98
CA ILE A 107 1.85 1.32 11.61
C ILE A 107 2.24 2.12 12.87
N GLY A 108 3.45 1.98 13.31
CA GLY A 108 3.93 2.70 14.53
C GLY A 108 4.41 1.65 15.53
N MET A 1 9.85 7.81 8.64
CA MET A 1 10.49 6.78 9.50
C MET A 1 10.54 5.46 8.74
N PRO A 2 11.46 4.58 9.09
CA PRO A 2 11.67 3.24 8.49
C PRO A 2 10.51 2.69 7.62
N ASN A 3 10.79 1.90 6.61
CA ASN A 3 9.67 1.38 5.73
C ASN A 3 9.96 -0.10 5.38
N PHE A 4 9.09 -0.72 4.64
CA PHE A 4 9.30 -2.17 4.29
C PHE A 4 10.10 -2.33 2.99
N SER A 5 10.77 -1.32 2.53
CA SER A 5 11.57 -1.44 1.28
C SER A 5 12.82 -2.27 1.57
N HIS A 6 13.85 -1.63 2.02
CA HIS A 6 15.14 -2.33 2.32
C HIS A 6 14.91 -3.54 3.25
N THR A 7 14.00 -3.43 4.18
CA THR A 7 13.77 -4.58 5.13
C THR A 7 13.09 -5.76 4.42
N CYS A 8 12.28 -5.49 3.44
CA CYS A 8 11.58 -6.60 2.70
C CYS A 8 11.82 -6.50 1.19
N SER A 9 11.67 -7.59 0.49
CA SER A 9 11.88 -7.57 -1.00
C SER A 9 10.74 -8.33 -1.70
N SER A 10 10.58 -8.13 -2.99
CA SER A 10 9.50 -8.83 -3.77
C SER A 10 8.13 -8.25 -3.38
N ILE A 11 7.98 -6.96 -3.53
CA ILE A 11 6.70 -6.28 -3.18
C ILE A 11 5.57 -6.67 -4.14
N ASN A 12 4.55 -7.31 -3.64
CA ASN A 12 3.39 -7.72 -4.51
C ASN A 12 2.11 -7.00 -4.05
N TYR A 13 1.25 -6.68 -4.98
CA TYR A 13 -0.03 -5.98 -4.63
C TYR A 13 -1.16 -6.57 -5.46
N ASP A 14 -2.00 -7.37 -4.86
CA ASP A 14 -3.13 -7.93 -5.62
C ASP A 14 -4.26 -6.88 -5.69
N PRO A 15 -4.66 -6.49 -6.87
CA PRO A 15 -5.73 -5.45 -7.06
C PRO A 15 -7.13 -5.92 -6.67
N ASP A 16 -7.37 -7.21 -6.62
CA ASP A 16 -8.74 -7.69 -6.24
C ASP A 16 -8.92 -7.60 -4.70
N SER A 17 -8.15 -8.37 -3.97
CA SER A 17 -8.26 -8.39 -2.46
C SER A 17 -7.43 -7.27 -1.82
N THR A 18 -6.71 -6.50 -2.61
CA THR A 18 -5.85 -5.39 -2.07
C THR A 18 -4.98 -5.87 -0.88
N ILE A 19 -4.20 -6.88 -1.09
CA ILE A 19 -3.31 -7.38 0.02
C ILE A 19 -1.85 -7.19 -0.39
N LEU A 20 -1.05 -6.62 0.47
CA LEU A 20 0.40 -6.43 0.13
C LEU A 20 1.22 -7.60 0.68
N SER A 21 1.92 -8.31 -0.17
CA SER A 21 2.74 -9.45 0.31
C SER A 21 4.21 -9.18 0.03
N ALA A 22 5.07 -9.52 0.97
CA ALA A 22 6.52 -9.29 0.77
C ALA A 22 7.33 -10.17 1.74
N GLU A 23 8.53 -10.50 1.39
CA GLU A 23 9.37 -11.36 2.28
C GLU A 23 10.27 -10.46 3.13
N CYS A 24 10.26 -10.65 4.42
CA CYS A 24 11.11 -9.79 5.32
C CYS A 24 12.05 -10.66 6.15
N GLN A 25 13.15 -10.11 6.60
CA GLN A 25 14.12 -10.90 7.42
C GLN A 25 13.73 -10.81 8.90
N ALA A 26 13.69 -11.91 9.59
CA ALA A 26 13.31 -11.87 11.03
C ALA A 26 14.53 -11.56 11.88
N ARG A 27 14.31 -11.28 13.12
CA ARG A 27 15.43 -10.96 14.05
C ARG A 27 16.40 -12.15 14.12
N ASP A 28 15.87 -13.34 14.00
CA ASP A 28 16.73 -14.55 14.06
C ASP A 28 17.46 -14.71 12.72
N GLY A 29 17.26 -13.80 11.81
CA GLY A 29 17.94 -13.90 10.49
C GLY A 29 17.08 -14.76 9.56
N GLU A 30 15.98 -15.29 10.05
CA GLU A 30 15.09 -16.14 9.20
C GLU A 30 14.19 -15.28 8.30
N TRP A 31 14.03 -15.68 7.06
CA TRP A 31 13.16 -14.90 6.11
C TRP A 31 11.72 -15.43 6.17
N LEU A 32 10.76 -14.56 6.36
CA LEU A 32 9.33 -15.03 6.40
C LEU A 32 8.46 -14.09 5.54
N PRO A 33 7.33 -14.59 5.08
CA PRO A 33 6.37 -13.81 4.24
C PRO A 33 5.34 -13.06 5.09
N THR A 34 4.97 -11.85 4.70
CA THR A 34 3.96 -11.09 5.51
C THR A 34 2.87 -10.49 4.60
N GLU A 35 1.65 -10.47 5.06
CA GLU A 35 0.53 -9.91 4.25
C GLU A 35 -0.06 -8.67 4.96
N LEU A 36 -0.54 -7.70 4.21
CA LEU A 36 -1.13 -6.48 4.86
C LEU A 36 -2.34 -5.99 4.02
N ARG A 37 -3.41 -5.62 4.67
CA ARG A 37 -4.62 -5.12 3.92
C ARG A 37 -4.71 -3.58 4.04
N LEU A 38 -4.44 -2.87 2.98
CA LEU A 38 -4.51 -1.36 3.06
C LEU A 38 -5.95 -0.90 3.30
N SER A 39 -6.90 -1.55 2.70
CA SER A 39 -8.33 -1.14 2.88
C SER A 39 -8.56 -0.71 4.34
N ASP A 40 -7.80 -1.27 5.25
CA ASP A 40 -7.95 -0.93 6.70
C ASP A 40 -7.67 0.57 6.92
N HIS A 41 -6.69 1.12 6.25
CA HIS A 41 -6.38 2.58 6.43
C HIS A 41 -6.65 3.38 5.14
N ILE A 42 -7.25 2.79 4.14
CA ILE A 42 -7.50 3.55 2.87
C ILE A 42 -9.01 3.63 2.57
N GLY A 43 -9.54 4.83 2.49
CA GLY A 43 -11.00 5.00 2.19
C GLY A 43 -11.18 6.11 1.14
N ASN A 44 -12.32 6.17 0.50
CA ASN A 44 -12.54 7.24 -0.53
C ASN A 44 -13.09 8.49 0.16
N ILE A 45 -12.65 9.62 -0.26
CA ILE A 45 -13.15 10.87 0.35
C ILE A 45 -13.47 11.86 -0.77
N ASP A 46 -14.70 11.88 -1.17
CA ASP A 46 -15.16 12.79 -2.26
C ASP A 46 -14.32 12.66 -3.56
N GLY A 47 -13.73 11.52 -3.82
CA GLY A 47 -12.93 11.38 -5.09
C GLY A 47 -11.42 11.34 -4.80
N GLU A 48 -11.02 11.60 -3.58
CA GLU A 48 -9.56 11.59 -3.26
C GLU A 48 -9.21 10.40 -2.34
N LEU A 49 -7.94 10.10 -2.23
CA LEU A 49 -7.50 8.96 -1.35
C LEU A 49 -6.81 9.53 -0.11
N GLN A 50 -7.12 9.02 1.06
CA GLN A 50 -6.46 9.55 2.30
C GLN A 50 -6.27 8.43 3.33
N PHE A 51 -5.36 8.63 4.23
CA PHE A 51 -5.09 7.64 5.31
C PHE A 51 -6.09 7.90 6.45
N GLY A 52 -6.41 6.88 7.21
CA GLY A 52 -7.38 7.07 8.34
C GLY A 52 -8.74 6.46 7.96
N ASP A 53 -9.11 6.55 6.72
CA ASP A 53 -10.42 5.98 6.29
C ASP A 53 -10.26 4.54 5.80
N GLN A 54 -11.35 3.90 5.43
CA GLN A 54 -11.27 2.48 4.94
C GLN A 54 -12.27 2.24 3.79
N ASN A 55 -12.19 1.12 3.11
CA ASN A 55 -13.16 0.84 1.99
C ASN A 55 -12.92 1.81 0.81
N PHE A 56 -12.00 1.49 -0.05
CA PHE A 56 -11.70 2.38 -1.23
C PHE A 56 -11.70 1.59 -2.55
N GLN A 57 -11.17 0.40 -2.58
CA GLN A 57 -11.18 -0.37 -3.88
C GLN A 57 -12.60 -0.54 -4.39
N GLU A 58 -13.56 -0.59 -3.50
CA GLU A 58 -14.98 -0.75 -3.92
C GLU A 58 -15.39 0.42 -4.82
N THR A 59 -14.81 1.58 -4.61
CA THR A 59 -15.16 2.77 -5.45
C THR A 59 -13.95 3.20 -6.30
N CYS A 60 -13.05 2.30 -6.57
CA CYS A 60 -11.84 2.69 -7.38
C CYS A 60 -11.36 1.51 -8.25
N GLN A 61 -10.67 1.81 -9.32
CA GLN A 61 -10.17 0.72 -10.22
C GLN A 61 -8.75 1.03 -10.73
N ASP A 62 -8.21 0.12 -11.50
CA ASP A 62 -6.83 0.28 -12.07
C ASP A 62 -5.78 0.60 -10.99
N CYS A 63 -5.85 -0.01 -9.85
CA CYS A 63 -4.80 0.30 -8.82
C CYS A 63 -3.50 -0.37 -9.23
N ARG A 64 -2.42 0.36 -9.29
CA ARG A 64 -1.15 -0.27 -9.68
C ARG A 64 0.04 0.46 -9.09
N LEU A 65 1.02 -0.31 -8.73
CA LEU A 65 2.25 0.26 -8.14
C LEU A 65 3.18 0.68 -9.27
N GLU A 66 4.04 1.63 -9.06
CA GLU A 66 4.96 2.07 -10.14
C GLU A 66 6.37 2.31 -9.56
N PHE A 67 7.38 1.75 -10.16
CA PHE A 67 8.77 1.95 -9.63
C PHE A 67 9.37 3.23 -10.21
N GLY A 68 10.03 4.02 -9.41
CA GLY A 68 10.64 5.30 -9.92
C GLY A 68 12.05 5.04 -10.44
N ASP A 69 12.87 6.07 -10.51
CA ASP A 69 14.26 5.89 -11.01
C ASP A 69 14.97 4.77 -10.24
N GLY A 70 14.73 4.68 -8.95
CA GLY A 70 15.38 3.61 -8.14
C GLY A 70 14.33 2.57 -7.73
N GLU A 71 14.62 1.32 -7.95
CA GLU A 71 13.65 0.25 -7.58
C GLU A 71 13.44 0.19 -6.07
N GLN A 72 14.03 1.11 -5.33
CA GLN A 72 13.87 1.09 -3.84
C GLN A 72 12.53 1.72 -3.46
N SER A 73 11.71 2.02 -4.43
CA SER A 73 10.40 2.66 -4.10
C SER A 73 9.28 2.20 -5.04
N VAL A 74 8.05 2.17 -4.59
CA VAL A 74 6.95 1.77 -5.53
C VAL A 74 5.80 2.76 -5.29
N TRP A 75 5.19 3.33 -6.31
CA TRP A 75 4.11 4.33 -6.00
C TRP A 75 2.67 3.90 -6.38
N LEU A 76 1.76 4.05 -5.46
CA LEU A 76 0.35 3.58 -5.69
C LEU A 76 -0.56 4.67 -6.30
N VAL A 77 -1.06 4.40 -7.49
CA VAL A 77 -1.98 5.32 -8.21
C VAL A 77 -3.32 4.58 -8.46
N CYS A 78 -4.45 5.25 -8.26
CA CYS A 78 -5.77 4.57 -8.49
C CYS A 78 -6.83 5.57 -8.93
N THR A 79 -7.73 5.10 -9.74
CA THR A 79 -8.86 5.97 -10.20
C THR A 79 -10.00 5.75 -9.19
N CYS A 80 -10.46 6.79 -8.56
CA CYS A 80 -11.56 6.62 -7.53
C CYS A 80 -12.78 7.39 -8.01
N GLN A 81 -13.93 6.77 -8.03
CA GLN A 81 -15.16 7.48 -8.50
C GLN A 81 -15.50 8.66 -7.58
N THR A 82 -16.03 9.72 -8.14
CA THR A 82 -16.40 10.91 -7.29
C THR A 82 -17.84 10.71 -6.83
N MET A 83 -18.31 11.52 -5.91
CA MET A 83 -19.71 11.33 -5.43
C MET A 83 -20.70 11.56 -6.58
N ASP A 84 -20.40 12.45 -7.47
CA ASP A 84 -21.33 12.70 -8.62
C ASP A 84 -21.30 11.49 -9.57
N GLY A 85 -20.41 10.56 -9.33
CA GLY A 85 -20.33 9.35 -10.20
C GLY A 85 -19.23 9.50 -11.25
N GLU A 86 -18.49 10.58 -11.21
CA GLU A 86 -17.40 10.77 -12.22
C GLU A 86 -16.13 9.98 -11.80
N TRP A 87 -15.22 9.81 -12.71
CA TRP A 87 -13.96 9.05 -12.39
C TRP A 87 -12.76 9.99 -12.45
N LYS A 88 -11.94 10.00 -11.44
CA LYS A 88 -10.73 10.88 -11.47
C LYS A 88 -9.48 10.09 -11.06
N SER A 89 -8.32 10.57 -11.42
CA SER A 89 -7.04 9.85 -11.07
C SER A 89 -6.38 10.47 -9.84
N THR A 90 -6.12 9.69 -8.83
CA THR A 90 -5.44 10.21 -7.59
C THR A 90 -4.12 9.44 -7.39
N GLN A 91 -3.25 9.94 -6.54
CA GLN A 91 -1.93 9.26 -6.31
C GLN A 91 -1.59 9.27 -4.81
N ILE A 92 -0.78 8.35 -4.36
CA ILE A 92 -0.41 8.32 -2.90
C ILE A 92 0.90 7.54 -2.71
N LEU A 93 1.79 8.05 -1.88
CA LEU A 93 3.10 7.35 -1.65
C LEU A 93 3.04 6.54 -0.34
N LEU A 94 3.26 5.26 -0.44
CA LEU A 94 3.23 4.40 0.79
C LEU A 94 4.39 4.78 1.73
N ASP A 95 5.49 5.24 1.20
CA ASP A 95 6.65 5.63 2.07
C ASP A 95 6.26 6.83 2.96
N SER A 96 6.00 6.59 4.22
CA SER A 96 5.61 7.71 5.14
C SER A 96 5.45 7.20 6.58
N GLN A 97 4.30 7.38 7.18
CA GLN A 97 4.10 6.90 8.60
C GLN A 97 3.80 5.38 8.61
N ILE A 98 4.48 4.59 7.81
CA ILE A 98 4.23 3.11 7.80
C ILE A 98 5.58 2.38 7.95
N ASP A 99 5.64 1.39 8.80
CA ASP A 99 6.93 0.66 9.00
C ASP A 99 6.67 -0.82 9.34
N ASN A 100 7.65 -1.66 9.10
CA ASN A 100 7.50 -3.12 9.40
C ASN A 100 8.63 -3.59 10.32
N ASN A 101 8.31 -4.11 11.47
CA ASN A 101 9.39 -4.60 12.39
C ASN A 101 10.05 -5.85 11.79
N ASP A 102 11.22 -6.20 12.27
CA ASP A 102 11.93 -7.41 11.75
C ASP A 102 11.05 -8.67 11.80
N SER A 103 10.30 -8.85 12.85
CA SER A 103 9.38 -10.04 12.96
C SER A 103 7.91 -9.64 13.08
N GLN A 104 7.59 -8.38 13.09
CA GLN A 104 6.14 -8.00 13.22
C GLN A 104 5.81 -6.84 12.24
N LEU A 105 4.55 -6.72 11.86
CA LEU A 105 4.17 -5.62 10.90
C LEU A 105 3.04 -4.77 11.50
N GLU A 106 3.33 -3.54 11.84
CA GLU A 106 2.28 -2.65 12.43
C GLU A 106 2.59 -1.18 12.11
N ILE A 107 1.57 -0.37 12.00
CA ILE A 107 1.78 1.07 11.68
C ILE A 107 2.07 1.84 12.98
N GLY A 108 3.27 1.71 13.47
CA GLY A 108 3.68 2.40 14.73
C GLY A 108 5.14 2.04 15.01
N MET A 1 9.71 6.80 10.25
CA MET A 1 10.91 5.93 10.41
C MET A 1 10.97 4.95 9.24
N PRO A 2 12.14 4.43 8.94
CA PRO A 2 12.42 3.46 7.84
C PRO A 2 11.18 2.73 7.24
N ASN A 3 11.21 2.37 5.98
CA ASN A 3 10.00 1.69 5.39
C ASN A 3 10.35 0.21 5.11
N PHE A 4 9.44 -0.54 4.56
CA PHE A 4 9.71 -1.99 4.30
C PHE A 4 10.49 -2.19 2.99
N SER A 5 11.23 -1.22 2.54
CA SER A 5 12.00 -1.39 1.27
C SER A 5 13.19 -2.31 1.53
N HIS A 6 14.27 -1.75 1.97
CA HIS A 6 15.50 -2.55 2.24
C HIS A 6 15.20 -3.74 3.17
N THR A 7 14.33 -3.56 4.14
CA THR A 7 14.04 -4.69 5.09
C THR A 7 13.28 -5.82 4.40
N CYS A 8 12.47 -5.51 3.42
CA CYS A 8 11.69 -6.57 2.71
C CYS A 8 11.93 -6.48 1.19
N SER A 9 11.76 -7.57 0.50
CA SER A 9 11.97 -7.55 -1.00
C SER A 9 10.83 -8.29 -1.70
N SER A 10 10.68 -8.08 -3.00
CA SER A 10 9.57 -8.75 -3.77
C SER A 10 8.21 -8.17 -3.37
N ILE A 11 8.07 -6.88 -3.52
CA ILE A 11 6.80 -6.19 -3.16
C ILE A 11 5.66 -6.57 -4.12
N ASN A 12 4.61 -7.17 -3.61
CA ASN A 12 3.46 -7.56 -4.48
C ASN A 12 2.17 -6.93 -3.95
N TYR A 13 1.29 -6.56 -4.84
CA TYR A 13 -0.01 -5.93 -4.42
C TYR A 13 -1.13 -6.42 -5.34
N ASP A 14 -1.99 -7.26 -4.86
CA ASP A 14 -3.11 -7.73 -5.72
C ASP A 14 -4.20 -6.63 -5.75
N PRO A 15 -4.59 -6.19 -6.92
CA PRO A 15 -5.61 -5.12 -7.07
C PRO A 15 -7.03 -5.56 -6.68
N ASP A 16 -7.32 -6.83 -6.64
CA ASP A 16 -8.69 -7.28 -6.25
C ASP A 16 -8.86 -7.20 -4.72
N SER A 17 -8.13 -8.01 -3.99
CA SER A 17 -8.24 -8.04 -2.49
C SER A 17 -7.36 -6.95 -1.84
N THR A 18 -6.63 -6.21 -2.62
CA THR A 18 -5.71 -5.14 -2.07
C THR A 18 -4.87 -5.65 -0.88
N ILE A 19 -4.06 -6.64 -1.10
CA ILE A 19 -3.21 -7.18 0.01
C ILE A 19 -1.73 -6.99 -0.36
N LEU A 20 -0.95 -6.43 0.52
CA LEU A 20 0.50 -6.25 0.21
C LEU A 20 1.30 -7.45 0.74
N SER A 21 1.99 -8.13 -0.13
CA SER A 21 2.80 -9.31 0.33
C SER A 21 4.28 -9.06 0.07
N ALA A 22 5.12 -9.42 1.01
CA ALA A 22 6.58 -9.20 0.85
C ALA A 22 7.35 -10.11 1.81
N GLU A 23 8.55 -10.49 1.46
CA GLU A 23 9.35 -11.36 2.36
C GLU A 23 10.29 -10.49 3.20
N CYS A 24 10.29 -10.68 4.50
CA CYS A 24 11.18 -9.84 5.37
C CYS A 24 12.05 -10.74 6.25
N GLN A 25 13.13 -10.22 6.78
CA GLN A 25 14.03 -11.05 7.65
C GLN A 25 13.57 -10.94 9.11
N ALA A 26 13.40 -12.05 9.78
CA ALA A 26 12.95 -11.99 11.20
C ALA A 26 14.16 -11.82 12.11
N ARG A 27 13.90 -11.54 13.36
CA ARG A 27 15.00 -11.37 14.34
C ARG A 27 15.83 -12.65 14.43
N ASP A 28 15.20 -13.78 14.22
CA ASP A 28 15.93 -15.07 14.29
C ASP A 28 16.83 -15.21 13.05
N GLY A 29 16.85 -14.21 12.23
CA GLY A 29 17.71 -14.27 11.00
C GLY A 29 17.00 -15.14 9.96
N GLU A 30 15.72 -15.37 10.13
CA GLU A 30 14.96 -16.20 9.14
C GLU A 30 14.06 -15.32 8.24
N TRP A 31 13.88 -15.71 7.00
CA TRP A 31 13.03 -14.93 6.05
C TRP A 31 11.59 -15.44 6.12
N LEU A 32 10.63 -14.57 6.32
CA LEU A 32 9.20 -15.02 6.35
C LEU A 32 8.33 -14.08 5.49
N PRO A 33 7.22 -14.57 5.00
CA PRO A 33 6.27 -13.78 4.16
C PRO A 33 5.18 -13.09 5.00
N THR A 34 4.86 -11.86 4.71
CA THR A 34 3.80 -11.15 5.50
C THR A 34 2.76 -10.50 4.58
N GLU A 35 1.52 -10.51 4.99
CA GLU A 35 0.43 -9.90 4.17
C GLU A 35 -0.16 -8.69 4.91
N LEU A 36 -0.64 -7.69 4.19
CA LEU A 36 -1.24 -6.49 4.86
C LEU A 36 -2.43 -5.98 4.03
N ARG A 37 -3.51 -5.62 4.67
CA ARG A 37 -4.71 -5.10 3.92
C ARG A 37 -4.80 -3.56 4.08
N LEU A 38 -4.55 -2.82 3.04
CA LEU A 38 -4.62 -1.32 3.15
C LEU A 38 -6.05 -0.86 3.39
N SER A 39 -7.01 -1.49 2.76
CA SER A 39 -8.43 -1.08 2.93
C SER A 39 -8.69 -0.68 4.39
N ASP A 40 -7.95 -1.25 5.30
CA ASP A 40 -8.11 -0.94 6.76
C ASP A 40 -7.80 0.55 7.01
N HIS A 41 -6.81 1.10 6.34
CA HIS A 41 -6.47 2.54 6.55
C HIS A 41 -6.72 3.39 5.28
N ILE A 42 -7.36 2.84 4.27
CA ILE A 42 -7.60 3.64 3.03
C ILE A 42 -9.09 3.61 2.63
N GLY A 43 -9.70 4.77 2.53
CA GLY A 43 -11.15 4.84 2.14
C GLY A 43 -11.33 5.95 1.10
N ASN A 44 -12.49 6.04 0.49
CA ASN A 44 -12.73 7.10 -0.53
C ASN A 44 -13.31 8.33 0.15
N ILE A 45 -12.91 9.48 -0.27
CA ILE A 45 -13.45 10.72 0.34
C ILE A 45 -13.74 11.72 -0.77
N ASP A 46 -14.95 11.69 -1.25
CA ASP A 46 -15.38 12.61 -2.35
C ASP A 46 -14.49 12.51 -3.61
N GLY A 47 -13.88 11.37 -3.88
CA GLY A 47 -13.04 11.27 -5.12
C GLY A 47 -11.55 11.26 -4.77
N GLU A 48 -11.20 11.50 -3.54
CA GLU A 48 -9.75 11.53 -3.16
C GLU A 48 -9.41 10.33 -2.24
N LEU A 49 -8.14 10.03 -2.10
CA LEU A 49 -7.70 8.90 -1.22
C LEU A 49 -7.01 9.47 0.03
N GLN A 50 -7.31 8.96 1.19
CA GLN A 50 -6.65 9.49 2.42
C GLN A 50 -6.44 8.37 3.46
N PHE A 51 -5.50 8.57 4.34
CA PHE A 51 -5.21 7.58 5.40
C PHE A 51 -6.23 7.78 6.54
N GLY A 52 -6.56 6.74 7.25
CA GLY A 52 -7.55 6.87 8.36
C GLY A 52 -8.92 6.33 7.92
N ASP A 53 -9.23 6.45 6.66
CA ASP A 53 -10.55 5.93 6.16
C ASP A 53 -10.40 4.49 5.67
N GLN A 54 -11.52 3.87 5.34
CA GLN A 54 -11.48 2.44 4.85
C GLN A 54 -12.47 2.23 3.69
N ASN A 55 -12.40 1.12 2.99
CA ASN A 55 -13.37 0.86 1.86
C ASN A 55 -13.08 1.81 0.69
N PHE A 56 -12.14 1.47 -0.15
CA PHE A 56 -11.81 2.34 -1.33
C PHE A 56 -11.85 1.54 -2.66
N GLN A 57 -11.37 0.32 -2.69
CA GLN A 57 -11.40 -0.45 -3.97
C GLN A 57 -12.85 -0.60 -4.45
N GLU A 58 -13.79 -0.54 -3.55
CA GLU A 58 -15.22 -0.68 -3.95
C GLU A 58 -15.61 0.46 -4.89
N THR A 59 -14.99 1.60 -4.76
CA THR A 59 -15.33 2.76 -5.65
C THR A 59 -14.10 3.20 -6.46
N CYS A 60 -13.19 2.29 -6.74
CA CYS A 60 -11.97 2.65 -7.51
C CYS A 60 -11.48 1.49 -8.38
N GLN A 61 -10.75 1.80 -9.43
CA GLN A 61 -10.24 0.72 -10.33
C GLN A 61 -8.81 1.03 -10.82
N ASP A 62 -8.26 0.14 -11.59
CA ASP A 62 -6.87 0.31 -12.15
C ASP A 62 -5.84 0.60 -11.04
N CYS A 63 -5.92 -0.03 -9.91
CA CYS A 63 -4.89 0.25 -8.85
C CYS A 63 -3.59 -0.42 -9.27
N ARG A 64 -2.51 0.31 -9.28
CA ARG A 64 -1.23 -0.32 -9.68
C ARG A 64 -0.04 0.37 -9.04
N LEU A 65 0.98 -0.39 -8.79
CA LEU A 65 2.21 0.15 -8.18
C LEU A 65 3.08 0.73 -9.29
N GLU A 66 3.93 1.66 -8.98
CA GLU A 66 4.81 2.24 -10.04
C GLU A 66 6.22 2.48 -9.47
N PHE A 67 7.23 1.93 -10.10
CA PHE A 67 8.62 2.13 -9.57
C PHE A 67 9.21 3.43 -10.14
N GLY A 68 9.84 4.22 -9.31
CA GLY A 68 10.44 5.52 -9.79
C GLY A 68 11.86 5.28 -10.31
N ASP A 69 12.67 6.32 -10.34
CA ASP A 69 14.07 6.17 -10.83
C ASP A 69 14.78 5.04 -10.06
N GLY A 70 14.52 4.92 -8.78
CA GLY A 70 15.18 3.84 -7.98
C GLY A 70 14.17 2.75 -7.66
N GLU A 71 14.50 1.52 -7.89
CA GLU A 71 13.55 0.41 -7.61
C GLU A 71 13.33 0.26 -6.10
N GLN A 72 13.90 1.15 -5.31
CA GLN A 72 13.73 1.05 -3.82
C GLN A 72 12.37 1.63 -3.43
N SER A 73 11.55 1.97 -4.38
CA SER A 73 10.22 2.56 -4.05
C SER A 73 9.11 2.12 -5.02
N VAL A 74 7.89 2.02 -4.58
CA VAL A 74 6.80 1.65 -5.54
C VAL A 74 5.62 2.61 -5.25
N TRP A 75 5.01 3.20 -6.24
CA TRP A 75 3.90 4.16 -5.90
C TRP A 75 2.48 3.72 -6.30
N LEU A 76 1.56 3.80 -5.37
CA LEU A 76 0.16 3.32 -5.64
C LEU A 76 -0.76 4.40 -6.23
N VAL A 77 -1.13 4.21 -7.48
CA VAL A 77 -2.06 5.15 -8.21
C VAL A 77 -3.41 4.44 -8.44
N CYS A 78 -4.52 5.13 -8.25
CA CYS A 78 -5.85 4.47 -8.46
C CYS A 78 -6.90 5.48 -8.91
N THR A 79 -7.78 5.04 -9.76
CA THR A 79 -8.89 5.90 -10.24
C THR A 79 -10.05 5.70 -9.25
N CYS A 80 -10.51 6.74 -8.62
CA CYS A 80 -11.63 6.59 -7.63
C CYS A 80 -12.83 7.38 -8.13
N GLN A 81 -13.99 6.78 -8.18
CA GLN A 81 -15.20 7.52 -8.67
C GLN A 81 -15.56 8.66 -7.73
N THR A 82 -16.11 9.73 -8.26
CA THR A 82 -16.50 10.88 -7.38
C THR A 82 -17.96 10.66 -6.96
N MET A 83 -18.45 11.43 -6.04
CA MET A 83 -19.87 11.22 -5.60
C MET A 83 -20.82 11.45 -6.77
N ASP A 84 -20.53 12.38 -7.63
CA ASP A 84 -21.42 12.62 -8.80
C ASP A 84 -21.35 11.41 -9.74
N GLY A 85 -20.32 10.62 -9.65
CA GLY A 85 -20.19 9.41 -10.52
C GLY A 85 -19.06 9.59 -11.53
N GLU A 86 -18.32 10.67 -11.46
CA GLU A 86 -17.20 10.87 -12.41
C GLU A 86 -15.95 10.11 -11.95
N TRP A 87 -15.04 9.83 -12.85
CA TRP A 87 -13.80 9.08 -12.48
C TRP A 87 -12.60 10.03 -12.45
N LYS A 88 -11.83 10.00 -11.40
CA LYS A 88 -10.63 10.89 -11.35
C LYS A 88 -9.39 10.09 -10.94
N SER A 89 -8.23 10.52 -11.36
CA SER A 89 -6.96 9.78 -11.00
C SER A 89 -6.33 10.37 -9.73
N THR A 90 -6.12 9.55 -8.74
CA THR A 90 -5.47 10.02 -7.46
C THR A 90 -4.16 9.25 -7.26
N GLN A 91 -3.30 9.72 -6.38
CA GLN A 91 -1.99 9.03 -6.14
C GLN A 91 -1.65 9.05 -4.64
N ILE A 92 -0.77 8.19 -4.19
CA ILE A 92 -0.39 8.19 -2.73
C ILE A 92 0.94 7.44 -2.54
N LEU A 93 1.78 7.94 -1.67
CA LEU A 93 3.10 7.28 -1.44
C LEU A 93 3.07 6.45 -0.15
N LEU A 94 3.29 5.17 -0.26
CA LEU A 94 3.27 4.30 0.95
C LEU A 94 4.44 4.64 1.89
N ASP A 95 5.55 5.06 1.33
CA ASP A 95 6.74 5.41 2.19
C ASP A 95 6.43 6.67 3.03
N SER A 96 6.21 6.51 4.31
CA SER A 96 5.90 7.69 5.18
C SER A 96 5.67 7.24 6.63
N GLN A 97 4.50 7.47 7.18
CA GLN A 97 4.23 7.04 8.60
C GLN A 97 3.94 5.52 8.68
N ILE A 98 4.54 4.72 7.84
CA ILE A 98 4.30 3.24 7.88
C ILE A 98 5.65 2.52 7.93
N ASP A 99 5.79 1.54 8.78
CA ASP A 99 7.10 0.81 8.88
C ASP A 99 6.88 -0.67 9.24
N ASN A 100 7.89 -1.48 9.08
CA ASN A 100 7.78 -2.94 9.40
C ASN A 100 8.88 -3.35 10.39
N ASN A 101 8.53 -3.96 11.48
CA ASN A 101 9.58 -4.40 12.45
C ASN A 101 10.35 -5.58 11.87
N ASP A 102 11.47 -5.93 12.47
CA ASP A 102 12.30 -7.07 11.97
C ASP A 102 11.47 -8.36 11.81
N SER A 103 10.61 -8.65 12.76
CA SER A 103 9.75 -9.89 12.66
C SER A 103 8.25 -9.55 12.75
N GLN A 104 7.88 -8.30 12.81
CA GLN A 104 6.41 -7.99 12.89
C GLN A 104 6.06 -6.81 11.96
N LEU A 105 4.83 -6.73 11.51
CA LEU A 105 4.45 -5.61 10.59
C LEU A 105 3.36 -4.73 11.25
N GLU A 106 3.71 -3.53 11.64
CA GLU A 106 2.72 -2.63 12.28
C GLU A 106 3.06 -1.17 11.98
N ILE A 107 2.07 -0.33 11.87
CA ILE A 107 2.31 1.12 11.59
C ILE A 107 3.28 1.70 12.63
N GLY A 108 3.95 2.76 12.29
CA GLY A 108 4.93 3.39 13.22
C GLY A 108 5.82 4.32 12.40
N MET A 1 11.48 7.49 9.09
CA MET A 1 12.27 6.40 9.72
C MET A 1 12.09 5.13 8.89
N PRO A 2 13.04 4.21 8.98
CA PRO A 2 13.06 2.91 8.27
C PRO A 2 11.72 2.43 7.65
N ASN A 3 11.73 1.70 6.57
CA ASN A 3 10.42 1.27 5.94
C ASN A 3 10.55 -0.21 5.52
N PHE A 4 9.52 -0.76 4.93
CA PHE A 4 9.58 -2.21 4.53
C PHE A 4 10.30 -2.41 3.19
N SER A 5 11.07 -1.45 2.76
CA SER A 5 11.81 -1.61 1.47
C SER A 5 13.04 -2.50 1.71
N HIS A 6 14.12 -1.89 2.10
CA HIS A 6 15.38 -2.64 2.35
C HIS A 6 15.13 -3.86 3.26
N THR A 7 14.24 -3.74 4.22
CA THR A 7 14.01 -4.89 5.16
C THR A 7 13.26 -6.03 4.45
N CYS A 8 12.43 -5.71 3.48
CA CYS A 8 11.68 -6.77 2.75
C CYS A 8 11.87 -6.64 1.24
N SER A 9 11.66 -7.71 0.51
CA SER A 9 11.83 -7.65 -0.99
C SER A 9 10.68 -8.40 -1.67
N SER A 10 10.53 -8.22 -2.97
CA SER A 10 9.43 -8.91 -3.73
C SER A 10 8.06 -8.30 -3.35
N ILE A 11 7.94 -7.02 -3.50
CA ILE A 11 6.68 -6.30 -3.16
C ILE A 11 5.54 -6.66 -4.14
N ASN A 12 4.50 -7.29 -3.65
CA ASN A 12 3.36 -7.66 -4.53
C ASN A 12 2.07 -6.99 -4.03
N TYR A 13 1.18 -6.66 -4.92
CA TYR A 13 -0.11 -6.01 -4.54
C TYR A 13 -1.22 -6.47 -5.48
N ASP A 14 -2.07 -7.34 -5.04
CA ASP A 14 -3.18 -7.78 -5.92
C ASP A 14 -4.28 -6.69 -5.92
N PRO A 15 -4.52 -6.06 -7.05
CA PRO A 15 -5.55 -4.99 -7.16
C PRO A 15 -6.97 -5.45 -6.78
N ASP A 16 -7.23 -6.73 -6.76
CA ASP A 16 -8.60 -7.21 -6.40
C ASP A 16 -8.79 -7.13 -4.86
N SER A 17 -8.11 -7.99 -4.13
CA SER A 17 -8.25 -8.03 -2.63
C SER A 17 -7.38 -6.95 -1.96
N THR A 18 -6.65 -6.19 -2.72
CA THR A 18 -5.74 -5.12 -2.15
C THR A 18 -4.91 -5.65 -0.96
N ILE A 19 -4.11 -6.65 -1.20
CA ILE A 19 -3.26 -7.20 -0.09
C ILE A 19 -1.79 -7.02 -0.48
N LEU A 20 -1.00 -6.45 0.39
CA LEU A 20 0.45 -6.28 0.07
C LEU A 20 1.25 -7.46 0.65
N SER A 21 1.94 -8.18 -0.20
CA SER A 21 2.74 -9.35 0.28
C SER A 21 4.22 -9.08 0.06
N ALA A 22 5.04 -9.43 1.01
CA ALA A 22 6.50 -9.19 0.87
C ALA A 22 7.27 -10.13 1.83
N GLU A 23 8.45 -10.53 1.47
CA GLU A 23 9.25 -11.42 2.36
C GLU A 23 10.18 -10.57 3.22
N CYS A 24 10.13 -10.73 4.52
CA CYS A 24 11.01 -9.91 5.41
C CYS A 24 11.94 -10.83 6.22
N GLN A 25 13.06 -10.31 6.66
CA GLN A 25 14.02 -11.15 7.47
C GLN A 25 13.85 -10.84 8.96
N ALA A 26 13.73 -11.84 9.77
CA ALA A 26 13.56 -11.60 11.24
C ALA A 26 14.92 -11.37 11.89
N ARG A 27 14.90 -11.02 13.14
CA ARG A 27 16.16 -10.79 13.89
C ARG A 27 17.01 -12.07 13.89
N ASP A 28 16.37 -13.20 13.92
CA ASP A 28 17.10 -14.50 13.94
C ASP A 28 17.77 -14.71 12.56
N GLY A 29 17.53 -13.81 11.64
CA GLY A 29 18.14 -13.97 10.29
C GLY A 29 17.26 -14.91 9.46
N GLU A 30 16.03 -15.12 9.87
CA GLU A 30 15.11 -16.03 9.10
C GLU A 30 14.13 -15.22 8.23
N TRP A 31 13.73 -15.77 7.12
CA TRP A 31 12.77 -15.06 6.21
C TRP A 31 11.34 -15.57 6.46
N LEU A 32 10.40 -14.69 6.70
CA LEU A 32 8.99 -15.13 6.94
C LEU A 32 8.02 -14.24 6.14
N PRO A 33 7.39 -14.77 5.12
CA PRO A 33 6.42 -14.03 4.27
C PRO A 33 5.50 -13.11 5.09
N THR A 34 5.15 -11.96 4.58
CA THR A 34 4.25 -11.04 5.35
C THR A 34 3.13 -10.51 4.47
N GLU A 35 1.98 -10.26 5.05
CA GLU A 35 0.81 -9.74 4.27
C GLU A 35 0.23 -8.50 4.97
N LEU A 36 -0.35 -7.59 4.22
CA LEU A 36 -0.94 -6.37 4.85
C LEU A 36 -2.16 -5.89 4.02
N ARG A 37 -3.22 -5.50 4.66
CA ARG A 37 -4.43 -5.02 3.93
C ARG A 37 -4.56 -3.49 4.08
N LEU A 38 -4.39 -2.74 3.02
CA LEU A 38 -4.49 -1.25 3.13
C LEU A 38 -5.94 -0.82 3.34
N SER A 39 -6.87 -1.47 2.70
CA SER A 39 -8.31 -1.09 2.86
C SER A 39 -8.60 -0.73 4.32
N ASP A 40 -7.85 -1.28 5.22
CA ASP A 40 -8.03 -1.00 6.68
C ASP A 40 -7.78 0.50 6.97
N HIS A 41 -6.80 1.09 6.32
CA HIS A 41 -6.50 2.54 6.57
C HIS A 41 -6.77 3.39 5.30
N ILE A 42 -7.40 2.86 4.30
CA ILE A 42 -7.64 3.68 3.06
C ILE A 42 -9.13 3.63 2.66
N GLY A 43 -9.75 4.78 2.53
CA GLY A 43 -11.19 4.85 2.13
C GLY A 43 -11.38 5.95 1.08
N ASN A 44 -12.53 6.01 0.46
CA ASN A 44 -12.77 7.07 -0.56
C ASN A 44 -13.40 8.29 0.10
N ILE A 45 -12.98 9.45 -0.29
CA ILE A 45 -13.56 10.67 0.30
C ILE A 45 -13.84 11.67 -0.82
N ASP A 46 -15.03 11.62 -1.33
CA ASP A 46 -15.46 12.53 -2.44
C ASP A 46 -14.54 12.44 -3.68
N GLY A 47 -13.91 11.32 -3.93
CA GLY A 47 -13.03 11.21 -5.15
C GLY A 47 -11.55 11.26 -4.77
N GLU A 48 -11.23 11.50 -3.53
CA GLU A 48 -9.79 11.57 -3.12
C GLU A 48 -9.41 10.38 -2.23
N LEU A 49 -8.14 10.08 -2.13
CA LEU A 49 -7.68 8.94 -1.27
C LEU A 49 -6.99 9.51 -0.01
N GLN A 50 -7.31 9.01 1.14
CA GLN A 50 -6.66 9.52 2.39
C GLN A 50 -6.47 8.41 3.41
N PHE A 51 -5.55 8.61 4.32
CA PHE A 51 -5.28 7.60 5.38
C PHE A 51 -6.29 7.82 6.52
N GLY A 52 -6.63 6.79 7.25
CA GLY A 52 -7.61 6.94 8.37
C GLY A 52 -8.97 6.34 7.96
N ASP A 53 -9.32 6.46 6.71
CA ASP A 53 -10.62 5.90 6.24
C ASP A 53 -10.45 4.45 5.76
N GLN A 54 -11.53 3.81 5.38
CA GLN A 54 -11.46 2.40 4.89
C GLN A 54 -12.42 2.16 3.72
N ASN A 55 -12.31 1.05 3.01
CA ASN A 55 -13.25 0.78 1.86
C ASN A 55 -12.99 1.78 0.72
N PHE A 56 -12.08 1.46 -0.17
CA PHE A 56 -11.78 2.37 -1.32
C PHE A 56 -11.82 1.62 -2.67
N GLN A 57 -11.34 0.41 -2.73
CA GLN A 57 -11.37 -0.33 -4.04
C GLN A 57 -12.82 -0.47 -4.52
N GLU A 58 -13.75 -0.43 -3.62
CA GLU A 58 -15.19 -0.58 -4.02
C GLU A 58 -15.58 0.57 -4.95
N THR A 59 -14.97 1.72 -4.80
CA THR A 59 -15.30 2.88 -5.69
C THR A 59 -14.08 3.30 -6.50
N CYS A 60 -13.17 2.40 -6.77
CA CYS A 60 -11.94 2.77 -7.56
C CYS A 60 -11.47 1.60 -8.43
N GLN A 61 -10.75 1.90 -9.49
CA GLN A 61 -10.25 0.82 -10.39
C GLN A 61 -8.83 1.14 -10.89
N ASP A 62 -8.29 0.22 -11.66
CA ASP A 62 -6.90 0.39 -12.22
C ASP A 62 -5.86 0.69 -11.13
N CYS A 63 -5.94 0.06 -9.99
CA CYS A 63 -4.90 0.36 -8.95
C CYS A 63 -3.59 -0.31 -9.36
N ARG A 64 -2.52 0.41 -9.39
CA ARG A 64 -1.24 -0.23 -9.80
C ARG A 64 -0.05 0.46 -9.16
N LEU A 65 0.95 -0.32 -8.87
CA LEU A 65 2.17 0.20 -8.25
C LEU A 65 3.08 0.73 -9.36
N GLU A 66 3.93 1.67 -9.06
CA GLU A 66 4.85 2.19 -10.12
C GLU A 66 6.24 2.43 -9.53
N PHE A 67 7.27 1.89 -10.13
CA PHE A 67 8.65 2.08 -9.59
C PHE A 67 9.26 3.36 -10.19
N GLY A 68 9.93 4.15 -9.37
CA GLY A 68 10.55 5.42 -9.88
C GLY A 68 11.97 5.16 -10.40
N ASP A 69 12.80 6.16 -10.42
CA ASP A 69 14.20 5.98 -10.90
C ASP A 69 14.88 4.83 -10.13
N GLY A 70 14.62 4.73 -8.85
CA GLY A 70 15.24 3.61 -8.05
C GLY A 70 14.16 2.60 -7.68
N GLU A 71 14.43 1.34 -7.89
CA GLU A 71 13.43 0.29 -7.57
C GLU A 71 13.23 0.21 -6.04
N GLN A 72 13.84 1.08 -5.29
CA GLN A 72 13.68 1.04 -3.81
C GLN A 72 12.33 1.65 -3.41
N SER A 73 11.51 1.96 -4.37
CA SER A 73 10.19 2.58 -4.03
C SER A 73 9.07 2.12 -4.96
N VAL A 74 7.84 2.06 -4.50
CA VAL A 74 6.74 1.66 -5.44
C VAL A 74 5.60 2.68 -5.23
N TRP A 75 5.02 3.25 -6.25
CA TRP A 75 3.96 4.28 -5.98
C TRP A 75 2.51 3.84 -6.32
N LEU A 76 1.61 4.03 -5.39
CA LEU A 76 0.20 3.57 -5.59
C LEU A 76 -0.72 4.65 -6.20
N VAL A 77 -1.11 4.43 -7.44
CA VAL A 77 -2.04 5.36 -8.17
C VAL A 77 -3.38 4.62 -8.43
N CYS A 78 -4.50 5.31 -8.28
CA CYS A 78 -5.82 4.63 -8.52
C CYS A 78 -6.88 5.62 -8.98
N THR A 79 -7.76 5.16 -9.81
CA THR A 79 -8.88 6.02 -10.29
C THR A 79 -10.04 5.81 -9.30
N CYS A 80 -10.50 6.86 -8.68
CA CYS A 80 -11.62 6.69 -7.67
C CYS A 80 -12.83 7.48 -8.17
N GLN A 81 -13.98 6.87 -8.23
CA GLN A 81 -15.19 7.60 -8.72
C GLN A 81 -15.58 8.73 -7.77
N THR A 82 -16.14 9.80 -8.28
CA THR A 82 -16.57 10.93 -7.39
C THR A 82 -18.02 10.69 -6.99
N MET A 83 -18.54 11.45 -6.07
CA MET A 83 -19.95 11.22 -5.65
C MET A 83 -20.89 11.44 -6.84
N ASP A 84 -20.60 12.39 -7.68
CA ASP A 84 -21.49 12.63 -8.85
C ASP A 84 -21.41 11.43 -9.80
N GLY A 85 -20.37 10.64 -9.69
CA GLY A 85 -20.23 9.44 -10.57
C GLY A 85 -19.09 9.63 -11.57
N GLU A 86 -18.39 10.73 -11.51
CA GLU A 86 -17.26 10.95 -12.47
C GLU A 86 -16.00 10.18 -12.00
N TRP A 87 -15.11 9.89 -12.91
CA TRP A 87 -13.88 9.14 -12.56
C TRP A 87 -12.66 10.09 -12.55
N LYS A 88 -11.87 10.08 -11.52
CA LYS A 88 -10.67 10.96 -11.49
C LYS A 88 -9.43 10.16 -11.06
N SER A 89 -8.26 10.62 -11.43
CA SER A 89 -7.00 9.89 -11.07
C SER A 89 -6.36 10.51 -9.81
N THR A 90 -6.16 9.71 -8.81
CA THR A 90 -5.51 10.20 -7.54
C THR A 90 -4.18 9.46 -7.34
N GLN A 91 -3.33 9.94 -6.46
CA GLN A 91 -2.01 9.28 -6.22
C GLN A 91 -1.68 9.28 -4.72
N ILE A 92 -0.84 8.38 -4.27
CA ILE A 92 -0.48 8.35 -2.81
C ILE A 92 0.80 7.54 -2.60
N LEU A 93 1.68 8.01 -1.74
CA LEU A 93 2.97 7.28 -1.50
C LEU A 93 2.84 6.40 -0.24
N LEU A 94 2.96 5.11 -0.41
CA LEU A 94 2.85 4.18 0.76
C LEU A 94 4.00 4.44 1.75
N ASP A 95 5.16 4.84 1.26
CA ASP A 95 6.30 5.12 2.18
C ASP A 95 6.02 6.39 3.02
N SER A 96 5.83 6.23 4.32
CA SER A 96 5.54 7.42 5.19
C SER A 96 5.43 6.98 6.66
N GLN A 97 4.30 7.20 7.28
CA GLN A 97 4.14 6.79 8.72
C GLN A 97 3.81 5.29 8.84
N ILE A 98 4.38 4.46 8.00
CA ILE A 98 4.12 2.98 8.09
C ILE A 98 5.46 2.24 8.10
N ASP A 99 5.62 1.27 8.96
CA ASP A 99 6.90 0.52 9.03
C ASP A 99 6.67 -0.95 9.41
N ASN A 100 7.60 -1.81 9.08
CA ASN A 100 7.48 -3.26 9.41
C ASN A 100 8.60 -3.70 10.35
N ASN A 101 8.27 -4.17 11.52
CA ASN A 101 9.34 -4.62 12.46
C ASN A 101 10.00 -5.90 11.93
N ASP A 102 11.19 -6.21 12.39
CA ASP A 102 11.92 -7.43 11.93
C ASP A 102 11.03 -8.69 12.02
N SER A 103 10.26 -8.83 13.07
CA SER A 103 9.36 -10.02 13.21
C SER A 103 7.88 -9.61 13.35
N GLN A 104 7.56 -8.34 13.35
CA GLN A 104 6.12 -7.97 13.49
C GLN A 104 5.77 -6.83 12.50
N LEU A 105 4.51 -6.68 12.17
CA LEU A 105 4.11 -5.58 11.21
C LEU A 105 3.04 -4.69 11.83
N GLU A 106 3.39 -3.47 12.17
CA GLU A 106 2.40 -2.53 12.78
C GLU A 106 2.75 -1.08 12.42
N ILE A 107 1.75 -0.25 12.29
CA ILE A 107 2.00 1.19 11.94
C ILE A 107 2.95 1.80 12.97
N GLY A 108 3.61 2.86 12.60
CA GLY A 108 4.58 3.54 13.51
C GLY A 108 5.00 4.86 12.85
N MET A 1 10.74 7.19 9.83
CA MET A 1 11.57 6.08 10.37
C MET A 1 11.50 4.88 9.42
N PRO A 2 12.48 4.01 9.45
CA PRO A 2 12.60 2.78 8.61
C PRO A 2 11.30 2.32 7.90
N ASN A 3 11.38 1.69 6.75
CA ASN A 3 10.12 1.25 6.04
C ASN A 3 10.30 -0.21 5.58
N PHE A 4 9.30 -0.76 4.95
CA PHE A 4 9.41 -2.20 4.50
C PHE A 4 10.17 -2.34 3.18
N SER A 5 10.89 -1.33 2.77
CA SER A 5 11.66 -1.42 1.50
C SER A 5 12.88 -2.30 1.73
N HIS A 6 13.95 -1.70 2.17
CA HIS A 6 15.22 -2.45 2.41
C HIS A 6 14.98 -3.67 3.33
N THR A 7 14.11 -3.54 4.30
CA THR A 7 13.88 -4.70 5.24
C THR A 7 13.15 -5.86 4.53
N CYS A 8 12.33 -5.55 3.57
CA CYS A 8 11.58 -6.63 2.83
C CYS A 8 11.81 -6.52 1.32
N SER A 9 11.62 -7.61 0.62
CA SER A 9 11.82 -7.58 -0.87
C SER A 9 10.67 -8.33 -1.58
N SER A 10 10.52 -8.15 -2.87
CA SER A 10 9.42 -8.84 -3.64
C SER A 10 8.06 -8.22 -3.28
N ILE A 11 7.95 -6.94 -3.45
CA ILE A 11 6.69 -6.21 -3.13
C ILE A 11 5.56 -6.59 -4.11
N ASN A 12 4.54 -7.26 -3.64
CA ASN A 12 3.41 -7.65 -4.53
C ASN A 12 2.13 -6.92 -4.08
N TYR A 13 1.26 -6.63 -5.02
CA TYR A 13 -0.02 -5.93 -4.69
C TYR A 13 -1.16 -6.52 -5.52
N ASP A 14 -1.99 -7.33 -4.93
CA ASP A 14 -3.13 -7.89 -5.71
C ASP A 14 -4.24 -6.84 -5.78
N PRO A 15 -4.64 -6.43 -6.97
CA PRO A 15 -5.68 -5.39 -7.15
C PRO A 15 -7.10 -5.85 -6.78
N ASP A 16 -7.35 -7.14 -6.76
CA ASP A 16 -8.72 -7.61 -6.40
C ASP A 16 -8.93 -7.51 -4.87
N SER A 17 -8.20 -8.31 -4.12
CA SER A 17 -8.34 -8.33 -2.62
C SER A 17 -7.48 -7.23 -1.96
N THR A 18 -6.76 -6.47 -2.73
CA THR A 18 -5.87 -5.38 -2.18
C THR A 18 -5.02 -5.88 -0.99
N ILE A 19 -4.23 -6.91 -1.20
CA ILE A 19 -3.38 -7.42 -0.09
C ILE A 19 -1.90 -7.21 -0.47
N LEU A 20 -1.14 -6.60 0.40
CA LEU A 20 0.31 -6.39 0.09
C LEU A 20 1.14 -7.54 0.68
N SER A 21 1.83 -8.27 -0.15
CA SER A 21 2.66 -9.41 0.36
C SER A 21 4.14 -9.10 0.11
N ALA A 22 4.96 -9.38 1.08
CA ALA A 22 6.42 -9.11 0.92
C ALA A 22 7.23 -10.04 1.84
N GLU A 23 8.43 -10.38 1.46
CA GLU A 23 9.25 -11.28 2.30
C GLU A 23 10.17 -10.43 3.19
N CYS A 24 10.10 -10.63 4.48
CA CYS A 24 10.95 -9.80 5.41
C CYS A 24 11.87 -10.73 6.23
N GLN A 25 13.00 -10.22 6.67
CA GLN A 25 13.95 -11.05 7.47
C GLN A 25 13.69 -10.82 8.97
N ALA A 26 13.57 -11.87 9.73
CA ALA A 26 13.31 -11.72 11.18
C ALA A 26 14.62 -11.47 11.93
N ARG A 27 14.52 -11.14 13.18
CA ARG A 27 15.74 -10.89 13.99
C ARG A 27 16.65 -12.12 13.98
N ASP A 28 16.05 -13.28 13.88
CA ASP A 28 16.85 -14.54 13.87
C ASP A 28 17.60 -14.65 12.53
N GLY A 29 17.39 -13.69 11.66
CA GLY A 29 18.08 -13.74 10.33
C GLY A 29 17.32 -14.69 9.41
N GLU A 30 16.07 -14.97 9.71
CA GLU A 30 15.26 -15.88 8.84
C GLU A 30 14.21 -15.10 8.04
N TRP A 31 13.83 -15.62 6.89
CA TRP A 31 12.81 -14.93 6.04
C TRP A 31 11.40 -15.41 6.42
N LEU A 32 10.48 -14.50 6.65
CA LEU A 32 9.09 -14.91 7.01
C LEU A 32 8.07 -14.07 6.24
N PRO A 33 7.50 -14.62 5.19
CA PRO A 33 6.50 -13.92 4.33
C PRO A 33 5.49 -13.10 5.16
N THR A 34 5.12 -11.93 4.70
CA THR A 34 4.15 -11.10 5.49
C THR A 34 3.02 -10.56 4.58
N GLU A 35 1.84 -10.41 5.12
CA GLU A 35 0.68 -9.89 4.32
C GLU A 35 0.10 -8.64 5.00
N LEU A 36 -0.46 -7.74 4.24
CA LEU A 36 -1.06 -6.51 4.86
C LEU A 36 -2.27 -6.05 4.02
N ARG A 37 -3.33 -5.61 4.67
CA ARG A 37 -4.54 -5.14 3.92
C ARG A 37 -4.65 -3.61 4.02
N LEU A 38 -4.44 -2.89 2.95
CA LEU A 38 -4.52 -1.39 3.01
C LEU A 38 -5.96 -0.95 3.26
N SER A 39 -6.90 -1.60 2.65
CA SER A 39 -8.34 -1.19 2.84
C SER A 39 -8.58 -0.80 4.30
N ASP A 40 -7.82 -1.36 5.20
CA ASP A 40 -7.97 -1.05 6.65
C ASP A 40 -7.66 0.45 6.91
N HIS A 41 -6.68 1.00 6.22
CA HIS A 41 -6.33 2.44 6.45
C HIS A 41 -6.60 3.30 5.19
N ILE A 42 -7.26 2.76 4.19
CA ILE A 42 -7.52 3.58 2.96
C ILE A 42 -9.01 3.57 2.59
N GLY A 43 -9.61 4.73 2.50
CA GLY A 43 -11.07 4.83 2.13
C GLY A 43 -11.26 5.94 1.10
N ASN A 44 -12.43 6.04 0.53
CA ASN A 44 -12.68 7.12 -0.49
C ASN A 44 -13.29 8.33 0.19
N ILE A 45 -12.91 9.49 -0.22
CA ILE A 45 -13.48 10.71 0.39
C ILE A 45 -13.78 11.72 -0.72
N ASP A 46 -14.98 11.67 -1.23
CA ASP A 46 -15.41 12.58 -2.31
C ASP A 46 -14.49 12.52 -3.57
N GLY A 47 -13.89 11.39 -3.85
CA GLY A 47 -13.02 11.30 -5.09
C GLY A 47 -11.54 11.34 -4.72
N GLU A 48 -11.21 11.58 -3.48
CA GLU A 48 -9.77 11.63 -3.08
C GLU A 48 -9.39 10.44 -2.19
N LEU A 49 -8.12 10.13 -2.11
CA LEU A 49 -7.66 8.99 -1.26
C LEU A 49 -6.97 9.54 0.00
N GLN A 50 -7.29 9.00 1.15
CA GLN A 50 -6.63 9.51 2.40
C GLN A 50 -6.43 8.38 3.42
N PHE A 51 -5.49 8.56 4.31
CA PHE A 51 -5.22 7.54 5.35
C PHE A 51 -6.21 7.75 6.51
N GLY A 52 -6.53 6.72 7.23
CA GLY A 52 -7.50 6.86 8.37
C GLY A 52 -8.86 6.30 7.96
N ASP A 53 -9.15 6.28 6.69
CA ASP A 53 -10.46 5.75 6.22
C ASP A 53 -10.31 4.31 5.70
N GLN A 54 -11.41 3.70 5.33
CA GLN A 54 -11.36 2.28 4.81
C GLN A 54 -12.38 2.07 3.67
N ASN A 55 -12.31 0.98 2.96
CA ASN A 55 -13.30 0.73 1.85
C ASN A 55 -13.05 1.69 0.68
N PHE A 56 -12.00 1.48 -0.07
CA PHE A 56 -11.70 2.37 -1.23
C PHE A 56 -11.77 1.62 -2.58
N GLN A 57 -11.33 0.39 -2.63
CA GLN A 57 -11.38 -0.35 -3.94
C GLN A 57 -12.84 -0.49 -4.38
N GLU A 58 -13.76 -0.38 -3.47
CA GLU A 58 -15.20 -0.51 -3.83
C GLU A 58 -15.60 0.61 -4.80
N THR A 59 -14.95 1.75 -4.71
CA THR A 59 -15.29 2.89 -5.63
C THR A 59 -14.04 3.30 -6.44
N CYS A 60 -13.15 2.39 -6.70
CA CYS A 60 -11.92 2.75 -7.49
C CYS A 60 -11.44 1.56 -8.34
N GLN A 61 -10.71 1.84 -9.38
CA GLN A 61 -10.20 0.74 -10.27
C GLN A 61 -8.78 1.03 -10.75
N ASP A 62 -8.22 0.12 -11.51
CA ASP A 62 -6.84 0.26 -12.06
C ASP A 62 -5.81 0.59 -10.97
N CYS A 63 -5.91 0.01 -9.81
CA CYS A 63 -4.89 0.33 -8.75
C CYS A 63 -3.59 -0.37 -9.13
N ARG A 64 -2.50 0.34 -9.15
CA ARG A 64 -1.23 -0.32 -9.51
C ARG A 64 -0.03 0.43 -8.95
N LEU A 65 0.97 -0.31 -8.60
CA LEU A 65 2.21 0.27 -8.04
C LEU A 65 3.11 0.70 -9.21
N GLU A 66 3.95 1.67 -9.02
CA GLU A 66 4.83 2.10 -10.13
C GLU A 66 6.25 2.37 -9.57
N PHE A 67 7.26 1.78 -10.17
CA PHE A 67 8.65 2.00 -9.67
C PHE A 67 9.24 3.27 -10.31
N GLY A 68 9.90 4.09 -9.54
CA GLY A 68 10.49 5.36 -10.10
C GLY A 68 11.89 5.08 -10.67
N ASP A 69 12.71 6.10 -10.78
CA ASP A 69 14.10 5.91 -11.32
C ASP A 69 14.82 4.79 -10.54
N GLY A 70 14.61 4.72 -9.25
CA GLY A 70 15.27 3.65 -8.44
C GLY A 70 14.23 2.63 -7.98
N GLU A 71 14.51 1.37 -8.18
CA GLU A 71 13.53 0.32 -7.76
C GLU A 71 13.39 0.30 -6.23
N GLN A 72 13.98 1.24 -5.55
CA GLN A 72 13.87 1.27 -4.06
C GLN A 72 12.53 1.89 -3.65
N SER A 73 11.68 2.15 -4.60
CA SER A 73 10.36 2.75 -4.25
C SER A 73 9.24 2.29 -5.18
N VAL A 74 8.01 2.26 -4.71
CA VAL A 74 6.91 1.85 -5.64
C VAL A 74 5.75 2.83 -5.38
N TRP A 75 5.11 3.37 -6.39
CA TRP A 75 4.03 4.38 -6.09
C TRP A 75 2.59 3.93 -6.43
N LEU A 76 1.69 4.08 -5.49
CA LEU A 76 0.30 3.60 -5.68
C LEU A 76 -0.65 4.66 -6.27
N VAL A 77 -1.06 4.45 -7.51
CA VAL A 77 -2.00 5.37 -8.22
C VAL A 77 -3.34 4.63 -8.45
N CYS A 78 -4.46 5.31 -8.28
CA CYS A 78 -5.79 4.62 -8.49
C CYS A 78 -6.84 5.60 -8.98
N THR A 79 -7.73 5.11 -9.78
CA THR A 79 -8.86 5.95 -10.28
C THR A 79 -10.00 5.78 -9.28
N CYS A 80 -10.47 6.82 -8.68
CA CYS A 80 -11.59 6.69 -7.67
C CYS A 80 -12.79 7.49 -8.18
N GLN A 81 -13.94 6.89 -8.22
CA GLN A 81 -15.15 7.63 -8.71
C GLN A 81 -15.53 8.76 -7.75
N THR A 82 -16.11 9.82 -8.26
CA THR A 82 -16.51 10.95 -7.37
C THR A 82 -17.96 10.71 -6.96
N MET A 83 -18.47 11.46 -6.02
CA MET A 83 -19.89 11.24 -5.60
C MET A 83 -20.84 11.49 -6.77
N ASP A 84 -20.54 12.43 -7.61
CA ASP A 84 -21.42 12.70 -8.78
C ASP A 84 -21.35 11.51 -9.76
N GLY A 85 -20.32 10.71 -9.66
CA GLY A 85 -20.19 9.53 -10.56
C GLY A 85 -19.04 9.73 -11.55
N GLU A 86 -18.36 10.84 -11.49
CA GLU A 86 -17.22 11.08 -12.44
C GLU A 86 -15.97 10.32 -11.97
N TRP A 87 -15.10 9.99 -12.88
CA TRP A 87 -13.85 9.23 -12.53
C TRP A 87 -12.64 10.18 -12.55
N LYS A 88 -11.85 10.18 -11.51
CA LYS A 88 -10.64 11.07 -11.50
C LYS A 88 -9.40 10.27 -11.08
N SER A 89 -8.24 10.68 -11.52
CA SER A 89 -6.98 9.95 -11.16
C SER A 89 -6.34 10.56 -9.91
N THR A 90 -6.14 9.75 -8.90
CA THR A 90 -5.49 10.24 -7.63
C THR A 90 -4.15 9.51 -7.44
N GLN A 91 -3.31 9.97 -6.55
CA GLN A 91 -1.98 9.31 -6.33
C GLN A 91 -1.63 9.33 -4.83
N ILE A 92 -0.79 8.43 -4.38
CA ILE A 92 -0.41 8.41 -2.93
C ILE A 92 0.89 7.60 -2.73
N LEU A 93 1.77 8.08 -1.88
CA LEU A 93 3.05 7.37 -1.65
C LEU A 93 2.96 6.52 -0.38
N LEU A 94 3.09 5.23 -0.51
CA LEU A 94 3.02 4.33 0.68
C LEU A 94 4.22 4.59 1.62
N ASP A 95 5.36 4.97 1.08
CA ASP A 95 6.55 5.25 1.93
C ASP A 95 6.30 6.52 2.79
N SER A 96 6.15 6.36 4.08
CA SER A 96 5.91 7.54 4.97
C SER A 96 5.71 7.09 6.42
N GLN A 97 4.57 7.37 7.01
CA GLN A 97 4.33 6.94 8.43
C GLN A 97 4.00 5.43 8.51
N ILE A 98 4.67 4.60 7.74
CA ILE A 98 4.39 3.12 7.80
C ILE A 98 5.71 2.37 7.98
N ASP A 99 5.75 1.42 8.87
CA ASP A 99 7.03 0.67 9.12
C ASP A 99 6.74 -0.80 9.46
N ASN A 100 7.70 -1.66 9.22
CA ASN A 100 7.52 -3.12 9.52
C ASN A 100 8.65 -3.62 10.44
N ASN A 101 8.34 -4.06 11.62
CA ASN A 101 9.41 -4.57 12.53
C ASN A 101 10.05 -5.84 11.93
N ASP A 102 11.22 -6.21 12.38
CA ASP A 102 11.91 -7.42 11.85
C ASP A 102 11.02 -8.68 11.94
N SER A 103 10.33 -8.86 13.04
CA SER A 103 9.42 -10.05 13.19
C SER A 103 7.94 -9.63 13.30
N GLN A 104 7.62 -8.36 13.30
CA GLN A 104 6.18 -7.98 13.41
C GLN A 104 5.87 -6.82 12.44
N LEU A 105 4.62 -6.65 12.10
CA LEU A 105 4.25 -5.55 11.15
C LEU A 105 3.19 -4.63 11.78
N GLU A 106 3.56 -3.41 12.11
CA GLU A 106 2.59 -2.46 12.73
C GLU A 106 2.89 -1.03 12.28
N ILE A 107 1.88 -0.26 12.04
CA ILE A 107 2.07 1.16 11.60
C ILE A 107 2.51 2.01 12.79
N GLY A 108 3.74 1.88 13.19
CA GLY A 108 4.28 2.65 14.34
C GLY A 108 4.23 1.76 15.57
N MET A 1 11.08 7.61 8.46
CA MET A 1 11.59 6.53 9.34
C MET A 1 11.47 5.18 8.62
N PRO A 2 12.26 4.21 9.00
CA PRO A 2 12.31 2.83 8.44
C PRO A 2 11.08 2.42 7.57
N ASN A 3 11.27 1.56 6.58
CA ASN A 3 10.10 1.18 5.70
C ASN A 3 10.21 -0.32 5.36
N PHE A 4 9.29 -0.85 4.61
CA PHE A 4 9.34 -2.30 4.26
C PHE A 4 10.13 -2.57 2.97
N SER A 5 10.80 -1.58 2.46
CA SER A 5 11.60 -1.79 1.20
C SER A 5 12.86 -2.59 1.56
N HIS A 6 13.89 -1.89 1.93
CA HIS A 6 15.19 -2.56 2.27
C HIS A 6 14.97 -3.75 3.23
N THR A 7 14.02 -3.64 4.13
CA THR A 7 13.80 -4.76 5.11
C THR A 7 13.12 -5.96 4.43
N CYS A 8 12.30 -5.71 3.45
CA CYS A 8 11.60 -6.84 2.74
C CYS A 8 11.84 -6.77 1.23
N SER A 9 11.71 -7.88 0.55
CA SER A 9 11.93 -7.87 -0.94
C SER A 9 10.77 -8.57 -1.65
N SER A 10 10.60 -8.36 -2.94
CA SER A 10 9.48 -9.00 -3.71
C SER A 10 8.14 -8.34 -3.35
N ILE A 11 8.07 -7.06 -3.53
CA ILE A 11 6.83 -6.29 -3.23
C ILE A 11 5.69 -6.64 -4.20
N ASN A 12 4.66 -7.27 -3.72
CA ASN A 12 3.51 -7.64 -4.61
C ASN A 12 2.22 -6.98 -4.09
N TYR A 13 1.33 -6.63 -4.98
CA TYR A 13 0.04 -5.98 -4.58
C TYR A 13 -1.07 -6.45 -5.50
N ASP A 14 -1.93 -7.31 -5.02
CA ASP A 14 -3.05 -7.77 -5.88
C ASP A 14 -4.15 -6.68 -5.90
N PRO A 15 -4.52 -6.20 -7.07
CA PRO A 15 -5.53 -5.12 -7.21
C PRO A 15 -6.97 -5.57 -6.85
N ASP A 16 -7.24 -6.85 -6.83
CA ASP A 16 -8.62 -7.30 -6.47
C ASP A 16 -8.80 -7.27 -4.94
N SER A 17 -8.04 -8.06 -4.23
CA SER A 17 -8.16 -8.13 -2.72
C SER A 17 -7.31 -7.05 -2.04
N THR A 18 -6.58 -6.28 -2.79
CA THR A 18 -5.69 -5.20 -2.21
C THR A 18 -4.87 -5.72 -1.02
N ILE A 19 -4.05 -6.71 -1.24
CA ILE A 19 -3.20 -7.24 -0.13
C ILE A 19 -1.73 -7.07 -0.51
N LEU A 20 -0.95 -6.50 0.37
CA LEU A 20 0.50 -6.33 0.05
C LEU A 20 1.31 -7.52 0.61
N SER A 21 1.98 -8.23 -0.24
CA SER A 21 2.77 -9.41 0.23
C SER A 21 4.26 -9.15 0.01
N ALA A 22 5.08 -9.54 0.94
CA ALA A 22 6.55 -9.32 0.81
C ALA A 22 7.30 -10.22 1.79
N GLU A 23 8.49 -10.63 1.45
CA GLU A 23 9.27 -11.51 2.37
C GLU A 23 10.19 -10.63 3.24
N CYS A 24 10.10 -10.78 4.54
CA CYS A 24 10.95 -9.94 5.44
C CYS A 24 11.87 -10.84 6.28
N GLN A 25 12.95 -10.30 6.78
CA GLN A 25 13.89 -11.12 7.62
C GLN A 25 13.52 -10.99 9.09
N ALA A 26 13.41 -12.08 9.79
CA ALA A 26 13.05 -12.01 11.24
C ALA A 26 14.30 -11.74 12.08
N ARG A 27 14.08 -11.38 13.31
CA ARG A 27 15.23 -11.10 14.22
C ARG A 27 16.10 -12.35 14.35
N ASP A 28 15.50 -13.51 14.29
CA ASP A 28 16.27 -14.78 14.40
C ASP A 28 17.05 -15.01 13.10
N GLY A 29 16.99 -14.08 12.19
CA GLY A 29 17.71 -14.24 10.90
C GLY A 29 16.90 -15.17 9.98
N GLU A 30 15.64 -15.37 10.28
CA GLU A 30 14.78 -16.25 9.44
C GLU A 30 13.82 -15.42 8.56
N TRP A 31 13.65 -15.82 7.32
CA TRP A 31 12.72 -15.08 6.40
C TRP A 31 11.29 -15.59 6.59
N LEU A 32 10.35 -14.73 6.87
CA LEU A 32 8.93 -15.17 7.04
C LEU A 32 7.99 -14.26 6.23
N PRO A 33 7.36 -14.80 5.20
CA PRO A 33 6.41 -14.04 4.33
C PRO A 33 5.49 -13.10 5.14
N THR A 34 5.16 -11.96 4.61
CA THR A 34 4.27 -11.01 5.36
C THR A 34 3.13 -10.50 4.47
N GLU A 35 1.96 -10.32 5.02
CA GLU A 35 0.80 -9.82 4.23
C GLU A 35 0.20 -8.59 4.93
N LEU A 36 -0.36 -7.65 4.18
CA LEU A 36 -0.97 -6.44 4.81
C LEU A 36 -2.17 -5.98 3.97
N ARG A 37 -3.22 -5.54 4.61
CA ARG A 37 -4.43 -5.05 3.85
C ARG A 37 -4.56 -3.53 4.00
N LEU A 38 -4.36 -2.78 2.95
CA LEU A 38 -4.48 -1.29 3.05
C LEU A 38 -5.92 -0.85 3.28
N SER A 39 -6.85 -1.52 2.66
CA SER A 39 -8.29 -1.15 2.82
C SER A 39 -8.56 -0.76 4.29
N ASP A 40 -7.80 -1.32 5.20
CA ASP A 40 -7.97 -1.01 6.65
C ASP A 40 -7.74 0.50 6.91
N HIS A 41 -6.76 1.08 6.26
CA HIS A 41 -6.49 2.54 6.48
C HIS A 41 -6.76 3.37 5.20
N ILE A 42 -7.36 2.79 4.19
CA ILE A 42 -7.61 3.58 2.93
C ILE A 42 -9.11 3.62 2.60
N GLY A 43 -9.66 4.81 2.51
CA GLY A 43 -11.13 4.95 2.18
C GLY A 43 -11.30 6.07 1.15
N ASN A 44 -12.43 6.14 0.50
CA ASN A 44 -12.66 7.21 -0.51
C ASN A 44 -13.25 8.44 0.16
N ILE A 45 -12.87 9.59 -0.27
CA ILE A 45 -13.41 10.82 0.33
C ILE A 45 -13.72 11.82 -0.79
N ASP A 46 -14.91 11.75 -1.29
CA ASP A 46 -15.36 12.66 -2.39
C ASP A 46 -14.45 12.58 -3.64
N GLY A 47 -13.82 11.46 -3.91
CA GLY A 47 -12.96 11.36 -5.15
C GLY A 47 -11.48 11.35 -4.79
N GLU A 48 -11.14 11.57 -3.54
CA GLU A 48 -9.70 11.58 -3.15
C GLU A 48 -9.37 10.41 -2.21
N LEU A 49 -8.11 10.10 -2.07
CA LEU A 49 -7.68 8.98 -1.16
C LEU A 49 -7.02 9.56 0.09
N GLN A 50 -7.33 9.05 1.25
CA GLN A 50 -6.70 9.58 2.50
C GLN A 50 -6.50 8.47 3.53
N PHE A 51 -5.55 8.66 4.41
CA PHE A 51 -5.27 7.68 5.48
C PHE A 51 -6.31 7.89 6.60
N GLY A 52 -6.65 6.85 7.32
CA GLY A 52 -7.65 7.00 8.42
C GLY A 52 -8.99 6.41 7.99
N ASP A 53 -9.32 6.52 6.74
CA ASP A 53 -10.61 5.96 6.25
C ASP A 53 -10.43 4.52 5.74
N GLN A 54 -11.52 3.87 5.42
CA GLN A 54 -11.44 2.45 4.92
C GLN A 54 -12.43 2.20 3.77
N ASN A 55 -12.32 1.10 3.06
CA ASN A 55 -13.28 0.83 1.93
C ASN A 55 -13.03 1.81 0.76
N PHE A 56 -12.08 1.50 -0.09
CA PHE A 56 -11.77 2.39 -1.25
C PHE A 56 -11.79 1.62 -2.59
N GLN A 57 -11.29 0.41 -2.63
CA GLN A 57 -11.29 -0.34 -3.94
C GLN A 57 -12.72 -0.50 -4.43
N GLU A 58 -13.67 -0.52 -3.54
CA GLU A 58 -15.10 -0.67 -3.95
C GLU A 58 -15.49 0.48 -4.88
N THR A 59 -14.89 1.63 -4.72
CA THR A 59 -15.23 2.80 -5.60
C THR A 59 -14.01 3.23 -6.42
N CYS A 60 -13.09 2.32 -6.65
CA CYS A 60 -11.87 2.69 -7.45
C CYS A 60 -11.38 1.52 -8.30
N GLN A 61 -10.67 1.81 -9.37
CA GLN A 61 -10.16 0.71 -10.26
C GLN A 61 -8.73 1.02 -10.73
N ASP A 62 -8.16 0.10 -11.49
CA ASP A 62 -6.78 0.25 -12.03
C ASP A 62 -5.75 0.59 -10.92
N CYS A 63 -5.86 0.02 -9.76
CA CYS A 63 -4.84 0.34 -8.71
C CYS A 63 -3.54 -0.37 -9.08
N ARG A 64 -2.46 0.34 -9.12
CA ARG A 64 -1.18 -0.32 -9.49
C ARG A 64 0.01 0.44 -8.93
N LEU A 65 1.01 -0.30 -8.56
CA LEU A 65 2.25 0.28 -8.02
C LEU A 65 3.15 0.67 -9.18
N GLU A 66 3.95 1.68 -9.01
CA GLU A 66 4.85 2.10 -10.14
C GLU A 66 6.25 2.42 -9.58
N PHE A 67 7.28 1.85 -10.15
CA PHE A 67 8.67 2.12 -9.66
C PHE A 67 9.20 3.42 -10.29
N GLY A 68 9.82 4.26 -9.51
CA GLY A 68 10.36 5.55 -10.06
C GLY A 68 11.78 5.34 -10.63
N ASP A 69 12.55 6.39 -10.75
CA ASP A 69 13.93 6.25 -11.29
C ASP A 69 14.70 5.18 -10.51
N GLY A 70 14.47 5.08 -9.22
CA GLY A 70 15.19 4.04 -8.41
C GLY A 70 14.19 3.00 -7.92
N GLU A 71 14.49 1.75 -8.09
CA GLU A 71 13.55 0.67 -7.65
C GLU A 71 13.42 0.69 -6.12
N GLN A 72 14.00 1.66 -5.46
CA GLN A 72 13.90 1.71 -3.97
C GLN A 72 12.53 2.27 -3.56
N SER A 73 11.67 2.50 -4.51
CA SER A 73 10.33 3.06 -4.17
C SER A 73 9.22 2.55 -5.08
N VAL A 74 8.01 2.45 -4.63
CA VAL A 74 6.92 1.99 -5.55
C VAL A 74 5.73 2.96 -5.31
N TRP A 75 5.10 3.47 -6.33
CA TRP A 75 3.99 4.45 -6.05
C TRP A 75 2.57 3.97 -6.40
N LEU A 76 1.66 4.09 -5.48
CA LEU A 76 0.27 3.58 -5.71
C LEU A 76 -0.69 4.63 -6.30
N VAL A 77 -1.03 4.43 -7.55
CA VAL A 77 -1.98 5.34 -8.28
C VAL A 77 -3.34 4.61 -8.47
N CYS A 78 -4.45 5.29 -8.32
CA CYS A 78 -5.77 4.61 -8.49
C CYS A 78 -6.83 5.59 -8.97
N THR A 79 -7.73 5.10 -9.77
CA THR A 79 -8.86 5.94 -10.26
C THR A 79 -10.01 5.74 -9.27
N CYS A 80 -10.48 6.78 -8.63
CA CYS A 80 -11.59 6.63 -7.63
C CYS A 80 -12.80 7.40 -8.13
N GLN A 81 -13.95 6.78 -8.16
CA GLN A 81 -15.17 7.49 -8.65
C GLN A 81 -15.55 8.64 -7.70
N THR A 82 -16.12 9.69 -8.23
CA THR A 82 -16.53 10.84 -7.36
C THR A 82 -17.97 10.60 -6.93
N MET A 83 -18.48 11.36 -6.01
CA MET A 83 -19.89 11.13 -5.57
C MET A 83 -20.86 11.33 -6.73
N ASP A 84 -20.58 12.28 -7.59
CA ASP A 84 -21.49 12.49 -8.75
C ASP A 84 -21.41 11.27 -9.69
N GLY A 85 -20.36 10.50 -9.59
CA GLY A 85 -20.22 9.29 -10.45
C GLY A 85 -19.09 9.48 -11.47
N GLU A 86 -18.38 10.58 -11.41
CA GLU A 86 -17.26 10.79 -12.38
C GLU A 86 -16.00 10.04 -11.91
N TRP A 87 -15.10 9.78 -12.83
CA TRP A 87 -13.85 9.05 -12.48
C TRP A 87 -12.65 10.02 -12.45
N LYS A 88 -11.88 10.01 -11.41
CA LYS A 88 -10.70 10.93 -11.35
C LYS A 88 -9.44 10.14 -10.94
N SER A 89 -8.29 10.58 -11.38
CA SER A 89 -7.02 9.87 -11.02
C SER A 89 -6.42 10.42 -9.71
N THR A 90 -6.27 9.58 -8.73
CA THR A 90 -5.67 10.00 -7.43
C THR A 90 -4.31 9.30 -7.24
N GLN A 91 -3.48 9.79 -6.35
CA GLN A 91 -2.14 9.15 -6.13
C GLN A 91 -1.78 9.19 -4.62
N ILE A 92 -0.90 8.33 -4.19
CA ILE A 92 -0.51 8.33 -2.73
C ILE A 92 0.82 7.58 -2.53
N LEU A 93 1.68 8.08 -1.69
CA LEU A 93 2.99 7.41 -1.46
C LEU A 93 2.91 6.49 -0.24
N LEU A 94 3.05 5.21 -0.43
CA LEU A 94 2.99 4.25 0.70
C LEU A 94 4.14 4.52 1.70
N ASP A 95 5.27 4.96 1.21
CA ASP A 95 6.42 5.24 2.12
C ASP A 95 6.14 6.50 2.96
N SER A 96 5.97 6.35 4.25
CA SER A 96 5.68 7.53 5.13
C SER A 96 5.54 7.09 6.59
N GLN A 97 4.41 7.31 7.20
CA GLN A 97 4.22 6.89 8.65
C GLN A 97 3.92 5.37 8.75
N ILE A 98 4.49 4.57 7.89
CA ILE A 98 4.26 3.08 7.96
C ILE A 98 5.61 2.35 7.96
N ASP A 99 5.76 1.38 8.81
CA ASP A 99 7.07 0.64 8.86
C ASP A 99 6.86 -0.83 9.25
N ASN A 100 7.84 -1.66 8.98
CA ASN A 100 7.72 -3.11 9.33
C ASN A 100 8.85 -3.53 10.30
N ASN A 101 8.52 -4.02 11.44
CA ASN A 101 9.59 -4.45 12.40
C ASN A 101 10.34 -5.66 11.82
N ASP A 102 11.48 -5.98 12.39
CA ASP A 102 12.29 -7.14 11.90
C ASP A 102 11.44 -8.43 11.80
N SER A 103 10.62 -8.70 12.78
CA SER A 103 9.74 -9.92 12.74
C SER A 103 8.25 -9.57 12.86
N GLN A 104 7.89 -8.32 12.95
CA GLN A 104 6.42 -8.00 13.07
C GLN A 104 6.08 -6.80 12.15
N LEU A 105 4.84 -6.70 11.72
CA LEU A 105 4.43 -5.57 10.83
C LEU A 105 3.37 -4.69 11.52
N GLU A 106 3.73 -3.51 11.91
CA GLU A 106 2.75 -2.60 12.59
C GLU A 106 3.06 -1.13 12.25
N ILE A 107 2.05 -0.33 12.10
CA ILE A 107 2.25 1.11 11.77
C ILE A 107 3.19 1.74 12.81
N GLY A 108 3.80 2.83 12.45
CA GLY A 108 4.74 3.54 13.37
C GLY A 108 4.01 3.79 14.70
N MET A 1 10.29 7.90 8.48
CA MET A 1 11.17 6.93 9.19
C MET A 1 11.12 5.58 8.47
N PRO A 2 12.13 4.76 8.64
CA PRO A 2 12.28 3.41 8.03
C PRO A 2 11.00 2.80 7.41
N ASN A 3 11.11 2.00 6.37
CA ASN A 3 9.86 1.42 5.74
C ASN A 3 10.15 -0.03 5.32
N PHE A 4 9.20 -0.68 4.71
CA PHE A 4 9.42 -2.12 4.30
C PHE A 4 10.20 -2.22 2.97
N SER A 5 10.95 -1.22 2.62
CA SER A 5 11.74 -1.30 1.35
C SER A 5 12.97 -2.19 1.58
N HIS A 6 14.03 -1.61 2.06
CA HIS A 6 15.28 -2.37 2.30
C HIS A 6 15.03 -3.58 3.23
N THR A 7 14.16 -3.45 4.20
CA THR A 7 13.92 -4.59 5.14
C THR A 7 13.19 -5.74 4.43
N CYS A 8 12.37 -5.45 3.46
CA CYS A 8 11.63 -6.51 2.73
C CYS A 8 11.86 -6.42 1.22
N SER A 9 11.70 -7.50 0.51
CA SER A 9 11.91 -7.46 -0.98
C SER A 9 10.76 -8.20 -1.69
N SER A 10 10.61 -7.98 -2.97
CA SER A 10 9.51 -8.65 -3.75
C SER A 10 8.14 -8.07 -3.35
N ILE A 11 8.00 -6.79 -3.50
CA ILE A 11 6.73 -6.10 -3.14
C ILE A 11 5.59 -6.48 -4.10
N ASN A 12 4.55 -7.09 -3.58
CA ASN A 12 3.40 -7.48 -4.44
C ASN A 12 2.11 -6.81 -3.94
N TYR A 13 1.23 -6.45 -4.84
CA TYR A 13 -0.04 -5.79 -4.45
C TYR A 13 -1.18 -6.32 -5.33
N ASP A 14 -2.03 -7.15 -4.80
CA ASP A 14 -3.16 -7.66 -5.62
C ASP A 14 -4.27 -6.58 -5.64
N PRO A 15 -4.68 -6.16 -6.81
CA PRO A 15 -5.73 -5.09 -6.94
C PRO A 15 -7.14 -5.56 -6.55
N ASP A 16 -7.39 -6.86 -6.49
CA ASP A 16 -8.75 -7.33 -6.10
C ASP A 16 -8.92 -7.21 -4.57
N SER A 17 -8.21 -8.03 -3.82
CA SER A 17 -8.33 -8.03 -2.32
C SER A 17 -7.41 -6.97 -1.68
N THR A 18 -6.69 -6.22 -2.47
CA THR A 18 -5.74 -5.18 -1.94
C THR A 18 -4.92 -5.71 -0.75
N ILE A 19 -4.11 -6.71 -0.98
CA ILE A 19 -3.27 -7.26 0.13
C ILE A 19 -1.79 -7.06 -0.24
N LEU A 20 -1.01 -6.50 0.66
CA LEU A 20 0.44 -6.31 0.36
C LEU A 20 1.24 -7.51 0.88
N SER A 21 1.94 -8.19 0.01
CA SER A 21 2.74 -9.37 0.45
C SER A 21 4.23 -9.12 0.16
N ALA A 22 5.08 -9.49 1.08
CA ALA A 22 6.54 -9.27 0.87
C ALA A 22 7.32 -10.17 1.84
N GLU A 23 8.51 -10.55 1.47
CA GLU A 23 9.34 -11.42 2.37
C GLU A 23 10.29 -10.54 3.19
N CYS A 24 10.29 -10.70 4.48
CA CYS A 24 11.17 -9.86 5.34
C CYS A 24 12.08 -10.74 6.20
N GLN A 25 13.16 -10.21 6.70
CA GLN A 25 14.09 -11.02 7.55
C GLN A 25 13.64 -10.95 9.01
N ALA A 26 13.53 -12.08 9.66
CA ALA A 26 13.08 -12.07 11.08
C ALA A 26 14.27 -11.84 12.01
N ARG A 27 13.99 -11.55 13.24
CA ARG A 27 15.07 -11.31 14.23
C ARG A 27 15.97 -12.55 14.33
N ASP A 28 15.41 -13.71 14.14
CA ASP A 28 16.20 -14.97 14.22
C ASP A 28 17.05 -15.10 12.95
N GLY A 29 17.02 -14.11 12.09
CA GLY A 29 17.81 -14.18 10.84
C GLY A 29 17.08 -15.07 9.82
N GLU A 30 15.83 -15.35 10.07
CA GLU A 30 15.04 -16.21 9.12
C GLU A 30 14.11 -15.34 8.24
N TRP A 31 14.00 -15.69 6.97
CA TRP A 31 13.11 -14.91 6.04
C TRP A 31 11.67 -15.44 6.13
N LEU A 32 10.71 -14.58 6.35
CA LEU A 32 9.29 -15.04 6.42
C LEU A 32 8.39 -14.12 5.56
N PRO A 33 7.28 -14.62 5.09
CA PRO A 33 6.32 -13.84 4.26
C PRO A 33 5.24 -13.14 5.12
N THR A 34 4.90 -11.92 4.82
CA THR A 34 3.86 -11.20 5.63
C THR A 34 2.81 -10.57 4.72
N GLU A 35 1.57 -10.55 5.16
CA GLU A 35 0.46 -9.95 4.35
C GLU A 35 -0.13 -8.75 5.10
N LEU A 36 -0.59 -7.74 4.38
CA LEU A 36 -1.19 -6.54 5.06
C LEU A 36 -2.38 -6.02 4.23
N ARG A 37 -3.45 -5.62 4.86
CA ARG A 37 -4.63 -5.08 4.12
C ARG A 37 -4.68 -3.54 4.25
N LEU A 38 -4.38 -2.82 3.21
CA LEU A 38 -4.43 -1.32 3.31
C LEU A 38 -5.85 -0.82 3.52
N SER A 39 -6.81 -1.44 2.89
CA SER A 39 -8.23 -0.99 3.05
C SER A 39 -8.49 -0.61 4.52
N ASP A 40 -7.75 -1.19 5.42
CA ASP A 40 -7.92 -0.88 6.88
C ASP A 40 -7.68 0.62 7.14
N HIS A 41 -6.74 1.22 6.46
CA HIS A 41 -6.45 2.68 6.68
C HIS A 41 -6.70 3.50 5.40
N ILE A 42 -7.30 2.94 4.39
CA ILE A 42 -7.54 3.73 3.13
C ILE A 42 -9.02 3.67 2.70
N GLY A 43 -9.65 4.81 2.58
CA GLY A 43 -11.08 4.86 2.16
C GLY A 43 -11.27 5.96 1.11
N ASN A 44 -12.41 6.03 0.49
CA ASN A 44 -12.65 7.09 -0.54
C ASN A 44 -13.27 8.31 0.12
N ILE A 45 -12.88 9.47 -0.31
CA ILE A 45 -13.44 10.70 0.28
C ILE A 45 -13.74 11.68 -0.85
N ASP A 46 -14.96 11.67 -1.31
CA ASP A 46 -15.40 12.56 -2.41
C ASP A 46 -14.50 12.46 -3.67
N GLY A 47 -13.89 11.33 -3.92
CA GLY A 47 -13.05 11.21 -5.17
C GLY A 47 -11.55 11.24 -4.82
N GLU A 48 -11.20 11.50 -3.59
CA GLU A 48 -9.76 11.55 -3.22
C GLU A 48 -9.38 10.37 -2.32
N LEU A 49 -8.11 10.10 -2.20
CA LEU A 49 -7.63 8.96 -1.34
C LEU A 49 -6.93 9.53 -0.10
N GLN A 50 -7.25 9.06 1.08
CA GLN A 50 -6.57 9.58 2.31
C GLN A 50 -6.41 8.47 3.36
N PHE A 51 -5.49 8.68 4.25
CA PHE A 51 -5.23 7.69 5.34
C PHE A 51 -6.27 7.94 6.45
N GLY A 52 -6.64 6.92 7.19
CA GLY A 52 -7.63 7.08 8.28
C GLY A 52 -8.99 6.55 7.84
N ASP A 53 -9.22 6.45 6.55
CA ASP A 53 -10.52 5.94 6.06
C ASP A 53 -10.40 4.47 5.62
N GLN A 54 -11.50 3.86 5.24
CA GLN A 54 -11.47 2.43 4.81
C GLN A 54 -12.43 2.19 3.62
N ASN A 55 -12.35 1.05 2.97
CA ASN A 55 -13.29 0.77 1.82
C ASN A 55 -13.00 1.74 0.66
N PHE A 56 -11.99 1.47 -0.13
CA PHE A 56 -11.65 2.35 -1.29
C PHE A 56 -11.69 1.58 -2.62
N GLN A 57 -11.20 0.37 -2.68
CA GLN A 57 -11.21 -0.37 -3.98
C GLN A 57 -12.67 -0.56 -4.45
N GLU A 58 -13.60 -0.50 -3.55
CA GLU A 58 -15.03 -0.67 -3.93
C GLU A 58 -15.45 0.47 -4.89
N THR A 59 -14.85 1.62 -4.74
CA THR A 59 -15.21 2.78 -5.63
C THR A 59 -14.00 3.23 -6.45
N CYS A 60 -13.10 2.32 -6.75
CA CYS A 60 -11.88 2.71 -7.55
C CYS A 60 -11.40 1.55 -8.43
N GLN A 61 -10.69 1.86 -9.49
CA GLN A 61 -10.19 0.78 -10.41
C GLN A 61 -8.77 1.12 -10.91
N ASP A 62 -8.22 0.22 -11.69
CA ASP A 62 -6.84 0.39 -12.26
C ASP A 62 -5.79 0.69 -11.17
N CYS A 63 -5.87 0.04 -10.04
CA CYS A 63 -4.82 0.33 -9.00
C CYS A 63 -3.52 -0.33 -9.43
N ARG A 64 -2.45 0.40 -9.46
CA ARG A 64 -1.18 -0.22 -9.88
C ARG A 64 0.02 0.46 -9.21
N LEU A 65 1.03 -0.32 -8.99
CA LEU A 65 2.27 0.19 -8.37
C LEU A 65 3.15 0.79 -9.46
N GLU A 66 4.00 1.72 -9.11
CA GLU A 66 4.88 2.33 -10.15
C GLU A 66 6.29 2.55 -9.56
N PHE A 67 7.31 1.99 -10.16
CA PHE A 67 8.69 2.19 -9.62
C PHE A 67 9.30 3.47 -10.20
N GLY A 68 9.96 4.25 -9.38
CA GLY A 68 10.57 5.53 -9.88
C GLY A 68 12.00 5.28 -10.39
N ASP A 69 12.82 6.28 -10.41
CA ASP A 69 14.23 6.10 -10.90
C ASP A 69 14.91 4.96 -10.13
N GLY A 70 14.64 4.84 -8.86
CA GLY A 70 15.28 3.73 -8.06
C GLY A 70 14.22 2.68 -7.73
N GLU A 71 14.51 1.44 -7.97
CA GLU A 71 13.53 0.35 -7.68
C GLU A 71 13.33 0.21 -6.16
N GLN A 72 13.91 1.09 -5.39
CA GLN A 72 13.75 0.98 -3.90
C GLN A 72 12.40 1.57 -3.49
N SER A 73 11.57 1.91 -4.44
CA SER A 73 10.25 2.50 -4.09
C SER A 73 9.14 2.09 -5.06
N VAL A 74 7.91 2.00 -4.61
CA VAL A 74 6.81 1.63 -5.57
C VAL A 74 5.66 2.62 -5.30
N TRP A 75 5.06 3.22 -6.30
CA TRP A 75 3.97 4.20 -5.97
C TRP A 75 2.54 3.77 -6.34
N LEU A 76 1.62 3.94 -5.42
CA LEU A 76 0.22 3.47 -5.64
C LEU A 76 -0.70 4.55 -6.24
N VAL A 77 -1.08 4.34 -7.49
CA VAL A 77 -2.00 5.29 -8.22
C VAL A 77 -3.34 4.56 -8.47
N CYS A 78 -4.46 5.23 -8.30
CA CYS A 78 -5.78 4.56 -8.54
C CYS A 78 -6.84 5.57 -8.99
N THR A 79 -7.72 5.12 -9.82
CA THR A 79 -8.84 5.98 -10.29
C THR A 79 -10.00 5.76 -9.30
N CYS A 80 -10.46 6.79 -8.66
CA CYS A 80 -11.58 6.62 -7.66
C CYS A 80 -12.79 7.40 -8.16
N GLN A 81 -13.93 6.78 -8.20
CA GLN A 81 -15.16 7.50 -8.69
C GLN A 81 -15.54 8.65 -7.74
N THR A 82 -16.10 9.71 -8.27
CA THR A 82 -16.51 10.85 -7.40
C THR A 82 -17.96 10.61 -6.98
N MET A 83 -18.46 11.37 -6.05
CA MET A 83 -19.88 11.15 -5.62
C MET A 83 -20.84 11.36 -6.79
N ASP A 84 -20.55 12.31 -7.65
CA ASP A 84 -21.44 12.54 -8.81
C ASP A 84 -21.35 11.34 -9.78
N GLY A 85 -20.34 10.52 -9.63
CA GLY A 85 -20.20 9.32 -10.51
C GLY A 85 -19.07 9.52 -11.53
N GLU A 86 -18.35 10.62 -11.45
CA GLU A 86 -17.23 10.85 -12.41
C GLU A 86 -15.98 10.09 -11.95
N TRP A 87 -15.06 9.85 -12.85
CA TRP A 87 -13.81 9.10 -12.50
C TRP A 87 -12.62 10.07 -12.48
N LYS A 88 -11.84 10.06 -11.43
CA LYS A 88 -10.65 10.96 -11.38
C LYS A 88 -9.40 10.17 -10.97
N SER A 89 -8.25 10.60 -11.42
CA SER A 89 -6.97 9.87 -11.06
C SER A 89 -6.34 10.47 -9.80
N THR A 90 -6.12 9.67 -8.81
CA THR A 90 -5.47 10.15 -7.54
C THR A 90 -4.14 9.40 -7.34
N GLN A 91 -3.30 9.86 -6.46
CA GLN A 91 -1.97 9.18 -6.21
C GLN A 91 -1.65 9.18 -4.71
N ILE A 92 -0.80 8.28 -4.27
CA ILE A 92 -0.44 8.25 -2.81
C ILE A 92 0.85 7.45 -2.60
N LEU A 93 1.72 7.93 -1.75
CA LEU A 93 3.01 7.21 -1.50
C LEU A 93 2.91 6.35 -0.24
N LEU A 94 3.05 5.06 -0.39
CA LEU A 94 2.97 4.14 0.78
C LEU A 94 4.10 4.44 1.78
N ASP A 95 5.24 4.89 1.30
CA ASP A 95 6.37 5.20 2.23
C ASP A 95 6.04 6.46 3.06
N SER A 96 5.82 6.31 4.34
CA SER A 96 5.49 7.49 5.21
C SER A 96 5.38 7.05 6.68
N GLN A 97 4.24 7.25 7.30
CA GLN A 97 4.10 6.85 8.74
C GLN A 97 3.81 5.33 8.87
N ILE A 98 4.37 4.51 8.01
CA ILE A 98 4.13 3.03 8.09
C ILE A 98 5.49 2.31 8.08
N ASP A 99 5.67 1.35 8.93
CA ASP A 99 6.98 0.62 8.97
C ASP A 99 6.78 -0.86 9.32
N ASN A 100 7.79 -1.67 9.10
CA ASN A 100 7.69 -3.13 9.39
C ASN A 100 8.81 -3.55 10.37
N ASN A 101 8.47 -4.14 11.48
CA ASN A 101 9.52 -4.59 12.44
C ASN A 101 10.31 -5.77 11.84
N ASP A 102 11.43 -6.09 12.42
CA ASP A 102 12.28 -7.23 11.91
C ASP A 102 11.45 -8.53 11.76
N SER A 103 10.64 -8.84 12.74
CA SER A 103 9.79 -10.09 12.66
C SER A 103 8.29 -9.77 12.73
N GLN A 104 7.89 -8.52 12.83
CA GLN A 104 6.42 -8.23 12.88
C GLN A 104 6.09 -7.03 11.99
N LEU A 105 4.85 -6.91 11.56
CA LEU A 105 4.47 -5.75 10.68
C LEU A 105 3.37 -4.91 11.36
N GLU A 106 3.70 -3.71 11.76
CA GLU A 106 2.69 -2.84 12.43
C GLU A 106 3.04 -1.36 12.21
N ILE A 107 2.05 -0.52 12.17
CA ILE A 107 2.29 0.94 11.94
C ILE A 107 3.30 1.45 12.97
N GLY A 108 4.01 2.49 12.63
CA GLY A 108 5.03 3.07 13.55
C GLY A 108 4.34 4.16 14.40
N MET A 1 11.06 6.95 10.24
CA MET A 1 12.25 6.04 10.19
C MET A 1 12.01 4.98 9.10
N PRO A 2 13.06 4.36 8.62
CA PRO A 2 13.05 3.30 7.59
C PRO A 2 11.67 2.64 7.29
N ASN A 3 11.43 2.17 6.09
CA ASN A 3 10.08 1.56 5.79
C ASN A 3 10.29 0.07 5.41
N PHE A 4 9.31 -0.56 4.85
CA PHE A 4 9.43 -2.00 4.49
C PHE A 4 10.18 -2.21 3.15
N SER A 5 10.92 -1.23 2.71
CA SER A 5 11.68 -1.39 1.43
C SER A 5 12.87 -2.29 1.67
N HIS A 6 13.96 -1.72 2.10
CA HIS A 6 15.21 -2.50 2.34
C HIS A 6 14.94 -3.70 3.27
N THR A 7 14.07 -3.55 4.24
CA THR A 7 13.81 -4.69 5.18
C THR A 7 13.06 -5.83 4.48
N CYS A 8 12.25 -5.52 3.51
CA CYS A 8 11.50 -6.59 2.77
C CYS A 8 11.75 -6.50 1.26
N SER A 9 11.61 -7.61 0.57
CA SER A 9 11.83 -7.60 -0.91
C SER A 9 10.70 -8.34 -1.63
N SER A 10 10.56 -8.15 -2.92
CA SER A 10 9.46 -8.83 -3.70
C SER A 10 8.10 -8.22 -3.33
N ILE A 11 7.98 -6.94 -3.49
CA ILE A 11 6.70 -6.23 -3.16
C ILE A 11 5.58 -6.61 -4.15
N ASN A 12 4.56 -7.26 -3.68
CA ASN A 12 3.43 -7.64 -4.58
C ASN A 12 2.14 -6.93 -4.12
N TYR A 13 1.27 -6.62 -5.04
CA TYR A 13 -0.01 -5.93 -4.69
C TYR A 13 -1.14 -6.50 -5.53
N ASP A 14 -1.97 -7.32 -4.96
CA ASP A 14 -3.11 -7.87 -5.74
C ASP A 14 -4.24 -6.81 -5.79
N PRO A 15 -4.64 -6.41 -6.97
CA PRO A 15 -5.69 -5.36 -7.14
C PRO A 15 -7.10 -5.83 -6.75
N ASP A 16 -7.35 -7.11 -6.71
CA ASP A 16 -8.72 -7.59 -6.32
C ASP A 16 -8.90 -7.47 -4.79
N SER A 17 -8.19 -8.27 -4.03
CA SER A 17 -8.32 -8.25 -2.53
C SER A 17 -7.43 -7.17 -1.90
N THR A 18 -6.72 -6.41 -2.69
CA THR A 18 -5.81 -5.33 -2.15
C THR A 18 -4.96 -5.84 -0.97
N ILE A 19 -4.18 -6.86 -1.19
CA ILE A 19 -3.31 -7.38 -0.08
C ILE A 19 -1.85 -7.18 -0.47
N LEU A 20 -1.07 -6.60 0.39
CA LEU A 20 0.38 -6.39 0.07
C LEU A 20 1.21 -7.56 0.61
N SER A 21 1.90 -8.26 -0.25
CA SER A 21 2.71 -9.42 0.21
C SER A 21 4.20 -9.14 -0.05
N ALA A 22 5.04 -9.47 0.89
CA ALA A 22 6.49 -9.23 0.71
C ALA A 22 7.30 -10.14 1.64
N GLU A 23 8.51 -10.47 1.28
CA GLU A 23 9.34 -11.35 2.15
C GLU A 23 10.22 -10.48 3.06
N CYS A 24 10.14 -10.67 4.34
CA CYS A 24 10.97 -9.85 5.28
C CYS A 24 11.88 -10.75 6.12
N GLN A 25 12.98 -10.22 6.59
CA GLN A 25 13.94 -11.04 7.41
C GLN A 25 13.59 -10.87 8.90
N ALA A 26 13.50 -11.95 9.62
CA ALA A 26 13.17 -11.85 11.07
C ALA A 26 14.42 -11.54 11.88
N ARG A 27 14.24 -11.23 13.12
CA ARG A 27 15.40 -10.92 14.00
C ARG A 27 16.36 -12.11 14.04
N ASP A 28 15.82 -13.30 13.94
CA ASP A 28 16.66 -14.53 13.97
C ASP A 28 17.40 -14.67 12.63
N GLY A 29 17.19 -13.73 11.74
CA GLY A 29 17.88 -13.80 10.41
C GLY A 29 17.10 -14.77 9.51
N GLU A 30 15.87 -15.05 9.83
CA GLU A 30 15.05 -15.98 9.00
C GLU A 30 14.02 -15.21 8.15
N TRP A 31 13.82 -15.63 6.92
CA TRP A 31 12.83 -14.94 6.02
C TRP A 31 11.41 -15.46 6.32
N LEU A 32 10.47 -14.58 6.52
CA LEU A 32 9.06 -15.02 6.80
C LEU A 32 8.07 -14.13 6.04
N PRO A 33 7.48 -14.66 4.98
CA PRO A 33 6.48 -13.92 4.15
C PRO A 33 5.49 -13.10 5.00
N THR A 34 5.11 -11.93 4.56
CA THR A 34 4.15 -11.11 5.37
C THR A 34 3.03 -10.55 4.46
N GLU A 35 1.84 -10.44 5.00
CA GLU A 35 0.69 -9.91 4.20
C GLU A 35 0.09 -8.68 4.92
N LEU A 36 -0.45 -7.74 4.18
CA LEU A 36 -1.06 -6.53 4.83
C LEU A 36 -2.27 -6.05 4.00
N ARG A 37 -3.33 -5.65 4.65
CA ARG A 37 -4.55 -5.15 3.91
C ARG A 37 -4.64 -3.63 4.02
N LEU A 38 -4.40 -2.91 2.95
CA LEU A 38 -4.48 -1.41 3.02
C LEU A 38 -5.91 -0.94 3.27
N SER A 39 -6.87 -1.60 2.68
CA SER A 39 -8.30 -1.19 2.89
C SER A 39 -8.52 -0.77 4.34
N ASP A 40 -7.74 -1.31 5.24
CA ASP A 40 -7.88 -0.98 6.70
C ASP A 40 -7.62 0.53 6.91
N HIS A 41 -6.65 1.10 6.22
CA HIS A 41 -6.36 2.56 6.41
C HIS A 41 -6.65 3.35 5.12
N ILE A 42 -7.26 2.76 4.13
CA ILE A 42 -7.53 3.52 2.86
C ILE A 42 -9.04 3.60 2.57
N GLY A 43 -9.56 4.80 2.49
CA GLY A 43 -11.03 4.97 2.20
C GLY A 43 -11.21 6.08 1.16
N ASN A 44 -12.36 6.17 0.55
CA ASN A 44 -12.60 7.23 -0.48
C ASN A 44 -13.17 8.47 0.20
N ILE A 45 -12.79 9.62 -0.25
CA ILE A 45 -13.34 10.86 0.36
C ILE A 45 -13.65 11.84 -0.76
N ASP A 46 -14.86 11.78 -1.25
CA ASP A 46 -15.31 12.69 -2.34
C ASP A 46 -14.42 12.60 -3.61
N GLY A 47 -13.81 11.47 -3.88
CA GLY A 47 -12.97 11.37 -5.13
C GLY A 47 -11.48 11.37 -4.79
N GLU A 48 -11.12 11.61 -3.56
CA GLU A 48 -9.67 11.63 -3.18
C GLU A 48 -9.31 10.44 -2.28
N LEU A 49 -8.05 10.14 -2.18
CA LEU A 49 -7.60 8.99 -1.31
C LEU A 49 -6.90 9.56 -0.05
N GLN A 50 -7.19 9.03 1.10
CA GLN A 50 -6.54 9.55 2.34
C GLN A 50 -6.34 8.43 3.37
N PHE A 51 -5.43 8.63 4.27
CA PHE A 51 -5.15 7.64 5.34
C PHE A 51 -6.15 7.87 6.48
N GLY A 52 -6.47 6.85 7.23
CA GLY A 52 -7.45 7.03 8.36
C GLY A 52 -8.80 6.42 7.98
N ASP A 53 -9.17 6.53 6.73
CA ASP A 53 -10.48 5.97 6.29
C ASP A 53 -10.32 4.53 5.78
N GLN A 54 -11.41 3.88 5.46
CA GLN A 54 -11.34 2.47 4.95
C GLN A 54 -12.35 2.23 3.82
N ASN A 55 -12.26 1.13 3.11
CA ASN A 55 -13.25 0.86 2.00
C ASN A 55 -13.00 1.82 0.83
N PHE A 56 -12.06 1.51 -0.02
CA PHE A 56 -11.75 2.39 -1.20
C PHE A 56 -11.78 1.60 -2.53
N GLN A 57 -11.29 0.40 -2.56
CA GLN A 57 -11.32 -0.37 -3.85
C GLN A 57 -12.76 -0.55 -4.33
N GLU A 58 -13.69 -0.52 -3.42
CA GLU A 58 -15.13 -0.68 -3.80
C GLU A 58 -15.53 0.44 -4.76
N THR A 59 -14.91 1.58 -4.66
CA THR A 59 -15.26 2.73 -5.56
C THR A 59 -14.03 3.16 -6.37
N CYS A 60 -13.11 2.27 -6.62
CA CYS A 60 -11.89 2.65 -7.40
C CYS A 60 -11.39 1.47 -8.24
N GLN A 61 -10.68 1.75 -9.30
CA GLN A 61 -10.16 0.65 -10.19
C GLN A 61 -8.74 0.97 -10.69
N ASP A 62 -8.18 0.06 -11.45
CA ASP A 62 -6.80 0.22 -12.01
C ASP A 62 -5.77 0.55 -10.92
N CYS A 63 -5.84 -0.05 -9.77
CA CYS A 63 -4.81 0.26 -8.73
C CYS A 63 -3.51 -0.41 -9.13
N ARG A 64 -2.43 0.31 -9.17
CA ARG A 64 -1.16 -0.33 -9.56
C ARG A 64 0.04 0.41 -8.97
N LEU A 65 1.04 -0.35 -8.66
CA LEU A 65 2.28 0.22 -8.09
C LEU A 65 3.18 0.69 -9.23
N GLU A 66 4.01 1.66 -9.00
CA GLU A 66 4.90 2.13 -10.09
C GLU A 66 6.31 2.41 -9.53
N PHE A 67 7.32 1.84 -10.12
CA PHE A 67 8.71 2.07 -9.61
C PHE A 67 9.29 3.35 -10.25
N GLY A 68 9.95 4.17 -9.48
CA GLY A 68 10.54 5.43 -10.03
C GLY A 68 11.95 5.17 -10.59
N ASP A 69 12.75 6.19 -10.71
CA ASP A 69 14.14 6.00 -11.24
C ASP A 69 14.87 4.89 -10.46
N GLY A 70 14.64 4.80 -9.17
CA GLY A 70 15.31 3.73 -8.37
C GLY A 70 14.27 2.70 -7.93
N GLU A 71 14.55 1.45 -8.13
CA GLU A 71 13.59 0.38 -7.75
C GLU A 71 13.43 0.33 -6.22
N GLN A 72 14.03 1.26 -5.51
CA GLN A 72 13.92 1.24 -4.02
C GLN A 72 12.57 1.85 -3.61
N SER A 73 11.72 2.13 -4.55
CA SER A 73 10.41 2.73 -4.20
C SER A 73 9.27 2.24 -5.11
N VAL A 74 8.05 2.19 -4.62
CA VAL A 74 6.94 1.77 -5.52
C VAL A 74 5.77 2.75 -5.26
N TRP A 75 5.16 3.31 -6.27
CA TRP A 75 4.07 4.31 -5.97
C TRP A 75 2.63 3.87 -6.32
N LEU A 76 1.72 4.01 -5.39
CA LEU A 76 0.32 3.55 -5.60
C LEU A 76 -0.60 4.62 -6.20
N VAL A 77 -1.05 4.37 -7.42
CA VAL A 77 -1.99 5.29 -8.15
C VAL A 77 -3.33 4.55 -8.39
N CYS A 78 -4.45 5.22 -8.22
CA CYS A 78 -5.77 4.53 -8.44
C CYS A 78 -6.83 5.51 -8.91
N THR A 79 -7.72 5.04 -9.73
CA THR A 79 -8.84 5.88 -10.20
C THR A 79 -10.00 5.70 -9.21
N CYS A 80 -10.48 6.75 -8.61
CA CYS A 80 -11.58 6.60 -7.60
C CYS A 80 -12.80 7.38 -8.10
N GLN A 81 -13.95 6.77 -8.15
CA GLN A 81 -15.16 7.49 -8.63
C GLN A 81 -15.53 8.65 -7.69
N THR A 82 -16.09 9.70 -8.23
CA THR A 82 -16.48 10.86 -7.36
C THR A 82 -17.93 10.64 -6.92
N MET A 83 -18.41 11.42 -6.01
CA MET A 83 -19.82 11.20 -5.55
C MET A 83 -20.79 11.41 -6.72
N ASP A 84 -20.52 12.33 -7.59
CA ASP A 84 -21.43 12.55 -8.74
C ASP A 84 -21.38 11.32 -9.67
N GLY A 85 -20.33 10.54 -9.57
CA GLY A 85 -20.21 9.32 -10.43
C GLY A 85 -19.10 9.49 -11.46
N GLU A 86 -18.38 10.57 -11.42
CA GLU A 86 -17.27 10.77 -12.41
C GLU A 86 -16.01 10.02 -11.94
N TRP A 87 -15.11 9.74 -12.86
CA TRP A 87 -13.86 9.01 -12.50
C TRP A 87 -12.66 9.96 -12.50
N LYS A 88 -11.88 9.97 -11.46
CA LYS A 88 -10.69 10.87 -11.43
C LYS A 88 -9.44 10.08 -11.02
N SER A 89 -8.28 10.54 -11.43
CA SER A 89 -7.01 9.81 -11.07
C SER A 89 -6.36 10.45 -9.84
N THR A 90 -6.12 9.65 -8.82
CA THR A 90 -5.46 10.17 -7.57
C THR A 90 -4.12 9.43 -7.37
N GLN A 91 -3.28 9.91 -6.49
CA GLN A 91 -1.95 9.24 -6.26
C GLN A 91 -1.62 9.25 -4.75
N ILE A 92 -0.78 8.34 -4.32
CA ILE A 92 -0.42 8.30 -2.86
C ILE A 92 0.89 7.53 -2.66
N LEU A 93 1.77 8.03 -1.82
CA LEU A 93 3.07 7.32 -1.59
C LEU A 93 3.01 6.52 -0.29
N LEU A 94 3.21 5.23 -0.38
CA LEU A 94 3.18 4.36 0.84
C LEU A 94 4.34 4.73 1.79
N ASP A 95 5.44 5.18 1.25
CA ASP A 95 6.60 5.57 2.13
C ASP A 95 6.24 6.79 2.99
N SER A 96 5.98 6.58 4.26
CA SER A 96 5.61 7.71 5.17
C SER A 96 5.44 7.22 6.61
N GLN A 97 4.29 7.43 7.21
CA GLN A 97 4.07 6.95 8.62
C GLN A 97 3.77 5.45 8.66
N ILE A 98 4.46 4.64 7.88
CA ILE A 98 4.20 3.16 7.90
C ILE A 98 5.55 2.43 8.07
N ASP A 99 5.59 1.45 8.91
CA ASP A 99 6.87 0.71 9.14
C ASP A 99 6.62 -0.77 9.46
N ASN A 100 7.59 -1.61 9.18
CA ASN A 100 7.43 -3.08 9.47
C ASN A 100 8.57 -3.57 10.38
N ASN A 101 8.25 -4.06 11.53
CA ASN A 101 9.32 -4.57 12.44
C ASN A 101 9.97 -5.83 11.83
N ASP A 102 11.13 -6.19 12.30
CA ASP A 102 11.85 -7.39 11.77
C ASP A 102 10.96 -8.66 11.82
N SER A 103 10.23 -8.84 12.90
CA SER A 103 9.32 -10.03 13.01
C SER A 103 7.84 -9.62 13.14
N GLN A 104 7.53 -8.35 13.16
CA GLN A 104 6.08 -7.96 13.29
C GLN A 104 5.75 -6.81 12.33
N LEU A 105 4.51 -6.69 11.92
CA LEU A 105 4.13 -5.59 10.97
C LEU A 105 3.00 -4.73 11.58
N GLU A 106 3.31 -3.51 11.92
CA GLU A 106 2.25 -2.61 12.51
C GLU A 106 2.58 -1.14 12.20
N ILE A 107 1.57 -0.33 12.10
CA ILE A 107 1.78 1.12 11.79
C ILE A 107 2.07 1.88 13.09
N GLY A 108 3.27 1.75 13.59
CA GLY A 108 3.67 2.44 14.85
C GLY A 108 4.93 3.26 14.56
N MET A 1 9.47 7.31 9.46
CA MET A 1 10.42 6.30 10.01
C MET A 1 10.53 5.12 9.04
N PRO A 2 11.60 4.38 9.11
CA PRO A 2 11.90 3.18 8.27
C PRO A 2 10.70 2.57 7.51
N ASN A 3 10.91 1.96 6.36
CA ASN A 3 9.73 1.38 5.59
C ASN A 3 10.06 -0.08 5.21
N PHE A 4 9.17 -0.75 4.56
CA PHE A 4 9.42 -2.18 4.19
C PHE A 4 10.22 -2.30 2.88
N SER A 5 10.96 -1.30 2.51
CA SER A 5 11.76 -1.37 1.25
C SER A 5 12.98 -2.28 1.51
N HIS A 6 14.02 -1.70 2.02
CA HIS A 6 15.28 -2.47 2.28
C HIS A 6 15.00 -3.67 3.22
N THR A 7 14.13 -3.51 4.18
CA THR A 7 13.87 -4.64 5.14
C THR A 7 13.13 -5.79 4.45
N CYS A 8 12.34 -5.50 3.47
CA CYS A 8 11.59 -6.59 2.74
C CYS A 8 11.84 -6.51 1.23
N SER A 9 11.70 -7.61 0.55
CA SER A 9 11.92 -7.60 -0.94
C SER A 9 10.78 -8.34 -1.65
N SER A 10 10.62 -8.14 -2.94
CA SER A 10 9.52 -8.82 -3.72
C SER A 10 8.16 -8.22 -3.34
N ILE A 11 8.01 -6.95 -3.53
CA ILE A 11 6.74 -6.24 -3.19
C ILE A 11 5.61 -6.65 -4.15
N ASN A 12 4.56 -7.24 -3.63
CA ASN A 12 3.41 -7.65 -4.49
C ASN A 12 2.12 -6.97 -4.02
N TYR A 13 1.27 -6.61 -4.94
CA TYR A 13 -0.01 -5.92 -4.57
C TYR A 13 -1.15 -6.48 -5.43
N ASP A 14 -1.99 -7.30 -4.87
CA ASP A 14 -3.12 -7.84 -5.67
C ASP A 14 -4.22 -6.77 -5.77
N PRO A 15 -4.49 -6.27 -6.96
CA PRO A 15 -5.52 -5.22 -7.17
C PRO A 15 -6.94 -5.63 -6.72
N ASP A 16 -7.21 -6.91 -6.62
CA ASP A 16 -8.57 -7.34 -6.18
C ASP A 16 -8.72 -7.14 -4.65
N SER A 17 -8.06 -7.97 -3.87
CA SER A 17 -8.17 -7.90 -2.37
C SER A 17 -7.22 -6.84 -1.79
N THR A 18 -6.49 -6.14 -2.62
CA THR A 18 -5.51 -5.09 -2.14
C THR A 18 -4.68 -5.59 -0.96
N ILE A 19 -3.97 -6.67 -1.13
CA ILE A 19 -3.13 -7.20 0.00
C ILE A 19 -1.65 -7.02 -0.38
N LEU A 20 -0.87 -6.47 0.51
CA LEU A 20 0.59 -6.29 0.21
C LEU A 20 1.37 -7.49 0.76
N SER A 21 2.08 -8.19 -0.10
CA SER A 21 2.87 -9.36 0.37
C SER A 21 4.36 -9.12 0.09
N ALA A 22 5.20 -9.47 1.02
CA ALA A 22 6.66 -9.27 0.83
C ALA A 22 7.44 -10.16 1.81
N GLU A 23 8.64 -10.54 1.45
CA GLU A 23 9.45 -11.40 2.35
C GLU A 23 10.37 -10.51 3.20
N CYS A 24 10.36 -10.69 4.49
CA CYS A 24 11.22 -9.84 5.38
C CYS A 24 12.13 -10.73 6.25
N GLN A 25 13.20 -10.18 6.75
CA GLN A 25 14.13 -10.99 7.61
C GLN A 25 13.64 -10.94 9.06
N ALA A 26 13.57 -12.07 9.71
CA ALA A 26 13.09 -12.09 11.12
C ALA A 26 14.27 -11.84 12.07
N ARG A 27 13.97 -11.53 13.29
CA ARG A 27 15.03 -11.28 14.29
C ARG A 27 15.94 -12.51 14.43
N ASP A 28 15.38 -13.68 14.23
CA ASP A 28 16.17 -14.93 14.34
C ASP A 28 17.03 -15.09 13.08
N GLY A 29 17.01 -14.11 12.22
CA GLY A 29 17.81 -14.20 10.97
C GLY A 29 17.08 -15.09 9.97
N GLU A 30 15.82 -15.32 10.17
CA GLU A 30 15.03 -16.18 9.22
C GLU A 30 14.11 -15.32 8.32
N TRP A 31 14.03 -15.66 7.06
CA TRP A 31 13.16 -14.89 6.11
C TRP A 31 11.72 -15.40 6.18
N LEU A 32 10.76 -14.55 6.37
CA LEU A 32 9.33 -14.99 6.43
C LEU A 32 8.45 -14.07 5.56
N PRO A 33 7.34 -14.57 5.08
CA PRO A 33 6.38 -13.79 4.24
C PRO A 33 5.31 -13.09 5.07
N THR A 34 4.98 -11.86 4.76
CA THR A 34 3.93 -11.14 5.56
C THR A 34 2.89 -10.50 4.65
N GLU A 35 1.65 -10.48 5.06
CA GLU A 35 0.56 -9.88 4.23
C GLU A 35 -0.03 -8.66 4.97
N LEU A 36 -0.49 -7.66 4.24
CA LEU A 36 -1.08 -6.46 4.91
C LEU A 36 -2.27 -5.94 4.07
N ARG A 37 -3.34 -5.55 4.70
CA ARG A 37 -4.53 -5.02 3.96
C ARG A 37 -4.60 -3.49 4.10
N LEU A 38 -4.31 -2.76 3.06
CA LEU A 38 -4.37 -1.26 3.16
C LEU A 38 -5.80 -0.77 3.35
N SER A 39 -6.74 -1.39 2.69
CA SER A 39 -8.16 -0.96 2.81
C SER A 39 -8.48 -0.61 4.28
N ASP A 40 -7.76 -1.20 5.19
CA ASP A 40 -7.98 -0.94 6.65
C ASP A 40 -7.74 0.56 6.96
N HIS A 41 -6.74 1.16 6.34
CA HIS A 41 -6.46 2.61 6.62
C HIS A 41 -6.73 3.48 5.36
N ILE A 42 -7.37 2.95 4.35
CA ILE A 42 -7.62 3.78 3.12
C ILE A 42 -9.10 3.73 2.72
N GLY A 43 -9.73 4.87 2.61
CA GLY A 43 -11.18 4.92 2.20
C GLY A 43 -11.38 6.04 1.17
N ASN A 44 -12.52 6.08 0.54
CA ASN A 44 -12.77 7.15 -0.48
C ASN A 44 -13.45 8.34 0.19
N ILE A 45 -13.07 9.52 -0.19
CA ILE A 45 -13.70 10.71 0.41
C ILE A 45 -13.99 11.72 -0.70
N ASP A 46 -15.17 11.64 -1.25
CA ASP A 46 -15.60 12.56 -2.33
C ASP A 46 -14.64 12.53 -3.56
N GLY A 47 -14.01 11.42 -3.84
CA GLY A 47 -13.11 11.37 -5.05
C GLY A 47 -11.64 11.44 -4.64
N GLU A 48 -11.35 11.68 -3.40
CA GLU A 48 -9.92 11.78 -2.95
C GLU A 48 -9.52 10.56 -2.08
N LEU A 49 -8.25 10.28 -1.99
CA LEU A 49 -7.77 9.12 -1.17
C LEU A 49 -7.06 9.66 0.08
N GLN A 50 -7.36 9.15 1.24
CA GLN A 50 -6.68 9.64 2.48
C GLN A 50 -6.48 8.51 3.49
N PHE A 51 -5.52 8.67 4.36
CA PHE A 51 -5.25 7.65 5.40
C PHE A 51 -6.27 7.83 6.54
N GLY A 52 -6.59 6.79 7.25
CA GLY A 52 -7.59 6.89 8.35
C GLY A 52 -8.94 6.33 7.90
N ASP A 53 -9.27 6.49 6.65
CA ASP A 53 -10.57 5.96 6.15
C ASP A 53 -10.42 4.49 5.70
N GLN A 54 -11.52 3.87 5.34
CA GLN A 54 -11.47 2.44 4.88
C GLN A 54 -12.45 2.19 3.71
N ASN A 55 -12.35 1.07 3.03
CA ASN A 55 -13.30 0.79 1.90
C ASN A 55 -13.05 1.76 0.73
N PHE A 56 -12.07 1.49 -0.10
CA PHE A 56 -11.77 2.38 -1.26
C PHE A 56 -11.80 1.61 -2.60
N GLN A 57 -11.32 0.40 -2.64
CA GLN A 57 -11.34 -0.35 -3.94
C GLN A 57 -12.79 -0.51 -4.44
N GLU A 58 -13.73 -0.43 -3.54
CA GLU A 58 -15.16 -0.57 -3.95
C GLU A 58 -15.54 0.57 -4.92
N THR A 59 -14.92 1.72 -4.78
CA THR A 59 -15.24 2.86 -5.69
C THR A 59 -14.00 3.29 -6.48
N CYS A 60 -13.06 2.40 -6.67
CA CYS A 60 -11.82 2.76 -7.43
C CYS A 60 -11.32 1.56 -8.25
N GLN A 61 -10.62 1.83 -9.32
CA GLN A 61 -10.11 0.71 -10.19
C GLN A 61 -8.65 0.98 -10.63
N ASP A 62 -8.10 0.04 -11.35
CA ASP A 62 -6.69 0.15 -11.86
C ASP A 62 -5.69 0.49 -10.74
N CYS A 63 -5.88 0.00 -9.54
CA CYS A 63 -4.89 0.32 -8.47
C CYS A 63 -3.61 -0.45 -8.75
N ARG A 64 -2.50 0.23 -8.83
CA ARG A 64 -1.24 -0.51 -9.11
C ARG A 64 -0.02 0.27 -8.62
N LEU A 65 0.98 -0.46 -8.27
CA LEU A 65 2.23 0.14 -7.79
C LEU A 65 3.09 0.50 -9.00
N GLU A 66 3.95 1.47 -8.88
CA GLU A 66 4.81 1.84 -10.04
C GLU A 66 6.24 2.11 -9.55
N PHE A 67 7.23 1.56 -10.21
CA PHE A 67 8.65 1.80 -9.77
C PHE A 67 9.18 3.09 -10.42
N GLY A 68 9.78 3.95 -9.64
CA GLY A 68 10.34 5.24 -10.21
C GLY A 68 11.74 5.01 -10.78
N ASP A 69 12.50 6.06 -10.93
CA ASP A 69 13.88 5.92 -11.49
C ASP A 69 14.67 4.86 -10.69
N GLY A 70 14.47 4.81 -9.40
CA GLY A 70 15.20 3.80 -8.56
C GLY A 70 14.22 2.74 -8.07
N GLU A 71 14.55 1.50 -8.23
CA GLU A 71 13.63 0.41 -7.79
C GLU A 71 13.52 0.41 -6.25
N GLN A 72 14.10 1.38 -5.58
CA GLN A 72 14.03 1.42 -4.10
C GLN A 72 12.67 1.97 -3.66
N SER A 73 11.83 2.28 -4.60
CA SER A 73 10.49 2.84 -4.23
C SER A 73 9.37 2.37 -5.16
N VAL A 74 8.14 2.29 -4.69
CA VAL A 74 7.05 1.87 -5.63
C VAL A 74 5.87 2.83 -5.35
N TRP A 75 5.22 3.40 -6.34
CA TRP A 75 4.13 4.36 -6.00
C TRP A 75 2.70 3.89 -6.36
N LEU A 76 1.78 4.06 -5.44
CA LEU A 76 0.38 3.57 -5.66
C LEU A 76 -0.56 4.63 -6.27
N VAL A 77 -0.93 4.40 -7.51
CA VAL A 77 -1.88 5.31 -8.25
C VAL A 77 -3.25 4.61 -8.37
N CYS A 78 -4.34 5.33 -8.22
CA CYS A 78 -5.69 4.68 -8.32
C CYS A 78 -6.74 5.67 -8.82
N THR A 79 -7.62 5.19 -9.64
CA THR A 79 -8.73 6.02 -10.16
C THR A 79 -9.90 5.82 -9.19
N CYS A 80 -10.40 6.87 -8.60
CA CYS A 80 -11.54 6.72 -7.62
C CYS A 80 -12.75 7.49 -8.15
N GLN A 81 -13.88 6.86 -8.24
CA GLN A 81 -15.09 7.59 -8.75
C GLN A 81 -15.52 8.70 -7.80
N THR A 82 -16.09 9.75 -8.33
CA THR A 82 -16.55 10.88 -7.45
C THR A 82 -18.00 10.61 -7.06
N MET A 83 -18.53 11.35 -6.13
CA MET A 83 -19.95 11.10 -5.73
C MET A 83 -20.90 11.31 -6.92
N ASP A 84 -20.62 12.28 -7.75
CA ASP A 84 -21.49 12.51 -8.93
C ASP A 84 -21.38 11.32 -9.90
N GLY A 85 -20.33 10.54 -9.77
CA GLY A 85 -20.16 9.36 -10.67
C GLY A 85 -19.01 9.58 -11.65
N GLU A 86 -18.34 10.71 -11.57
CA GLU A 86 -17.20 10.96 -12.51
C GLU A 86 -15.94 10.22 -12.03
N TRP A 87 -15.02 9.96 -12.93
CA TRP A 87 -13.77 9.22 -12.56
C TRP A 87 -12.59 10.21 -12.49
N LYS A 88 -11.84 10.20 -11.43
CA LYS A 88 -10.66 11.11 -11.34
C LYS A 88 -9.41 10.32 -10.93
N SER A 89 -8.26 10.72 -11.42
CA SER A 89 -6.99 9.99 -11.08
C SER A 89 -6.35 10.59 -9.82
N THR A 90 -6.12 9.76 -8.83
CA THR A 90 -5.47 10.24 -7.56
C THR A 90 -4.15 9.46 -7.35
N GLN A 91 -3.31 9.91 -6.46
CA GLN A 91 -2.01 9.20 -6.22
C GLN A 91 -1.66 9.22 -4.72
N ILE A 92 -0.80 8.35 -4.27
CA ILE A 92 -0.43 8.35 -2.81
C ILE A 92 0.85 7.51 -2.59
N LEU A 93 1.74 7.98 -1.76
CA LEU A 93 3.01 7.24 -1.51
C LEU A 93 2.86 6.35 -0.27
N LEU A 94 2.98 5.06 -0.44
CA LEU A 94 2.86 4.13 0.72
C LEU A 94 4.01 4.36 1.72
N ASP A 95 5.16 4.76 1.26
CA ASP A 95 6.30 5.03 2.18
C ASP A 95 6.03 6.31 3.01
N SER A 96 5.88 6.18 4.30
CA SER A 96 5.61 7.38 5.16
C SER A 96 5.45 6.97 6.63
N GLN A 97 4.31 7.21 7.23
CA GLN A 97 4.11 6.82 8.67
C GLN A 97 3.83 5.31 8.80
N ILE A 98 4.39 4.50 7.94
CA ILE A 98 4.16 3.00 8.03
C ILE A 98 5.52 2.30 8.00
N ASP A 99 5.71 1.32 8.84
CA ASP A 99 7.03 0.61 8.88
C ASP A 99 6.84 -0.88 9.23
N ASN A 100 7.84 -1.68 8.99
CA ASN A 100 7.76 -3.14 9.30
C ASN A 100 8.87 -3.55 10.28
N ASN A 101 8.52 -4.10 11.41
CA ASN A 101 9.57 -4.53 12.38
C ASN A 101 10.34 -5.74 11.81
N ASP A 102 11.45 -6.07 12.39
CA ASP A 102 12.28 -7.23 11.92
C ASP A 102 11.44 -8.53 11.82
N SER A 103 10.61 -8.79 12.79
CA SER A 103 9.74 -10.03 12.75
C SER A 103 8.25 -9.69 12.84
N GLN A 104 7.87 -8.42 12.89
CA GLN A 104 6.41 -8.10 12.97
C GLN A 104 6.08 -6.92 12.05
N LEU A 105 4.84 -6.80 11.64
CA LEU A 105 4.46 -5.67 10.73
C LEU A 105 3.33 -4.84 11.36
N GLU A 106 3.64 -3.63 11.75
CA GLU A 106 2.60 -2.74 12.38
C GLU A 106 2.93 -1.27 12.12
N ILE A 107 1.93 -0.44 12.05
CA ILE A 107 2.16 1.01 11.80
C ILE A 107 3.14 1.56 12.85
N GLY A 108 3.82 2.61 12.52
CA GLY A 108 4.81 3.23 13.46
C GLY A 108 4.85 4.73 13.16
N MET A 1 10.91 8.29 7.01
CA MET A 1 11.96 7.44 7.63
C MET A 1 11.75 5.98 7.17
N PRO A 2 12.78 5.18 7.24
CA PRO A 2 12.79 3.73 6.86
C PRO A 2 11.41 3.07 6.66
N ASN A 3 11.27 2.11 5.79
CA ASN A 3 9.92 1.47 5.57
C ASN A 3 10.12 -0.02 5.25
N PHE A 4 9.14 -0.66 4.67
CA PHE A 4 9.27 -2.12 4.37
C PHE A 4 10.05 -2.38 3.07
N SER A 5 10.70 -1.39 2.53
CA SER A 5 11.48 -1.59 1.28
C SER A 5 12.75 -2.38 1.61
N HIS A 6 13.78 -1.68 2.00
CA HIS A 6 15.08 -2.34 2.32
C HIS A 6 14.87 -3.54 3.27
N THR A 7 13.96 -3.44 4.20
CA THR A 7 13.76 -4.58 5.17
C THR A 7 13.10 -5.78 4.48
N CYS A 8 12.28 -5.54 3.49
CA CYS A 8 11.60 -6.67 2.78
C CYS A 8 11.86 -6.61 1.27
N SER A 9 11.73 -7.72 0.61
CA SER A 9 11.96 -7.74 -0.89
C SER A 9 10.82 -8.48 -1.60
N SER A 10 10.68 -8.29 -2.89
CA SER A 10 9.58 -8.98 -3.66
C SER A 10 8.22 -8.36 -3.30
N ILE A 11 8.11 -7.08 -3.47
CA ILE A 11 6.83 -6.37 -3.16
C ILE A 11 5.71 -6.75 -4.13
N ASN A 12 4.68 -7.41 -3.66
CA ASN A 12 3.55 -7.79 -4.54
C ASN A 12 2.26 -7.10 -4.08
N TYR A 13 1.38 -6.81 -5.00
CA TYR A 13 0.10 -6.13 -4.65
C TYR A 13 -1.03 -6.71 -5.48
N ASP A 14 -1.86 -7.53 -4.91
CA ASP A 14 -2.99 -8.09 -5.70
C ASP A 14 -4.09 -7.02 -5.79
N PRO A 15 -4.53 -6.70 -7.00
CA PRO A 15 -5.57 -5.66 -7.22
C PRO A 15 -6.98 -6.09 -6.77
N ASP A 16 -7.25 -7.37 -6.67
CA ASP A 16 -8.61 -7.79 -6.23
C ASP A 16 -8.75 -7.59 -4.70
N SER A 17 -7.97 -8.29 -3.93
CA SER A 17 -8.04 -8.18 -2.42
C SER A 17 -7.21 -7.00 -1.89
N THR A 18 -6.49 -6.33 -2.76
CA THR A 18 -5.63 -5.16 -2.33
C THR A 18 -4.77 -5.51 -1.10
N ILE A 19 -4.00 -6.55 -1.17
CA ILE A 19 -3.13 -6.94 -0.01
C ILE A 19 -1.66 -6.83 -0.44
N LEU A 20 -0.82 -6.32 0.41
CA LEU A 20 0.64 -6.20 0.05
C LEU A 20 1.40 -7.41 0.62
N SER A 21 2.03 -8.17 -0.22
CA SER A 21 2.81 -9.35 0.27
C SER A 21 4.29 -9.15 -0.02
N ALA A 22 5.12 -9.45 0.93
CA ALA A 22 6.60 -9.27 0.74
C ALA A 22 7.36 -10.16 1.73
N GLU A 23 8.57 -10.52 1.41
CA GLU A 23 9.37 -11.38 2.32
C GLU A 23 10.26 -10.50 3.20
N CYS A 24 10.19 -10.67 4.49
CA CYS A 24 11.02 -9.82 5.40
C CYS A 24 11.95 -10.69 6.26
N GLN A 25 13.06 -10.16 6.70
CA GLN A 25 14.01 -10.95 7.54
C GLN A 25 13.63 -10.83 9.01
N ALA A 26 13.55 -11.93 9.71
CA ALA A 26 13.18 -11.86 11.15
C ALA A 26 14.40 -11.51 11.99
N ARG A 27 14.19 -11.24 13.24
CA ARG A 27 15.32 -10.89 14.14
C ARG A 27 16.33 -12.04 14.18
N ASP A 28 15.85 -13.25 14.09
CA ASP A 28 16.76 -14.43 14.12
C ASP A 28 17.44 -14.56 12.74
N GLY A 29 17.17 -13.65 11.85
CA GLY A 29 17.80 -13.74 10.49
C GLY A 29 16.95 -14.64 9.61
N GLU A 30 15.89 -15.20 10.14
CA GLU A 30 15.01 -16.10 9.33
C GLU A 30 14.01 -15.28 8.49
N TRP A 31 13.81 -15.68 7.25
CA TRP A 31 12.86 -14.95 6.35
C TRP A 31 11.43 -15.44 6.60
N LEU A 32 10.51 -14.56 6.89
CA LEU A 32 9.09 -14.98 7.12
C LEU A 32 8.13 -14.10 6.30
N PRO A 33 7.52 -14.66 5.28
CA PRO A 33 6.56 -13.93 4.40
C PRO A 33 5.61 -13.01 5.21
N THR A 34 5.24 -11.88 4.67
CA THR A 34 4.33 -10.96 5.42
C THR A 34 3.23 -10.40 4.50
N GLU A 35 2.04 -10.23 5.03
CA GLU A 35 0.90 -9.69 4.21
C GLU A 35 0.29 -8.47 4.91
N LEU A 36 -0.27 -7.55 4.16
CA LEU A 36 -0.91 -6.35 4.81
C LEU A 36 -2.15 -5.93 4.00
N ARG A 37 -3.26 -5.71 4.67
CA ARG A 37 -4.52 -5.30 3.95
C ARG A 37 -4.67 -3.76 4.02
N LEU A 38 -4.39 -3.07 2.95
CA LEU A 38 -4.51 -1.57 2.98
C LEU A 38 -5.98 -1.14 3.12
N SER A 39 -6.86 -1.79 2.40
CA SER A 39 -8.31 -1.41 2.48
C SER A 39 -8.71 -1.18 3.95
N ASP A 40 -7.91 -1.67 4.86
CA ASP A 40 -8.19 -1.49 6.33
C ASP A 40 -7.89 -0.03 6.74
N HIS A 41 -6.87 0.58 6.17
CA HIS A 41 -6.54 2.00 6.54
C HIS A 41 -6.79 2.97 5.36
N ILE A 42 -7.46 2.54 4.32
CA ILE A 42 -7.69 3.47 3.16
C ILE A 42 -9.17 3.46 2.74
N GLY A 43 -9.77 4.62 2.63
CA GLY A 43 -11.21 4.72 2.20
C GLY A 43 -11.38 5.86 1.20
N ASN A 44 -12.50 5.95 0.55
CA ASN A 44 -12.72 7.05 -0.43
C ASN A 44 -13.35 8.24 0.27
N ILE A 45 -12.94 9.42 -0.08
CA ILE A 45 -13.53 10.62 0.55
C ILE A 45 -13.79 11.66 -0.54
N ASP A 46 -14.98 11.65 -1.06
CA ASP A 46 -15.38 12.61 -2.12
C ASP A 46 -14.45 12.56 -3.36
N GLY A 47 -13.82 11.44 -3.65
CA GLY A 47 -12.94 11.38 -4.86
C GLY A 47 -11.45 11.40 -4.47
N GLU A 48 -11.15 11.59 -3.22
CA GLU A 48 -9.71 11.64 -2.79
C GLU A 48 -9.34 10.41 -1.95
N LEU A 49 -8.08 10.07 -1.91
CA LEU A 49 -7.62 8.89 -1.11
C LEU A 49 -6.91 9.39 0.16
N GLN A 50 -7.24 8.85 1.31
CA GLN A 50 -6.57 9.30 2.56
C GLN A 50 -6.41 8.14 3.55
N PHE A 51 -5.45 8.25 4.42
CA PHE A 51 -5.20 7.19 5.45
C PHE A 51 -6.19 7.41 6.60
N GLY A 52 -6.52 6.37 7.33
CA GLY A 52 -7.48 6.51 8.46
C GLY A 52 -8.84 5.94 8.06
N ASP A 53 -9.21 6.08 6.82
CA ASP A 53 -10.53 5.53 6.37
C ASP A 53 -10.37 4.10 5.84
N GLN A 54 -11.47 3.49 5.44
CA GLN A 54 -11.41 2.09 4.92
C GLN A 54 -12.40 1.89 3.74
N ASN A 55 -12.26 0.83 2.98
CA ASN A 55 -13.21 0.60 1.84
C ASN A 55 -12.97 1.63 0.72
N PHE A 56 -12.06 1.37 -0.17
CA PHE A 56 -11.78 2.32 -1.29
C PHE A 56 -11.82 1.62 -2.67
N GLN A 57 -11.35 0.40 -2.77
CA GLN A 57 -11.38 -0.28 -4.11
C GLN A 57 -12.82 -0.39 -4.60
N GLU A 58 -13.77 -0.39 -3.70
CA GLU A 58 -15.20 -0.49 -4.11
C GLU A 58 -15.56 0.69 -5.02
N THR A 59 -14.94 1.83 -4.82
CA THR A 59 -15.24 3.03 -5.67
C THR A 59 -14.01 3.43 -6.47
N CYS A 60 -13.09 2.53 -6.69
CA CYS A 60 -11.86 2.88 -7.47
C CYS A 60 -11.39 1.70 -8.33
N GLN A 61 -10.67 1.98 -9.39
CA GLN A 61 -10.18 0.87 -10.28
C GLN A 61 -8.74 1.16 -10.75
N ASP A 62 -8.20 0.22 -11.50
CA ASP A 62 -6.81 0.35 -12.05
C ASP A 62 -5.78 0.66 -10.94
N CYS A 63 -5.90 0.08 -9.78
CA CYS A 63 -4.87 0.39 -8.73
C CYS A 63 -3.57 -0.32 -9.11
N ARG A 64 -2.49 0.38 -9.13
CA ARG A 64 -1.22 -0.29 -9.50
C ARG A 64 -0.01 0.45 -8.93
N LEU A 65 0.97 -0.31 -8.56
CA LEU A 65 2.21 0.25 -8.00
C LEU A 65 3.13 0.66 -9.17
N GLU A 66 3.98 1.62 -8.97
CA GLU A 66 4.89 2.03 -10.07
C GLU A 66 6.30 2.26 -9.53
N PHE A 67 7.30 1.70 -10.15
CA PHE A 67 8.70 1.90 -9.64
C PHE A 67 9.30 3.19 -10.24
N GLY A 68 9.96 3.98 -9.45
CA GLY A 68 10.57 5.26 -9.97
C GLY A 68 12.00 5.01 -10.44
N ASP A 69 12.83 6.02 -10.41
CA ASP A 69 14.25 5.85 -10.85
C ASP A 69 14.90 4.67 -10.12
N GLY A 70 14.58 4.48 -8.87
CA GLY A 70 15.18 3.32 -8.10
C GLY A 70 14.09 2.29 -7.83
N GLU A 71 14.36 1.05 -8.12
CA GLU A 71 13.35 -0.03 -7.88
C GLU A 71 13.10 -0.20 -6.38
N GLN A 72 13.75 0.58 -5.55
CA GLN A 72 13.55 0.44 -4.08
C GLN A 72 12.19 1.03 -3.70
N SER A 73 11.71 1.97 -4.45
CA SER A 73 10.39 2.59 -4.10
C SER A 73 9.28 2.17 -5.07
N VAL A 74 8.06 2.07 -4.62
CA VAL A 74 6.96 1.72 -5.58
C VAL A 74 5.80 2.70 -5.30
N TRP A 75 5.19 3.30 -6.30
CA TRP A 75 4.12 4.31 -5.96
C TRP A 75 2.68 3.89 -6.34
N LEU A 76 1.77 4.01 -5.40
CA LEU A 76 0.37 3.56 -5.64
C LEU A 76 -0.55 4.66 -6.22
N VAL A 77 -1.01 4.42 -7.43
CA VAL A 77 -1.94 5.37 -8.14
C VAL A 77 -3.30 4.66 -8.38
N CYS A 78 -4.40 5.37 -8.20
CA CYS A 78 -5.74 4.71 -8.42
C CYS A 78 -6.79 5.72 -8.87
N THR A 79 -7.66 5.28 -9.71
CA THR A 79 -8.77 6.14 -10.18
C THR A 79 -9.94 5.95 -9.20
N CYS A 80 -10.39 6.98 -8.56
CA CYS A 80 -11.51 6.83 -7.56
C CYS A 80 -12.71 7.63 -8.06
N GLN A 81 -13.87 7.02 -8.12
CA GLN A 81 -15.07 7.78 -8.60
C GLN A 81 -15.46 8.89 -7.62
N THR A 82 -16.03 9.96 -8.12
CA THR A 82 -16.44 11.07 -7.21
C THR A 82 -17.90 10.83 -6.82
N MET A 83 -18.42 11.58 -5.88
CA MET A 83 -19.84 11.36 -5.47
C MET A 83 -20.78 11.61 -6.65
N ASP A 84 -20.48 12.57 -7.48
CA ASP A 84 -21.36 12.84 -8.65
C ASP A 84 -21.28 11.66 -9.63
N GLY A 85 -20.25 10.86 -9.53
CA GLY A 85 -20.11 9.68 -10.44
C GLY A 85 -18.97 9.89 -11.43
N GLU A 86 -18.28 10.99 -11.35
CA GLU A 86 -17.15 11.24 -12.30
C GLU A 86 -15.90 10.46 -11.85
N TRP A 87 -15.02 10.16 -12.77
CA TRP A 87 -13.78 9.39 -12.43
C TRP A 87 -12.56 10.34 -12.41
N LYS A 88 -11.77 10.30 -11.37
CA LYS A 88 -10.57 11.17 -11.33
C LYS A 88 -9.33 10.36 -10.93
N SER A 89 -8.16 10.81 -11.31
CA SER A 89 -6.90 10.06 -10.97
C SER A 89 -6.24 10.66 -9.72
N THR A 90 -6.01 9.84 -8.72
CA THR A 90 -5.34 10.31 -7.46
C THR A 90 -4.03 9.53 -7.27
N GLN A 91 -3.18 9.97 -6.38
CA GLN A 91 -1.86 9.27 -6.16
C GLN A 91 -1.54 9.24 -4.66
N ILE A 92 -0.75 8.30 -4.22
CA ILE A 92 -0.39 8.23 -2.77
C ILE A 92 0.93 7.45 -2.58
N LEU A 93 1.81 7.95 -1.74
CA LEU A 93 3.12 7.25 -1.52
C LEU A 93 3.06 6.41 -0.24
N LEU A 94 3.25 5.13 -0.35
CA LEU A 94 3.22 4.24 0.86
C LEU A 94 4.34 4.62 1.83
N ASP A 95 5.46 5.10 1.32
CA ASP A 95 6.59 5.50 2.22
C ASP A 95 6.19 6.73 3.07
N SER A 96 5.90 6.52 4.33
CA SER A 96 5.49 7.65 5.22
C SER A 96 5.27 7.17 6.66
N GLN A 97 4.08 7.33 7.19
CA GLN A 97 3.82 6.86 8.60
C GLN A 97 3.55 5.34 8.63
N ILE A 98 4.25 4.57 7.83
CA ILE A 98 4.05 3.08 7.83
C ILE A 98 5.42 2.39 7.97
N ASP A 99 5.52 1.42 8.84
CA ASP A 99 6.83 0.73 9.04
C ASP A 99 6.63 -0.76 9.38
N ASN A 100 7.63 -1.56 9.14
CA ASN A 100 7.53 -3.02 9.44
C ASN A 100 8.66 -3.46 10.38
N ASN A 101 8.33 -3.98 11.53
CA ASN A 101 9.39 -4.44 12.47
C ASN A 101 10.11 -5.68 11.89
N ASP A 102 11.25 -6.02 12.44
CA ASP A 102 12.02 -7.21 11.95
C ASP A 102 11.14 -8.48 11.90
N SER A 103 10.33 -8.70 12.90
CA SER A 103 9.44 -9.91 12.91
C SER A 103 7.95 -9.52 13.04
N GLN A 104 7.61 -8.27 13.08
CA GLN A 104 6.16 -7.90 13.21
C GLN A 104 5.82 -6.73 12.27
N LEU A 105 4.58 -6.60 11.88
CA LEU A 105 4.18 -5.48 10.96
C LEU A 105 3.04 -4.66 11.57
N GLU A 106 3.30 -3.43 11.94
CA GLU A 106 2.24 -2.58 12.54
C GLU A 106 2.48 -1.11 12.16
N ILE A 107 1.41 -0.37 11.93
CA ILE A 107 1.54 1.06 11.55
C ILE A 107 1.88 1.89 12.80
N GLY A 108 3.11 1.81 13.23
CA GLY A 108 3.55 2.56 14.44
C GLY A 108 3.89 3.99 14.00
N MET A 1 10.57 6.39 10.73
CA MET A 1 11.74 5.47 10.73
C MET A 1 11.62 4.53 9.52
N PRO A 2 12.73 3.99 9.07
CA PRO A 2 12.85 3.06 7.92
C PRO A 2 11.52 2.40 7.44
N ASN A 3 11.38 2.11 6.16
CA ASN A 3 10.08 1.50 5.68
C ASN A 3 10.33 0.02 5.33
N PHE A 4 9.36 -0.64 4.76
CA PHE A 4 9.52 -2.09 4.42
C PHE A 4 10.29 -2.30 3.10
N SER A 5 10.94 -1.29 2.61
CA SER A 5 11.72 -1.44 1.33
C SER A 5 12.95 -2.29 1.61
N HIS A 6 14.01 -1.66 2.03
CA HIS A 6 15.28 -2.40 2.30
C HIS A 6 15.05 -3.60 3.24
N THR A 7 14.15 -3.49 4.18
CA THR A 7 13.92 -4.62 5.13
C THR A 7 13.20 -5.79 4.44
N CYS A 8 12.37 -5.50 3.47
CA CYS A 8 11.63 -6.59 2.75
C CYS A 8 11.84 -6.48 1.23
N SER A 9 11.67 -7.58 0.54
CA SER A 9 11.84 -7.55 -0.96
C SER A 9 10.69 -8.30 -1.65
N SER A 10 10.53 -8.12 -2.94
CA SER A 10 9.43 -8.82 -3.69
C SER A 10 8.07 -8.19 -3.33
N ILE A 11 7.96 -6.92 -3.49
CA ILE A 11 6.70 -6.19 -3.16
C ILE A 11 5.57 -6.56 -4.15
N ASN A 12 4.55 -7.24 -3.69
CA ASN A 12 3.42 -7.61 -4.58
C ASN A 12 2.12 -6.96 -4.08
N TYR A 13 1.22 -6.67 -4.97
CA TYR A 13 -0.08 -6.03 -4.59
C TYR A 13 -1.18 -6.52 -5.51
N ASP A 14 -2.00 -7.42 -5.06
CA ASP A 14 -3.11 -7.90 -5.93
C ASP A 14 -4.22 -6.84 -5.94
N PRO A 15 -4.49 -6.23 -7.08
CA PRO A 15 -5.54 -5.19 -7.20
C PRO A 15 -6.95 -5.68 -6.82
N ASP A 16 -7.19 -6.98 -6.81
CA ASP A 16 -8.55 -7.47 -6.44
C ASP A 16 -8.73 -7.40 -4.91
N SER A 17 -8.02 -8.23 -4.19
CA SER A 17 -8.15 -8.28 -2.69
C SER A 17 -7.32 -7.17 -2.01
N THR A 18 -6.60 -6.39 -2.77
CA THR A 18 -5.74 -5.29 -2.21
C THR A 18 -4.88 -5.78 -1.02
N ILE A 19 -4.07 -6.79 -1.25
CA ILE A 19 -3.20 -7.30 -0.14
C ILE A 19 -1.74 -7.10 -0.53
N LEU A 20 -0.96 -6.53 0.32
CA LEU A 20 0.50 -6.32 0.00
C LEU A 20 1.31 -7.49 0.56
N SER A 21 1.98 -8.23 -0.28
CA SER A 21 2.80 -9.38 0.20
C SER A 21 4.28 -9.07 -0.01
N ALA A 22 5.10 -9.38 0.96
CA ALA A 22 6.55 -9.11 0.84
C ALA A 22 7.34 -10.03 1.79
N GLU A 23 8.53 -10.39 1.43
CA GLU A 23 9.35 -11.29 2.30
C GLU A 23 10.25 -10.43 3.19
N CYS A 24 10.22 -10.63 4.48
CA CYS A 24 11.07 -9.80 5.39
C CYS A 24 11.98 -10.72 6.22
N GLN A 25 13.08 -10.19 6.72
CA GLN A 25 14.02 -11.02 7.54
C GLN A 25 13.64 -10.90 9.02
N ALA A 26 13.56 -12.01 9.71
CA ALA A 26 13.18 -11.97 11.15
C ALA A 26 14.41 -11.66 12.00
N ARG A 27 14.19 -11.38 13.24
CA ARG A 27 15.32 -11.07 14.17
C ARG A 27 16.27 -12.26 14.22
N ASP A 28 15.74 -13.46 14.08
CA ASP A 28 16.60 -14.68 14.13
C ASP A 28 17.35 -14.82 12.80
N GLY A 29 17.18 -13.87 11.92
CA GLY A 29 17.86 -13.94 10.59
C GLY A 29 17.09 -14.89 9.68
N GLU A 30 15.85 -15.15 9.99
CA GLU A 30 15.01 -16.06 9.13
C GLU A 30 14.00 -15.26 8.30
N TRP A 31 13.84 -15.63 7.05
CA TRP A 31 12.86 -14.92 6.15
C TRP A 31 11.44 -15.43 6.43
N LEU A 32 10.52 -14.54 6.72
CA LEU A 32 9.11 -14.98 6.97
C LEU A 32 8.13 -14.10 6.18
N PRO A 33 7.52 -14.65 5.14
CA PRO A 33 6.56 -13.93 4.28
C PRO A 33 5.59 -13.05 5.09
N THR A 34 5.19 -11.92 4.57
CA THR A 34 4.25 -11.04 5.34
C THR A 34 3.14 -10.49 4.42
N GLU A 35 1.95 -10.35 4.95
CA GLU A 35 0.80 -9.82 4.13
C GLU A 35 0.20 -8.60 4.84
N LEU A 36 -0.37 -7.67 4.10
CA LEU A 36 -1.00 -6.47 4.73
C LEU A 36 -2.21 -6.02 3.91
N ARG A 37 -3.26 -5.57 4.55
CA ARG A 37 -4.48 -5.10 3.81
C ARG A 37 -4.60 -3.57 3.92
N LEU A 38 -4.39 -2.85 2.85
CA LEU A 38 -4.48 -1.35 2.92
C LEU A 38 -5.92 -0.91 3.21
N SER A 39 -6.88 -1.57 2.63
CA SER A 39 -8.30 -1.18 2.84
C SER A 39 -8.51 -0.77 4.30
N ASP A 40 -7.72 -1.32 5.19
CA ASP A 40 -7.83 -0.98 6.65
C ASP A 40 -7.56 0.52 6.87
N HIS A 41 -6.58 1.07 6.18
CA HIS A 41 -6.26 2.53 6.36
C HIS A 41 -6.57 3.34 5.08
N ILE A 42 -7.19 2.75 4.10
CA ILE A 42 -7.48 3.52 2.84
C ILE A 42 -8.99 3.57 2.54
N GLY A 43 -9.54 4.76 2.47
CA GLY A 43 -11.00 4.91 2.18
C GLY A 43 -11.21 6.04 1.15
N ASN A 44 -12.35 6.09 0.53
CA ASN A 44 -12.60 7.17 -0.48
C ASN A 44 -13.18 8.39 0.22
N ILE A 45 -12.75 9.55 -0.18
CA ILE A 45 -13.29 10.77 0.44
C ILE A 45 -13.62 11.78 -0.65
N ASP A 46 -14.84 11.73 -1.12
CA ASP A 46 -15.30 12.64 -2.20
C ASP A 46 -14.44 12.57 -3.48
N GLY A 47 -13.84 11.44 -3.78
CA GLY A 47 -13.02 11.34 -5.04
C GLY A 47 -11.51 11.33 -4.73
N GLU A 48 -11.14 11.57 -3.50
CA GLU A 48 -9.68 11.59 -3.15
C GLU A 48 -9.32 10.41 -2.25
N LEU A 49 -8.05 10.08 -2.17
CA LEU A 49 -7.59 8.95 -1.31
C LEU A 49 -6.89 9.51 -0.06
N GLN A 50 -7.18 8.99 1.10
CA GLN A 50 -6.51 9.51 2.33
C GLN A 50 -6.30 8.40 3.36
N PHE A 51 -5.36 8.59 4.25
CA PHE A 51 -5.08 7.59 5.31
C PHE A 51 -6.06 7.82 6.47
N GLY A 52 -6.38 6.80 7.21
CA GLY A 52 -7.34 6.96 8.34
C GLY A 52 -8.70 6.38 7.97
N ASP A 53 -9.05 6.40 6.72
CA ASP A 53 -10.36 5.85 6.28
C ASP A 53 -10.20 4.40 5.77
N GLN A 54 -11.29 3.78 5.42
CA GLN A 54 -11.23 2.36 4.92
C GLN A 54 -12.24 2.13 3.77
N ASN A 55 -12.15 1.02 3.08
CA ASN A 55 -13.13 0.76 1.96
C ASN A 55 -12.90 1.75 0.80
N PHE A 56 -12.01 1.44 -0.10
CA PHE A 56 -11.74 2.35 -1.26
C PHE A 56 -11.76 1.59 -2.61
N GLN A 57 -11.26 0.39 -2.67
CA GLN A 57 -11.28 -0.35 -3.98
C GLN A 57 -12.72 -0.51 -4.46
N GLU A 58 -13.66 -0.55 -3.55
CA GLU A 58 -15.09 -0.70 -3.95
C GLU A 58 -15.50 0.47 -4.85
N THR A 59 -14.89 1.63 -4.66
CA THR A 59 -15.24 2.82 -5.51
C THR A 59 -14.04 3.25 -6.36
N CYS A 60 -13.13 2.35 -6.63
CA CYS A 60 -11.92 2.72 -7.46
C CYS A 60 -11.46 1.55 -8.33
N GLN A 61 -10.76 1.85 -9.40
CA GLN A 61 -10.28 0.77 -10.31
C GLN A 61 -8.88 1.10 -10.85
N ASP A 62 -8.34 0.20 -11.64
CA ASP A 62 -6.98 0.38 -12.24
C ASP A 62 -5.91 0.69 -11.17
N CYS A 63 -5.94 0.05 -10.04
CA CYS A 63 -4.87 0.36 -9.03
C CYS A 63 -3.57 -0.28 -9.49
N ARG A 64 -2.51 0.46 -9.53
CA ARG A 64 -1.23 -0.15 -9.97
C ARG A 64 -0.04 0.53 -9.33
N LEU A 65 0.95 -0.26 -9.04
CA LEU A 65 2.18 0.25 -8.41
C LEU A 65 3.11 0.78 -9.51
N GLU A 66 3.96 1.71 -9.20
CA GLU A 66 4.89 2.23 -10.24
C GLU A 66 6.28 2.47 -9.64
N PHE A 67 7.31 1.90 -10.21
CA PHE A 67 8.68 2.09 -9.65
C PHE A 67 9.30 3.38 -10.22
N GLY A 68 9.99 4.14 -9.41
CA GLY A 68 10.62 5.41 -9.91
C GLY A 68 12.04 5.14 -10.43
N ASP A 69 12.89 6.13 -10.42
CA ASP A 69 14.29 5.94 -10.91
C ASP A 69 14.95 4.77 -10.16
N GLY A 70 14.69 4.64 -8.88
CA GLY A 70 15.30 3.51 -8.11
C GLY A 70 14.21 2.50 -7.74
N GLU A 71 14.46 1.25 -7.98
CA GLU A 71 13.44 0.20 -7.66
C GLU A 71 13.22 0.12 -6.14
N GLN A 72 13.82 1.01 -5.38
CA GLN A 72 13.65 0.96 -3.90
C GLN A 72 12.30 1.60 -3.52
N SER A 73 11.50 1.92 -4.49
CA SER A 73 10.19 2.55 -4.17
C SER A 73 9.07 2.13 -5.13
N VAL A 74 7.84 2.08 -4.70
CA VAL A 74 6.76 1.71 -5.66
C VAL A 74 5.61 2.72 -5.43
N TRP A 75 5.01 3.28 -6.44
CA TRP A 75 3.95 4.31 -6.16
C TRP A 75 2.50 3.88 -6.48
N LEU A 76 1.61 4.03 -5.54
CA LEU A 76 0.20 3.57 -5.73
C LEU A 76 -0.73 4.64 -6.32
N VAL A 77 -1.14 4.43 -7.55
CA VAL A 77 -2.08 5.36 -8.26
C VAL A 77 -3.42 4.62 -8.52
N CYS A 78 -4.54 5.27 -8.35
CA CYS A 78 -5.85 4.58 -8.58
C CYS A 78 -6.93 5.58 -9.02
N THR A 79 -7.82 5.12 -9.83
CA THR A 79 -8.96 5.96 -10.28
C THR A 79 -10.09 5.76 -9.26
N CYS A 80 -10.54 6.80 -8.63
CA CYS A 80 -11.63 6.65 -7.59
C CYS A 80 -12.86 7.42 -8.07
N GLN A 81 -14.00 6.81 -8.08
CA GLN A 81 -15.23 7.53 -8.54
C GLN A 81 -15.59 8.67 -7.59
N THR A 82 -16.16 9.74 -8.11
CA THR A 82 -16.54 10.89 -7.24
C THR A 82 -17.97 10.65 -6.77
N MET A 83 -18.45 11.43 -5.84
CA MET A 83 -19.85 11.21 -5.37
C MET A 83 -20.84 11.41 -6.51
N ASP A 84 -20.58 12.34 -7.38
CA ASP A 84 -21.51 12.56 -8.53
C ASP A 84 -21.46 11.35 -9.47
N GLY A 85 -20.41 10.57 -9.38
CA GLY A 85 -20.30 9.36 -10.25
C GLY A 85 -19.19 9.54 -11.29
N GLU A 86 -18.48 10.64 -11.25
CA GLU A 86 -17.38 10.85 -12.24
C GLU A 86 -16.11 10.09 -11.81
N TRP A 87 -15.24 9.82 -12.73
CA TRP A 87 -13.98 9.06 -12.41
C TRP A 87 -12.78 10.02 -12.44
N LYS A 88 -11.97 10.01 -11.43
CA LYS A 88 -10.77 10.91 -11.42
C LYS A 88 -9.51 10.12 -11.02
N SER A 89 -8.36 10.59 -11.41
CA SER A 89 -7.09 9.87 -11.07
C SER A 89 -6.44 10.47 -9.81
N THR A 90 -6.23 9.66 -8.81
CA THR A 90 -5.57 10.15 -7.54
C THR A 90 -4.22 9.43 -7.37
N GLN A 91 -3.38 9.91 -6.49
CA GLN A 91 -2.04 9.26 -6.28
C GLN A 91 -1.69 9.26 -4.77
N ILE A 92 -0.85 8.36 -4.35
CA ILE A 92 -0.47 8.32 -2.89
C ILE A 92 0.85 7.54 -2.70
N LEU A 93 1.73 8.03 -1.87
CA LEU A 93 3.03 7.33 -1.65
C LEU A 93 2.97 6.47 -0.39
N LEU A 94 3.11 5.18 -0.54
CA LEU A 94 3.07 4.27 0.64
C LEU A 94 4.26 4.55 1.58
N ASP A 95 5.37 4.96 1.05
CA ASP A 95 6.57 5.26 1.91
C ASP A 95 6.29 6.53 2.76
N SER A 96 6.14 6.37 4.05
CA SER A 96 5.87 7.55 4.94
C SER A 96 5.66 7.10 6.39
N GLN A 97 4.51 7.35 6.96
CA GLN A 97 4.27 6.92 8.39
C GLN A 97 3.94 5.41 8.46
N ILE A 98 4.63 4.59 7.70
CA ILE A 98 4.36 3.11 7.75
C ILE A 98 5.71 2.38 7.94
N ASP A 99 5.75 1.44 8.83
CA ASP A 99 7.04 0.70 9.08
C ASP A 99 6.76 -0.77 9.45
N ASN A 100 7.73 -1.62 9.19
CA ASN A 100 7.58 -3.07 9.52
C ASN A 100 8.72 -3.55 10.42
N ASN A 101 8.42 -4.05 11.58
CA ASN A 101 9.50 -4.54 12.49
C ASN A 101 10.11 -5.83 11.91
N ASP A 102 11.26 -6.23 12.40
CA ASP A 102 11.93 -7.47 11.90
C ASP A 102 10.99 -8.70 11.97
N SER A 103 10.23 -8.83 13.03
CA SER A 103 9.27 -9.99 13.16
C SER A 103 7.82 -9.51 13.34
N GLN A 104 7.55 -8.23 13.35
CA GLN A 104 6.13 -7.79 13.52
C GLN A 104 5.80 -6.65 12.53
N LEU A 105 4.54 -6.51 12.16
CA LEU A 105 4.17 -5.42 11.19
C LEU A 105 3.07 -4.53 11.80
N GLU A 106 3.40 -3.30 12.10
CA GLU A 106 2.39 -2.38 12.69
C GLU A 106 2.69 -0.93 12.27
N ILE A 107 1.67 -0.13 12.09
CA ILE A 107 1.87 1.28 11.68
C ILE A 107 2.15 2.14 12.92
N GLY A 108 3.37 2.16 13.35
CA GLY A 108 3.77 2.96 14.55
C GLY A 108 3.07 4.31 14.47
N MET A 1 11.36 6.35 10.62
CA MET A 1 12.49 5.39 10.51
C MET A 1 12.20 4.41 9.36
N PRO A 2 13.23 3.81 8.80
CA PRO A 2 13.16 2.84 7.68
C PRO A 2 11.77 2.22 7.39
N ASN A 3 11.47 1.86 6.16
CA ASN A 3 10.10 1.29 5.86
C ASN A 3 10.27 -0.19 5.44
N PHE A 4 9.26 -0.76 4.84
CA PHE A 4 9.36 -2.19 4.43
C PHE A 4 10.10 -2.37 3.10
N SER A 5 10.76 -1.36 2.63
CA SER A 5 11.52 -1.49 1.34
C SER A 5 12.80 -2.28 1.61
N HIS A 6 13.84 -1.59 2.00
CA HIS A 6 15.16 -2.25 2.27
C HIS A 6 14.98 -3.47 3.19
N THR A 7 14.09 -3.41 4.15
CA THR A 7 13.93 -4.57 5.10
C THR A 7 13.26 -5.76 4.39
N CYS A 8 12.42 -5.50 3.44
CA CYS A 8 11.72 -6.62 2.71
C CYS A 8 11.93 -6.51 1.20
N SER A 9 11.75 -7.61 0.50
CA SER A 9 11.92 -7.57 -0.99
C SER A 9 10.77 -8.33 -1.69
N SER A 10 10.62 -8.16 -2.98
CA SER A 10 9.52 -8.86 -3.73
C SER A 10 8.16 -8.25 -3.34
N ILE A 11 8.03 -6.97 -3.50
CA ILE A 11 6.76 -6.26 -3.16
C ILE A 11 5.63 -6.64 -4.15
N ASN A 12 4.61 -7.28 -3.66
CA ASN A 12 3.47 -7.66 -4.55
C ASN A 12 2.19 -6.95 -4.09
N TYR A 13 1.30 -6.65 -5.01
CA TYR A 13 0.03 -5.95 -4.66
C TYR A 13 -1.10 -6.51 -5.52
N ASP A 14 -1.94 -7.33 -4.95
CA ASP A 14 -3.08 -7.87 -5.74
C ASP A 14 -4.18 -6.80 -5.80
N PRO A 15 -4.58 -6.39 -6.99
CA PRO A 15 -5.61 -5.32 -7.17
C PRO A 15 -7.02 -5.77 -6.76
N ASP A 16 -7.30 -7.04 -6.68
CA ASP A 16 -8.67 -7.49 -6.28
C ASP A 16 -8.83 -7.33 -4.74
N SER A 17 -8.11 -8.13 -3.98
CA SER A 17 -8.22 -8.08 -2.48
C SER A 17 -7.32 -6.98 -1.88
N THR A 18 -6.60 -6.26 -2.69
CA THR A 18 -5.67 -5.17 -2.20
C THR A 18 -4.82 -5.66 -1.00
N ILE A 19 -4.06 -6.71 -1.20
CA ILE A 19 -3.20 -7.21 -0.09
C ILE A 19 -1.73 -7.06 -0.51
N LEU A 20 -0.92 -6.48 0.34
CA LEU A 20 0.53 -6.34 -0.01
C LEU A 20 1.33 -7.50 0.57
N SER A 21 1.99 -8.25 -0.27
CA SER A 21 2.80 -9.42 0.23
C SER A 21 4.28 -9.15 -0.01
N ALA A 22 5.11 -9.50 0.95
CA ALA A 22 6.57 -9.27 0.80
C ALA A 22 7.33 -10.17 1.78
N GLU A 23 8.54 -10.54 1.45
CA GLU A 23 9.34 -11.40 2.37
C GLU A 23 10.26 -10.50 3.21
N CYS A 24 10.26 -10.70 4.51
CA CYS A 24 11.12 -9.85 5.40
C CYS A 24 12.05 -10.74 6.23
N GLN A 25 13.16 -10.20 6.68
CA GLN A 25 14.12 -11.01 7.52
C GLN A 25 13.75 -10.86 9.00
N ALA A 26 13.69 -11.95 9.70
CA ALA A 26 13.33 -11.87 11.15
C ALA A 26 14.59 -11.63 11.98
N ARG A 27 14.40 -11.34 13.23
CA ARG A 27 15.55 -11.09 14.13
C ARG A 27 16.44 -12.34 14.20
N ASP A 28 15.85 -13.49 14.06
CA ASP A 28 16.62 -14.77 14.11
C ASP A 28 17.41 -14.93 12.81
N GLY A 29 17.30 -13.97 11.92
CA GLY A 29 18.03 -14.06 10.62
C GLY A 29 17.26 -14.98 9.67
N GLU A 30 16.00 -15.22 9.96
CA GLU A 30 15.16 -16.08 9.06
C GLU A 30 14.24 -15.24 8.16
N TRP A 31 14.02 -15.68 6.95
CA TRP A 31 13.13 -14.94 6.00
C TRP A 31 11.69 -15.45 6.12
N LEU A 32 10.74 -14.57 6.32
CA LEU A 32 9.30 -15.02 6.42
C LEU A 32 8.42 -14.14 5.52
N PRO A 33 7.29 -14.65 5.10
CA PRO A 33 6.32 -13.91 4.23
C PRO A 33 5.27 -13.15 5.06
N THR A 34 4.89 -11.97 4.63
CA THR A 34 3.87 -11.19 5.42
C THR A 34 2.83 -10.56 4.48
N GLU A 35 1.62 -10.42 4.94
CA GLU A 35 0.53 -9.82 4.11
C GLU A 35 -0.04 -8.58 4.81
N LEU A 36 -0.54 -7.62 4.07
CA LEU A 36 -1.12 -6.39 4.71
C LEU A 36 -2.32 -5.90 3.89
N ARG A 37 -3.39 -5.53 4.54
CA ARG A 37 -4.61 -5.03 3.80
C ARG A 37 -4.71 -3.50 3.93
N LEU A 38 -4.50 -2.77 2.86
CA LEU A 38 -4.58 -1.28 2.95
C LEU A 38 -6.02 -0.82 3.20
N SER A 39 -6.98 -1.48 2.62
CA SER A 39 -8.40 -1.09 2.82
C SER A 39 -8.63 -0.65 4.28
N ASP A 40 -7.86 -1.19 5.18
CA ASP A 40 -7.99 -0.84 6.62
C ASP A 40 -7.71 0.67 6.83
N HIS A 41 -6.72 1.20 6.15
CA HIS A 41 -6.40 2.67 6.32
C HIS A 41 -6.70 3.46 5.03
N ILE A 42 -7.32 2.86 4.05
CA ILE A 42 -7.60 3.63 2.79
C ILE A 42 -9.12 3.70 2.50
N GLY A 43 -9.65 4.90 2.41
CA GLY A 43 -11.11 5.07 2.12
C GLY A 43 -11.30 6.16 1.07
N ASN A 44 -12.45 6.25 0.46
CA ASN A 44 -12.69 7.29 -0.57
C ASN A 44 -13.27 8.54 0.10
N ILE A 45 -12.86 9.68 -0.34
CA ILE A 45 -13.39 10.93 0.25
C ILE A 45 -13.71 11.90 -0.88
N ASP A 46 -14.93 11.84 -1.35
CA ASP A 46 -15.38 12.74 -2.46
C ASP A 46 -14.50 12.63 -3.73
N GLY A 47 -13.89 11.49 -3.99
CA GLY A 47 -13.07 11.37 -5.24
C GLY A 47 -11.57 11.37 -4.91
N GLU A 48 -11.20 11.62 -3.68
CA GLU A 48 -9.75 11.64 -3.32
C GLU A 48 -9.40 10.47 -2.38
N LEU A 49 -8.14 10.16 -2.26
CA LEU A 49 -7.69 9.05 -1.37
C LEU A 49 -7.03 9.64 -0.11
N GLN A 50 -7.31 9.12 1.05
CA GLN A 50 -6.68 9.67 2.29
C GLN A 50 -6.44 8.56 3.32
N PHE A 51 -5.52 8.79 4.21
CA PHE A 51 -5.20 7.81 5.29
C PHE A 51 -6.20 8.02 6.44
N GLY A 52 -6.49 7.00 7.18
CA GLY A 52 -7.46 7.14 8.32
C GLY A 52 -8.82 6.55 7.93
N ASP A 53 -9.20 6.68 6.70
CA ASP A 53 -10.51 6.13 6.25
C ASP A 53 -10.35 4.69 5.77
N GLN A 54 -11.45 4.06 5.41
CA GLN A 54 -11.39 2.63 4.92
C GLN A 54 -12.41 2.39 3.79
N ASN A 55 -12.34 1.27 3.11
CA ASN A 55 -13.32 1.00 2.01
C ASN A 55 -13.08 1.94 0.82
N PHE A 56 -12.16 1.61 -0.04
CA PHE A 56 -11.86 2.46 -1.24
C PHE A 56 -11.91 1.66 -2.56
N GLN A 57 -11.41 0.44 -2.57
CA GLN A 57 -11.46 -0.34 -3.85
C GLN A 57 -12.90 -0.50 -4.32
N GLU A 58 -13.84 -0.46 -3.41
CA GLU A 58 -15.27 -0.60 -3.79
C GLU A 58 -15.66 0.53 -4.77
N THR A 59 -15.03 1.67 -4.66
CA THR A 59 -15.36 2.81 -5.57
C THR A 59 -14.12 3.22 -6.39
N CYS A 60 -13.19 2.32 -6.58
CA CYS A 60 -11.96 2.68 -7.35
C CYS A 60 -11.47 1.48 -8.18
N GLN A 61 -10.75 1.75 -9.25
CA GLN A 61 -10.24 0.63 -10.11
C GLN A 61 -8.82 0.93 -10.61
N ASP A 62 -8.26 0.00 -11.35
CA ASP A 62 -6.88 0.14 -11.91
C ASP A 62 -5.85 0.49 -10.83
N CYS A 63 -5.93 -0.09 -9.66
CA CYS A 63 -4.90 0.25 -8.63
C CYS A 63 -3.59 -0.44 -9.01
N ARG A 64 -2.51 0.27 -9.06
CA ARG A 64 -1.24 -0.37 -9.43
C ARG A 64 -0.04 0.38 -8.87
N LEU A 65 0.96 -0.36 -8.51
CA LEU A 65 2.20 0.22 -7.96
C LEU A 65 3.09 0.63 -9.12
N GLU A 66 3.92 1.61 -8.94
CA GLU A 66 4.82 2.04 -10.05
C GLU A 66 6.23 2.33 -9.50
N PHE A 67 7.25 1.78 -10.10
CA PHE A 67 8.63 2.02 -9.59
C PHE A 67 9.19 3.31 -10.22
N GLY A 68 9.82 4.14 -9.44
CA GLY A 68 10.39 5.44 -9.97
C GLY A 68 11.81 5.21 -10.52
N ASP A 69 12.60 6.25 -10.60
CA ASP A 69 14.00 6.10 -11.12
C ASP A 69 14.74 5.00 -10.33
N GLY A 70 14.51 4.93 -9.05
CA GLY A 70 15.20 3.87 -8.23
C GLY A 70 14.20 2.81 -7.82
N GLU A 71 14.52 1.56 -8.03
CA GLU A 71 13.58 0.46 -7.66
C GLU A 71 13.40 0.40 -6.14
N GLN A 72 13.99 1.32 -5.42
CA GLN A 72 13.84 1.30 -3.92
C GLN A 72 12.49 1.93 -3.53
N SER A 73 11.66 2.20 -4.49
CA SER A 73 10.34 2.82 -4.16
C SER A 73 9.21 2.32 -5.06
N VAL A 74 7.99 2.28 -4.57
CA VAL A 74 6.88 1.83 -5.47
C VAL A 74 5.70 2.80 -5.23
N TRP A 75 5.09 3.37 -6.24
CA TRP A 75 4.00 4.35 -5.95
C TRP A 75 2.57 3.90 -6.30
N LEU A 76 1.66 4.04 -5.37
CA LEU A 76 0.26 3.55 -5.59
C LEU A 76 -0.67 4.62 -6.19
N VAL A 77 -1.10 4.36 -7.42
CA VAL A 77 -2.05 5.28 -8.15
C VAL A 77 -3.39 4.54 -8.37
N CYS A 78 -4.51 5.21 -8.20
CA CYS A 78 -5.83 4.53 -8.41
C CYS A 78 -6.89 5.51 -8.88
N THR A 79 -7.77 5.02 -9.70
CA THR A 79 -8.89 5.87 -10.19
C THR A 79 -10.05 5.69 -9.19
N CYS A 80 -10.53 6.76 -8.63
CA CYS A 80 -11.64 6.63 -7.62
C CYS A 80 -12.86 7.41 -8.13
N GLN A 81 -14.00 6.79 -8.19
CA GLN A 81 -15.21 7.52 -8.70
C GLN A 81 -15.58 8.68 -7.78
N THR A 82 -16.15 9.73 -8.32
CA THR A 82 -16.55 10.89 -7.48
C THR A 82 -17.98 10.66 -7.03
N MET A 83 -18.48 11.45 -6.12
CA MET A 83 -19.89 11.24 -5.65
C MET A 83 -20.87 11.42 -6.81
N ASP A 84 -20.60 12.35 -7.69
CA ASP A 84 -21.50 12.55 -8.85
C ASP A 84 -21.45 11.31 -9.77
N GLY A 85 -20.41 10.54 -9.66
CA GLY A 85 -20.28 9.31 -10.51
C GLY A 85 -19.16 9.47 -11.54
N GLU A 86 -18.44 10.56 -11.51
CA GLU A 86 -17.33 10.75 -12.49
C GLU A 86 -16.08 10.00 -12.04
N TRP A 87 -15.19 9.70 -12.95
CA TRP A 87 -13.95 8.94 -12.60
C TRP A 87 -12.73 9.90 -12.65
N LYS A 88 -11.92 9.90 -11.63
CA LYS A 88 -10.71 10.78 -11.64
C LYS A 88 -9.48 9.99 -11.21
N SER A 89 -8.31 10.47 -11.54
CA SER A 89 -7.04 9.75 -11.16
C SER A 89 -6.39 10.41 -9.95
N THR A 90 -6.14 9.65 -8.91
CA THR A 90 -5.47 10.20 -7.68
C THR A 90 -4.14 9.45 -7.46
N GLN A 91 -3.30 9.93 -6.58
CA GLN A 91 -1.98 9.26 -6.33
C GLN A 91 -1.66 9.28 -4.82
N ILE A 92 -0.83 8.39 -4.36
CA ILE A 92 -0.47 8.37 -2.90
C ILE A 92 0.82 7.57 -2.67
N LEU A 93 1.70 8.06 -1.84
CA LEU A 93 2.99 7.35 -1.59
C LEU A 93 2.90 6.54 -0.28
N LEU A 94 3.05 5.25 -0.37
CA LEU A 94 2.99 4.40 0.85
C LEU A 94 4.18 4.69 1.79
N ASP A 95 5.31 5.06 1.24
CA ASP A 95 6.50 5.37 2.09
C ASP A 95 6.22 6.60 2.97
N SER A 96 6.04 6.40 4.26
CA SER A 96 5.76 7.56 5.18
C SER A 96 5.57 7.07 6.62
N GLN A 97 4.42 7.29 7.21
CA GLN A 97 4.18 6.82 8.62
C GLN A 97 3.87 5.30 8.66
N ILE A 98 4.56 4.51 7.86
CA ILE A 98 4.30 3.02 7.87
C ILE A 98 5.65 2.30 8.04
N ASP A 99 5.71 1.33 8.92
CA ASP A 99 6.99 0.60 9.13
C ASP A 99 6.73 -0.88 9.50
N ASN A 100 7.69 -1.72 9.24
CA ASN A 100 7.54 -3.18 9.55
C ASN A 100 8.68 -3.65 10.47
N ASN A 101 8.36 -4.14 11.64
CA ASN A 101 9.44 -4.63 12.55
C ASN A 101 10.11 -5.88 11.95
N ASP A 102 11.27 -6.23 12.42
CA ASP A 102 12.00 -7.43 11.90
C ASP A 102 11.11 -8.69 11.91
N SER A 103 10.36 -8.89 12.97
CA SER A 103 9.45 -10.08 13.04
C SER A 103 7.98 -9.68 13.18
N GLN A 104 7.65 -8.41 13.29
CA GLN A 104 6.22 -8.04 13.42
C GLN A 104 5.88 -6.85 12.48
N LEU A 105 4.64 -6.69 12.12
CA LEU A 105 4.25 -5.57 11.21
C LEU A 105 3.21 -4.66 11.88
N GLU A 106 3.58 -3.46 12.23
CA GLU A 106 2.63 -2.53 12.88
C GLU A 106 2.87 -1.09 12.41
N ILE A 107 1.83 -0.36 12.14
CA ILE A 107 1.98 1.05 11.65
C ILE A 107 2.38 1.93 12.84
N GLY A 108 3.62 1.86 13.23
CA GLY A 108 4.12 2.68 14.37
C GLY A 108 3.90 1.87 15.66
N MET A 1 11.08 7.84 8.59
CA MET A 1 12.25 6.94 8.78
C MET A 1 12.00 5.63 8.03
N PRO A 2 13.04 4.89 7.73
CA PRO A 2 13.01 3.58 7.02
C PRO A 2 11.63 2.87 6.95
N ASN A 3 11.37 2.09 5.94
CA ASN A 3 10.02 1.42 5.84
C ASN A 3 10.22 -0.07 5.49
N PHE A 4 9.26 -0.70 4.90
CA PHE A 4 9.40 -2.15 4.57
C PHE A 4 10.20 -2.39 3.27
N SER A 5 10.80 -1.36 2.74
CA SER A 5 11.61 -1.54 1.50
C SER A 5 12.87 -2.34 1.83
N HIS A 6 13.90 -1.64 2.25
CA HIS A 6 15.19 -2.30 2.59
C HIS A 6 14.97 -3.54 3.48
N THR A 7 13.99 -3.50 4.36
CA THR A 7 13.77 -4.68 5.27
C THR A 7 13.07 -5.83 4.53
N CYS A 8 12.27 -5.52 3.54
CA CYS A 8 11.57 -6.60 2.79
C CYS A 8 11.78 -6.44 1.27
N SER A 9 11.59 -7.51 0.53
CA SER A 9 11.77 -7.42 -0.96
C SER A 9 10.64 -8.18 -1.68
N SER A 10 10.52 -8.00 -2.98
CA SER A 10 9.43 -8.70 -3.76
C SER A 10 8.05 -8.14 -3.38
N ILE A 11 7.90 -6.84 -3.51
CA ILE A 11 6.61 -6.18 -3.16
C ILE A 11 5.50 -6.56 -4.16
N ASN A 12 4.48 -7.22 -3.69
CA ASN A 12 3.35 -7.61 -4.59
C ASN A 12 2.05 -6.93 -4.13
N TYR A 13 1.17 -6.64 -5.05
CA TYR A 13 -0.12 -5.97 -4.70
C TYR A 13 -1.24 -6.56 -5.55
N ASP A 14 -2.06 -7.39 -4.97
CA ASP A 14 -3.18 -7.97 -5.77
C ASP A 14 -4.31 -6.92 -5.85
N PRO A 15 -4.59 -6.44 -7.03
CA PRO A 15 -5.66 -5.41 -7.24
C PRO A 15 -7.06 -5.86 -6.78
N ASP A 16 -7.31 -7.15 -6.69
CA ASP A 16 -8.65 -7.61 -6.26
C ASP A 16 -8.80 -7.45 -4.73
N SER A 17 -8.09 -8.24 -3.96
CA SER A 17 -8.19 -8.19 -2.46
C SER A 17 -7.28 -7.08 -1.88
N THR A 18 -6.58 -6.36 -2.71
CA THR A 18 -5.65 -5.27 -2.23
C THR A 18 -4.79 -5.73 -1.04
N ILE A 19 -4.06 -6.79 -1.21
CA ILE A 19 -3.20 -7.28 -0.08
C ILE A 19 -1.72 -7.10 -0.49
N LEU A 20 -0.93 -6.54 0.38
CA LEU A 20 0.53 -6.36 0.05
C LEU A 20 1.33 -7.53 0.63
N SER A 21 2.03 -8.26 -0.21
CA SER A 21 2.84 -9.41 0.29
C SER A 21 4.33 -9.11 0.08
N ALA A 22 5.14 -9.47 1.03
CA ALA A 22 6.60 -9.21 0.91
C ALA A 22 7.37 -10.12 1.88
N GLU A 23 8.56 -10.50 1.54
CA GLU A 23 9.37 -11.38 2.43
C GLU A 23 10.30 -10.51 3.28
N CYS A 24 10.27 -10.68 4.58
CA CYS A 24 11.14 -9.85 5.46
C CYS A 24 12.05 -10.75 6.31
N GLN A 25 13.13 -10.22 6.82
CA GLN A 25 14.06 -11.04 7.66
C GLN A 25 13.61 -11.00 9.12
N ALA A 26 13.53 -12.13 9.77
CA ALA A 26 13.08 -12.15 11.19
C ALA A 26 14.27 -11.89 12.11
N ARG A 27 13.99 -11.65 13.35
CA ARG A 27 15.07 -11.38 14.34
C ARG A 27 16.01 -12.60 14.40
N ASP A 28 15.48 -13.77 14.20
CA ASP A 28 16.31 -15.01 14.25
C ASP A 28 17.12 -15.10 12.96
N GLY A 29 17.00 -14.12 12.10
CA GLY A 29 17.77 -14.16 10.82
C GLY A 29 17.01 -15.03 9.82
N GLU A 30 15.79 -15.38 10.11
CA GLU A 30 14.98 -16.23 9.17
C GLU A 30 14.07 -15.37 8.29
N TRP A 31 13.98 -15.69 7.02
CA TRP A 31 13.11 -14.91 6.08
C TRP A 31 11.66 -15.43 6.16
N LEU A 32 10.71 -14.57 6.38
CA LEU A 32 9.29 -15.02 6.44
C LEU A 32 8.40 -14.11 5.56
N PRO A 33 7.30 -14.61 5.09
CA PRO A 33 6.34 -13.85 4.23
C PRO A 33 5.25 -13.13 5.06
N THR A 34 4.89 -11.94 4.70
CA THR A 34 3.84 -11.20 5.49
C THR A 34 2.78 -10.58 4.56
N GLU A 35 1.56 -10.52 5.01
CA GLU A 35 0.46 -9.94 4.17
C GLU A 35 -0.12 -8.69 4.87
N LEU A 36 -0.57 -7.72 4.12
CA LEU A 36 -1.16 -6.50 4.75
C LEU A 36 -2.35 -6.01 3.91
N ARG A 37 -3.43 -5.60 4.55
CA ARG A 37 -4.63 -5.09 3.80
C ARG A 37 -4.71 -3.56 3.93
N LEU A 38 -4.46 -2.83 2.89
CA LEU A 38 -4.52 -1.33 2.97
C LEU A 38 -5.97 -0.87 3.21
N SER A 39 -6.91 -1.51 2.60
CA SER A 39 -8.34 -1.10 2.76
C SER A 39 -8.59 -0.71 4.23
N ASP A 40 -7.84 -1.28 5.14
CA ASP A 40 -8.00 -0.97 6.59
C ASP A 40 -7.65 0.52 6.86
N HIS A 41 -6.65 1.05 6.19
CA HIS A 41 -6.27 2.48 6.42
C HIS A 41 -6.56 3.35 5.17
N ILE A 42 -7.22 2.83 4.17
CA ILE A 42 -7.49 3.65 2.95
C ILE A 42 -8.99 3.63 2.59
N GLY A 43 -9.60 4.78 2.50
CA GLY A 43 -11.04 4.86 2.14
C GLY A 43 -11.26 5.99 1.12
N ASN A 44 -12.41 6.04 0.50
CA ASN A 44 -12.67 7.12 -0.51
C ASN A 44 -13.25 8.34 0.19
N ILE A 45 -12.87 9.50 -0.24
CA ILE A 45 -13.41 10.72 0.40
C ILE A 45 -13.72 11.73 -0.70
N ASP A 46 -14.92 11.68 -1.19
CA ASP A 46 -15.38 12.60 -2.27
C ASP A 46 -14.48 12.55 -3.54
N GLY A 47 -13.88 11.42 -3.85
CA GLY A 47 -13.04 11.35 -5.09
C GLY A 47 -11.55 11.36 -4.74
N GLU A 48 -11.19 11.60 -3.51
CA GLU A 48 -9.74 11.64 -3.14
C GLU A 48 -9.37 10.45 -2.24
N LEU A 49 -8.10 10.15 -2.15
CA LEU A 49 -7.64 9.00 -1.29
C LEU A 49 -6.93 9.56 -0.05
N GLN A 50 -7.25 9.06 1.11
CA GLN A 50 -6.57 9.56 2.35
C GLN A 50 -6.39 8.44 3.38
N PHE A 51 -5.43 8.60 4.24
CA PHE A 51 -5.16 7.59 5.30
C PHE A 51 -6.17 7.79 6.43
N GLY A 52 -6.50 6.76 7.15
CA GLY A 52 -7.49 6.90 8.27
C GLY A 52 -8.84 6.32 7.84
N ASP A 53 -9.19 6.45 6.59
CA ASP A 53 -10.50 5.91 6.11
C ASP A 53 -10.34 4.46 5.65
N GLN A 54 -11.43 3.84 5.26
CA GLN A 54 -11.37 2.41 4.80
C GLN A 54 -12.36 2.16 3.63
N ASN A 55 -12.28 1.03 2.97
CA ASN A 55 -13.24 0.75 1.84
C ASN A 55 -13.00 1.74 0.68
N PHE A 56 -12.07 1.43 -0.19
CA PHE A 56 -11.79 2.32 -1.36
C PHE A 56 -11.81 1.55 -2.70
N GLN A 57 -11.31 0.34 -2.75
CA GLN A 57 -11.33 -0.41 -4.04
C GLN A 57 -12.77 -0.56 -4.53
N GLU A 58 -13.72 -0.56 -3.64
CA GLU A 58 -15.14 -0.70 -4.04
C GLU A 58 -15.53 0.47 -4.96
N THR A 59 -14.93 1.62 -4.77
CA THR A 59 -15.27 2.81 -5.61
C THR A 59 -14.05 3.24 -6.45
N CYS A 60 -13.14 2.34 -6.70
CA CYS A 60 -11.93 2.71 -7.50
C CYS A 60 -11.46 1.53 -8.36
N GLN A 61 -10.73 1.82 -9.42
CA GLN A 61 -10.23 0.73 -10.31
C GLN A 61 -8.81 1.03 -10.79
N ASP A 62 -8.25 0.10 -11.55
CA ASP A 62 -6.86 0.26 -12.09
C ASP A 62 -5.83 0.58 -10.99
N CYS A 63 -5.94 -0.01 -9.83
CA CYS A 63 -4.91 0.30 -8.78
C CYS A 63 -3.61 -0.39 -9.16
N ARG A 64 -2.53 0.32 -9.18
CA ARG A 64 -1.26 -0.32 -9.55
C ARG A 64 -0.07 0.41 -8.97
N LEU A 65 0.93 -0.35 -8.61
CA LEU A 65 2.17 0.24 -8.04
C LEU A 65 3.07 0.66 -9.19
N GLU A 66 3.89 1.66 -9.00
CA GLU A 66 4.79 2.10 -10.09
C GLU A 66 6.19 2.39 -9.53
N PHE A 67 7.22 1.83 -10.12
CA PHE A 67 8.60 2.08 -9.59
C PHE A 67 9.17 3.35 -10.23
N GLY A 68 9.82 4.18 -9.45
CA GLY A 68 10.40 5.46 -10.00
C GLY A 68 11.80 5.21 -10.56
N ASP A 69 12.62 6.23 -10.65
CA ASP A 69 14.00 6.06 -11.18
C ASP A 69 14.72 4.95 -10.40
N GLY A 70 14.50 4.86 -9.12
CA GLY A 70 15.17 3.78 -8.31
C GLY A 70 14.14 2.75 -7.88
N GLU A 71 14.43 1.50 -8.08
CA GLU A 71 13.47 0.43 -7.69
C GLU A 71 13.32 0.38 -6.16
N GLN A 72 13.90 1.32 -5.46
CA GLN A 72 13.78 1.31 -3.96
C GLN A 72 12.43 1.90 -3.56
N SER A 73 11.57 2.16 -4.50
CA SER A 73 10.25 2.75 -4.15
C SER A 73 9.13 2.26 -5.06
N VAL A 74 7.90 2.20 -4.60
CA VAL A 74 6.80 1.77 -5.51
C VAL A 74 5.63 2.75 -5.26
N TRP A 75 5.03 3.33 -6.28
CA TRP A 75 3.94 4.31 -5.98
C TRP A 75 2.51 3.87 -6.36
N LEU A 76 1.60 3.97 -5.43
CA LEU A 76 0.21 3.49 -5.68
C LEU A 76 -0.73 4.57 -6.27
N VAL A 77 -1.13 4.36 -7.51
CA VAL A 77 -2.05 5.29 -8.23
C VAL A 77 -3.40 4.57 -8.45
N CYS A 78 -4.52 5.25 -8.28
CA CYS A 78 -5.85 4.58 -8.49
C CYS A 78 -6.90 5.58 -8.95
N THR A 79 -7.79 5.13 -9.78
CA THR A 79 -8.90 5.98 -10.25
C THR A 79 -10.06 5.78 -9.26
N CYS A 80 -10.52 6.80 -8.62
CA CYS A 80 -11.63 6.64 -7.62
C CYS A 80 -12.84 7.42 -8.12
N GLN A 81 -14.00 6.80 -8.15
CA GLN A 81 -15.22 7.53 -8.64
C GLN A 81 -15.58 8.68 -7.69
N THR A 82 -16.14 9.74 -8.22
CA THR A 82 -16.54 10.90 -7.35
C THR A 82 -17.98 10.66 -6.90
N MET A 83 -18.47 11.43 -5.98
CA MET A 83 -19.88 11.21 -5.52
C MET A 83 -20.86 11.42 -6.68
N ASP A 84 -20.58 12.35 -7.55
CA ASP A 84 -21.49 12.58 -8.71
C ASP A 84 -21.43 11.36 -9.65
N GLY A 85 -20.38 10.58 -9.56
CA GLY A 85 -20.24 9.37 -10.43
C GLY A 85 -19.12 9.56 -11.45
N GLU A 86 -18.41 10.65 -11.39
CA GLU A 86 -17.29 10.87 -12.36
C GLU A 86 -16.03 10.11 -11.90
N TRP A 87 -15.13 9.86 -12.81
CA TRP A 87 -13.87 9.12 -12.46
C TRP A 87 -12.67 10.08 -12.45
N LYS A 88 -11.89 10.07 -11.41
CA LYS A 88 -10.70 10.98 -11.37
C LYS A 88 -9.45 10.18 -10.97
N SER A 89 -8.30 10.62 -11.40
CA SER A 89 -7.03 9.89 -11.06
C SER A 89 -6.37 10.50 -9.81
N THR A 90 -6.15 9.69 -8.81
CA THR A 90 -5.47 10.19 -7.55
C THR A 90 -4.16 9.42 -7.35
N GLN A 91 -3.30 9.90 -6.48
CA GLN A 91 -1.98 9.21 -6.25
C GLN A 91 -1.64 9.23 -4.75
N ILE A 92 -0.79 8.33 -4.30
CA ILE A 92 -0.41 8.32 -2.85
C ILE A 92 0.93 7.60 -2.65
N LEU A 93 1.78 8.11 -1.80
CA LEU A 93 3.11 7.46 -1.57
C LEU A 93 3.09 6.66 -0.26
N LEU A 94 3.35 5.39 -0.34
CA LEU A 94 3.35 4.53 0.89
C LEU A 94 4.52 4.92 1.81
N ASP A 95 5.61 5.39 1.25
CA ASP A 95 6.79 5.79 2.08
C ASP A 95 6.40 6.97 3.01
N SER A 96 6.13 6.70 4.26
CA SER A 96 5.74 7.79 5.22
C SER A 96 5.59 7.24 6.63
N GLN A 97 4.47 7.45 7.27
CA GLN A 97 4.27 6.92 8.67
C GLN A 97 3.97 5.41 8.66
N ILE A 98 4.72 4.63 7.90
CA ILE A 98 4.48 3.15 7.88
C ILE A 98 5.80 2.42 8.12
N ASP A 99 5.83 1.47 9.01
CA ASP A 99 7.10 0.74 9.30
C ASP A 99 6.82 -0.73 9.66
N ASN A 100 7.82 -1.57 9.52
CA ASN A 100 7.65 -3.02 9.85
C ASN A 100 8.77 -3.49 10.78
N ASN A 101 8.43 -4.12 11.87
CA ASN A 101 9.50 -4.60 12.80
C ASN A 101 10.23 -5.81 12.17
N ASP A 102 11.36 -6.18 12.71
CA ASP A 102 12.15 -7.34 12.18
C ASP A 102 11.28 -8.62 12.07
N SER A 103 10.45 -8.87 13.06
CA SER A 103 9.56 -10.09 13.02
C SER A 103 8.07 -9.71 13.12
N GLN A 104 7.72 -8.45 13.17
CA GLN A 104 6.27 -8.12 13.27
C GLN A 104 5.93 -6.93 12.33
N LEU A 105 4.70 -6.84 11.89
CA LEU A 105 4.31 -5.73 10.96
C LEU A 105 3.28 -4.81 11.63
N GLU A 106 3.67 -3.61 11.98
CA GLU A 106 2.71 -2.67 12.63
C GLU A 106 2.98 -1.23 12.17
N ILE A 107 1.95 -0.48 11.90
CA ILE A 107 2.13 0.93 11.45
C ILE A 107 2.54 1.80 12.64
N GLY A 108 3.78 1.71 13.03
CA GLY A 108 4.29 2.51 14.20
C GLY A 108 4.18 1.64 15.44
N MET A 1 10.47 7.54 9.14
CA MET A 1 11.25 6.46 9.81
C MET A 1 11.16 5.19 8.96
N PRO A 2 12.11 4.29 9.12
CA PRO A 2 12.21 2.99 8.40
C PRO A 2 10.92 2.49 7.69
N ASN A 3 11.03 1.77 6.61
CA ASN A 3 9.77 1.32 5.89
C ASN A 3 9.95 -0.17 5.48
N PHE A 4 8.96 -0.74 4.85
CA PHE A 4 9.07 -2.18 4.45
C PHE A 4 9.78 -2.36 3.10
N SER A 5 10.33 -1.32 2.56
CA SER A 5 11.04 -1.45 1.24
C SER A 5 12.37 -2.15 1.47
N HIS A 6 13.38 -1.38 1.80
CA HIS A 6 14.74 -1.95 2.02
C HIS A 6 14.69 -3.17 2.97
N THR A 7 13.84 -3.15 3.96
CA THR A 7 13.79 -4.30 4.92
C THR A 7 13.17 -5.54 4.26
N CYS A 8 12.30 -5.36 3.31
CA CYS A 8 11.66 -6.53 2.64
C CYS A 8 11.88 -6.47 1.12
N SER A 9 11.74 -7.58 0.45
CA SER A 9 11.95 -7.59 -1.05
C SER A 9 10.80 -8.34 -1.74
N SER A 10 10.64 -8.15 -3.03
CA SER A 10 9.53 -8.85 -3.78
C SER A 10 8.17 -8.27 -3.39
N ILE A 11 8.03 -6.98 -3.51
CA ILE A 11 6.76 -6.28 -3.15
C ILE A 11 5.64 -6.65 -4.13
N ASN A 12 4.60 -7.30 -3.64
CA ASN A 12 3.46 -7.68 -4.53
C ASN A 12 2.19 -6.96 -4.06
N TYR A 13 1.31 -6.64 -4.99
CA TYR A 13 0.04 -5.94 -4.62
C TYR A 13 -1.11 -6.50 -5.47
N ASP A 14 -1.93 -7.33 -4.91
CA ASP A 14 -3.07 -7.86 -5.70
C ASP A 14 -4.19 -6.80 -5.74
N PRO A 15 -4.60 -6.40 -6.91
CA PRO A 15 -5.64 -5.33 -7.07
C PRO A 15 -7.06 -5.81 -6.68
N ASP A 16 -7.32 -7.10 -6.66
CA ASP A 16 -8.67 -7.57 -6.27
C ASP A 16 -8.85 -7.47 -4.74
N SER A 17 -8.13 -8.27 -4.00
CA SER A 17 -8.24 -8.28 -2.50
C SER A 17 -7.37 -7.19 -1.85
N THR A 18 -6.67 -6.43 -2.63
CA THR A 18 -5.76 -5.34 -2.08
C THR A 18 -4.91 -5.85 -0.90
N ILE A 19 -4.11 -6.85 -1.11
CA ILE A 19 -3.26 -7.38 0.00
C ILE A 19 -1.79 -7.16 -0.38
N LEU A 20 -1.01 -6.57 0.49
CA LEU A 20 0.43 -6.35 0.19
C LEU A 20 1.26 -7.53 0.73
N SER A 21 1.95 -8.22 -0.14
CA SER A 21 2.78 -9.37 0.33
C SER A 21 4.26 -9.08 0.08
N ALA A 22 5.09 -9.44 1.01
CA ALA A 22 6.56 -9.17 0.85
C ALA A 22 7.35 -10.07 1.81
N GLU A 23 8.56 -10.41 1.45
CA GLU A 23 9.39 -11.28 2.33
C GLU A 23 10.31 -10.39 3.18
N CYS A 24 10.29 -10.56 4.47
CA CYS A 24 11.16 -9.71 5.35
C CYS A 24 12.08 -10.60 6.20
N GLN A 25 13.18 -10.05 6.66
CA GLN A 25 14.13 -10.86 7.50
C GLN A 25 13.70 -10.81 8.97
N ALA A 26 13.63 -11.94 9.62
CA ALA A 26 13.21 -11.95 11.04
C ALA A 26 14.41 -11.71 11.95
N ARG A 27 14.15 -11.43 13.19
CA ARG A 27 15.25 -11.19 14.16
C ARG A 27 16.14 -12.43 14.25
N ASP A 28 15.57 -13.59 14.07
CA ASP A 28 16.36 -14.86 14.14
C ASP A 28 17.20 -14.99 12.86
N GLY A 29 17.16 -14.00 12.01
CA GLY A 29 17.95 -14.07 10.75
C GLY A 29 17.20 -14.95 9.74
N GLU A 30 15.96 -15.23 10.00
CA GLU A 30 15.15 -16.09 9.05
C GLU A 30 14.22 -15.23 8.19
N TRP A 31 14.08 -15.58 6.92
CA TRP A 31 13.19 -14.81 5.99
C TRP A 31 11.76 -15.34 6.09
N LEU A 32 10.80 -14.47 6.32
CA LEU A 32 9.37 -14.92 6.39
C LEU A 32 8.48 -14.01 5.53
N PRO A 33 7.37 -14.53 5.05
CA PRO A 33 6.41 -13.77 4.21
C PRO A 33 5.33 -13.06 5.06
N THR A 34 4.96 -11.86 4.71
CA THR A 34 3.91 -11.13 5.51
C THR A 34 2.85 -10.51 4.58
N GLU A 35 1.61 -10.54 5.01
CA GLU A 35 0.50 -9.96 4.18
C GLU A 35 -0.12 -8.74 4.91
N LEU A 36 -0.61 -7.77 4.19
CA LEU A 36 -1.24 -6.58 4.86
C LEU A 36 -2.44 -6.11 4.02
N ARG A 37 -3.49 -5.64 4.66
CA ARG A 37 -4.69 -5.14 3.91
C ARG A 37 -4.78 -3.61 4.02
N LEU A 38 -4.51 -2.90 2.97
CA LEU A 38 -4.57 -1.40 3.05
C LEU A 38 -6.01 -0.92 3.29
N SER A 39 -6.97 -1.55 2.69
CA SER A 39 -8.39 -1.13 2.88
C SER A 39 -8.62 -0.73 4.34
N ASP A 40 -7.86 -1.31 5.25
CA ASP A 40 -8.00 -1.00 6.70
C ASP A 40 -7.67 0.49 6.95
N HIS A 41 -6.68 1.03 6.28
CA HIS A 41 -6.32 2.47 6.50
C HIS A 41 -6.58 3.32 5.24
N ILE A 42 -7.22 2.78 4.23
CA ILE A 42 -7.47 3.59 3.00
C ILE A 42 -8.97 3.57 2.63
N GLY A 43 -9.57 4.74 2.52
CA GLY A 43 -11.03 4.82 2.15
C GLY A 43 -11.22 5.93 1.12
N ASN A 44 -12.38 6.03 0.53
CA ASN A 44 -12.63 7.09 -0.49
C ASN A 44 -13.21 8.32 0.19
N ILE A 45 -12.81 9.47 -0.23
CA ILE A 45 -13.36 10.70 0.38
C ILE A 45 -13.68 11.70 -0.73
N ASP A 46 -14.89 11.65 -1.20
CA ASP A 46 -15.34 12.56 -2.30
C ASP A 46 -14.45 12.47 -3.57
N GLY A 47 -13.85 11.35 -3.84
CA GLY A 47 -13.00 11.24 -5.09
C GLY A 47 -11.51 11.26 -4.75
N GLU A 48 -11.16 11.50 -3.53
CA GLU A 48 -9.70 11.55 -3.16
C GLU A 48 -9.33 10.36 -2.25
N LEU A 49 -8.06 10.07 -2.15
CA LEU A 49 -7.59 8.94 -1.28
C LEU A 49 -6.93 9.52 -0.02
N GLN A 50 -7.22 8.99 1.14
CA GLN A 50 -6.59 9.52 2.39
C GLN A 50 -6.35 8.40 3.40
N PHE A 51 -5.39 8.60 4.27
CA PHE A 51 -5.08 7.60 5.32
C PHE A 51 -6.07 7.77 6.48
N GLY A 52 -6.37 6.72 7.20
CA GLY A 52 -7.33 6.84 8.33
C GLY A 52 -8.70 6.27 7.92
N ASP A 53 -9.06 6.45 6.69
CA ASP A 53 -10.37 5.93 6.22
C ASP A 53 -10.24 4.48 5.71
N GLN A 54 -11.34 3.85 5.40
CA GLN A 54 -11.30 2.43 4.90
C GLN A 54 -12.31 2.21 3.74
N ASN A 55 -12.20 1.13 3.03
CA ASN A 55 -13.18 0.86 1.90
C ASN A 55 -12.91 1.84 0.74
N PHE A 56 -12.03 1.49 -0.16
CA PHE A 56 -11.71 2.36 -1.34
C PHE A 56 -11.76 1.59 -2.66
N GLN A 57 -11.28 0.37 -2.71
CA GLN A 57 -11.31 -0.39 -4.00
C GLN A 57 -12.75 -0.52 -4.48
N GLU A 58 -13.70 -0.51 -3.57
CA GLU A 58 -15.13 -0.63 -3.97
C GLU A 58 -15.52 0.54 -4.89
N THR A 59 -14.90 1.68 -4.72
CA THR A 59 -15.23 2.86 -5.59
C THR A 59 -14.01 3.27 -6.40
N CYS A 60 -13.08 2.38 -6.62
CA CYS A 60 -11.85 2.74 -7.41
C CYS A 60 -11.37 1.56 -8.26
N GLN A 61 -10.66 1.84 -9.33
CA GLN A 61 -10.17 0.73 -10.21
C GLN A 61 -8.73 1.03 -10.70
N ASP A 62 -8.19 0.11 -11.45
CA ASP A 62 -6.80 0.25 -12.00
C ASP A 62 -5.77 0.58 -10.90
N CYS A 63 -5.88 0.01 -9.75
CA CYS A 63 -4.85 0.32 -8.70
C CYS A 63 -3.55 -0.38 -9.08
N ARG A 64 -2.47 0.33 -9.13
CA ARG A 64 -1.20 -0.34 -9.49
C ARG A 64 0.01 0.40 -8.93
N LEU A 65 0.99 -0.34 -8.58
CA LEU A 65 2.24 0.23 -8.03
C LEU A 65 3.14 0.64 -9.19
N GLU A 66 3.98 1.61 -9.01
CA GLU A 66 4.88 2.03 -10.12
C GLU A 66 6.29 2.29 -9.58
N PHE A 67 7.31 1.71 -10.17
CA PHE A 67 8.70 1.94 -9.67
C PHE A 67 9.29 3.20 -10.32
N GLY A 68 9.96 4.02 -9.55
CA GLY A 68 10.55 5.28 -10.11
C GLY A 68 11.95 4.99 -10.70
N ASP A 69 12.77 6.01 -10.83
CA ASP A 69 14.14 5.80 -11.39
C ASP A 69 14.86 4.68 -10.62
N GLY A 70 14.66 4.62 -9.32
CA GLY A 70 15.33 3.54 -8.51
C GLY A 70 14.29 2.54 -8.03
N GLU A 71 14.54 1.29 -8.21
CA GLU A 71 13.56 0.24 -7.77
C GLU A 71 13.42 0.26 -6.24
N GLN A 72 14.04 1.20 -5.57
CA GLN A 72 13.95 1.26 -4.08
C GLN A 72 12.62 1.89 -3.67
N SER A 73 11.75 2.13 -4.61
CA SER A 73 10.44 2.76 -4.26
C SER A 73 9.29 2.24 -5.13
N VAL A 74 8.08 2.24 -4.63
CA VAL A 74 6.95 1.78 -5.50
C VAL A 74 5.80 2.78 -5.27
N TRP A 75 5.18 3.33 -6.30
CA TRP A 75 4.11 4.35 -6.01
C TRP A 75 2.67 3.91 -6.35
N LEU A 76 1.77 4.07 -5.43
CA LEU A 76 0.36 3.60 -5.63
C LEU A 76 -0.57 4.68 -6.23
N VAL A 77 -1.03 4.44 -7.44
CA VAL A 77 -1.97 5.37 -8.16
C VAL A 77 -3.30 4.64 -8.38
N CYS A 78 -4.43 5.31 -8.19
CA CYS A 78 -5.75 4.64 -8.41
C CYS A 78 -6.81 5.63 -8.87
N THR A 79 -7.69 5.17 -9.70
CA THR A 79 -8.81 6.02 -10.17
C THR A 79 -9.97 5.81 -9.18
N CYS A 80 -10.44 6.85 -8.56
CA CYS A 80 -11.55 6.69 -7.55
C CYS A 80 -12.76 7.47 -8.06
N GLN A 81 -13.91 6.86 -8.11
CA GLN A 81 -15.13 7.58 -8.61
C GLN A 81 -15.51 8.72 -7.65
N THR A 82 -16.08 9.78 -8.17
CA THR A 82 -16.50 10.91 -7.30
C THR A 82 -17.93 10.67 -6.86
N MET A 83 -18.44 11.43 -5.93
CA MET A 83 -19.85 11.20 -5.49
C MET A 83 -20.82 11.41 -6.66
N ASP A 84 -20.54 12.35 -7.51
CA ASP A 84 -21.44 12.58 -8.68
C ASP A 84 -21.37 11.38 -9.63
N GLY A 85 -20.33 10.59 -9.52
CA GLY A 85 -20.21 9.38 -10.40
C GLY A 85 -19.08 9.58 -11.42
N GLU A 86 -18.38 10.67 -11.37
CA GLU A 86 -17.25 10.89 -12.34
C GLU A 86 -16.00 10.14 -11.89
N TRP A 87 -15.12 9.85 -12.81
CA TRP A 87 -13.87 9.10 -12.47
C TRP A 87 -12.66 10.06 -12.48
N LYS A 88 -11.86 10.05 -11.44
CA LYS A 88 -10.66 10.95 -11.43
C LYS A 88 -9.42 10.16 -11.02
N SER A 89 -8.26 10.62 -11.40
CA SER A 89 -7.00 9.89 -11.06
C SER A 89 -6.31 10.54 -9.84
N THR A 90 -6.06 9.77 -8.82
CA THR A 90 -5.36 10.29 -7.60
C THR A 90 -4.04 9.54 -7.40
N GLN A 91 -3.19 10.01 -6.53
CA GLN A 91 -1.87 9.33 -6.29
C GLN A 91 -1.53 9.33 -4.79
N ILE A 92 -0.68 8.44 -4.35
CA ILE A 92 -0.31 8.41 -2.89
C ILE A 92 0.98 7.60 -2.70
N LEU A 93 1.87 8.06 -1.85
CA LEU A 93 3.15 7.34 -1.62
C LEU A 93 3.06 6.50 -0.33
N LEU A 94 3.22 5.22 -0.45
CA LEU A 94 3.16 4.34 0.76
C LEU A 94 4.32 4.65 1.71
N ASP A 95 5.45 5.06 1.20
CA ASP A 95 6.62 5.40 2.08
C ASP A 95 6.29 6.65 2.93
N SER A 96 6.10 6.48 4.21
CA SER A 96 5.78 7.63 5.10
C SER A 96 5.59 7.17 6.55
N GLN A 97 4.42 7.39 7.13
CA GLN A 97 4.18 6.94 8.54
C GLN A 97 3.87 5.43 8.61
N ILE A 98 4.57 4.62 7.84
CA ILE A 98 4.33 3.13 7.88
C ILE A 98 5.67 2.42 8.08
N ASP A 99 5.70 1.43 8.94
CA ASP A 99 6.99 0.72 9.19
C ASP A 99 6.73 -0.78 9.52
N ASN A 100 7.71 -1.62 9.27
CA ASN A 100 7.56 -3.07 9.55
C ASN A 100 8.69 -3.56 10.48
N ASN A 101 8.37 -4.10 11.61
CA ASN A 101 9.45 -4.61 12.51
C ASN A 101 10.08 -5.87 11.92
N ASP A 102 11.23 -6.25 12.39
CA ASP A 102 11.95 -7.46 11.87
C ASP A 102 11.03 -8.71 11.92
N SER A 103 10.29 -8.90 12.98
CA SER A 103 9.36 -10.08 13.08
C SER A 103 7.90 -9.65 13.25
N GLN A 104 7.59 -8.38 13.26
CA GLN A 104 6.15 -7.98 13.41
C GLN A 104 5.81 -6.84 12.44
N LEU A 105 4.56 -6.72 12.06
CA LEU A 105 4.16 -5.64 11.09
C LEU A 105 3.10 -4.73 11.73
N GLU A 106 3.46 -3.51 12.05
CA GLU A 106 2.48 -2.57 12.67
C GLU A 106 2.79 -1.13 12.25
N ILE A 107 1.78 -0.34 12.06
CA ILE A 107 1.99 1.08 11.64
C ILE A 107 2.41 1.91 12.86
N GLY A 108 3.64 1.77 13.27
CA GLY A 108 4.17 2.52 14.44
C GLY A 108 3.65 3.95 14.36
N MET A 1 10.35 5.94 10.81
CA MET A 1 11.57 5.09 10.69
C MET A 1 11.46 4.25 9.42
N PRO A 2 12.59 3.78 8.91
CA PRO A 2 12.71 2.94 7.69
C PRO A 2 11.41 2.28 7.18
N ASN A 3 11.25 2.05 5.90
CA ASN A 3 9.98 1.43 5.40
C ASN A 3 10.23 -0.07 5.10
N PHE A 4 9.28 -0.75 4.53
CA PHE A 4 9.46 -2.21 4.24
C PHE A 4 10.26 -2.45 2.96
N SER A 5 10.86 -1.44 2.41
CA SER A 5 11.67 -1.64 1.17
C SER A 5 12.95 -2.40 1.52
N HIS A 6 13.96 -1.69 1.92
CA HIS A 6 15.27 -2.32 2.26
C HIS A 6 15.07 -3.52 3.20
N THR A 7 14.11 -3.47 4.09
CA THR A 7 13.91 -4.61 5.06
C THR A 7 13.24 -5.80 4.35
N CYS A 8 12.42 -5.55 3.38
CA CYS A 8 11.71 -6.67 2.66
C CYS A 8 11.93 -6.56 1.15
N SER A 9 11.76 -7.66 0.45
CA SER A 9 11.94 -7.63 -1.05
C SER A 9 10.79 -8.39 -1.74
N SER A 10 10.62 -8.19 -3.03
CA SER A 10 9.52 -8.88 -3.78
C SER A 10 8.16 -8.29 -3.41
N ILE A 11 8.03 -7.00 -3.57
CA ILE A 11 6.76 -6.30 -3.23
C ILE A 11 5.63 -6.69 -4.19
N ASN A 12 4.59 -7.30 -3.67
CA ASN A 12 3.43 -7.70 -4.54
C ASN A 12 2.15 -7.01 -4.06
N TYR A 13 1.28 -6.66 -4.96
CA TYR A 13 0.00 -5.98 -4.60
C TYR A 13 -1.13 -6.51 -5.46
N ASP A 14 -1.97 -7.34 -4.92
CA ASP A 14 -3.11 -7.85 -5.74
C ASP A 14 -4.21 -6.77 -5.80
N PRO A 15 -4.48 -6.23 -6.97
CA PRO A 15 -5.51 -5.18 -7.14
C PRO A 15 -6.93 -5.59 -6.69
N ASP A 16 -7.20 -6.87 -6.58
CA ASP A 16 -8.56 -7.31 -6.14
C ASP A 16 -8.70 -7.10 -4.62
N SER A 17 -8.04 -7.91 -3.84
CA SER A 17 -8.14 -7.82 -2.33
C SER A 17 -7.17 -6.77 -1.76
N THR A 18 -6.46 -6.06 -2.61
CA THR A 18 -5.47 -5.02 -2.14
C THR A 18 -4.65 -5.53 -0.94
N ILE A 19 -3.93 -6.61 -1.12
CA ILE A 19 -3.10 -7.14 0.01
C ILE A 19 -1.61 -6.95 -0.36
N LEU A 20 -0.84 -6.40 0.52
CA LEU A 20 0.62 -6.20 0.23
C LEU A 20 1.41 -7.40 0.78
N SER A 21 2.10 -8.11 -0.08
CA SER A 21 2.90 -9.28 0.38
C SER A 21 4.38 -9.04 0.12
N ALA A 22 5.21 -9.39 1.06
CA ALA A 22 6.67 -9.18 0.89
C ALA A 22 7.45 -10.10 1.86
N GLU A 23 8.64 -10.47 1.50
CA GLU A 23 9.45 -11.36 2.39
C GLU A 23 10.38 -10.49 3.25
N CYS A 24 10.34 -10.64 4.54
CA CYS A 24 11.21 -9.81 5.43
C CYS A 24 12.10 -10.72 6.28
N GLN A 25 13.19 -10.18 6.78
CA GLN A 25 14.12 -11.00 7.63
C GLN A 25 13.68 -10.92 9.09
N ALA A 26 13.59 -12.04 9.76
CA ALA A 26 13.17 -12.02 11.19
C ALA A 26 14.36 -11.78 12.09
N ARG A 27 14.10 -11.47 13.32
CA ARG A 27 15.20 -11.21 14.29
C ARG A 27 16.08 -12.46 14.42
N ASP A 28 15.50 -13.62 14.23
CA ASP A 28 16.26 -14.89 14.34
C ASP A 28 17.09 -15.09 13.07
N GLY A 29 17.06 -14.13 12.18
CA GLY A 29 17.84 -14.25 10.92
C GLY A 29 17.07 -15.14 9.94
N GLU A 30 15.79 -15.34 10.17
CA GLU A 30 14.96 -16.18 9.25
C GLU A 30 14.07 -15.31 8.35
N TRP A 31 13.95 -15.68 7.09
CA TRP A 31 13.09 -14.89 6.14
C TRP A 31 11.65 -15.41 6.19
N LEU A 32 10.69 -14.55 6.39
CA LEU A 32 9.26 -15.00 6.41
C LEU A 32 8.40 -14.07 5.55
N PRO A 33 7.29 -14.56 5.04
CA PRO A 33 6.35 -13.78 4.19
C PRO A 33 5.25 -13.09 5.03
N THR A 34 4.95 -11.85 4.76
CA THR A 34 3.88 -11.15 5.56
C THR A 34 2.86 -10.48 4.63
N GLU A 35 1.62 -10.47 5.02
CA GLU A 35 0.55 -9.83 4.18
C GLU A 35 -0.05 -8.63 4.92
N LEU A 36 -0.51 -7.63 4.21
CA LEU A 36 -1.11 -6.44 4.89
C LEU A 36 -2.30 -5.91 4.05
N ARG A 37 -3.36 -5.51 4.69
CA ARG A 37 -4.55 -4.97 3.95
C ARG A 37 -4.61 -3.44 4.09
N LEU A 38 -4.35 -2.71 3.04
CA LEU A 38 -4.40 -1.21 3.13
C LEU A 38 -5.83 -0.72 3.34
N SER A 39 -6.78 -1.35 2.71
CA SER A 39 -8.20 -0.92 2.85
C SER A 39 -8.48 -0.53 4.31
N ASP A 40 -7.75 -1.11 5.23
CA ASP A 40 -7.95 -0.82 6.68
C ASP A 40 -7.71 0.69 6.95
N HIS A 41 -6.74 1.29 6.30
CA HIS A 41 -6.47 2.75 6.53
C HIS A 41 -6.74 3.59 5.27
N ILE A 42 -7.37 3.03 4.27
CA ILE A 42 -7.62 3.82 3.02
C ILE A 42 -9.11 3.78 2.62
N GLY A 43 -9.74 4.92 2.51
CA GLY A 43 -11.19 4.98 2.12
C GLY A 43 -11.39 6.07 1.07
N ASN A 44 -12.53 6.12 0.44
CA ASN A 44 -12.79 7.16 -0.60
C ASN A 44 -13.42 8.38 0.06
N ILE A 45 -13.01 9.54 -0.36
CA ILE A 45 -13.60 10.76 0.24
C ILE A 45 -13.90 11.74 -0.89
N ASP A 46 -15.10 11.68 -1.38
CA ASP A 46 -15.53 12.58 -2.49
C ASP A 46 -14.63 12.49 -3.74
N GLY A 47 -14.00 11.37 -4.00
CA GLY A 47 -13.13 11.27 -5.22
C GLY A 47 -11.64 11.31 -4.85
N GLU A 48 -11.31 11.56 -3.61
CA GLU A 48 -9.87 11.64 -3.22
C GLU A 48 -9.50 10.46 -2.30
N LEU A 49 -8.23 10.19 -2.17
CA LEU A 49 -7.77 9.07 -1.28
C LEU A 49 -7.09 9.66 -0.03
N GLN A 50 -7.39 9.15 1.14
CA GLN A 50 -6.75 9.71 2.37
C GLN A 50 -6.56 8.61 3.42
N PHE A 51 -5.62 8.82 4.30
CA PHE A 51 -5.34 7.84 5.38
C PHE A 51 -6.35 8.08 6.52
N GLY A 52 -6.68 7.06 7.27
CA GLY A 52 -7.66 7.24 8.39
C GLY A 52 -9.02 6.65 7.99
N ASP A 53 -9.28 6.55 6.71
CA ASP A 53 -10.58 5.98 6.26
C ASP A 53 -10.41 4.54 5.76
N GLN A 54 -11.49 3.92 5.36
CA GLN A 54 -11.42 2.51 4.87
C GLN A 54 -12.42 2.26 3.72
N ASN A 55 -12.32 1.15 3.02
CA ASN A 55 -13.29 0.87 1.90
C ASN A 55 -13.03 1.84 0.73
N PHE A 56 -12.09 1.52 -0.13
CA PHE A 56 -11.79 2.41 -1.30
C PHE A 56 -11.81 1.62 -2.63
N GLN A 57 -11.33 0.41 -2.66
CA GLN A 57 -11.34 -0.35 -3.95
C GLN A 57 -12.78 -0.52 -4.44
N GLU A 58 -13.73 -0.49 -3.54
CA GLU A 58 -15.16 -0.65 -3.94
C GLU A 58 -15.55 0.48 -4.90
N THR A 59 -14.95 1.64 -4.75
CA THR A 59 -15.30 2.79 -5.65
C THR A 59 -14.07 3.23 -6.47
N CYS A 60 -13.15 2.32 -6.71
CA CYS A 60 -11.92 2.69 -7.51
C CYS A 60 -11.44 1.52 -8.35
N GLN A 61 -10.73 1.80 -9.42
CA GLN A 61 -10.22 0.70 -10.30
C GLN A 61 -8.78 0.99 -10.76
N ASP A 62 -8.23 0.06 -11.51
CA ASP A 62 -6.83 0.20 -12.03
C ASP A 62 -5.81 0.54 -10.92
N CYS A 63 -5.95 -0.01 -9.76
CA CYS A 63 -4.94 0.31 -8.69
C CYS A 63 -3.64 -0.40 -9.04
N ARG A 64 -2.55 0.30 -9.08
CA ARG A 64 -1.28 -0.37 -9.41
C ARG A 64 -0.08 0.39 -8.85
N LEU A 65 0.92 -0.35 -8.49
CA LEU A 65 2.15 0.24 -7.93
C LEU A 65 3.05 0.66 -9.10
N GLU A 66 3.90 1.62 -8.91
CA GLU A 66 4.79 2.05 -10.02
C GLU A 66 6.22 2.27 -9.48
N PHE A 67 7.21 1.75 -10.15
CA PHE A 67 8.62 1.94 -9.66
C PHE A 67 9.20 3.24 -10.24
N GLY A 68 9.83 4.03 -9.40
CA GLY A 68 10.42 5.33 -9.89
C GLY A 68 11.84 5.10 -10.43
N ASP A 69 12.63 6.13 -10.49
CA ASP A 69 14.04 5.99 -10.99
C ASP A 69 14.77 4.89 -10.20
N GLY A 70 14.52 4.79 -8.93
CA GLY A 70 15.19 3.72 -8.11
C GLY A 70 14.16 2.67 -7.70
N GLU A 71 14.47 1.42 -7.90
CA GLU A 71 13.51 0.34 -7.53
C GLU A 71 13.32 0.30 -6.00
N GLN A 72 13.91 1.23 -5.29
CA GLN A 72 13.75 1.24 -3.80
C GLN A 72 12.41 1.88 -3.43
N SER A 73 11.57 2.14 -4.39
CA SER A 73 10.27 2.79 -4.08
C SER A 73 9.12 2.25 -4.94
N VAL A 74 7.91 2.27 -4.46
CA VAL A 74 6.78 1.79 -5.33
C VAL A 74 5.63 2.81 -5.13
N TRP A 75 5.07 3.36 -6.18
CA TRP A 75 3.99 4.38 -5.93
C TRP A 75 2.55 3.93 -6.29
N LEU A 76 1.64 4.11 -5.37
CA LEU A 76 0.24 3.63 -5.58
C LEU A 76 -0.69 4.70 -6.19
N VAL A 77 -1.11 4.46 -7.42
CA VAL A 77 -2.05 5.39 -8.14
C VAL A 77 -3.39 4.65 -8.39
N CYS A 78 -4.51 5.32 -8.23
CA CYS A 78 -5.83 4.63 -8.46
C CYS A 78 -6.89 5.62 -8.95
N THR A 79 -7.78 5.13 -9.76
CA THR A 79 -8.89 5.97 -10.25
C THR A 79 -10.06 5.76 -9.28
N CYS A 80 -10.54 6.80 -8.66
CA CYS A 80 -11.67 6.63 -7.67
C CYS A 80 -12.88 7.41 -8.19
N GLN A 81 -14.01 6.79 -8.24
CA GLN A 81 -15.24 7.51 -8.75
C GLN A 81 -15.63 8.65 -7.81
N THR A 82 -16.21 9.70 -8.35
CA THR A 82 -16.63 10.84 -7.49
C THR A 82 -18.07 10.60 -7.07
N MET A 83 -18.59 11.36 -6.16
CA MET A 83 -20.01 11.13 -5.73
C MET A 83 -20.96 11.33 -6.90
N ASP A 84 -20.67 12.26 -7.77
CA ASP A 84 -21.56 12.49 -8.94
C ASP A 84 -21.47 11.28 -9.88
N GLY A 85 -20.44 10.49 -9.76
CA GLY A 85 -20.29 9.28 -10.62
C GLY A 85 -19.15 9.47 -11.63
N GLU A 86 -18.45 10.58 -11.57
CA GLU A 86 -17.32 10.80 -12.53
C GLU A 86 -16.06 10.05 -12.06
N TRP A 87 -15.16 9.77 -12.97
CA TRP A 87 -13.91 9.04 -12.60
C TRP A 87 -12.72 10.00 -12.60
N LYS A 88 -11.92 9.99 -11.55
CA LYS A 88 -10.73 10.88 -11.53
C LYS A 88 -9.49 10.09 -11.10
N SER A 89 -8.32 10.58 -11.44
CA SER A 89 -7.06 9.85 -11.08
C SER A 89 -6.41 10.49 -9.85
N THR A 90 -6.18 9.71 -8.82
CA THR A 90 -5.52 10.24 -7.58
C THR A 90 -4.19 9.50 -7.37
N GLN A 91 -3.35 9.99 -6.49
CA GLN A 91 -2.02 9.33 -6.25
C GLN A 91 -1.69 9.34 -4.74
N ILE A 92 -0.85 8.45 -4.30
CA ILE A 92 -0.49 8.42 -2.83
C ILE A 92 0.80 7.61 -2.62
N LEU A 93 1.67 8.09 -1.77
CA LEU A 93 2.96 7.36 -1.52
C LEU A 93 2.85 6.51 -0.24
N LEU A 94 3.00 5.22 -0.37
CA LEU A 94 2.91 4.33 0.83
C LEU A 94 4.07 4.62 1.80
N ASP A 95 5.20 5.04 1.30
CA ASP A 95 6.36 5.34 2.19
C ASP A 95 6.04 6.59 3.06
N SER A 96 5.84 6.40 4.33
CA SER A 96 5.53 7.57 5.22
C SER A 96 5.44 7.11 6.69
N GLN A 97 4.32 7.31 7.34
CA GLN A 97 4.20 6.88 8.78
C GLN A 97 3.90 5.36 8.88
N ILE A 98 4.45 4.56 8.01
CA ILE A 98 4.21 3.08 8.07
C ILE A 98 5.56 2.35 8.05
N ASP A 99 5.74 1.37 8.89
CA ASP A 99 7.04 0.64 8.94
C ASP A 99 6.82 -0.85 9.29
N ASN A 100 7.82 -1.66 9.04
CA ASN A 100 7.71 -3.12 9.35
C ASN A 100 8.84 -3.54 10.32
N ASN A 101 8.49 -4.16 11.41
CA ASN A 101 9.55 -4.60 12.36
C ASN A 101 10.32 -5.80 11.77
N ASP A 102 11.44 -6.14 12.34
CA ASP A 102 12.26 -7.29 11.84
C ASP A 102 11.42 -8.58 11.71
N SER A 103 10.62 -8.89 12.70
CA SER A 103 9.76 -10.11 12.64
C SER A 103 8.26 -9.78 12.72
N GLN A 104 7.88 -8.53 12.81
CA GLN A 104 6.42 -8.22 12.89
C GLN A 104 6.08 -7.01 12.00
N LEU A 105 4.84 -6.88 11.59
CA LEU A 105 4.44 -5.73 10.71
C LEU A 105 3.38 -4.87 11.40
N GLU A 106 3.74 -3.68 11.80
CA GLU A 106 2.76 -2.77 12.48
C GLU A 106 3.12 -1.30 12.22
N ILE A 107 2.13 -0.45 12.17
CA ILE A 107 2.38 1.00 11.91
C ILE A 107 3.38 1.53 12.95
N GLY A 108 4.07 2.58 12.62
CA GLY A 108 5.07 3.18 13.55
C GLY A 108 5.21 4.67 13.18
N MET A 1 9.81 7.73 9.28
CA MET A 1 10.55 6.67 10.03
C MET A 1 10.64 5.41 9.16
N PRO A 2 11.59 4.55 9.44
CA PRO A 2 11.86 3.27 8.71
C PRO A 2 10.70 2.74 7.84
N ASN A 3 10.99 2.02 6.77
CA ASN A 3 9.86 1.52 5.88
C ASN A 3 10.14 0.05 5.52
N PHE A 4 9.27 -0.57 4.77
CA PHE A 4 9.47 -2.01 4.41
C PHE A 4 10.22 -2.18 3.09
N SER A 5 10.92 -1.18 2.64
CA SER A 5 11.67 -1.32 1.35
C SER A 5 12.91 -2.20 1.59
N HIS A 6 13.97 -1.61 2.02
CA HIS A 6 15.24 -2.36 2.26
C HIS A 6 14.99 -3.57 3.19
N THR A 7 14.11 -3.43 4.16
CA THR A 7 13.88 -4.57 5.10
C THR A 7 13.14 -5.74 4.40
N CYS A 8 12.31 -5.44 3.45
CA CYS A 8 11.56 -6.51 2.72
C CYS A 8 11.78 -6.42 1.21
N SER A 9 11.60 -7.51 0.51
CA SER A 9 11.80 -7.49 -0.98
C SER A 9 10.67 -8.26 -1.67
N SER A 10 10.52 -8.11 -2.97
CA SER A 10 9.43 -8.83 -3.72
C SER A 10 8.06 -8.25 -3.36
N ILE A 11 7.92 -6.96 -3.50
CA ILE A 11 6.63 -6.27 -3.18
C ILE A 11 5.52 -6.67 -4.15
N ASN A 12 4.51 -7.34 -3.67
CA ASN A 12 3.37 -7.74 -4.55
C ASN A 12 2.09 -7.03 -4.12
N TYR A 13 1.21 -6.76 -5.05
CA TYR A 13 -0.07 -6.06 -4.73
C TYR A 13 -1.21 -6.69 -5.52
N ASP A 14 -2.01 -7.49 -4.91
CA ASP A 14 -3.16 -8.09 -5.66
C ASP A 14 -4.29 -7.05 -5.74
N PRO A 15 -4.69 -6.69 -6.94
CA PRO A 15 -5.76 -5.65 -7.14
C PRO A 15 -7.16 -6.13 -6.75
N ASP A 16 -7.40 -7.43 -6.71
CA ASP A 16 -8.77 -7.91 -6.32
C ASP A 16 -8.93 -7.83 -4.79
N SER A 17 -8.12 -8.56 -4.06
CA SER A 17 -8.22 -8.58 -2.56
C SER A 17 -7.43 -7.43 -1.92
N THR A 18 -6.72 -6.66 -2.70
CA THR A 18 -5.88 -5.52 -2.17
C THR A 18 -5.02 -5.97 -0.97
N ILE A 19 -4.24 -7.00 -1.15
CA ILE A 19 -3.36 -7.46 -0.03
C ILE A 19 -1.89 -7.26 -0.45
N LEU A 20 -1.10 -6.67 0.39
CA LEU A 20 0.34 -6.47 0.05
C LEU A 20 1.18 -7.60 0.64
N SER A 21 1.87 -8.34 -0.19
CA SER A 21 2.71 -9.46 0.32
C SER A 21 4.19 -9.14 0.10
N ALA A 22 5.02 -9.46 1.05
CA ALA A 22 6.48 -9.18 0.91
C ALA A 22 7.27 -10.08 1.87
N GLU A 23 8.47 -10.43 1.50
CA GLU A 23 9.30 -11.30 2.39
C GLU A 23 10.24 -10.41 3.21
N CYS A 24 10.29 -10.61 4.50
CA CYS A 24 11.17 -9.76 5.36
C CYS A 24 12.08 -10.65 6.22
N GLN A 25 13.18 -10.11 6.70
CA GLN A 25 14.12 -10.92 7.54
C GLN A 25 13.69 -10.83 9.01
N ALA A 26 13.60 -11.94 9.68
CA ALA A 26 13.19 -11.92 11.11
C ALA A 26 14.40 -11.68 12.00
N ARG A 27 14.16 -11.41 13.25
CA ARG A 27 15.27 -11.17 14.21
C ARG A 27 16.17 -12.40 14.28
N ASP A 28 15.60 -13.56 14.10
CA ASP A 28 16.39 -14.83 14.17
C ASP A 28 17.24 -14.94 12.90
N GLY A 29 17.18 -13.95 12.06
CA GLY A 29 17.99 -14.00 10.79
C GLY A 29 17.28 -14.92 9.79
N GLU A 30 16.00 -15.12 9.95
CA GLU A 30 15.24 -16.00 9.00
C GLU A 30 14.27 -15.17 8.13
N TRP A 31 14.08 -15.58 6.90
CA TRP A 31 13.16 -14.84 5.97
C TRP A 31 11.73 -15.37 6.14
N LEU A 32 10.78 -14.50 6.36
CA LEU A 32 9.35 -14.95 6.50
C LEU A 32 8.43 -14.12 5.61
N PRO A 33 7.31 -14.66 5.20
CA PRO A 33 6.32 -13.96 4.34
C PRO A 33 5.27 -13.19 5.16
N THR A 34 4.87 -12.03 4.73
CA THR A 34 3.83 -11.26 5.50
C THR A 34 2.76 -10.67 4.58
N GLU A 35 1.55 -10.58 5.05
CA GLU A 35 0.44 -10.00 4.22
C GLU A 35 -0.13 -8.76 4.90
N LEU A 36 -0.65 -7.82 4.13
CA LEU A 36 -1.24 -6.59 4.76
C LEU A 36 -2.44 -6.11 3.92
N ARG A 37 -3.49 -5.65 4.57
CA ARG A 37 -4.69 -5.16 3.81
C ARG A 37 -4.78 -3.63 3.92
N LEU A 38 -4.51 -2.92 2.85
CA LEU A 38 -4.57 -1.43 2.91
C LEU A 38 -6.01 -0.95 3.17
N SER A 39 -6.97 -1.60 2.59
CA SER A 39 -8.39 -1.19 2.80
C SER A 39 -8.61 -0.76 4.26
N ASP A 40 -7.83 -1.31 5.15
CA ASP A 40 -7.96 -0.97 6.60
C ASP A 40 -7.62 0.52 6.83
N HIS A 41 -6.61 1.03 6.15
CA HIS A 41 -6.25 2.48 6.33
C HIS A 41 -6.55 3.30 5.06
N ILE A 42 -7.17 2.73 4.06
CA ILE A 42 -7.46 3.51 2.81
C ILE A 42 -8.97 3.58 2.53
N GLY A 43 -9.51 4.78 2.45
CA GLY A 43 -10.97 4.95 2.17
C GLY A 43 -11.16 6.06 1.13
N ASN A 44 -12.32 6.15 0.53
CA ASN A 44 -12.56 7.21 -0.49
C ASN A 44 -13.17 8.44 0.20
N ILE A 45 -12.78 9.59 -0.23
CA ILE A 45 -13.35 10.81 0.39
C ILE A 45 -13.67 11.81 -0.73
N ASP A 46 -14.87 11.76 -1.22
CA ASP A 46 -15.31 12.67 -2.31
C ASP A 46 -14.42 12.59 -3.57
N GLY A 47 -13.80 11.47 -3.84
CA GLY A 47 -12.95 11.38 -5.08
C GLY A 47 -11.45 11.39 -4.74
N GLU A 48 -11.11 11.61 -3.50
CA GLU A 48 -9.66 11.65 -3.13
C GLU A 48 -9.30 10.46 -2.22
N LEU A 49 -8.04 10.15 -2.13
CA LEU A 49 -7.58 9.00 -1.27
C LEU A 49 -6.89 9.56 -0.02
N GLN A 50 -7.16 9.03 1.14
CA GLN A 50 -6.50 9.54 2.38
C GLN A 50 -6.25 8.42 3.38
N PHE A 51 -5.34 8.63 4.29
CA PHE A 51 -5.02 7.63 5.33
C PHE A 51 -6.02 7.81 6.50
N GLY A 52 -6.30 6.77 7.22
CA GLY A 52 -7.27 6.88 8.36
C GLY A 52 -8.64 6.31 7.95
N ASP A 53 -9.00 6.46 6.72
CA ASP A 53 -10.31 5.93 6.25
C ASP A 53 -10.17 4.49 5.75
N GLN A 54 -11.27 3.86 5.43
CA GLN A 54 -11.23 2.45 4.94
C GLN A 54 -12.24 2.21 3.79
N ASN A 55 -12.14 1.12 3.07
CA ASN A 55 -13.12 0.87 1.96
C ASN A 55 -12.88 1.85 0.80
N PHE A 56 -11.98 1.53 -0.08
CA PHE A 56 -11.68 2.42 -1.25
C PHE A 56 -11.72 1.66 -2.59
N GLN A 57 -11.23 0.46 -2.64
CA GLN A 57 -11.26 -0.29 -3.95
C GLN A 57 -12.71 -0.45 -4.42
N GLU A 58 -13.64 -0.43 -3.52
CA GLU A 58 -15.08 -0.58 -3.91
C GLU A 58 -15.48 0.59 -4.83
N THR A 59 -14.87 1.73 -4.67
CA THR A 59 -15.22 2.91 -5.53
C THR A 59 -14.00 3.32 -6.37
N CYS A 60 -13.09 2.42 -6.63
CA CYS A 60 -11.89 2.78 -7.44
C CYS A 60 -11.43 1.59 -8.29
N GLN A 61 -10.73 1.86 -9.38
CA GLN A 61 -10.25 0.76 -10.26
C GLN A 61 -8.82 1.04 -10.77
N ASP A 62 -8.27 0.11 -11.51
CA ASP A 62 -6.89 0.25 -12.08
C ASP A 62 -5.85 0.58 -11.00
N CYS A 63 -5.93 0.01 -9.84
CA CYS A 63 -4.89 0.33 -8.80
C CYS A 63 -3.59 -0.35 -9.20
N ARG A 64 -2.52 0.37 -9.24
CA ARG A 64 -1.24 -0.27 -9.63
C ARG A 64 -0.04 0.47 -9.05
N LEU A 65 0.93 -0.29 -8.65
CA LEU A 65 2.16 0.28 -8.08
C LEU A 65 3.10 0.67 -9.23
N GLU A 66 3.95 1.63 -9.02
CA GLU A 66 4.88 2.04 -10.11
C GLU A 66 6.28 2.27 -9.53
N PHE A 67 7.30 1.69 -10.12
CA PHE A 67 8.68 1.88 -9.59
C PHE A 67 9.28 3.18 -10.17
N GLY A 68 9.94 3.96 -9.36
CA GLY A 68 10.55 5.24 -9.86
C GLY A 68 11.98 5.00 -10.37
N ASP A 69 12.80 6.03 -10.39
CA ASP A 69 14.21 5.87 -10.86
C ASP A 69 14.89 4.72 -10.11
N GLY A 70 14.62 4.58 -8.84
CA GLY A 70 15.25 3.48 -8.04
C GLY A 70 14.20 2.43 -7.68
N GLU A 71 14.48 1.19 -7.92
CA GLU A 71 13.50 0.12 -7.61
C GLU A 71 13.29 0.01 -6.09
N GLN A 72 13.88 0.90 -5.33
CA GLN A 72 13.71 0.84 -3.83
C GLN A 72 12.37 1.46 -3.44
N SER A 73 11.57 1.83 -4.41
CA SER A 73 10.27 2.45 -4.06
C SER A 73 9.16 2.10 -5.07
N VAL A 74 7.92 2.07 -4.66
CA VAL A 74 6.84 1.76 -5.65
C VAL A 74 5.68 2.74 -5.36
N TRP A 75 5.07 3.36 -6.33
CA TRP A 75 4.00 4.35 -5.98
C TRP A 75 2.56 3.93 -6.34
N LEU A 76 1.65 4.06 -5.41
CA LEU A 76 0.24 3.61 -5.65
C LEU A 76 -0.66 4.70 -6.25
N VAL A 77 -1.14 4.44 -7.45
CA VAL A 77 -2.06 5.38 -8.18
C VAL A 77 -3.40 4.65 -8.46
N CYS A 78 -4.53 5.31 -8.30
CA CYS A 78 -5.84 4.62 -8.56
C CYS A 78 -6.89 5.63 -9.02
N THR A 79 -7.79 5.16 -9.83
CA THR A 79 -8.92 6.01 -10.30
C THR A 79 -10.06 5.82 -9.29
N CYS A 80 -10.49 6.87 -8.65
CA CYS A 80 -11.59 6.71 -7.62
C CYS A 80 -12.81 7.49 -8.10
N GLN A 81 -13.95 6.87 -8.12
CA GLN A 81 -15.19 7.59 -8.60
C GLN A 81 -15.54 8.75 -7.66
N THR A 82 -16.10 9.81 -8.19
CA THR A 82 -16.49 10.96 -7.31
C THR A 82 -17.93 10.75 -6.86
N MET A 83 -18.42 11.54 -5.95
CA MET A 83 -19.82 11.33 -5.48
C MET A 83 -20.80 11.53 -6.65
N ASP A 84 -20.52 12.45 -7.53
CA ASP A 84 -21.43 12.68 -8.68
C ASP A 84 -21.36 11.46 -9.62
N GLY A 85 -20.35 10.64 -9.48
CA GLY A 85 -20.22 9.44 -10.35
C GLY A 85 -19.10 9.62 -11.38
N GLU A 86 -18.40 10.72 -11.33
CA GLU A 86 -17.29 10.93 -12.31
C GLU A 86 -16.03 10.17 -11.86
N TRP A 87 -15.15 9.90 -12.79
CA TRP A 87 -13.90 9.14 -12.45
C TRP A 87 -12.68 10.09 -12.48
N LYS A 88 -11.87 10.09 -11.46
CA LYS A 88 -10.67 10.98 -11.46
C LYS A 88 -9.43 10.18 -11.06
N SER A 89 -8.27 10.64 -11.44
CA SER A 89 -7.00 9.92 -11.09
C SER A 89 -6.36 10.50 -9.82
N THR A 90 -6.16 9.68 -8.82
CA THR A 90 -5.52 10.16 -7.54
C THR A 90 -4.16 9.44 -7.38
N GLN A 91 -3.34 9.92 -6.47
CA GLN A 91 -1.99 9.28 -6.26
C GLN A 91 -1.64 9.29 -4.76
N ILE A 92 -0.83 8.37 -4.33
CA ILE A 92 -0.45 8.34 -2.87
C ILE A 92 0.88 7.57 -2.68
N LEU A 93 1.76 8.08 -1.87
CA LEU A 93 3.07 7.40 -1.65
C LEU A 93 3.06 6.64 -0.32
N LEU A 94 3.32 5.36 -0.35
CA LEU A 94 3.33 4.56 0.90
C LEU A 94 4.51 4.96 1.80
N ASP A 95 5.60 5.38 1.21
CA ASP A 95 6.79 5.80 2.03
C ASP A 95 6.41 7.00 2.93
N SER A 96 6.16 6.75 4.19
CA SER A 96 5.79 7.86 5.12
C SER A 96 5.56 7.33 6.55
N GLN A 97 4.39 7.49 7.10
CA GLN A 97 4.11 6.97 8.48
C GLN A 97 3.85 5.44 8.46
N ILE A 98 4.61 4.69 7.70
CA ILE A 98 4.40 3.19 7.66
C ILE A 98 5.74 2.50 7.91
N ASP A 99 5.77 1.53 8.76
CA ASP A 99 7.06 0.82 9.06
C ASP A 99 6.81 -0.66 9.42
N ASN A 100 7.83 -1.48 9.29
CA ASN A 100 7.69 -2.93 9.61
C ASN A 100 8.83 -3.38 10.54
N ASN A 101 8.51 -3.95 11.67
CA ASN A 101 9.59 -4.42 12.59
C ASN A 101 10.34 -5.60 11.95
N ASP A 102 11.48 -5.94 12.48
CA ASP A 102 12.29 -7.09 11.93
C ASP A 102 11.46 -8.39 11.83
N SER A 103 10.65 -8.66 12.82
CA SER A 103 9.79 -9.90 12.78
C SER A 103 8.30 -9.57 12.88
N GLN A 104 7.91 -8.32 12.93
CA GLN A 104 6.44 -8.01 13.03
C GLN A 104 6.09 -6.86 12.06
N LEU A 105 4.83 -6.77 11.67
CA LEU A 105 4.42 -5.68 10.72
C LEU A 105 3.32 -4.81 11.36
N GLU A 106 3.64 -3.59 11.71
CA GLU A 106 2.63 -2.69 12.33
C GLU A 106 2.91 -1.23 11.95
N ILE A 107 1.88 -0.45 11.77
CA ILE A 107 2.05 0.98 11.40
C ILE A 107 2.40 1.79 12.66
N GLY A 108 3.62 1.69 13.09
CA GLY A 108 4.08 2.43 14.30
C GLY A 108 3.28 1.91 15.50
N MET A 1 11.02 7.15 9.61
CA MET A 1 11.85 6.03 10.15
C MET A 1 11.74 4.83 9.20
N PRO A 2 12.71 3.93 9.24
CA PRO A 2 12.80 2.71 8.41
C PRO A 2 11.48 2.25 7.72
N ASN A 3 11.54 1.60 6.58
CA ASN A 3 10.27 1.19 5.89
C ASN A 3 10.41 -0.28 5.43
N PHE A 4 9.41 -0.82 4.79
CA PHE A 4 9.48 -2.25 4.35
C PHE A 4 10.25 -2.41 3.03
N SER A 5 11.05 -1.45 2.67
CA SER A 5 11.82 -1.57 1.39
C SER A 5 13.04 -2.47 1.64
N HIS A 6 14.11 -1.89 2.09
CA HIS A 6 15.36 -2.67 2.33
C HIS A 6 15.10 -3.86 3.28
N THR A 7 14.22 -3.70 4.25
CA THR A 7 13.95 -4.83 5.20
C THR A 7 13.22 -5.99 4.50
N CYS A 8 12.45 -5.70 3.49
CA CYS A 8 11.70 -6.78 2.77
C CYS A 8 11.94 -6.69 1.26
N SER A 9 11.79 -7.80 0.58
CA SER A 9 12.00 -7.79 -0.92
C SER A 9 10.83 -8.52 -1.62
N SER A 10 10.69 -8.34 -2.91
CA SER A 10 9.57 -9.01 -3.67
C SER A 10 8.23 -8.34 -3.33
N ILE A 11 8.16 -7.05 -3.53
CA ILE A 11 6.92 -6.29 -3.23
C ILE A 11 5.78 -6.65 -4.21
N ASN A 12 4.76 -7.31 -3.72
CA ASN A 12 3.62 -7.68 -4.60
C ASN A 12 2.33 -6.96 -4.14
N TYR A 13 1.46 -6.66 -5.06
CA TYR A 13 0.18 -5.95 -4.71
C TYR A 13 -0.96 -6.51 -5.54
N ASP A 14 -1.79 -7.32 -4.97
CA ASP A 14 -2.93 -7.86 -5.75
C ASP A 14 -4.04 -6.78 -5.81
N PRO A 15 -4.43 -6.37 -7.00
CA PRO A 15 -5.45 -5.30 -7.19
C PRO A 15 -6.88 -5.74 -6.79
N ASP A 16 -7.16 -7.02 -6.75
CA ASP A 16 -8.53 -7.46 -6.37
C ASP A 16 -8.70 -7.36 -4.84
N SER A 17 -7.95 -8.13 -4.10
CA SER A 17 -8.06 -8.14 -2.60
C SER A 17 -7.21 -7.03 -1.95
N THR A 18 -6.49 -6.28 -2.74
CA THR A 18 -5.61 -5.18 -2.20
C THR A 18 -4.76 -5.65 -1.01
N ILE A 19 -3.98 -6.68 -1.20
CA ILE A 19 -3.12 -7.18 -0.08
C ILE A 19 -1.64 -7.02 -0.50
N LEU A 20 -0.84 -6.46 0.37
CA LEU A 20 0.61 -6.31 0.03
C LEU A 20 1.41 -7.50 0.57
N SER A 21 2.05 -8.24 -0.29
CA SER A 21 2.84 -9.42 0.18
C SER A 21 4.33 -9.17 -0.05
N ALA A 22 5.15 -9.51 0.89
CA ALA A 22 6.62 -9.31 0.74
C ALA A 22 7.38 -10.23 1.70
N GLU A 23 8.59 -10.58 1.36
CA GLU A 23 9.38 -11.48 2.25
C GLU A 23 10.27 -10.61 3.16
N CYS A 24 10.22 -10.82 4.44
CA CYS A 24 11.04 -9.99 5.38
C CYS A 24 11.94 -10.89 6.22
N GLN A 25 13.03 -10.36 6.74
CA GLN A 25 13.96 -11.19 7.58
C GLN A 25 13.60 -11.01 9.05
N ALA A 26 13.49 -12.09 9.78
CA ALA A 26 13.14 -11.98 11.23
C ALA A 26 14.40 -11.70 12.05
N ARG A 27 14.21 -11.40 13.30
CA ARG A 27 15.36 -11.13 14.19
C ARG A 27 16.29 -12.34 14.24
N ASP A 28 15.73 -13.52 14.13
CA ASP A 28 16.54 -14.76 14.18
C ASP A 28 17.29 -14.90 12.85
N GLY A 29 17.13 -13.97 11.95
CA GLY A 29 17.82 -14.06 10.64
C GLY A 29 17.03 -15.00 9.72
N GLU A 30 15.80 -15.28 10.06
CA GLU A 30 14.96 -16.20 9.20
C GLU A 30 13.97 -15.38 8.34
N TRP A 31 13.75 -15.82 7.12
CA TRP A 31 12.80 -15.10 6.20
C TRP A 31 11.37 -15.60 6.45
N LEU A 32 10.44 -14.71 6.71
CA LEU A 32 9.02 -15.15 6.93
C LEU A 32 8.07 -14.24 6.13
N PRO A 33 7.45 -14.77 5.10
CA PRO A 33 6.50 -14.01 4.24
C PRO A 33 5.54 -13.14 5.06
N THR A 34 5.16 -11.99 4.56
CA THR A 34 4.22 -11.10 5.33
C THR A 34 3.11 -10.56 4.43
N GLU A 35 1.95 -10.34 4.99
CA GLU A 35 0.80 -9.81 4.18
C GLU A 35 0.21 -8.57 4.88
N LEU A 36 -0.34 -7.64 4.13
CA LEU A 36 -0.93 -6.42 4.76
C LEU A 36 -2.14 -5.95 3.92
N ARG A 37 -3.18 -5.49 4.57
CA ARG A 37 -4.40 -4.99 3.83
C ARG A 37 -4.49 -3.46 3.95
N LEU A 38 -4.29 -2.74 2.88
CA LEU A 38 -4.36 -1.24 2.96
C LEU A 38 -5.81 -0.78 3.21
N SER A 39 -6.76 -1.43 2.62
CA SER A 39 -8.19 -1.03 2.80
C SER A 39 -8.43 -0.62 4.25
N ASP A 40 -7.66 -1.18 5.16
CA ASP A 40 -7.80 -0.86 6.62
C ASP A 40 -7.49 0.63 6.87
N HIS A 41 -6.52 1.18 6.18
CA HIS A 41 -6.17 2.62 6.40
C HIS A 41 -6.50 3.48 5.15
N ILE A 42 -7.17 2.95 4.17
CA ILE A 42 -7.48 3.76 2.95
C ILE A 42 -8.98 3.72 2.60
N GLY A 43 -9.60 4.87 2.52
CA GLY A 43 -11.07 4.93 2.18
C GLY A 43 -11.30 6.03 1.14
N ASN A 44 -12.47 6.06 0.54
CA ASN A 44 -12.75 7.10 -0.49
C ASN A 44 -13.38 8.32 0.19
N ILE A 45 -12.99 9.48 -0.24
CA ILE A 45 -13.58 10.71 0.36
C ILE A 45 -13.89 11.69 -0.76
N ASP A 46 -15.09 11.63 -1.26
CA ASP A 46 -15.54 12.53 -2.35
C ASP A 46 -14.64 12.44 -3.61
N GLY A 47 -14.01 11.32 -3.88
CA GLY A 47 -13.15 11.22 -5.11
C GLY A 47 -11.66 11.27 -4.76
N GLU A 48 -11.32 11.55 -3.54
CA GLU A 48 -9.88 11.63 -3.15
C GLU A 48 -9.47 10.45 -2.26
N LEU A 49 -8.20 10.17 -2.18
CA LEU A 49 -7.70 9.04 -1.34
C LEU A 49 -6.98 9.61 -0.10
N GLN A 50 -7.29 9.12 1.07
CA GLN A 50 -6.60 9.65 2.29
C GLN A 50 -6.38 8.54 3.32
N PHE A 51 -5.41 8.73 4.18
CA PHE A 51 -5.11 7.74 5.24
C PHE A 51 -6.09 7.95 6.40
N GLY A 52 -6.38 6.93 7.16
CA GLY A 52 -7.34 7.09 8.30
C GLY A 52 -8.70 6.48 7.94
N ASP A 53 -9.07 6.54 6.69
CA ASP A 53 -10.38 5.96 6.28
C ASP A 53 -10.20 4.52 5.77
N GLN A 54 -11.29 3.87 5.45
CA GLN A 54 -11.20 2.46 4.94
C GLN A 54 -12.22 2.20 3.81
N ASN A 55 -12.13 1.10 3.11
CA ASN A 55 -13.12 0.81 2.01
C ASN A 55 -12.91 1.79 0.84
N PHE A 56 -12.01 1.48 -0.06
CA PHE A 56 -11.77 2.38 -1.24
C PHE A 56 -11.82 1.61 -2.57
N GLN A 57 -11.33 0.39 -2.62
CA GLN A 57 -11.38 -0.36 -3.92
C GLN A 57 -12.83 -0.53 -4.37
N GLU A 58 -13.75 -0.47 -3.45
CA GLU A 58 -15.19 -0.61 -3.83
C GLU A 58 -15.60 0.52 -4.78
N THR A 59 -14.98 1.67 -4.65
CA THR A 59 -15.34 2.83 -5.55
C THR A 59 -14.12 3.25 -6.37
N CYS A 60 -13.21 2.35 -6.64
CA CYS A 60 -12.00 2.73 -7.44
C CYS A 60 -11.52 1.54 -8.29
N GLN A 61 -10.81 1.82 -9.35
CA GLN A 61 -10.31 0.72 -10.24
C GLN A 61 -8.89 1.05 -10.76
N ASP A 62 -8.35 0.12 -11.51
CA ASP A 62 -6.97 0.28 -12.09
C ASP A 62 -5.92 0.62 -11.02
N CYS A 63 -5.99 0.03 -9.85
CA CYS A 63 -4.94 0.36 -8.83
C CYS A 63 -3.64 -0.30 -9.24
N ARG A 64 -2.56 0.43 -9.29
CA ARG A 64 -1.29 -0.19 -9.69
C ARG A 64 -0.09 0.55 -9.11
N LEU A 65 0.88 -0.21 -8.72
CA LEU A 65 2.12 0.37 -8.14
C LEU A 65 3.05 0.74 -9.29
N GLU A 66 3.92 1.69 -9.09
CA GLU A 66 4.86 2.08 -10.19
C GLU A 66 6.26 2.32 -9.61
N PHE A 67 7.28 1.81 -10.24
CA PHE A 67 8.68 2.01 -9.71
C PHE A 67 9.25 3.33 -10.26
N GLY A 68 9.89 4.11 -9.44
CA GLY A 68 10.47 5.41 -9.91
C GLY A 68 11.91 5.20 -10.41
N ASP A 69 12.70 6.24 -10.42
CA ASP A 69 14.12 6.12 -10.89
C ASP A 69 14.83 4.99 -10.12
N GLY A 70 14.58 4.88 -8.84
CA GLY A 70 15.23 3.80 -8.03
C GLY A 70 14.18 2.75 -7.64
N GLU A 71 14.47 1.50 -7.83
CA GLU A 71 13.50 0.43 -7.49
C GLU A 71 13.29 0.39 -5.96
N GLN A 72 13.86 1.32 -5.24
CA GLN A 72 13.68 1.32 -3.75
C GLN A 72 12.33 1.95 -3.39
N SER A 73 11.53 2.23 -4.37
CA SER A 73 10.21 2.87 -4.07
C SER A 73 9.09 2.39 -5.01
N VAL A 74 7.87 2.35 -4.58
CA VAL A 74 6.78 1.93 -5.52
C VAL A 74 5.63 2.94 -5.33
N TRP A 75 5.05 3.50 -6.36
CA TRP A 75 3.98 4.51 -6.10
C TRP A 75 2.54 4.06 -6.44
N LEU A 76 1.64 4.20 -5.51
CA LEU A 76 0.23 3.73 -5.71
C LEU A 76 -0.70 4.80 -6.31
N VAL A 77 -1.18 4.52 -7.52
CA VAL A 77 -2.13 5.44 -8.23
C VAL A 77 -3.46 4.68 -8.47
N CYS A 78 -4.59 5.34 -8.30
CA CYS A 78 -5.90 4.64 -8.52
C CYS A 78 -6.98 5.61 -8.98
N THR A 79 -7.87 5.12 -9.79
CA THR A 79 -9.00 5.95 -10.26
C THR A 79 -10.14 5.75 -9.26
N CYS A 80 -10.61 6.80 -8.64
CA CYS A 80 -11.71 6.66 -7.62
C CYS A 80 -12.93 7.43 -8.12
N GLN A 81 -14.08 6.81 -8.14
CA GLN A 81 -15.31 7.53 -8.63
C GLN A 81 -15.68 8.67 -7.67
N THR A 82 -16.27 9.72 -8.20
CA THR A 82 -16.69 10.85 -7.31
C THR A 82 -18.13 10.61 -6.89
N MET A 83 -18.65 11.37 -5.98
CA MET A 83 -20.06 11.14 -5.53
C MET A 83 -21.03 11.34 -6.70
N ASP A 84 -20.75 12.30 -7.55
CA ASP A 84 -21.66 12.52 -8.72
C ASP A 84 -21.57 11.31 -9.67
N GLY A 85 -20.53 10.53 -9.57
CA GLY A 85 -20.39 9.33 -10.44
C GLY A 85 -19.26 9.53 -11.46
N GLU A 86 -18.58 10.65 -11.42
CA GLU A 86 -17.46 10.87 -12.39
C GLU A 86 -16.20 10.11 -11.94
N TRP A 87 -15.33 9.80 -12.86
CA TRP A 87 -14.08 9.05 -12.51
C TRP A 87 -12.87 9.99 -12.59
N LYS A 88 -12.05 10.01 -11.58
CA LYS A 88 -10.83 10.89 -11.62
C LYS A 88 -9.59 10.10 -11.20
N SER A 89 -8.42 10.58 -11.53
CA SER A 89 -7.15 9.87 -11.16
C SER A 89 -6.50 10.52 -9.94
N THR A 90 -6.27 9.73 -8.91
CA THR A 90 -5.60 10.27 -7.67
C THR A 90 -4.26 9.55 -7.48
N GLN A 91 -3.42 10.03 -6.60
CA GLN A 91 -2.08 9.38 -6.37
C GLN A 91 -1.74 9.40 -4.87
N ILE A 92 -0.91 8.50 -4.42
CA ILE A 92 -0.54 8.48 -2.96
C ILE A 92 0.79 7.72 -2.76
N LEU A 93 1.65 8.23 -1.93
CA LEU A 93 2.96 7.55 -1.69
C LEU A 93 2.89 6.69 -0.42
N LEU A 94 3.03 5.40 -0.57
CA LEU A 94 2.99 4.49 0.62
C LEU A 94 4.19 4.74 1.54
N ASP A 95 5.32 5.12 0.98
CA ASP A 95 6.52 5.40 1.81
C ASP A 95 6.29 6.63 2.71
N SER A 96 6.16 6.43 4.00
CA SER A 96 5.92 7.58 4.93
C SER A 96 5.79 7.08 6.37
N GLN A 97 4.68 7.34 7.03
CA GLN A 97 4.51 6.86 8.44
C GLN A 97 4.16 5.35 8.49
N ILE A 98 4.83 4.53 7.72
CA ILE A 98 4.53 3.06 7.74
C ILE A 98 5.85 2.30 7.93
N ASP A 99 5.88 1.35 8.83
CA ASP A 99 7.14 0.58 9.07
C ASP A 99 6.84 -0.88 9.42
N ASN A 100 7.78 -1.76 9.20
CA ASN A 100 7.58 -3.21 9.51
C ASN A 100 8.73 -3.72 10.40
N ASN A 101 8.43 -4.16 11.59
CA ASN A 101 9.51 -4.68 12.47
C ASN A 101 10.08 -5.98 11.88
N ASP A 102 11.24 -6.39 12.33
CA ASP A 102 11.89 -7.64 11.82
C ASP A 102 10.93 -8.85 11.90
N SER A 103 10.21 -9.00 12.98
CA SER A 103 9.24 -10.14 13.13
C SER A 103 7.79 -9.66 13.31
N GLN A 104 7.54 -8.37 13.30
CA GLN A 104 6.13 -7.91 13.48
C GLN A 104 5.81 -6.76 12.49
N LEU A 105 4.56 -6.59 12.15
CA LEU A 105 4.19 -5.50 11.18
C LEU A 105 3.11 -4.58 11.78
N GLU A 106 3.45 -3.37 12.07
CA GLU A 106 2.45 -2.42 12.67
C GLU A 106 2.79 -0.98 12.28
N ILE A 107 1.79 -0.15 12.15
CA ILE A 107 2.02 1.27 11.77
C ILE A 107 2.34 2.08 13.03
N GLY A 108 3.56 2.01 13.49
CA GLY A 108 4.00 2.75 14.70
C GLY A 108 4.26 4.20 14.29
N MET A 1 10.75 7.60 9.15
CA MET A 1 11.86 6.65 9.48
C MET A 1 11.70 5.39 8.61
N PRO A 2 12.75 4.63 8.47
CA PRO A 2 12.83 3.37 7.67
C PRO A 2 11.46 2.73 7.29
N ASN A 3 11.37 2.04 6.17
CA ASN A 3 10.04 1.45 5.78
C ASN A 3 10.25 -0.04 5.42
N PHE A 4 9.27 -0.68 4.86
CA PHE A 4 9.40 -2.13 4.51
C PHE A 4 10.16 -2.34 3.19
N SER A 5 10.78 -1.33 2.67
CA SER A 5 11.55 -1.50 1.39
C SER A 5 12.83 -2.27 1.68
N HIS A 6 13.85 -1.57 2.07
CA HIS A 6 15.17 -2.22 2.36
C HIS A 6 14.98 -3.46 3.27
N THR A 7 14.05 -3.42 4.19
CA THR A 7 13.87 -4.60 5.11
C THR A 7 13.19 -5.77 4.38
N CYS A 8 12.38 -5.49 3.40
CA CYS A 8 11.68 -6.58 2.65
C CYS A 8 11.90 -6.45 1.14
N SER A 9 11.72 -7.53 0.43
CA SER A 9 11.91 -7.46 -1.07
C SER A 9 10.77 -8.22 -1.78
N SER A 10 10.63 -8.04 -3.07
CA SER A 10 9.55 -8.74 -3.84
C SER A 10 8.17 -8.18 -3.44
N ILE A 11 8.00 -6.90 -3.57
CA ILE A 11 6.71 -6.24 -3.20
C ILE A 11 5.59 -6.63 -4.16
N ASN A 12 4.56 -7.27 -3.66
CA ASN A 12 3.41 -7.67 -4.53
C ASN A 12 2.13 -6.96 -4.07
N TYR A 13 1.27 -6.64 -4.99
CA TYR A 13 -0.01 -5.94 -4.64
C TYR A 13 -1.15 -6.54 -5.45
N ASP A 14 -1.98 -7.34 -4.86
CA ASP A 14 -3.13 -7.90 -5.61
C ASP A 14 -4.24 -6.83 -5.69
N PRO A 15 -4.66 -6.47 -6.88
CA PRO A 15 -5.70 -5.41 -7.08
C PRO A 15 -7.11 -5.87 -6.67
N ASP A 16 -7.37 -7.15 -6.63
CA ASP A 16 -8.74 -7.62 -6.23
C ASP A 16 -8.90 -7.50 -4.69
N SER A 17 -8.15 -8.28 -3.95
CA SER A 17 -8.26 -8.29 -2.45
C SER A 17 -7.40 -7.17 -1.82
N THR A 18 -6.70 -6.42 -2.61
CA THR A 18 -5.81 -5.32 -2.08
C THR A 18 -4.94 -5.80 -0.90
N ILE A 19 -4.16 -6.83 -1.10
CA ILE A 19 -3.29 -7.32 0.01
C ILE A 19 -1.82 -7.13 -0.41
N LEU A 20 -1.02 -6.56 0.46
CA LEU A 20 0.42 -6.35 0.12
C LEU A 20 1.25 -7.53 0.68
N SER A 21 1.95 -8.23 -0.17
CA SER A 21 2.77 -9.38 0.31
C SER A 21 4.24 -9.09 0.06
N ALA A 22 5.09 -9.44 1.00
CA ALA A 22 6.54 -9.19 0.84
C ALA A 22 7.34 -10.09 1.79
N GLU A 23 8.54 -10.43 1.42
CA GLU A 23 9.37 -11.31 2.30
C GLU A 23 10.29 -10.44 3.16
N CYS A 24 10.26 -10.62 4.46
CA CYS A 24 11.13 -9.77 5.35
C CYS A 24 12.04 -10.67 6.19
N GLN A 25 13.13 -10.13 6.68
CA GLN A 25 14.08 -10.94 7.51
C GLN A 25 13.76 -10.73 9.00
N ALA A 26 13.62 -11.80 9.74
CA ALA A 26 13.31 -11.65 11.20
C ALA A 26 14.59 -11.49 11.99
N ARG A 27 14.45 -11.14 13.23
CA ARG A 27 15.64 -10.96 14.11
C ARG A 27 16.42 -12.28 14.20
N ASP A 28 15.72 -13.37 14.12
CA ASP A 28 16.39 -14.71 14.21
C ASP A 28 17.22 -14.94 12.94
N GLY A 29 17.23 -13.98 12.05
CA GLY A 29 18.02 -14.14 10.79
C GLY A 29 17.23 -15.04 9.83
N GLU A 30 15.95 -15.17 10.03
CA GLU A 30 15.11 -16.02 9.12
C GLU A 30 14.23 -15.15 8.21
N TRP A 31 13.93 -15.65 7.02
CA TRP A 31 13.08 -14.88 6.06
C TRP A 31 11.63 -15.41 6.11
N LEU A 32 10.66 -14.53 6.29
CA LEU A 32 9.24 -14.99 6.32
C LEU A 32 8.37 -14.05 5.47
N PRO A 33 7.27 -14.55 4.96
CA PRO A 33 6.31 -13.76 4.12
C PRO A 33 5.22 -13.08 4.96
N THR A 34 4.91 -11.83 4.69
CA THR A 34 3.85 -11.14 5.50
C THR A 34 2.80 -10.50 4.57
N GLU A 35 1.56 -10.50 4.98
CA GLU A 35 0.47 -9.90 4.16
C GLU A 35 -0.12 -8.68 4.88
N LEU A 36 -0.60 -7.70 4.16
CA LEU A 36 -1.20 -6.49 4.82
C LEU A 36 -2.40 -6.00 3.99
N ARG A 37 -3.47 -5.61 4.64
CA ARG A 37 -4.68 -5.11 3.90
C ARG A 37 -4.76 -3.57 4.02
N LEU A 38 -4.49 -2.86 2.96
CA LEU A 38 -4.56 -1.36 3.05
C LEU A 38 -5.98 -0.88 3.30
N SER A 39 -6.95 -1.53 2.70
CA SER A 39 -8.37 -1.11 2.91
C SER A 39 -8.59 -0.68 4.37
N ASP A 40 -7.82 -1.23 5.27
CA ASP A 40 -7.94 -0.88 6.72
C ASP A 40 -7.67 0.63 6.92
N HIS A 41 -6.70 1.17 6.23
CA HIS A 41 -6.39 2.64 6.41
C HIS A 41 -6.67 3.43 5.10
N ILE A 42 -7.27 2.82 4.12
CA ILE A 42 -7.53 3.58 2.85
C ILE A 42 -9.04 3.65 2.54
N GLY A 43 -9.58 4.85 2.47
CA GLY A 43 -11.04 5.01 2.18
C GLY A 43 -11.22 6.13 1.13
N ASN A 44 -12.36 6.19 0.50
CA ASN A 44 -12.60 7.25 -0.53
C ASN A 44 -13.17 8.49 0.15
N ILE A 45 -12.77 9.64 -0.28
CA ILE A 45 -13.32 10.88 0.31
C ILE A 45 -13.62 11.87 -0.80
N ASP A 46 -14.83 11.82 -1.28
CA ASP A 46 -15.28 12.72 -2.38
C ASP A 46 -14.39 12.63 -3.65
N GLY A 47 -13.77 11.49 -3.92
CA GLY A 47 -12.94 11.38 -5.16
C GLY A 47 -11.44 11.37 -4.82
N GLU A 48 -11.09 11.60 -3.59
CA GLU A 48 -9.64 11.62 -3.23
C GLU A 48 -9.29 10.44 -2.30
N LEU A 49 -8.03 10.12 -2.18
CA LEU A 49 -7.58 8.99 -1.30
C LEU A 49 -6.90 9.56 -0.05
N GLN A 50 -7.19 9.05 1.11
CA GLN A 50 -6.54 9.58 2.35
C GLN A 50 -6.34 8.46 3.38
N PHE A 51 -5.44 8.68 4.30
CA PHE A 51 -5.17 7.69 5.37
C PHE A 51 -6.17 7.93 6.51
N GLY A 52 -6.50 6.91 7.26
CA GLY A 52 -7.48 7.09 8.38
C GLY A 52 -8.83 6.48 8.00
N ASP A 53 -9.20 6.55 6.75
CA ASP A 53 -10.50 5.96 6.32
C ASP A 53 -10.31 4.53 5.80
N GLN A 54 -11.40 3.89 5.44
CA GLN A 54 -11.31 2.49 4.92
C GLN A 54 -12.32 2.24 3.78
N ASN A 55 -12.25 1.12 3.10
CA ASN A 55 -13.23 0.85 1.99
C ASN A 55 -12.99 1.81 0.80
N PHE A 56 -12.05 1.51 -0.05
CA PHE A 56 -11.76 2.38 -1.22
C PHE A 56 -11.79 1.61 -2.55
N GLN A 57 -11.28 0.39 -2.59
CA GLN A 57 -11.30 -0.36 -3.88
C GLN A 57 -12.73 -0.54 -4.37
N GLU A 58 -13.68 -0.54 -3.46
CA GLU A 58 -15.10 -0.70 -3.86
C GLU A 58 -15.51 0.43 -4.80
N THR A 59 -14.91 1.59 -4.66
CA THR A 59 -15.25 2.75 -5.55
C THR A 59 -14.03 3.18 -6.37
N CYS A 60 -13.11 2.29 -6.62
CA CYS A 60 -11.89 2.67 -7.41
C CYS A 60 -11.40 1.49 -8.27
N GLN A 61 -10.70 1.78 -9.33
CA GLN A 61 -10.19 0.69 -10.22
C GLN A 61 -8.77 1.01 -10.72
N ASP A 62 -8.21 0.10 -11.49
CA ASP A 62 -6.83 0.26 -12.05
C ASP A 62 -5.79 0.57 -10.96
N CYS A 63 -5.87 -0.03 -9.82
CA CYS A 63 -4.84 0.29 -8.77
C CYS A 63 -3.53 -0.39 -9.18
N ARG A 64 -2.46 0.33 -9.21
CA ARG A 64 -1.18 -0.29 -9.61
C ARG A 64 0.01 0.44 -9.01
N LEU A 65 1.01 -0.32 -8.68
CA LEU A 65 2.25 0.25 -8.09
C LEU A 65 3.14 0.72 -9.23
N GLU A 66 3.97 1.70 -9.00
CA GLU A 66 4.87 2.18 -10.09
C GLU A 66 6.28 2.43 -9.52
N PHE A 67 7.29 1.86 -10.12
CA PHE A 67 8.68 2.07 -9.60
C PHE A 67 9.28 3.35 -10.21
N GLY A 68 9.94 4.15 -9.41
CA GLY A 68 10.54 5.43 -9.94
C GLY A 68 11.95 5.17 -10.49
N ASP A 69 12.77 6.18 -10.57
CA ASP A 69 14.16 5.99 -11.09
C ASP A 69 14.87 4.87 -10.32
N GLY A 70 14.64 4.79 -9.03
CA GLY A 70 15.30 3.70 -8.22
C GLY A 70 14.25 2.66 -7.82
N GLU A 71 14.55 1.42 -8.02
CA GLU A 71 13.57 0.34 -7.67
C GLU A 71 13.40 0.28 -6.14
N GLN A 72 14.00 1.19 -5.41
CA GLN A 72 13.86 1.16 -3.92
C GLN A 72 12.52 1.78 -3.52
N SER A 73 11.69 2.06 -4.47
CA SER A 73 10.37 2.68 -4.12
C SER A 73 9.23 2.21 -5.04
N VAL A 74 8.02 2.18 -4.56
CA VAL A 74 6.91 1.75 -5.47
C VAL A 74 5.75 2.75 -5.24
N TRP A 75 5.15 3.31 -6.25
CA TRP A 75 4.06 4.32 -5.95
C TRP A 75 2.63 3.88 -6.30
N LEU A 76 1.71 4.03 -5.38
CA LEU A 76 0.31 3.57 -5.60
C LEU A 76 -0.61 4.64 -6.19
N VAL A 77 -1.08 4.39 -7.41
CA VAL A 77 -2.01 5.32 -8.12
C VAL A 77 -3.34 4.57 -8.38
N CYS A 78 -4.47 5.24 -8.22
CA CYS A 78 -5.79 4.55 -8.46
C CYS A 78 -6.84 5.54 -8.93
N THR A 79 -7.73 5.06 -9.74
CA THR A 79 -8.85 5.91 -10.22
C THR A 79 -10.01 5.71 -9.22
N CYS A 80 -10.48 6.76 -8.61
CA CYS A 80 -11.59 6.61 -7.60
C CYS A 80 -12.80 7.38 -8.10
N GLN A 81 -13.95 6.76 -8.13
CA GLN A 81 -15.18 7.49 -8.62
C GLN A 81 -15.53 8.65 -7.68
N THR A 82 -16.09 9.71 -8.22
CA THR A 82 -16.49 10.87 -7.36
C THR A 82 -17.93 10.65 -6.91
N MET A 83 -18.41 11.43 -5.99
CA MET A 83 -19.82 11.22 -5.54
C MET A 83 -20.80 11.41 -6.70
N ASP A 84 -20.52 12.33 -7.58
CA ASP A 84 -21.43 12.55 -8.74
C ASP A 84 -21.37 11.31 -9.67
N GLY A 85 -20.33 10.53 -9.56
CA GLY A 85 -20.21 9.31 -10.40
C GLY A 85 -19.09 9.47 -11.44
N GLU A 86 -18.36 10.56 -11.39
CA GLU A 86 -17.25 10.76 -12.38
C GLU A 86 -15.99 10.02 -11.92
N TRP A 87 -15.10 9.73 -12.83
CA TRP A 87 -13.85 8.99 -12.47
C TRP A 87 -12.65 9.96 -12.47
N LYS A 88 -11.87 9.96 -11.44
CA LYS A 88 -10.68 10.88 -11.41
C LYS A 88 -9.42 10.09 -10.99
N SER A 89 -8.27 10.54 -11.41
CA SER A 89 -7.00 9.83 -11.06
C SER A 89 -6.36 10.45 -9.81
N THR A 90 -6.12 9.66 -8.80
CA THR A 90 -5.47 10.16 -7.55
C THR A 90 -4.13 9.43 -7.35
N GLN A 91 -3.29 9.92 -6.47
CA GLN A 91 -1.95 9.26 -6.24
C GLN A 91 -1.63 9.27 -4.73
N ILE A 92 -0.79 8.36 -4.29
CA ILE A 92 -0.44 8.32 -2.83
C ILE A 92 0.86 7.52 -2.62
N LEU A 93 1.74 8.01 -1.79
CA LEU A 93 3.04 7.29 -1.55
C LEU A 93 2.95 6.46 -0.27
N LEU A 94 3.12 5.17 -0.38
CA LEU A 94 3.06 4.29 0.82
C LEU A 94 4.24 4.57 1.76
N ASP A 95 5.36 4.99 1.23
CA ASP A 95 6.55 5.30 2.10
C ASP A 95 6.27 6.55 2.95
N SER A 96 6.10 6.39 4.24
CA SER A 96 5.82 7.55 5.13
C SER A 96 5.58 7.09 6.57
N GLN A 97 4.41 7.34 7.13
CA GLN A 97 4.13 6.90 8.54
C GLN A 97 3.81 5.39 8.59
N ILE A 98 4.48 4.57 7.81
CA ILE A 98 4.20 3.10 7.83
C ILE A 98 5.54 2.35 8.02
N ASP A 99 5.57 1.37 8.88
CA ASP A 99 6.84 0.62 9.11
C ASP A 99 6.57 -0.86 9.41
N ASN A 100 7.53 -1.71 9.15
CA ASN A 100 7.35 -3.18 9.42
C ASN A 100 8.49 -3.69 10.33
N ASN A 101 8.17 -4.17 11.49
CA ASN A 101 9.25 -4.70 12.38
C ASN A 101 9.87 -5.95 11.76
N ASP A 102 11.08 -6.27 12.14
CA ASP A 102 11.78 -7.48 11.59
C ASP A 102 10.91 -8.76 11.71
N SER A 103 10.24 -8.91 12.81
CA SER A 103 9.35 -10.12 13.01
C SER A 103 7.87 -9.74 13.11
N GLN A 104 7.52 -8.48 13.12
CA GLN A 104 6.07 -8.12 13.22
C GLN A 104 5.74 -6.96 12.26
N LEU A 105 4.49 -6.82 11.87
CA LEU A 105 4.11 -5.73 10.93
C LEU A 105 3.02 -4.84 11.55
N GLU A 106 3.34 -3.62 11.89
CA GLU A 106 2.34 -2.71 12.50
C GLU A 106 2.67 -1.25 12.16
N ILE A 107 1.68 -0.42 12.06
CA ILE A 107 1.91 1.02 11.74
C ILE A 107 2.26 1.78 13.02
N GLY A 108 3.47 1.61 13.49
CA GLY A 108 3.92 2.30 14.73
C GLY A 108 5.15 3.15 14.38
N MET A 1 10.85 6.89 10.49
CA MET A 1 12.03 5.98 10.51
C MET A 1 11.85 4.91 9.43
N PRO A 2 12.92 4.26 9.03
CA PRO A 2 12.97 3.19 8.00
C PRO A 2 11.61 2.54 7.62
N ASN A 3 11.43 2.06 6.42
CA ASN A 3 10.11 1.45 6.04
C ASN A 3 10.34 0.00 5.58
N PHE A 4 9.34 -0.62 5.00
CA PHE A 4 9.51 -2.04 4.57
C PHE A 4 10.23 -2.16 3.22
N SER A 5 10.97 -1.17 2.82
CA SER A 5 11.70 -1.25 1.53
C SER A 5 12.93 -2.14 1.71
N HIS A 6 14.01 -1.54 2.14
CA HIS A 6 15.29 -2.30 2.33
C HIS A 6 15.07 -3.54 3.23
N THR A 7 14.21 -3.44 4.22
CA THR A 7 14.00 -4.61 5.14
C THR A 7 13.26 -5.74 4.42
N CYS A 8 12.44 -5.42 3.46
CA CYS A 8 11.68 -6.48 2.72
C CYS A 8 11.88 -6.35 1.21
N SER A 9 11.67 -7.43 0.49
CA SER A 9 11.85 -7.37 -1.00
C SER A 9 10.73 -8.14 -1.70
N SER A 10 10.58 -7.98 -3.00
CA SER A 10 9.49 -8.68 -3.76
C SER A 10 8.12 -8.12 -3.38
N ILE A 11 7.97 -6.83 -3.50
CA ILE A 11 6.70 -6.16 -3.15
C ILE A 11 5.58 -6.53 -4.14
N ASN A 12 4.55 -7.19 -3.66
CA ASN A 12 3.42 -7.58 -4.55
C ASN A 12 2.12 -6.89 -4.09
N TYR A 13 1.23 -6.61 -5.00
CA TYR A 13 -0.05 -5.94 -4.64
C TYR A 13 -1.18 -6.53 -5.47
N ASP A 14 -2.00 -7.35 -4.89
CA ASP A 14 -3.14 -7.92 -5.67
C ASP A 14 -4.28 -6.88 -5.72
N PRO A 15 -4.69 -6.48 -6.90
CA PRO A 15 -5.75 -5.45 -7.07
C PRO A 15 -7.15 -5.94 -6.66
N ASP A 16 -7.39 -7.22 -6.61
CA ASP A 16 -8.74 -7.71 -6.21
C ASP A 16 -8.91 -7.59 -4.68
N SER A 17 -8.18 -8.37 -3.93
CA SER A 17 -8.29 -8.36 -2.43
C SER A 17 -7.43 -7.25 -1.80
N THR A 18 -6.73 -6.49 -2.60
CA THR A 18 -5.83 -5.39 -2.08
C THR A 18 -4.97 -5.87 -0.89
N ILE A 19 -4.18 -6.89 -1.09
CA ILE A 19 -3.31 -7.38 0.01
C ILE A 19 -1.84 -7.18 -0.38
N LEU A 20 -1.06 -6.59 0.48
CA LEU A 20 0.38 -6.37 0.14
C LEU A 20 1.21 -7.54 0.71
N SER A 21 1.91 -8.25 -0.14
CA SER A 21 2.74 -9.39 0.34
C SER A 21 4.22 -9.10 0.10
N ALA A 22 5.05 -9.43 1.04
CA ALA A 22 6.51 -9.17 0.89
C ALA A 22 7.30 -10.09 1.83
N GLU A 23 8.49 -10.45 1.46
CA GLU A 23 9.32 -11.33 2.33
C GLU A 23 10.28 -10.46 3.16
N CYS A 24 10.28 -10.64 4.45
CA CYS A 24 11.19 -9.81 5.32
C CYS A 24 12.11 -10.71 6.15
N GLN A 25 13.22 -10.18 6.60
CA GLN A 25 14.17 -11.01 7.43
C GLN A 25 13.82 -10.85 8.91
N ALA A 26 13.72 -11.93 9.63
CA ALA A 26 13.40 -11.84 11.08
C ALA A 26 14.66 -11.62 11.90
N ARG A 27 14.50 -11.37 13.15
CA ARG A 27 15.66 -11.14 14.05
C ARG A 27 16.54 -12.40 14.07
N ASP A 28 15.94 -13.55 13.94
CA ASP A 28 16.71 -14.83 13.96
C ASP A 28 17.50 -14.95 12.64
N GLY A 29 17.37 -13.99 11.78
CA GLY A 29 18.09 -14.05 10.47
C GLY A 29 17.32 -14.94 9.52
N GLU A 30 16.06 -15.20 9.80
CA GLU A 30 15.24 -16.06 8.89
C GLU A 30 14.29 -15.21 8.02
N TRP A 31 14.03 -15.65 6.81
CA TRP A 31 13.12 -14.90 5.89
C TRP A 31 11.68 -15.40 6.04
N LEU A 32 10.74 -14.52 6.26
CA LEU A 32 9.32 -14.95 6.39
C LEU A 32 8.41 -14.08 5.52
N PRO A 33 7.27 -14.60 5.11
CA PRO A 33 6.29 -13.87 4.26
C PRO A 33 5.24 -13.10 5.10
N THR A 34 4.89 -11.91 4.70
CA THR A 34 3.87 -11.15 5.50
C THR A 34 2.80 -10.52 4.58
N GLU A 35 1.58 -10.50 5.02
CA GLU A 35 0.47 -9.92 4.19
C GLU A 35 -0.13 -8.69 4.92
N LEU A 36 -0.63 -7.73 4.19
CA LEU A 36 -1.24 -6.52 4.84
C LEU A 36 -2.44 -6.04 4.00
N ARG A 37 -3.49 -5.60 4.64
CA ARG A 37 -4.70 -5.10 3.89
C ARG A 37 -4.77 -3.56 3.99
N LEU A 38 -4.50 -2.86 2.92
CA LEU A 38 -4.55 -1.36 2.97
C LEU A 38 -5.97 -0.87 3.24
N SER A 39 -6.95 -1.51 2.67
CA SER A 39 -8.36 -1.08 2.88
C SER A 39 -8.56 -0.63 4.33
N ASP A 40 -7.79 -1.18 5.23
CA ASP A 40 -7.88 -0.81 6.68
C ASP A 40 -7.59 0.69 6.86
N HIS A 41 -6.61 1.22 6.16
CA HIS A 41 -6.29 2.68 6.31
C HIS A 41 -6.59 3.47 5.01
N ILE A 42 -7.22 2.87 4.04
CA ILE A 42 -7.50 3.61 2.75
C ILE A 42 -9.02 3.69 2.49
N GLY A 43 -9.54 4.88 2.40
CA GLY A 43 -11.02 5.06 2.13
C GLY A 43 -11.20 6.15 1.08
N ASN A 44 -12.37 6.26 0.50
CA ASN A 44 -12.61 7.31 -0.53
C ASN A 44 -13.22 8.54 0.14
N ILE A 45 -12.83 9.69 -0.30
CA ILE A 45 -13.40 10.92 0.29
C ILE A 45 -13.70 11.90 -0.84
N ASP A 46 -14.90 11.83 -1.35
CA ASP A 46 -15.34 12.73 -2.46
C ASP A 46 -14.42 12.65 -3.70
N GLY A 47 -13.81 11.52 -3.97
CA GLY A 47 -12.94 11.41 -5.20
C GLY A 47 -11.46 11.43 -4.84
N GLU A 48 -11.13 11.67 -3.59
CA GLU A 48 -9.68 11.71 -3.19
C GLU A 48 -9.33 10.52 -2.28
N LEU A 49 -8.06 10.21 -2.17
CA LEU A 49 -7.62 9.08 -1.29
C LEU A 49 -6.95 9.65 -0.03
N GLN A 50 -7.24 9.12 1.12
CA GLN A 50 -6.60 9.65 2.37
C GLN A 50 -6.37 8.53 3.39
N PHE A 51 -5.42 8.72 4.25
CA PHE A 51 -5.11 7.72 5.31
C PHE A 51 -6.11 7.92 6.46
N GLY A 52 -6.42 6.89 7.19
CA GLY A 52 -7.39 7.03 8.32
C GLY A 52 -8.75 6.44 7.93
N ASP A 53 -9.14 6.61 6.69
CA ASP A 53 -10.44 6.07 6.23
C ASP A 53 -10.30 4.62 5.72
N GLN A 54 -11.39 4.00 5.37
CA GLN A 54 -11.34 2.59 4.87
C GLN A 54 -12.38 2.35 3.76
N ASN A 55 -12.33 1.22 3.08
CA ASN A 55 -13.34 0.95 2.00
C ASN A 55 -13.10 1.88 0.80
N PHE A 56 -12.08 1.61 0.01
CA PHE A 56 -11.78 2.46 -1.18
C PHE A 56 -11.86 1.66 -2.49
N GLN A 57 -11.39 0.44 -2.51
CA GLN A 57 -11.46 -0.35 -3.80
C GLN A 57 -12.91 -0.52 -4.22
N GLU A 58 -13.83 -0.39 -3.31
CA GLU A 58 -15.28 -0.54 -3.65
C GLU A 58 -15.67 0.54 -4.68
N THR A 59 -15.01 1.67 -4.65
CA THR A 59 -15.35 2.77 -5.62
C THR A 59 -14.10 3.18 -6.41
N CYS A 60 -13.18 2.28 -6.64
CA CYS A 60 -11.94 2.64 -7.40
C CYS A 60 -11.45 1.46 -8.24
N GLN A 61 -10.71 1.73 -9.29
CA GLN A 61 -10.20 0.64 -10.16
C GLN A 61 -8.77 0.94 -10.66
N ASP A 62 -8.22 0.03 -11.41
CA ASP A 62 -6.84 0.18 -11.97
C ASP A 62 -5.80 0.52 -10.88
N CYS A 63 -5.89 -0.08 -9.73
CA CYS A 63 -4.87 0.24 -8.69
C CYS A 63 -3.56 -0.46 -9.07
N ARG A 64 -2.48 0.25 -9.11
CA ARG A 64 -1.20 -0.39 -9.48
C ARG A 64 -0.01 0.34 -8.91
N LEU A 65 0.99 -0.41 -8.58
CA LEU A 65 2.24 0.17 -8.02
C LEU A 65 3.13 0.59 -9.19
N GLU A 66 3.96 1.57 -8.99
CA GLU A 66 4.85 2.01 -10.11
C GLU A 66 6.25 2.32 -9.55
N PHE A 67 7.28 1.75 -10.13
CA PHE A 67 8.66 2.03 -9.62
C PHE A 67 9.22 3.30 -10.27
N GLY A 68 9.86 4.14 -9.51
CA GLY A 68 10.42 5.42 -10.08
C GLY A 68 11.83 5.18 -10.62
N ASP A 69 12.63 6.22 -10.72
CA ASP A 69 14.02 6.06 -11.25
C ASP A 69 14.76 4.95 -10.48
N GLY A 70 14.54 4.87 -9.19
CA GLY A 70 15.22 3.82 -8.38
C GLY A 70 14.20 2.77 -7.94
N GLU A 71 14.51 1.52 -8.13
CA GLU A 71 13.56 0.44 -7.73
C GLU A 71 13.40 0.41 -6.20
N GLN A 72 13.98 1.35 -5.51
CA GLN A 72 13.86 1.37 -4.02
C GLN A 72 12.50 1.96 -3.62
N SER A 73 11.65 2.22 -4.56
CA SER A 73 10.33 2.82 -4.22
C SER A 73 9.21 2.31 -5.13
N VAL A 74 7.99 2.25 -4.65
CA VAL A 74 6.88 1.80 -5.55
C VAL A 74 5.71 2.78 -5.32
N TRP A 75 5.09 3.32 -6.34
CA TRP A 75 4.00 4.32 -6.06
C TRP A 75 2.56 3.85 -6.40
N LEU A 76 1.67 3.97 -5.45
CA LEU A 76 0.27 3.47 -5.66
C LEU A 76 -0.68 4.53 -6.24
N VAL A 77 -1.06 4.32 -7.50
CA VAL A 77 -2.01 5.24 -8.22
C VAL A 77 -3.35 4.50 -8.42
N CYS A 78 -4.46 5.18 -8.25
CA CYS A 78 -5.79 4.49 -8.45
C CYS A 78 -6.86 5.47 -8.94
N THR A 79 -7.75 4.96 -9.74
CA THR A 79 -8.87 5.80 -10.24
C THR A 79 -10.02 5.65 -9.23
N CYS A 80 -10.51 6.72 -8.68
CA CYS A 80 -11.62 6.62 -7.67
C CYS A 80 -12.81 7.42 -8.17
N GLN A 81 -13.97 6.81 -8.25
CA GLN A 81 -15.17 7.56 -8.74
C GLN A 81 -15.53 8.71 -7.80
N THR A 82 -16.09 9.77 -8.31
CA THR A 82 -16.50 10.92 -7.44
C THR A 82 -17.94 10.70 -7.02
N MET A 83 -18.45 11.47 -6.10
CA MET A 83 -19.86 11.27 -5.67
C MET A 83 -20.82 11.51 -6.84
N ASP A 84 -20.51 12.43 -7.70
CA ASP A 84 -21.40 12.70 -8.87
C ASP A 84 -21.34 11.49 -9.83
N GLY A 85 -20.35 10.65 -9.69
CA GLY A 85 -20.23 9.45 -10.57
C GLY A 85 -19.09 9.63 -11.58
N GLU A 86 -18.38 10.73 -11.53
CA GLU A 86 -17.25 10.94 -12.50
C GLU A 86 -16.02 10.14 -12.05
N TRP A 87 -15.15 9.83 -12.97
CA TRP A 87 -13.92 9.04 -12.64
C TRP A 87 -12.68 9.94 -12.74
N LYS A 88 -11.84 9.93 -11.74
CA LYS A 88 -10.59 10.76 -11.81
C LYS A 88 -9.38 9.93 -11.36
N SER A 89 -8.19 10.45 -11.58
CA SER A 89 -6.95 9.70 -11.17
C SER A 89 -6.32 10.33 -9.93
N THR A 90 -6.12 9.55 -8.90
CA THR A 90 -5.47 10.07 -7.65
C THR A 90 -4.12 9.35 -7.45
N GLN A 91 -3.30 9.83 -6.54
CA GLN A 91 -1.96 9.19 -6.30
C GLN A 91 -1.63 9.21 -4.81
N ILE A 92 -0.76 8.33 -4.35
CA ILE A 92 -0.40 8.32 -2.89
C ILE A 92 0.92 7.57 -2.68
N LEU A 93 1.78 8.06 -1.83
CA LEU A 93 3.09 7.39 -1.60
C LEU A 93 3.02 6.54 -0.32
N LEU A 94 3.18 5.26 -0.46
CA LEU A 94 3.13 4.35 0.74
C LEU A 94 4.27 4.71 1.71
N ASP A 95 5.39 5.14 1.22
CA ASP A 95 6.54 5.52 2.12
C ASP A 95 6.14 6.70 3.02
N SER A 96 5.82 6.46 4.27
CA SER A 96 5.43 7.56 5.20
C SER A 96 5.21 7.03 6.62
N GLN A 97 4.03 7.17 7.16
CA GLN A 97 3.78 6.64 8.56
C GLN A 97 3.52 5.12 8.55
N ILE A 98 4.28 4.37 7.79
CA ILE A 98 4.08 2.88 7.75
C ILE A 98 5.44 2.19 7.99
N ASP A 99 5.49 1.23 8.86
CA ASP A 99 6.78 0.53 9.14
C ASP A 99 6.56 -0.96 9.44
N ASN A 100 7.59 -1.75 9.27
CA ASN A 100 7.47 -3.23 9.52
C ASN A 100 8.60 -3.69 10.45
N ASN A 101 8.27 -4.26 11.58
CA ASN A 101 9.34 -4.74 12.50
C ASN A 101 10.01 -6.00 11.91
N ASP A 102 11.17 -6.35 12.40
CA ASP A 102 11.90 -7.55 11.88
C ASP A 102 11.01 -8.81 11.89
N SER A 103 10.25 -9.01 12.94
CA SER A 103 9.33 -10.21 13.01
C SER A 103 7.85 -9.81 13.12
N GLN A 104 7.53 -8.53 13.17
CA GLN A 104 6.09 -8.14 13.28
C GLN A 104 5.77 -6.97 12.34
N LEU A 105 4.51 -6.79 11.99
CA LEU A 105 4.15 -5.67 11.07
C LEU A 105 3.10 -4.76 11.74
N GLU A 106 3.49 -3.56 12.08
CA GLU A 106 2.54 -2.61 12.74
C GLU A 106 2.95 -1.17 12.46
N ILE A 107 2.00 -0.27 12.46
CA ILE A 107 2.30 1.17 12.20
C ILE A 107 2.56 1.88 13.54
N GLY A 108 3.74 1.72 14.07
CA GLY A 108 4.12 2.36 15.36
C GLY A 108 4.35 3.84 15.11
N MET A 1 10.49 6.48 10.78
CA MET A 1 11.74 5.67 10.64
C MET A 1 11.58 4.72 9.45
N PRO A 2 12.68 4.26 8.89
CA PRO A 2 12.75 3.32 7.74
C PRO A 2 11.44 2.59 7.37
N ASN A 3 11.21 2.26 6.13
CA ASN A 3 9.92 1.57 5.75
C ASN A 3 10.24 0.10 5.38
N PHE A 4 9.28 -0.61 4.84
CA PHE A 4 9.52 -2.04 4.50
C PHE A 4 10.25 -2.20 3.15
N SER A 5 10.91 -1.17 2.69
CA SER A 5 11.65 -1.30 1.40
C SER A 5 12.88 -2.17 1.61
N HIS A 6 13.96 -1.56 2.02
CA HIS A 6 15.23 -2.31 2.24
C HIS A 6 15.01 -3.54 3.15
N THR A 7 14.15 -3.43 4.14
CA THR A 7 13.94 -4.59 5.07
C THR A 7 13.21 -5.74 4.35
N CYS A 8 12.36 -5.43 3.42
CA CYS A 8 11.61 -6.50 2.69
C CYS A 8 11.82 -6.39 1.17
N SER A 9 11.63 -7.47 0.46
CA SER A 9 11.81 -7.42 -1.03
C SER A 9 10.67 -8.20 -1.72
N SER A 10 10.53 -8.03 -3.02
CA SER A 10 9.43 -8.74 -3.78
C SER A 10 8.06 -8.19 -3.38
N ILE A 11 7.89 -6.91 -3.50
CA ILE A 11 6.61 -6.24 -3.13
C ILE A 11 5.48 -6.63 -4.11
N ASN A 12 4.46 -7.29 -3.61
CA ASN A 12 3.32 -7.68 -4.50
C ASN A 12 2.03 -6.97 -4.04
N TYR A 13 1.16 -6.66 -4.97
CA TYR A 13 -0.11 -5.96 -4.62
C TYR A 13 -1.26 -6.57 -5.44
N ASP A 14 -2.07 -7.37 -4.83
CA ASP A 14 -3.22 -7.94 -5.59
C ASP A 14 -4.35 -6.89 -5.66
N PRO A 15 -4.75 -6.52 -6.85
CA PRO A 15 -5.81 -5.48 -7.04
C PRO A 15 -7.22 -5.96 -6.65
N ASP A 16 -7.46 -7.24 -6.61
CA ASP A 16 -8.82 -7.73 -6.23
C ASP A 16 -9.00 -7.64 -4.70
N SER A 17 -8.24 -8.40 -3.96
CA SER A 17 -8.35 -8.42 -2.45
C SER A 17 -7.53 -7.30 -1.81
N THR A 18 -6.82 -6.53 -2.59
CA THR A 18 -5.96 -5.41 -2.05
C THR A 18 -5.09 -5.89 -0.86
N ILE A 19 -4.28 -6.89 -1.07
CA ILE A 19 -3.41 -7.37 0.04
C ILE A 19 -1.94 -7.17 -0.37
N LEU A 20 -1.15 -6.59 0.48
CA LEU A 20 0.29 -6.38 0.14
C LEU A 20 1.12 -7.54 0.71
N SER A 21 1.83 -8.25 -0.13
CA SER A 21 2.66 -9.39 0.35
C SER A 21 4.14 -9.09 0.11
N ALA A 22 4.97 -9.39 1.07
CA ALA A 22 6.43 -9.12 0.90
C ALA A 22 7.24 -10.03 1.84
N GLU A 23 8.43 -10.38 1.47
CA GLU A 23 9.26 -11.26 2.34
C GLU A 23 10.21 -10.38 3.17
N CYS A 24 10.24 -10.57 4.46
CA CYS A 24 11.13 -9.74 5.32
C CYS A 24 12.06 -10.63 6.15
N GLN A 25 13.17 -10.11 6.60
CA GLN A 25 14.13 -10.92 7.41
C GLN A 25 13.83 -10.72 8.91
N ALA A 26 13.73 -11.78 9.66
CA ALA A 26 13.45 -11.64 11.11
C ALA A 26 14.74 -11.41 11.88
N ARG A 27 14.61 -11.14 13.14
CA ARG A 27 15.82 -10.90 13.98
C ARG A 27 16.70 -12.15 14.00
N ASP A 28 16.09 -13.30 13.90
CA ASP A 28 16.87 -14.58 13.92
C ASP A 28 17.63 -14.71 12.59
N GLY A 29 17.46 -13.76 11.71
CA GLY A 29 18.16 -13.83 10.39
C GLY A 29 17.37 -14.75 9.46
N GLU A 30 16.13 -15.01 9.78
CA GLU A 30 15.28 -15.89 8.90
C GLU A 30 14.34 -15.05 8.01
N TRP A 31 14.00 -15.55 6.85
CA TRP A 31 13.09 -14.82 5.91
C TRP A 31 11.65 -15.35 6.08
N LEU A 32 10.70 -14.47 6.28
CA LEU A 32 9.27 -14.93 6.41
C LEU A 32 8.36 -14.05 5.53
N PRO A 33 7.22 -14.58 5.14
CA PRO A 33 6.22 -13.85 4.30
C PRO A 33 5.22 -13.05 5.15
N THR A 34 4.85 -11.87 4.73
CA THR A 34 3.86 -11.07 5.53
C THR A 34 2.78 -10.46 4.60
N GLU A 35 1.56 -10.45 5.06
CA GLU A 35 0.44 -9.88 4.24
C GLU A 35 -0.15 -8.65 4.95
N LEU A 36 -0.66 -7.69 4.22
CA LEU A 36 -1.26 -6.48 4.86
C LEU A 36 -2.46 -6.00 4.03
N ARG A 37 -3.53 -5.60 4.67
CA ARG A 37 -4.74 -5.11 3.94
C ARG A 37 -4.83 -3.57 4.04
N LEU A 38 -4.55 -2.86 2.99
CA LEU A 38 -4.62 -1.36 3.06
C LEU A 38 -6.06 -0.88 3.30
N SER A 39 -7.00 -1.52 2.68
CA SER A 39 -8.44 -1.11 2.86
C SER A 39 -8.69 -0.71 4.31
N ASP A 40 -7.93 -1.29 5.22
CA ASP A 40 -8.09 -0.97 6.68
C ASP A 40 -7.75 0.51 6.94
N HIS A 41 -6.74 1.04 6.30
CA HIS A 41 -6.36 2.47 6.53
C HIS A 41 -6.62 3.33 5.28
N ILE A 42 -7.27 2.80 4.26
CA ILE A 42 -7.51 3.63 3.04
C ILE A 42 -9.00 3.60 2.64
N GLY A 43 -9.61 4.74 2.53
CA GLY A 43 -11.06 4.82 2.14
C GLY A 43 -11.25 5.93 1.10
N ASN A 44 -12.42 6.03 0.52
CA ASN A 44 -12.66 7.11 -0.50
C ASN A 44 -13.27 8.32 0.18
N ILE A 45 -12.89 9.48 -0.23
CA ILE A 45 -13.46 10.70 0.38
C ILE A 45 -13.74 11.71 -0.73
N ASP A 46 -14.95 11.70 -1.22
CA ASP A 46 -15.36 12.62 -2.31
C ASP A 46 -14.46 12.54 -3.57
N GLY A 47 -13.85 11.41 -3.83
CA GLY A 47 -12.99 11.31 -5.06
C GLY A 47 -11.50 11.34 -4.71
N GLU A 48 -11.16 11.60 -3.47
CA GLU A 48 -9.71 11.65 -3.08
C GLU A 48 -9.33 10.44 -2.22
N LEU A 49 -8.05 10.13 -2.16
CA LEU A 49 -7.57 8.98 -1.34
C LEU A 49 -6.85 9.50 -0.09
N GLN A 50 -7.16 9.00 1.08
CA GLN A 50 -6.48 9.49 2.32
C GLN A 50 -6.31 8.35 3.32
N PHE A 51 -5.37 8.52 4.22
CA PHE A 51 -5.11 7.50 5.27
C PHE A 51 -6.13 7.70 6.41
N GLY A 52 -6.46 6.66 7.12
CA GLY A 52 -7.45 6.79 8.22
C GLY A 52 -8.82 6.26 7.77
N ASP A 53 -9.16 6.44 6.53
CA ASP A 53 -10.46 5.94 6.02
C ASP A 53 -10.37 4.47 5.60
N GLN A 54 -11.48 3.88 5.22
CA GLN A 54 -11.46 2.45 4.79
C GLN A 54 -12.44 2.21 3.62
N ASN A 55 -12.34 1.10 2.93
CA ASN A 55 -13.29 0.83 1.79
C ASN A 55 -13.02 1.80 0.62
N PHE A 56 -12.06 1.49 -0.21
CA PHE A 56 -11.73 2.37 -1.37
C PHE A 56 -11.77 1.59 -2.72
N GLN A 57 -11.27 0.39 -2.75
CA GLN A 57 -11.30 -0.37 -4.05
C GLN A 57 -12.74 -0.50 -4.55
N GLU A 58 -13.69 -0.51 -3.65
CA GLU A 58 -15.11 -0.63 -4.06
C GLU A 58 -15.50 0.54 -4.96
N THR A 59 -14.89 1.69 -4.76
CA THR A 59 -15.22 2.89 -5.61
C THR A 59 -14.00 3.30 -6.43
N CYS A 60 -13.09 2.41 -6.68
CA CYS A 60 -11.88 2.77 -7.48
C CYS A 60 -11.40 1.59 -8.34
N GLN A 61 -10.70 1.86 -9.41
CA GLN A 61 -10.20 0.77 -10.30
C GLN A 61 -8.78 1.08 -10.80
N ASP A 62 -8.23 0.15 -11.56
CA ASP A 62 -6.84 0.30 -12.12
C ASP A 62 -5.80 0.62 -11.03
N CYS A 63 -5.90 0.02 -9.88
CA CYS A 63 -4.86 0.33 -8.84
C CYS A 63 -3.56 -0.35 -9.24
N ARG A 64 -2.47 0.37 -9.28
CA ARG A 64 -1.21 -0.27 -9.67
C ARG A 64 -0.01 0.45 -9.08
N LEU A 65 0.97 -0.32 -8.73
CA LEU A 65 2.21 0.23 -8.14
C LEU A 65 3.14 0.66 -9.28
N GLU A 66 3.98 1.62 -9.05
CA GLU A 66 4.92 2.06 -10.13
C GLU A 66 6.31 2.32 -9.54
N PHE A 67 7.33 1.72 -10.11
CA PHE A 67 8.71 1.93 -9.56
C PHE A 67 9.32 3.21 -10.19
N GLY A 68 9.99 3.99 -9.40
CA GLY A 68 10.61 5.27 -9.93
C GLY A 68 12.02 4.98 -10.47
N ASP A 69 12.85 5.99 -10.54
CA ASP A 69 14.24 5.79 -11.06
C ASP A 69 14.93 4.66 -10.28
N GLY A 70 14.70 4.56 -8.99
CA GLY A 70 15.33 3.48 -8.19
C GLY A 70 14.28 2.45 -7.78
N GLU A 71 14.55 1.20 -7.98
CA GLU A 71 13.56 0.14 -7.63
C GLU A 71 13.37 0.09 -6.11
N GLN A 72 13.97 1.00 -5.38
CA GLN A 72 13.83 0.99 -3.89
C GLN A 72 12.48 1.63 -3.50
N SER A 73 11.65 1.93 -4.46
CA SER A 73 10.36 2.56 -4.14
C SER A 73 9.22 2.10 -5.05
N VAL A 74 8.00 2.09 -4.59
CA VAL A 74 6.88 1.68 -5.49
C VAL A 74 5.73 2.69 -5.27
N TRP A 75 5.15 3.26 -6.29
CA TRP A 75 4.09 4.28 -6.02
C TRP A 75 2.65 3.86 -6.39
N LEU A 76 1.74 4.02 -5.46
CA LEU A 76 0.33 3.57 -5.69
C LEU A 76 -0.58 4.66 -6.28
N VAL A 77 -1.07 4.40 -7.47
CA VAL A 77 -2.01 5.33 -8.20
C VAL A 77 -3.35 4.61 -8.45
N CYS A 78 -4.47 5.29 -8.26
CA CYS A 78 -5.79 4.62 -8.49
C CYS A 78 -6.84 5.63 -8.94
N THR A 79 -7.72 5.17 -9.78
CA THR A 79 -8.85 6.03 -10.24
C THR A 79 -10.00 5.82 -9.25
N CYS A 80 -10.45 6.86 -8.61
CA CYS A 80 -11.57 6.70 -7.60
C CYS A 80 -12.77 7.48 -8.10
N GLN A 81 -13.93 6.87 -8.13
CA GLN A 81 -15.15 7.60 -8.62
C GLN A 81 -15.52 8.75 -7.67
N THR A 82 -16.08 9.79 -8.19
CA THR A 82 -16.49 10.94 -7.32
C THR A 82 -17.93 10.73 -6.90
N MET A 83 -18.44 11.50 -5.98
CA MET A 83 -19.85 11.29 -5.54
C MET A 83 -20.81 11.51 -6.71
N ASP A 84 -20.50 12.43 -7.58
CA ASP A 84 -21.39 12.68 -8.74
C ASP A 84 -21.31 11.49 -9.71
N GLY A 85 -20.34 10.64 -9.55
CA GLY A 85 -20.21 9.44 -10.44
C GLY A 85 -19.07 9.64 -11.44
N GLU A 86 -18.39 10.74 -11.39
CA GLU A 86 -17.26 10.98 -12.35
C GLU A 86 -16.01 10.21 -11.89
N TRP A 87 -15.12 9.92 -12.81
CA TRP A 87 -13.87 9.16 -12.46
C TRP A 87 -12.66 10.10 -12.49
N LYS A 88 -11.85 10.10 -11.48
CA LYS A 88 -10.64 10.98 -11.49
C LYS A 88 -9.40 10.18 -11.08
N SER A 89 -8.23 10.64 -11.45
CA SER A 89 -6.97 9.91 -11.11
C SER A 89 -6.30 10.55 -9.88
N THR A 90 -6.05 9.75 -8.87
CA THR A 90 -5.36 10.27 -7.63
C THR A 90 -4.05 9.50 -7.44
N GLN A 91 -3.19 9.98 -6.56
CA GLN A 91 -1.87 9.28 -6.32
C GLN A 91 -1.54 9.28 -4.83
N ILE A 92 -0.72 8.36 -4.38
CA ILE A 92 -0.36 8.33 -2.92
C ILE A 92 0.94 7.52 -2.72
N LEU A 93 1.83 8.01 -1.87
CA LEU A 93 3.10 7.28 -1.64
C LEU A 93 3.02 6.43 -0.36
N LEU A 94 3.16 5.14 -0.49
CA LEU A 94 3.08 4.25 0.70
C LEU A 94 4.25 4.54 1.67
N ASP A 95 5.37 4.96 1.16
CA ASP A 95 6.54 5.27 2.05
C ASP A 95 6.24 6.53 2.89
N SER A 96 6.04 6.37 4.18
CA SER A 96 5.73 7.54 5.06
C SER A 96 5.55 7.09 6.52
N GLN A 97 4.39 7.32 7.10
CA GLN A 97 4.17 6.89 8.53
C GLN A 97 3.87 5.37 8.61
N ILE A 98 4.54 4.56 7.83
CA ILE A 98 4.29 3.09 7.89
C ILE A 98 5.63 2.36 8.06
N ASP A 99 5.70 1.40 8.94
CA ASP A 99 6.98 0.68 9.17
C ASP A 99 6.73 -0.81 9.48
N ASN A 100 7.71 -1.65 9.22
CA ASN A 100 7.57 -3.12 9.48
C ASN A 100 8.70 -3.61 10.39
N ASN A 101 8.39 -4.03 11.58
CA ASN A 101 9.47 -4.52 12.49
C ASN A 101 10.09 -5.80 11.90
N ASP A 102 11.26 -6.17 12.36
CA ASP A 102 11.96 -7.39 11.85
C ASP A 102 11.05 -8.64 11.91
N SER A 103 10.30 -8.79 12.98
CA SER A 103 9.36 -9.97 13.10
C SER A 103 7.90 -9.53 13.27
N GLN A 104 7.60 -8.26 13.29
CA GLN A 104 6.17 -7.85 13.48
C GLN A 104 5.83 -6.71 12.50
N LEU A 105 4.57 -6.57 12.13
CA LEU A 105 4.17 -5.48 11.19
C LEU A 105 3.09 -4.59 11.82
N GLU A 106 3.43 -3.37 12.16
CA GLU A 106 2.43 -2.46 12.78
C GLU A 106 2.72 -1.01 12.37
N ILE A 107 1.69 -0.24 12.16
CA ILE A 107 1.88 1.20 11.76
C ILE A 107 2.25 2.03 12.99
N GLY A 108 3.49 1.91 13.41
CA GLY A 108 3.97 2.67 14.61
C GLY A 108 3.86 1.75 15.83
N MET A 1 9.69 6.47 10.52
CA MET A 1 10.70 5.42 10.84
C MET A 1 10.83 4.47 9.65
N PRO A 2 11.97 3.83 9.50
CA PRO A 2 12.29 2.86 8.42
C PRO A 2 11.09 2.28 7.63
N ASN A 3 11.24 1.95 6.38
CA ASN A 3 10.07 1.43 5.58
C ASN A 3 10.34 -0.05 5.23
N PHE A 4 9.42 -0.69 4.55
CA PHE A 4 9.61 -2.13 4.20
C PHE A 4 10.40 -2.31 2.89
N SER A 5 11.18 -1.35 2.50
CA SER A 5 11.97 -1.48 1.24
C SER A 5 13.17 -2.40 1.50
N HIS A 6 14.25 -1.82 1.96
CA HIS A 6 15.48 -2.61 2.23
C HIS A 6 15.19 -3.79 3.17
N THR A 7 14.30 -3.63 4.12
CA THR A 7 14.02 -4.75 5.09
C THR A 7 13.29 -5.90 4.39
N CYS A 8 12.50 -5.60 3.38
CA CYS A 8 11.75 -6.69 2.67
C CYS A 8 11.99 -6.59 1.16
N SER A 9 11.82 -7.69 0.46
CA SER A 9 12.02 -7.66 -1.03
C SER A 9 10.86 -8.40 -1.74
N SER A 10 10.73 -8.23 -3.03
CA SER A 10 9.63 -8.91 -3.80
C SER A 10 8.26 -8.31 -3.40
N ILE A 11 8.13 -7.02 -3.58
CA ILE A 11 6.86 -6.32 -3.23
C ILE A 11 5.70 -6.74 -4.16
N ASN A 12 4.66 -7.33 -3.62
CA ASN A 12 3.50 -7.73 -4.46
C ASN A 12 2.23 -7.01 -4.00
N TYR A 13 1.36 -6.67 -4.92
CA TYR A 13 0.10 -5.96 -4.57
C TYR A 13 -1.04 -6.49 -5.41
N ASP A 14 -1.90 -7.30 -4.85
CA ASP A 14 -3.05 -7.81 -5.65
C ASP A 14 -4.13 -6.72 -5.71
N PRO A 15 -4.52 -6.31 -6.89
CA PRO A 15 -5.55 -5.23 -7.07
C PRO A 15 -6.96 -5.66 -6.68
N ASP A 16 -7.25 -6.94 -6.60
CA ASP A 16 -8.62 -7.36 -6.20
C ASP A 16 -8.80 -7.23 -4.67
N SER A 17 -8.09 -8.04 -3.93
CA SER A 17 -8.21 -8.01 -2.42
C SER A 17 -7.31 -6.95 -1.79
N THR A 18 -6.57 -6.22 -2.60
CA THR A 18 -5.63 -5.16 -2.07
C THR A 18 -4.80 -5.66 -0.87
N ILE A 19 -4.02 -6.69 -1.06
CA ILE A 19 -3.18 -7.21 0.05
C ILE A 19 -1.70 -7.06 -0.34
N LEU A 20 -0.90 -6.50 0.53
CA LEU A 20 0.55 -6.35 0.22
C LEU A 20 1.33 -7.55 0.78
N SER A 21 2.01 -8.27 -0.08
CA SER A 21 2.79 -9.46 0.38
C SER A 21 4.27 -9.23 0.10
N ALA A 22 5.12 -9.63 1.02
CA ALA A 22 6.59 -9.44 0.82
C ALA A 22 7.35 -10.32 1.81
N GLU A 23 8.53 -10.72 1.46
CA GLU A 23 9.34 -11.59 2.38
C GLU A 23 10.29 -10.70 3.19
N CYS A 24 10.28 -10.83 4.49
CA CYS A 24 11.17 -9.98 5.33
C CYS A 24 12.07 -10.86 6.21
N GLN A 25 13.15 -10.32 6.71
CA GLN A 25 14.08 -11.13 7.57
C GLN A 25 13.63 -11.01 9.04
N ALA A 26 13.54 -12.12 9.72
CA ALA A 26 13.11 -12.07 11.14
C ALA A 26 14.31 -11.83 12.05
N ARG A 27 14.05 -11.48 13.27
CA ARG A 27 15.15 -11.24 14.24
C ARG A 27 16.00 -12.50 14.38
N ASP A 28 15.39 -13.65 14.24
CA ASP A 28 16.13 -14.92 14.37
C ASP A 28 16.99 -15.13 13.12
N GLY A 29 16.99 -14.17 12.24
CA GLY A 29 17.81 -14.31 10.98
C GLY A 29 17.05 -15.21 10.00
N GLU A 30 15.79 -15.44 10.23
CA GLU A 30 14.98 -16.31 9.31
C GLU A 30 14.08 -15.45 8.39
N TRP A 31 13.94 -15.85 7.15
CA TRP A 31 13.07 -15.08 6.19
C TRP A 31 11.64 -15.60 6.27
N LEU A 32 10.68 -14.71 6.45
CA LEU A 32 9.25 -15.15 6.51
C LEU A 32 8.37 -14.24 5.63
N PRO A 33 7.25 -14.73 5.18
CA PRO A 33 6.30 -13.95 4.34
C PRO A 33 5.26 -13.19 5.17
N THR A 34 4.92 -11.99 4.79
CA THR A 34 3.90 -11.20 5.59
C THR A 34 2.85 -10.58 4.67
N GLU A 35 1.63 -10.46 5.14
CA GLU A 35 0.53 -9.87 4.32
C GLU A 35 -0.03 -8.62 5.03
N LEU A 36 -0.48 -7.64 4.30
CA LEU A 36 -1.06 -6.41 4.94
C LEU A 36 -2.24 -5.89 4.10
N ARG A 37 -3.29 -5.46 4.73
CA ARG A 37 -4.48 -4.93 3.98
C ARG A 37 -4.53 -3.39 4.09
N LEU A 38 -4.25 -2.68 3.03
CA LEU A 38 -4.28 -1.18 3.10
C LEU A 38 -5.71 -0.68 3.31
N SER A 39 -6.67 -1.31 2.69
CA SER A 39 -8.09 -0.86 2.84
C SER A 39 -8.35 -0.44 4.30
N ASP A 40 -7.61 -1.01 5.22
CA ASP A 40 -7.78 -0.68 6.67
C ASP A 40 -7.54 0.82 6.90
N HIS A 41 -6.57 1.40 6.23
CA HIS A 41 -6.29 2.87 6.43
C HIS A 41 -6.59 3.67 5.15
N ILE A 42 -7.26 3.10 4.18
CA ILE A 42 -7.54 3.87 2.92
C ILE A 42 -9.05 3.85 2.60
N GLY A 43 -9.65 5.02 2.48
CA GLY A 43 -11.11 5.09 2.14
C GLY A 43 -11.33 6.18 1.08
N ASN A 44 -12.47 6.18 0.44
CA ASN A 44 -12.74 7.21 -0.60
C ASN A 44 -13.36 8.45 0.04
N ILE A 45 -12.96 9.59 -0.37
CA ILE A 45 -13.55 10.82 0.21
C ILE A 45 -13.85 11.80 -0.93
N ASP A 46 -15.05 11.74 -1.42
CA ASP A 46 -15.49 12.63 -2.53
C ASP A 46 -14.58 12.53 -3.79
N GLY A 47 -13.96 11.40 -4.03
CA GLY A 47 -13.10 11.27 -5.26
C GLY A 47 -11.61 11.32 -4.90
N GLU A 48 -11.28 11.59 -3.67
CA GLU A 48 -9.84 11.65 -3.28
C GLU A 48 -9.47 10.49 -2.35
N LEU A 49 -8.19 10.20 -2.23
CA LEU A 49 -7.73 9.09 -1.33
C LEU A 49 -7.04 9.70 -0.10
N GLN A 50 -7.33 9.22 1.08
CA GLN A 50 -6.67 9.78 2.30
C GLN A 50 -6.44 8.69 3.35
N PHE A 51 -5.50 8.91 4.22
CA PHE A 51 -5.20 7.94 5.31
C PHE A 51 -6.19 8.18 6.45
N GLY A 52 -6.49 7.16 7.22
CA GLY A 52 -7.45 7.34 8.35
C GLY A 52 -8.81 6.73 7.99
N ASP A 53 -9.14 6.71 6.73
CA ASP A 53 -10.44 6.12 6.31
C ASP A 53 -10.26 4.67 5.83
N GLN A 54 -11.34 4.05 5.42
CA GLN A 54 -11.26 2.63 4.95
C GLN A 54 -12.25 2.35 3.79
N ASN A 55 -12.17 1.22 3.15
CA ASN A 55 -13.14 0.93 2.02
C ASN A 55 -12.90 1.90 0.85
N PHE A 56 -12.05 1.55 -0.06
CA PHE A 56 -11.77 2.43 -1.24
C PHE A 56 -11.80 1.65 -2.57
N GLN A 57 -11.30 0.44 -2.60
CA GLN A 57 -11.31 -0.32 -3.89
C GLN A 57 -12.75 -0.51 -4.37
N GLU A 58 -13.69 -0.47 -3.48
CA GLU A 58 -15.12 -0.63 -3.88
C GLU A 58 -15.53 0.50 -4.83
N THR A 59 -14.93 1.66 -4.68
CA THR A 59 -15.29 2.81 -5.58
C THR A 59 -14.06 3.23 -6.42
N CYS A 60 -13.17 2.31 -6.69
CA CYS A 60 -11.95 2.69 -7.50
C CYS A 60 -11.47 1.49 -8.34
N GLN A 61 -10.74 1.77 -9.40
CA GLN A 61 -10.24 0.68 -10.28
C GLN A 61 -8.82 0.98 -10.77
N ASP A 62 -8.26 0.06 -11.51
CA ASP A 62 -6.87 0.21 -12.07
C ASP A 62 -5.84 0.56 -10.97
N CYS A 63 -5.92 -0.02 -9.81
CA CYS A 63 -4.91 0.32 -8.77
C CYS A 63 -3.59 -0.35 -9.15
N ARG A 64 -2.52 0.36 -9.18
CA ARG A 64 -1.23 -0.26 -9.55
C ARG A 64 -0.05 0.50 -8.98
N LEU A 65 0.94 -0.23 -8.59
CA LEU A 65 2.17 0.36 -8.03
C LEU A 65 3.09 0.75 -9.19
N GLU A 66 3.89 1.75 -9.03
CA GLU A 66 4.81 2.16 -10.13
C GLU A 66 6.22 2.41 -9.56
N PHE A 67 7.24 1.87 -10.18
CA PHE A 67 8.63 2.09 -9.66
C PHE A 67 9.20 3.39 -10.24
N GLY A 68 9.82 4.20 -9.42
CA GLY A 68 10.40 5.50 -9.91
C GLY A 68 11.83 5.29 -10.41
N ASP A 69 12.62 6.34 -10.45
CA ASP A 69 14.03 6.20 -10.93
C ASP A 69 14.76 5.11 -10.14
N GLY A 70 14.49 5.01 -8.86
CA GLY A 70 15.16 3.95 -8.03
C GLY A 70 14.14 2.87 -7.65
N GLU A 71 14.47 1.64 -7.86
CA GLU A 71 13.53 0.53 -7.52
C GLU A 71 13.32 0.46 -5.99
N GLN A 72 13.88 1.38 -5.25
CA GLN A 72 13.72 1.34 -3.77
C GLN A 72 12.36 1.94 -3.39
N SER A 73 11.56 2.27 -4.36
CA SER A 73 10.23 2.87 -4.04
C SER A 73 9.15 2.46 -5.05
N VAL A 74 7.90 2.38 -4.64
CA VAL A 74 6.84 2.04 -5.63
C VAL A 74 5.66 2.99 -5.36
N TRP A 75 5.02 3.56 -6.35
CA TRP A 75 3.92 4.53 -6.02
C TRP A 75 2.50 4.06 -6.37
N LEU A 76 1.59 4.20 -5.45
CA LEU A 76 0.19 3.70 -5.66
C LEU A 76 -0.75 4.75 -6.27
N VAL A 77 -1.17 4.51 -7.50
CA VAL A 77 -2.11 5.42 -8.24
C VAL A 77 -3.43 4.65 -8.48
N CYS A 78 -4.57 5.31 -8.34
CA CYS A 78 -5.88 4.60 -8.56
C CYS A 78 -6.94 5.57 -9.06
N THR A 79 -7.83 5.06 -9.85
CA THR A 79 -8.97 5.88 -10.35
C THR A 79 -10.11 5.69 -9.35
N CYS A 80 -10.56 6.74 -8.74
CA CYS A 80 -11.68 6.61 -7.72
C CYS A 80 -12.89 7.37 -8.23
N GLN A 81 -14.04 6.75 -8.23
CA GLN A 81 -15.26 7.46 -8.73
C GLN A 81 -15.65 8.62 -7.80
N THR A 82 -16.21 9.66 -8.35
CA THR A 82 -16.61 10.83 -7.49
C THR A 82 -18.07 10.59 -7.06
N MET A 83 -18.57 11.37 -6.15
CA MET A 83 -19.99 11.16 -5.71
C MET A 83 -20.95 11.34 -6.90
N ASP A 84 -20.67 12.26 -7.76
CA ASP A 84 -21.57 12.46 -8.93
C ASP A 84 -21.49 11.24 -9.85
N GLY A 85 -20.44 10.46 -9.73
CA GLY A 85 -20.30 9.23 -10.58
C GLY A 85 -19.17 9.40 -11.60
N GLU A 86 -18.47 10.50 -11.56
CA GLU A 86 -17.34 10.71 -12.53
C GLU A 86 -16.09 9.98 -12.04
N TRP A 87 -15.17 9.70 -12.94
CA TRP A 87 -13.92 8.98 -12.56
C TRP A 87 -12.73 9.95 -12.57
N LYS A 88 -11.95 9.99 -11.52
CA LYS A 88 -10.78 10.91 -11.50
C LYS A 88 -9.53 10.15 -11.06
N SER A 89 -8.38 10.54 -11.56
CA SER A 89 -7.10 9.83 -11.18
C SER A 89 -6.49 10.45 -9.92
N THR A 90 -6.30 9.65 -8.90
CA THR A 90 -5.69 10.14 -7.62
C THR A 90 -4.33 9.44 -7.43
N GLN A 91 -3.50 9.96 -6.54
CA GLN A 91 -2.15 9.33 -6.31
C GLN A 91 -1.82 9.36 -4.81
N ILE A 92 -1.03 8.42 -4.35
CA ILE A 92 -0.67 8.40 -2.88
C ILE A 92 0.65 7.63 -2.67
N LEU A 93 1.52 8.13 -1.83
CA LEU A 93 2.83 7.43 -1.60
C LEU A 93 2.74 6.56 -0.33
N LEU A 94 2.86 5.28 -0.48
CA LEU A 94 2.80 4.37 0.70
C LEU A 94 3.96 4.65 1.67
N ASP A 95 5.09 5.07 1.16
CA ASP A 95 6.26 5.37 2.04
C ASP A 95 5.94 6.57 2.95
N SER A 96 5.71 6.34 4.23
CA SER A 96 5.39 7.46 5.17
C SER A 96 5.24 6.92 6.60
N GLN A 97 4.09 7.09 7.21
CA GLN A 97 3.89 6.59 8.61
C GLN A 97 3.65 5.06 8.62
N ILE A 98 4.31 4.32 7.77
CA ILE A 98 4.12 2.82 7.75
C ILE A 98 5.50 2.15 7.84
N ASP A 99 5.65 1.20 8.70
CA ASP A 99 6.98 0.52 8.86
C ASP A 99 6.80 -0.98 9.16
N ASN A 100 7.84 -1.75 9.00
CA ASN A 100 7.78 -3.22 9.27
C ASN A 100 8.90 -3.64 10.22
N ASN A 101 8.57 -4.12 11.39
CA ASN A 101 9.63 -4.56 12.34
C ASN A 101 10.38 -5.76 11.75
N ASP A 102 11.53 -6.08 12.29
CA ASP A 102 12.34 -7.24 11.78
C ASP A 102 11.50 -8.54 11.71
N SER A 103 10.75 -8.83 12.74
CA SER A 103 9.88 -10.06 12.73
C SER A 103 8.39 -9.73 12.82
N GLN A 104 8.01 -8.48 12.91
CA GLN A 104 6.54 -8.16 12.99
C GLN A 104 6.20 -6.97 12.07
N LEU A 105 4.95 -6.84 11.69
CA LEU A 105 4.56 -5.70 10.79
C LEU A 105 3.50 -4.83 11.48
N GLU A 106 3.86 -3.64 11.86
CA GLU A 106 2.88 -2.72 12.54
C GLU A 106 3.27 -1.26 12.31
N ILE A 107 2.31 -0.38 12.33
CA ILE A 107 2.60 1.07 12.12
C ILE A 107 3.55 1.56 13.22
N GLY A 108 4.22 2.65 12.97
CA GLY A 108 5.18 3.22 13.97
C GLY A 108 4.70 4.63 14.33
N MET A 1 10.63 4.82 12.01
CA MET A 1 11.76 3.86 11.83
C MET A 1 11.66 3.22 10.44
N PRO A 2 12.75 2.71 9.93
CA PRO A 2 12.87 2.04 8.61
C PRO A 2 11.55 1.60 7.94
N ASN A 3 11.46 1.56 6.63
CA ASN A 3 10.17 1.17 5.97
C ASN A 3 10.28 -0.29 5.49
N PHE A 4 9.26 -0.82 4.88
CA PHE A 4 9.31 -2.24 4.41
C PHE A 4 10.05 -2.39 3.08
N SER A 5 10.72 -1.37 2.63
CA SER A 5 11.47 -1.47 1.34
C SER A 5 12.74 -2.29 1.57
N HIS A 6 13.79 -1.65 1.99
CA HIS A 6 15.08 -2.33 2.23
C HIS A 6 14.89 -3.57 3.14
N THR A 7 14.03 -3.49 4.12
CA THR A 7 13.85 -4.64 5.06
C THR A 7 13.15 -5.82 4.36
N CYS A 8 12.29 -5.54 3.42
CA CYS A 8 11.58 -6.64 2.70
C CYS A 8 11.79 -6.54 1.18
N SER A 9 11.63 -7.63 0.47
CA SER A 9 11.83 -7.60 -1.01
C SER A 9 10.68 -8.34 -1.71
N SER A 10 10.53 -8.16 -3.01
CA SER A 10 9.43 -8.84 -3.77
C SER A 10 8.06 -8.24 -3.39
N ILE A 11 7.94 -6.96 -3.55
CA ILE A 11 6.68 -6.24 -3.23
C ILE A 11 5.55 -6.62 -4.20
N ASN A 12 4.52 -7.27 -3.71
CA ASN A 12 3.38 -7.66 -4.59
C ASN A 12 2.10 -6.95 -4.14
N TYR A 13 1.23 -6.62 -5.06
CA TYR A 13 -0.05 -5.92 -4.71
C TYR A 13 -1.18 -6.50 -5.56
N ASP A 14 -2.02 -7.32 -4.98
CA ASP A 14 -3.15 -7.87 -5.76
C ASP A 14 -4.27 -6.80 -5.83
N PRO A 15 -4.66 -6.39 -7.01
CA PRO A 15 -5.70 -5.34 -7.20
C PRO A 15 -7.12 -5.79 -6.81
N ASP A 16 -7.38 -7.07 -6.77
CA ASP A 16 -8.75 -7.53 -6.39
C ASP A 16 -8.93 -7.44 -4.86
N SER A 17 -8.20 -8.24 -4.11
CA SER A 17 -8.32 -8.26 -2.61
C SER A 17 -7.45 -7.17 -1.96
N THR A 18 -6.74 -6.41 -2.74
CA THR A 18 -5.82 -5.33 -2.19
C THR A 18 -4.98 -5.84 -1.01
N ILE A 19 -4.20 -6.87 -1.22
CA ILE A 19 -3.35 -7.40 -0.11
C ILE A 19 -1.87 -7.19 -0.49
N LEU A 20 -1.11 -6.60 0.38
CA LEU A 20 0.34 -6.38 0.07
C LEU A 20 1.17 -7.55 0.65
N SER A 21 1.86 -8.26 -0.19
CA SER A 21 2.68 -9.42 0.30
C SER A 21 4.17 -9.11 0.07
N ALA A 22 4.98 -9.42 1.04
CA ALA A 22 6.44 -9.15 0.90
C ALA A 22 7.23 -10.06 1.86
N GLU A 23 8.42 -10.43 1.49
CA GLU A 23 9.24 -11.31 2.39
C GLU A 23 10.18 -10.44 3.22
N CYS A 24 10.15 -10.58 4.52
CA CYS A 24 11.04 -9.75 5.39
C CYS A 24 11.97 -10.64 6.21
N GLN A 25 13.07 -10.10 6.67
CA GLN A 25 14.04 -10.92 7.48
C GLN A 25 13.83 -10.61 8.98
N ALA A 26 13.71 -11.62 9.79
CA ALA A 26 13.51 -11.38 11.24
C ALA A 26 14.85 -11.16 11.93
N ARG A 27 14.81 -10.81 13.18
CA ARG A 27 16.06 -10.57 13.95
C ARG A 27 16.91 -11.85 13.97
N ASP A 28 16.27 -12.99 13.99
CA ASP A 28 17.01 -14.28 14.03
C ASP A 28 17.72 -14.48 12.69
N GLY A 29 17.55 -13.57 11.77
CA GLY A 29 18.21 -13.70 10.44
C GLY A 29 17.39 -14.67 9.57
N GLU A 30 16.14 -14.86 9.89
CA GLU A 30 15.27 -15.78 9.09
C GLU A 30 14.26 -14.99 8.24
N TRP A 31 13.85 -15.55 7.12
CA TRP A 31 12.86 -14.86 6.22
C TRP A 31 11.45 -15.39 6.51
N LEU A 32 10.52 -14.51 6.77
CA LEU A 32 9.11 -14.98 7.03
C LEU A 32 8.12 -14.12 6.23
N PRO A 33 7.49 -14.70 5.22
CA PRO A 33 6.51 -14.00 4.35
C PRO A 33 5.56 -13.09 5.16
N THR A 34 5.20 -11.95 4.64
CA THR A 34 4.28 -11.03 5.39
C THR A 34 3.14 -10.52 4.51
N GLU A 35 1.98 -10.34 5.07
CA GLU A 35 0.80 -9.86 4.28
C GLU A 35 0.19 -8.62 4.97
N LEU A 36 -0.39 -7.71 4.22
CA LEU A 36 -1.02 -6.51 4.86
C LEU A 36 -2.23 -6.06 4.01
N ARG A 37 -3.29 -5.63 4.65
CA ARG A 37 -4.50 -5.16 3.89
C ARG A 37 -4.62 -3.62 4.00
N LEU A 38 -4.41 -2.91 2.94
CA LEU A 38 -4.50 -1.42 3.01
C LEU A 38 -5.95 -0.97 3.24
N SER A 39 -6.89 -1.64 2.64
CA SER A 39 -8.32 -1.25 2.81
C SER A 39 -8.59 -0.85 4.27
N ASP A 40 -7.81 -1.39 5.18
CA ASP A 40 -7.98 -1.08 6.64
C ASP A 40 -7.75 0.44 6.87
N HIS A 41 -6.77 1.02 6.22
CA HIS A 41 -6.50 2.48 6.42
C HIS A 41 -6.78 3.29 5.13
N ILE A 42 -7.38 2.70 4.13
CA ILE A 42 -7.63 3.48 2.86
C ILE A 42 -9.14 3.55 2.57
N GLY A 43 -9.67 4.75 2.48
CA GLY A 43 -11.13 4.93 2.18
C GLY A 43 -11.30 6.06 1.15
N ASN A 44 -12.43 6.11 0.49
CA ASN A 44 -12.65 7.19 -0.52
C ASN A 44 -13.26 8.41 0.17
N ILE A 45 -12.83 9.57 -0.21
CA ILE A 45 -13.39 10.79 0.41
C ILE A 45 -13.70 11.79 -0.70
N ASP A 46 -14.91 11.75 -1.18
CA ASP A 46 -15.35 12.67 -2.26
C ASP A 46 -14.47 12.61 -3.52
N GLY A 47 -13.85 11.48 -3.82
CA GLY A 47 -13.01 11.39 -5.07
C GLY A 47 -11.51 11.39 -4.72
N GLU A 48 -11.17 11.64 -3.49
CA GLU A 48 -9.71 11.67 -3.11
C GLU A 48 -9.35 10.46 -2.22
N LEU A 49 -8.08 10.14 -2.14
CA LEU A 49 -7.63 8.99 -1.30
C LEU A 49 -6.95 9.54 -0.03
N GLN A 50 -7.27 9.01 1.12
CA GLN A 50 -6.63 9.50 2.38
C GLN A 50 -6.46 8.37 3.39
N PHE A 51 -5.51 8.54 4.28
CA PHE A 51 -5.26 7.52 5.34
C PHE A 51 -6.25 7.76 6.48
N GLY A 52 -6.58 6.75 7.24
CA GLY A 52 -7.55 6.93 8.37
C GLY A 52 -8.90 6.32 7.99
N ASP A 53 -9.28 6.41 6.76
CA ASP A 53 -10.59 5.84 6.33
C ASP A 53 -10.41 4.40 5.82
N GLN A 54 -11.48 3.77 5.41
CA GLN A 54 -11.41 2.36 4.91
C GLN A 54 -12.38 2.13 3.74
N ASN A 55 -12.29 1.01 3.05
CA ASN A 55 -13.23 0.75 1.91
C ASN A 55 -12.99 1.76 0.76
N PHE A 56 -12.09 1.46 -0.13
CA PHE A 56 -11.80 2.38 -1.27
C PHE A 56 -11.81 1.64 -2.63
N GLN A 57 -11.30 0.44 -2.69
CA GLN A 57 -11.31 -0.28 -4.02
C GLN A 57 -12.75 -0.41 -4.53
N GLU A 58 -13.70 -0.46 -3.64
CA GLU A 58 -15.12 -0.59 -4.06
C GLU A 58 -15.50 0.60 -4.96
N THR A 59 -14.91 1.74 -4.73
CA THR A 59 -15.24 2.94 -5.58
C THR A 59 -14.02 3.35 -6.41
N CYS A 60 -13.10 2.46 -6.65
CA CYS A 60 -11.88 2.81 -7.45
C CYS A 60 -11.41 1.62 -8.30
N GLN A 61 -10.71 1.90 -9.38
CA GLN A 61 -10.22 0.80 -10.26
C GLN A 61 -8.79 1.09 -10.76
N ASP A 62 -8.24 0.17 -11.51
CA ASP A 62 -6.87 0.32 -12.08
C ASP A 62 -5.83 0.63 -10.99
N CYS A 63 -5.91 0.04 -9.84
CA CYS A 63 -4.87 0.36 -8.80
C CYS A 63 -3.57 -0.33 -9.20
N ARG A 64 -2.50 0.38 -9.26
CA ARG A 64 -1.22 -0.27 -9.64
C ARG A 64 -0.02 0.46 -9.07
N LEU A 65 0.96 -0.30 -8.71
CA LEU A 65 2.20 0.27 -8.14
C LEU A 65 3.12 0.69 -9.29
N GLU A 66 3.98 1.65 -9.08
CA GLU A 66 4.89 2.07 -10.18
C GLU A 66 6.29 2.33 -9.61
N PHE A 67 7.30 1.75 -10.21
CA PHE A 67 8.69 1.97 -9.69
C PHE A 67 9.28 3.25 -10.31
N GLY A 68 9.94 4.05 -9.51
CA GLY A 68 10.53 5.34 -10.03
C GLY A 68 11.95 5.08 -10.55
N ASP A 69 12.77 6.11 -10.61
CA ASP A 69 14.17 5.93 -11.11
C ASP A 69 14.88 4.82 -10.33
N GLY A 70 14.64 4.73 -9.05
CA GLY A 70 15.29 3.66 -8.23
C GLY A 70 14.26 2.61 -7.85
N GLU A 71 14.56 1.37 -8.05
CA GLU A 71 13.59 0.27 -7.71
C GLU A 71 13.39 0.21 -6.19
N GLN A 72 13.98 1.12 -5.45
CA GLN A 72 13.82 1.09 -3.97
C GLN A 72 12.48 1.71 -3.58
N SER A 73 11.66 2.04 -4.54
CA SER A 73 10.35 2.66 -4.21
C SER A 73 9.23 2.23 -5.17
N VAL A 74 8.00 2.17 -4.71
CA VAL A 74 6.91 1.78 -5.66
C VAL A 74 5.75 2.77 -5.40
N TRP A 75 5.13 3.35 -6.40
CA TRP A 75 4.05 4.35 -6.09
C TRP A 75 2.62 3.91 -6.45
N LEU A 76 1.70 4.05 -5.52
CA LEU A 76 0.31 3.58 -5.75
C LEU A 76 -0.62 4.67 -6.36
N VAL A 77 -1.08 4.41 -7.57
CA VAL A 77 -2.01 5.35 -8.29
C VAL A 77 -3.36 4.62 -8.51
N CYS A 78 -4.46 5.31 -8.33
CA CYS A 78 -5.80 4.64 -8.52
C CYS A 78 -6.86 5.64 -8.97
N THR A 79 -7.75 5.18 -9.79
CA THR A 79 -8.87 6.04 -10.27
C THR A 79 -10.02 5.85 -9.26
N CYS A 80 -10.47 6.89 -8.63
CA CYS A 80 -11.57 6.73 -7.61
C CYS A 80 -12.79 7.51 -8.11
N GLN A 81 -13.94 6.89 -8.12
CA GLN A 81 -15.17 7.61 -8.61
C GLN A 81 -15.52 8.78 -7.67
N THR A 82 -16.08 9.83 -8.20
CA THR A 82 -16.48 10.99 -7.34
C THR A 82 -17.92 10.76 -6.90
N MET A 83 -18.42 11.55 -5.99
CA MET A 83 -19.83 11.34 -5.54
C MET A 83 -20.80 11.55 -6.70
N ASP A 84 -20.49 12.45 -7.59
CA ASP A 84 -21.40 12.70 -8.74
C ASP A 84 -21.32 11.49 -9.70
N GLY A 85 -20.36 10.63 -9.51
CA GLY A 85 -20.24 9.43 -10.39
C GLY A 85 -19.11 9.61 -11.41
N GLU A 86 -18.41 10.70 -11.36
CA GLU A 86 -17.30 10.92 -12.34
C GLU A 86 -16.03 10.16 -11.89
N TRP A 87 -15.14 9.91 -12.80
CA TRP A 87 -13.88 9.16 -12.47
C TRP A 87 -12.68 10.11 -12.48
N LYS A 88 -11.88 10.12 -11.45
CA LYS A 88 -10.68 11.02 -11.43
C LYS A 88 -9.43 10.21 -11.04
N SER A 89 -8.28 10.66 -11.47
CA SER A 89 -7.01 9.94 -11.13
C SER A 89 -6.35 10.55 -9.89
N THR A 90 -6.11 9.75 -8.89
CA THR A 90 -5.44 10.25 -7.63
C THR A 90 -4.12 9.49 -7.44
N GLN A 91 -3.26 9.96 -6.57
CA GLN A 91 -1.94 9.27 -6.32
C GLN A 91 -1.61 9.26 -4.83
N ILE A 92 -0.85 8.30 -4.37
CA ILE A 92 -0.49 8.24 -2.91
C ILE A 92 0.81 7.44 -2.71
N LEU A 93 1.70 7.92 -1.89
CA LEU A 93 2.98 7.20 -1.66
C LEU A 93 2.88 6.33 -0.39
N LEU A 94 3.01 5.05 -0.55
CA LEU A 94 2.93 4.12 0.63
C LEU A 94 4.09 4.40 1.61
N ASP A 95 5.23 4.81 1.11
CA ASP A 95 6.39 5.10 2.00
C ASP A 95 6.12 6.38 2.81
N SER A 96 5.97 6.27 4.11
CA SER A 96 5.69 7.47 4.96
C SER A 96 5.49 7.06 6.43
N GLN A 97 4.34 7.33 6.99
CA GLN A 97 4.08 6.94 8.42
C GLN A 97 3.76 5.44 8.54
N ILE A 98 4.33 4.60 7.70
CA ILE A 98 4.05 3.13 7.79
C ILE A 98 5.39 2.37 7.82
N ASP A 99 5.54 1.44 8.72
CA ASP A 99 6.82 0.69 8.82
C ASP A 99 6.58 -0.77 9.25
N ASN A 100 7.54 -1.63 8.99
CA ASN A 100 7.40 -3.07 9.37
C ASN A 100 8.54 -3.49 10.32
N ASN A 101 8.22 -3.92 11.50
CA ASN A 101 9.30 -4.35 12.44
C ASN A 101 9.98 -5.61 11.90
N ASP A 102 11.16 -5.93 12.40
CA ASP A 102 11.90 -7.14 11.93
C ASP A 102 11.03 -8.41 12.01
N SER A 103 10.27 -8.56 13.07
CA SER A 103 9.38 -9.77 13.21
C SER A 103 7.90 -9.39 13.31
N GLN A 104 7.56 -8.12 13.29
CA GLN A 104 6.10 -7.76 13.39
C GLN A 104 5.76 -6.63 12.40
N LEU A 105 4.51 -6.47 12.07
CA LEU A 105 4.11 -5.40 11.09
C LEU A 105 3.02 -4.50 11.69
N GLU A 106 3.37 -3.27 12.01
CA GLU A 106 2.36 -2.34 12.60
C GLU A 106 2.70 -0.90 12.23
N ILE A 107 1.70 -0.06 12.10
CA ILE A 107 1.93 1.37 11.74
C ILE A 107 2.83 2.02 12.81
N GLY A 108 3.40 3.14 12.47
CA GLY A 108 4.31 3.87 13.43
C GLY A 108 5.64 3.12 13.48
N MET A 1 11.32 7.49 8.95
CA MET A 1 12.46 6.54 9.12
C MET A 1 12.17 5.27 8.31
N PRO A 2 13.19 4.50 8.00
CA PRO A 2 13.13 3.23 7.23
C PRO A 2 11.72 2.58 7.09
N ASN A 3 11.45 1.86 6.02
CA ASN A 3 10.07 1.26 5.86
C ASN A 3 10.23 -0.21 5.43
N PHE A 4 9.24 -0.78 4.82
CA PHE A 4 9.32 -2.22 4.41
C PHE A 4 10.10 -2.41 3.09
N SER A 5 10.75 -1.39 2.61
CA SER A 5 11.53 -1.54 1.34
C SER A 5 12.78 -2.35 1.63
N HIS A 6 13.83 -1.68 2.05
CA HIS A 6 15.12 -2.37 2.33
C HIS A 6 14.91 -3.59 3.26
N THR A 7 13.99 -3.51 4.19
CA THR A 7 13.79 -4.66 5.14
C THR A 7 13.08 -5.83 4.44
N CYS A 8 12.28 -5.56 3.45
CA CYS A 8 11.56 -6.65 2.72
C CYS A 8 11.77 -6.55 1.21
N SER A 9 11.59 -7.64 0.51
CA SER A 9 11.78 -7.60 -0.98
C SER A 9 10.62 -8.35 -1.68
N SER A 10 10.49 -8.17 -2.98
CA SER A 10 9.39 -8.86 -3.74
C SER A 10 8.02 -8.24 -3.37
N ILE A 11 7.92 -6.95 -3.51
CA ILE A 11 6.66 -6.22 -3.18
C ILE A 11 5.54 -6.57 -4.18
N ASN A 12 4.52 -7.25 -3.72
CA ASN A 12 3.38 -7.61 -4.63
C ASN A 12 2.10 -6.90 -4.17
N TYR A 13 1.23 -6.59 -5.10
CA TYR A 13 -0.04 -5.89 -4.76
C TYR A 13 -1.18 -6.48 -5.58
N ASP A 14 -2.01 -7.30 -5.00
CA ASP A 14 -3.15 -7.85 -5.78
C ASP A 14 -4.26 -6.79 -5.84
N PRO A 15 -4.68 -6.41 -7.02
CA PRO A 15 -5.72 -5.36 -7.22
C PRO A 15 -7.14 -5.82 -6.81
N ASP A 16 -7.40 -7.10 -6.77
CA ASP A 16 -8.77 -7.57 -6.37
C ASP A 16 -8.92 -7.48 -4.83
N SER A 17 -8.15 -8.25 -4.11
CA SER A 17 -8.24 -8.27 -2.60
C SER A 17 -7.41 -7.14 -1.96
N THR A 18 -6.72 -6.37 -2.76
CA THR A 18 -5.85 -5.26 -2.22
C THR A 18 -4.98 -5.73 -1.04
N ILE A 19 -4.19 -6.74 -1.24
CA ILE A 19 -3.31 -7.23 -0.13
C ILE A 19 -1.85 -7.04 -0.54
N LEU A 20 -1.06 -6.45 0.30
CA LEU A 20 0.39 -6.26 -0.04
C LEU A 20 1.22 -7.42 0.55
N SER A 21 1.88 -8.16 -0.29
CA SER A 21 2.70 -9.31 0.22
C SER A 21 4.19 -8.99 0.05
N ALA A 22 4.98 -9.31 1.02
CA ALA A 22 6.44 -9.03 0.93
C ALA A 22 7.21 -9.97 1.87
N GLU A 23 8.39 -10.37 1.51
CA GLU A 23 9.20 -11.27 2.37
C GLU A 23 10.15 -10.43 3.23
N CYS A 24 10.07 -10.55 4.53
CA CYS A 24 10.96 -9.73 5.41
C CYS A 24 11.88 -10.66 6.23
N GLN A 25 12.98 -10.15 6.70
CA GLN A 25 13.92 -11.00 7.51
C GLN A 25 13.62 -10.82 9.01
N ALA A 26 13.52 -11.89 9.74
CA ALA A 26 13.22 -11.78 11.19
C ALA A 26 14.50 -11.51 11.97
N ARG A 27 14.35 -11.18 13.22
CA ARG A 27 15.54 -10.91 14.07
C ARG A 27 16.46 -12.14 14.10
N ASP A 28 15.89 -13.30 14.01
CA ASP A 28 16.69 -14.56 14.03
C ASP A 28 17.43 -14.71 12.69
N GLY A 29 17.24 -13.77 11.81
CA GLY A 29 17.90 -13.86 10.47
C GLY A 29 17.10 -14.79 9.57
N GLU A 30 15.88 -15.08 9.93
CA GLU A 30 15.03 -15.99 9.09
C GLU A 30 14.01 -15.19 8.24
N TRP A 31 13.72 -15.65 7.06
CA TRP A 31 12.74 -14.94 6.17
C TRP A 31 11.32 -15.44 6.45
N LEU A 32 10.40 -14.56 6.69
CA LEU A 32 8.98 -15.00 6.95
C LEU A 32 8.01 -14.11 6.15
N PRO A 33 7.39 -14.66 5.12
CA PRO A 33 6.43 -13.94 4.26
C PRO A 33 5.47 -13.04 5.08
N THR A 34 5.09 -11.90 4.56
CA THR A 34 4.18 -11.00 5.33
C THR A 34 3.05 -10.48 4.43
N GLU A 35 1.88 -10.28 4.98
CA GLU A 35 0.72 -9.76 4.19
C GLU A 35 0.14 -8.51 4.87
N LEU A 36 -0.45 -7.62 4.12
CA LEU A 36 -1.05 -6.39 4.74
C LEU A 36 -2.27 -5.94 3.92
N ARG A 37 -3.33 -5.54 4.57
CA ARG A 37 -4.56 -5.08 3.84
C ARG A 37 -4.70 -3.55 3.98
N LEU A 38 -4.54 -2.81 2.92
CA LEU A 38 -4.66 -1.32 3.02
C LEU A 38 -6.11 -0.90 3.26
N SER A 39 -7.04 -1.57 2.64
CA SER A 39 -8.47 -1.21 2.83
C SER A 39 -8.74 -0.84 4.29
N ASP A 40 -7.96 -1.39 5.19
CA ASP A 40 -8.13 -1.10 6.65
C ASP A 40 -7.83 0.38 6.94
N HIS A 41 -6.85 0.96 6.27
CA HIS A 41 -6.51 2.40 6.52
C HIS A 41 -6.75 3.27 5.27
N ILE A 42 -7.41 2.75 4.26
CA ILE A 42 -7.64 3.58 3.04
C ILE A 42 -9.13 3.55 2.62
N GLY A 43 -9.74 4.70 2.52
CA GLY A 43 -11.19 4.78 2.12
C GLY A 43 -11.38 5.89 1.09
N ASN A 44 -12.55 6.00 0.51
CA ASN A 44 -12.78 7.07 -0.50
C ASN A 44 -13.45 8.27 0.17
N ILE A 45 -13.04 9.44 -0.19
CA ILE A 45 -13.66 10.64 0.41
C ILE A 45 -13.92 11.65 -0.69
N ASP A 46 -15.11 11.62 -1.22
CA ASP A 46 -15.51 12.55 -2.30
C ASP A 46 -14.59 12.48 -3.55
N GLY A 47 -13.94 11.37 -3.80
CA GLY A 47 -13.05 11.29 -5.01
C GLY A 47 -11.57 11.35 -4.61
N GLU A 48 -11.27 11.57 -3.37
CA GLU A 48 -9.84 11.65 -2.94
C GLU A 48 -9.44 10.44 -2.08
N LEU A 49 -8.18 10.13 -2.03
CA LEU A 49 -7.69 8.96 -1.21
C LEU A 49 -6.99 9.50 0.06
N GLN A 50 -7.32 8.98 1.21
CA GLN A 50 -6.65 9.47 2.46
C GLN A 50 -6.48 8.32 3.46
N PHE A 51 -5.56 8.49 4.37
CA PHE A 51 -5.31 7.47 5.41
C PHE A 51 -6.33 7.67 6.55
N GLY A 52 -6.67 6.63 7.25
CA GLY A 52 -7.67 6.77 8.36
C GLY A 52 -9.02 6.21 7.92
N ASP A 53 -9.30 6.26 6.65
CA ASP A 53 -10.60 5.74 6.15
C ASP A 53 -10.47 4.30 5.66
N GLN A 54 -11.57 3.68 5.29
CA GLN A 54 -11.52 2.27 4.80
C GLN A 54 -12.52 2.04 3.64
N ASN A 55 -12.42 0.95 2.93
CA ASN A 55 -13.40 0.68 1.81
C ASN A 55 -13.14 1.66 0.65
N PHE A 56 -12.09 1.45 -0.09
CA PHE A 56 -11.76 2.35 -1.26
C PHE A 56 -11.85 1.59 -2.60
N GLN A 57 -11.39 0.36 -2.67
CA GLN A 57 -11.46 -0.37 -3.97
C GLN A 57 -12.92 -0.51 -4.42
N GLU A 58 -13.84 -0.38 -3.50
CA GLU A 58 -15.28 -0.51 -3.85
C GLU A 58 -15.66 0.59 -4.86
N THR A 59 -14.99 1.72 -4.82
CA THR A 59 -15.30 2.83 -5.76
C THR A 59 -14.04 3.24 -6.54
N CYS A 60 -13.10 2.36 -6.69
CA CYS A 60 -11.85 2.72 -7.43
C CYS A 60 -11.35 1.54 -8.28
N GLN A 61 -10.63 1.82 -9.33
CA GLN A 61 -10.13 0.71 -10.21
C GLN A 61 -8.69 1.01 -10.69
N ASP A 62 -8.13 0.08 -11.43
CA ASP A 62 -6.74 0.22 -11.97
C ASP A 62 -5.72 0.55 -10.88
N CYS A 63 -5.83 -0.02 -9.71
CA CYS A 63 -4.80 0.30 -8.67
C CYS A 63 -3.51 -0.40 -9.03
N ARG A 64 -2.42 0.30 -9.05
CA ARG A 64 -1.14 -0.36 -9.41
C ARG A 64 0.06 0.38 -8.84
N LEU A 65 1.04 -0.36 -8.49
CA LEU A 65 2.29 0.21 -7.94
C LEU A 65 3.18 0.63 -9.10
N GLU A 66 4.03 1.61 -8.91
CA GLU A 66 4.91 2.04 -10.02
C GLU A 66 6.33 2.31 -9.47
N PHE A 67 7.34 1.76 -10.09
CA PHE A 67 8.74 1.99 -9.59
C PHE A 67 9.31 3.27 -10.23
N GLY A 68 9.96 4.09 -9.45
CA GLY A 68 10.54 5.37 -10.00
C GLY A 68 11.98 5.13 -10.48
N ASP A 69 12.80 6.15 -10.45
CA ASP A 69 14.22 6.00 -10.89
C ASP A 69 14.88 4.84 -10.15
N GLY A 70 14.59 4.68 -8.88
CA GLY A 70 15.20 3.55 -8.10
C GLY A 70 14.12 2.51 -7.79
N GLU A 71 14.41 1.27 -8.05
CA GLU A 71 13.41 0.19 -7.78
C GLU A 71 13.15 0.08 -6.27
N GLN A 72 13.79 0.89 -5.47
CA GLN A 72 13.58 0.82 -3.99
C GLN A 72 12.21 1.41 -3.64
N SER A 73 11.72 2.31 -4.44
CA SER A 73 10.40 2.93 -4.13
C SER A 73 9.29 2.45 -5.07
N VAL A 74 8.07 2.34 -4.59
CA VAL A 74 6.98 1.93 -5.53
C VAL A 74 5.80 2.89 -5.27
N TRP A 75 5.15 3.42 -6.28
CA TRP A 75 4.06 4.41 -5.97
C TRP A 75 2.63 3.94 -6.31
N LEU A 76 1.73 4.04 -5.36
CA LEU A 76 0.34 3.55 -5.57
C LEU A 76 -0.62 4.60 -6.16
N VAL A 77 -0.94 4.43 -7.43
CA VAL A 77 -1.88 5.34 -8.15
C VAL A 77 -3.23 4.61 -8.35
N CYS A 78 -4.35 5.29 -8.19
CA CYS A 78 -5.68 4.61 -8.38
C CYS A 78 -6.73 5.60 -8.86
N THR A 79 -7.62 5.11 -9.66
CA THR A 79 -8.75 5.95 -10.17
C THR A 79 -9.89 5.77 -9.17
N CYS A 80 -10.41 6.83 -8.63
CA CYS A 80 -11.53 6.71 -7.62
C CYS A 80 -12.71 7.53 -8.12
N GLN A 81 -13.86 6.93 -8.27
CA GLN A 81 -15.05 7.69 -8.76
C GLN A 81 -15.45 8.79 -7.77
N THR A 82 -16.04 9.86 -8.25
CA THR A 82 -16.47 10.96 -7.34
C THR A 82 -17.93 10.72 -6.98
N MET A 83 -18.48 11.47 -6.07
CA MET A 83 -19.91 11.25 -5.70
C MET A 83 -20.82 11.53 -6.91
N ASP A 84 -20.48 12.50 -7.71
CA ASP A 84 -21.33 12.80 -8.89
C ASP A 84 -21.25 11.63 -9.88
N GLY A 85 -20.27 10.78 -9.74
CA GLY A 85 -20.13 9.61 -10.65
C GLY A 85 -18.98 9.81 -11.64
N GLU A 86 -18.30 10.91 -11.57
CA GLU A 86 -17.15 11.16 -12.51
C GLU A 86 -15.92 10.37 -12.05
N TRP A 87 -15.06 10.02 -12.99
CA TRP A 87 -13.83 9.25 -12.64
C TRP A 87 -12.60 10.16 -12.67
N LYS A 88 -11.79 10.12 -11.64
CA LYS A 88 -10.56 10.99 -11.64
C LYS A 88 -9.34 10.16 -11.21
N SER A 89 -8.16 10.66 -11.46
CA SER A 89 -6.91 9.92 -11.07
C SER A 89 -6.27 10.53 -9.82
N THR A 90 -6.06 9.75 -8.80
CA THR A 90 -5.40 10.25 -7.55
C THR A 90 -4.08 9.49 -7.33
N GLN A 91 -3.25 9.95 -6.44
CA GLN A 91 -1.92 9.27 -6.20
C GLN A 91 -1.60 9.27 -4.69
N ILE A 92 -0.75 8.39 -4.24
CA ILE A 92 -0.39 8.37 -2.79
C ILE A 92 0.89 7.55 -2.57
N LEU A 93 1.77 8.02 -1.71
CA LEU A 93 3.05 7.28 -1.47
C LEU A 93 2.92 6.40 -0.22
N LEU A 94 3.02 5.12 -0.39
CA LEU A 94 2.91 4.18 0.78
C LEU A 94 4.03 4.46 1.79
N ASP A 95 5.19 4.87 1.33
CA ASP A 95 6.32 5.17 2.26
C ASP A 95 5.99 6.43 3.11
N SER A 96 5.76 6.26 4.39
CA SER A 96 5.43 7.43 5.27
C SER A 96 5.28 6.97 6.73
N GLN A 97 4.13 7.17 7.32
CA GLN A 97 3.93 6.74 8.76
C GLN A 97 3.65 5.22 8.85
N ILE A 98 4.24 4.43 7.99
CA ILE A 98 4.02 2.94 8.04
C ILE A 98 5.38 2.24 8.05
N ASP A 99 5.58 1.32 8.95
CA ASP A 99 6.90 0.62 9.03
C ASP A 99 6.71 -0.87 9.41
N ASN A 100 7.70 -1.68 9.12
CA ASN A 100 7.61 -3.13 9.44
C ASN A 100 8.76 -3.54 10.38
N ASN A 101 8.45 -3.94 11.58
CA ASN A 101 9.54 -4.36 12.51
C ASN A 101 10.26 -5.60 11.95
N ASP A 102 11.47 -5.86 12.42
CA ASP A 102 12.25 -7.04 11.92
C ASP A 102 11.43 -8.35 11.98
N SER A 103 10.82 -8.62 13.09
CA SER A 103 9.97 -9.87 13.23
C SER A 103 8.48 -9.57 13.30
N GLN A 104 8.07 -8.32 13.33
CA GLN A 104 6.60 -8.04 13.40
C GLN A 104 6.22 -6.89 12.43
N LEU A 105 4.97 -6.78 12.08
CA LEU A 105 4.54 -5.69 11.14
C LEU A 105 3.44 -4.83 11.77
N GLU A 106 3.77 -3.62 12.13
CA GLU A 106 2.75 -2.72 12.76
C GLU A 106 3.05 -1.25 12.42
N ILE A 107 2.03 -0.45 12.28
CA ILE A 107 2.23 1.00 11.95
C ILE A 107 3.22 1.61 12.95
N GLY A 108 3.87 2.67 12.54
CA GLY A 108 4.87 3.35 13.41
C GLY A 108 4.13 3.83 14.68
N MET A 1 10.52 6.96 10.27
CA MET A 1 11.77 6.17 10.17
C MET A 1 11.59 5.08 9.10
N PRO A 2 12.68 4.55 8.59
CA PRO A 2 12.73 3.49 7.55
C PRO A 2 11.40 2.73 7.28
N ASN A 3 11.15 2.27 6.08
CA ASN A 3 9.85 1.55 5.81
C ASN A 3 10.16 0.08 5.44
N PHE A 4 9.21 -0.62 4.89
CA PHE A 4 9.45 -2.06 4.54
C PHE A 4 10.19 -2.22 3.21
N SER A 5 10.87 -1.20 2.76
CA SER A 5 11.62 -1.31 1.47
C SER A 5 12.86 -2.17 1.71
N HIS A 6 13.93 -1.56 2.15
CA HIS A 6 15.21 -2.29 2.38
C HIS A 6 14.98 -3.51 3.30
N THR A 7 14.09 -3.41 4.27
CA THR A 7 13.89 -4.56 5.20
C THR A 7 13.17 -5.73 4.50
N CYS A 8 12.33 -5.43 3.53
CA CYS A 8 11.60 -6.51 2.81
C CYS A 8 11.81 -6.40 1.29
N SER A 9 11.62 -7.48 0.59
CA SER A 9 11.80 -7.44 -0.91
C SER A 9 10.65 -8.21 -1.60
N SER A 10 10.49 -8.02 -2.89
CA SER A 10 9.39 -8.73 -3.65
C SER A 10 8.03 -8.14 -3.28
N ILE A 11 7.91 -6.85 -3.42
CA ILE A 11 6.63 -6.16 -3.08
C ILE A 11 5.51 -6.50 -4.08
N ASN A 12 4.49 -7.19 -3.63
CA ASN A 12 3.36 -7.54 -4.55
C ASN A 12 2.07 -6.83 -4.09
N TYR A 13 1.20 -6.55 -5.02
CA TYR A 13 -0.08 -5.85 -4.67
C TYR A 13 -1.21 -6.45 -5.51
N ASP A 14 -2.03 -7.27 -4.93
CA ASP A 14 -3.17 -7.82 -5.71
C ASP A 14 -4.30 -6.78 -5.76
N PRO A 15 -4.70 -6.37 -6.95
CA PRO A 15 -5.76 -5.32 -7.13
C PRO A 15 -7.17 -5.81 -6.75
N ASP A 16 -7.41 -7.09 -6.73
CA ASP A 16 -8.78 -7.58 -6.36
C ASP A 16 -8.97 -7.49 -4.83
N SER A 17 -8.24 -8.29 -4.09
CA SER A 17 -8.37 -8.32 -2.59
C SER A 17 -7.53 -7.21 -1.93
N THR A 18 -6.82 -6.43 -2.70
CA THR A 18 -5.94 -5.33 -2.14
C THR A 18 -5.09 -5.84 -0.96
N ILE A 19 -4.26 -6.82 -1.19
CA ILE A 19 -3.40 -7.35 -0.08
C ILE A 19 -1.93 -7.11 -0.46
N LEU A 20 -1.16 -6.51 0.41
CA LEU A 20 0.28 -6.28 0.09
C LEU A 20 1.12 -7.44 0.65
N SER A 21 1.83 -8.13 -0.21
CA SER A 21 2.67 -9.27 0.26
C SER A 21 4.15 -8.95 0.03
N ALA A 22 4.98 -9.25 0.99
CA ALA A 22 6.44 -8.97 0.84
C ALA A 22 7.25 -9.93 1.74
N GLU A 23 8.45 -10.23 1.35
CA GLU A 23 9.29 -11.15 2.18
C GLU A 23 10.17 -10.31 3.12
N CYS A 24 10.06 -10.52 4.40
CA CYS A 24 10.88 -9.72 5.37
C CYS A 24 11.80 -10.65 6.17
N GLN A 25 12.92 -10.14 6.63
CA GLN A 25 13.87 -10.99 7.43
C GLN A 25 13.56 -10.81 8.92
N ALA A 26 13.47 -11.90 9.65
CA ALA A 26 13.19 -11.80 11.11
C ALA A 26 14.47 -11.52 11.88
N ARG A 27 14.33 -11.25 13.14
CA ARG A 27 15.53 -10.97 13.99
C ARG A 27 16.48 -12.18 13.97
N ASP A 28 15.93 -13.36 13.83
CA ASP A 28 16.77 -14.58 13.80
C ASP A 28 17.52 -14.65 12.46
N GLY A 29 17.29 -13.69 11.61
CA GLY A 29 17.98 -13.69 10.28
C GLY A 29 17.24 -14.65 9.35
N GLU A 30 15.99 -14.92 9.61
CA GLU A 30 15.19 -15.83 8.73
C GLU A 30 14.14 -15.04 7.91
N TRP A 31 13.79 -15.56 6.76
CA TRP A 31 12.76 -14.86 5.90
C TRP A 31 11.36 -15.34 6.28
N LEU A 32 10.44 -14.43 6.49
CA LEU A 32 9.04 -14.85 6.85
C LEU A 32 8.02 -13.99 6.07
N PRO A 33 7.49 -14.51 4.99
CA PRO A 33 6.49 -13.80 4.14
C PRO A 33 5.44 -13.06 4.99
N THR A 34 5.06 -11.87 4.59
CA THR A 34 4.03 -11.11 5.39
C THR A 34 2.95 -10.52 4.47
N GLU A 35 1.73 -10.44 4.97
CA GLU A 35 0.60 -9.87 4.16
C GLU A 35 -0.01 -8.67 4.88
N LEU A 36 -0.56 -7.73 4.16
CA LEU A 36 -1.19 -6.54 4.83
C LEU A 36 -2.40 -6.07 3.99
N ARG A 37 -3.46 -5.64 4.65
CA ARG A 37 -4.67 -5.15 3.91
C ARG A 37 -4.78 -3.62 4.03
N LEU A 38 -4.56 -2.90 2.97
CA LEU A 38 -4.64 -1.41 3.05
C LEU A 38 -6.08 -0.95 3.31
N SER A 39 -7.04 -1.60 2.70
CA SER A 39 -8.47 -1.21 2.89
C SER A 39 -8.71 -0.82 4.36
N ASP A 40 -7.93 -1.37 5.25
CA ASP A 40 -8.07 -1.06 6.71
C ASP A 40 -7.72 0.42 6.97
N HIS A 41 -6.73 0.95 6.30
CA HIS A 41 -6.34 2.38 6.53
C HIS A 41 -6.61 3.24 5.28
N ILE A 42 -7.26 2.72 4.27
CA ILE A 42 -7.51 3.56 3.04
C ILE A 42 -9.00 3.54 2.66
N GLY A 43 -9.61 4.69 2.56
CA GLY A 43 -11.05 4.78 2.18
C GLY A 43 -11.25 5.89 1.15
N ASN A 44 -12.40 5.98 0.54
CA ASN A 44 -12.64 7.05 -0.46
C ASN A 44 -13.30 8.25 0.21
N ILE A 45 -12.89 9.42 -0.15
CA ILE A 45 -13.50 10.62 0.46
C ILE A 45 -13.78 11.64 -0.65
N ASP A 46 -14.98 11.61 -1.15
CA ASP A 46 -15.39 12.55 -2.24
C ASP A 46 -14.46 12.48 -3.48
N GLY A 47 -13.84 11.36 -3.76
CA GLY A 47 -12.96 11.28 -4.98
C GLY A 47 -11.48 11.32 -4.59
N GLU A 48 -11.17 11.55 -3.35
CA GLU A 48 -9.73 11.63 -2.93
C GLU A 48 -9.35 10.41 -2.07
N LEU A 49 -8.08 10.10 -2.02
CA LEU A 49 -7.59 8.94 -1.20
C LEU A 49 -6.87 9.47 0.06
N GLN A 50 -7.17 8.94 1.21
CA GLN A 50 -6.48 9.43 2.45
C GLN A 50 -6.29 8.29 3.45
N PHE A 51 -5.32 8.44 4.32
CA PHE A 51 -5.05 7.41 5.36
C PHE A 51 -6.04 7.62 6.52
N GLY A 52 -6.35 6.58 7.24
CA GLY A 52 -7.32 6.72 8.37
C GLY A 52 -8.69 6.16 7.96
N ASP A 53 -9.07 6.33 6.74
CA ASP A 53 -10.39 5.82 6.28
C ASP A 53 -10.25 4.38 5.76
N GLN A 54 -11.36 3.77 5.42
CA GLN A 54 -11.33 2.36 4.92
C GLN A 54 -12.33 2.14 3.76
N ASN A 55 -12.23 1.05 3.03
CA ASN A 55 -13.20 0.82 1.90
C ASN A 55 -12.93 1.80 0.73
N PHE A 56 -12.03 1.46 -0.14
CA PHE A 56 -11.71 2.35 -1.30
C PHE A 56 -11.76 1.58 -2.65
N GLN A 57 -11.29 0.36 -2.71
CA GLN A 57 -11.34 -0.38 -4.00
C GLN A 57 -12.79 -0.52 -4.47
N GLU A 58 -13.72 -0.47 -3.57
CA GLU A 58 -15.16 -0.60 -3.95
C GLU A 58 -15.54 0.55 -4.89
N THR A 59 -14.90 1.69 -4.76
CA THR A 59 -15.23 2.85 -5.66
C THR A 59 -13.99 3.28 -6.45
N CYS A 60 -13.08 2.37 -6.70
CA CYS A 60 -11.84 2.73 -7.48
C CYS A 60 -11.36 1.55 -8.34
N GLN A 61 -10.63 1.85 -9.39
CA GLN A 61 -10.12 0.76 -10.28
C GLN A 61 -8.69 1.06 -10.78
N ASP A 62 -8.15 0.15 -11.54
CA ASP A 62 -6.77 0.31 -12.09
C ASP A 62 -5.73 0.62 -10.99
N CYS A 63 -5.82 0.02 -9.85
CA CYS A 63 -4.79 0.31 -8.80
C CYS A 63 -3.49 -0.37 -9.19
N ARG A 64 -2.41 0.32 -9.21
CA ARG A 64 -1.14 -0.33 -9.60
C ARG A 64 0.06 0.38 -9.00
N LEU A 65 1.06 -0.38 -8.69
CA LEU A 65 2.30 0.17 -8.11
C LEU A 65 3.21 0.63 -9.26
N GLU A 66 4.06 1.57 -9.03
CA GLU A 66 4.96 2.03 -10.12
C GLU A 66 6.36 2.33 -9.55
N PHE A 67 7.38 1.74 -10.09
CA PHE A 67 8.76 2.00 -9.56
C PHE A 67 9.34 3.26 -10.21
N GLY A 68 10.00 4.10 -9.46
CA GLY A 68 10.59 5.35 -10.03
C GLY A 68 12.00 5.08 -10.58
N ASP A 69 12.82 6.09 -10.65
CA ASP A 69 14.21 5.91 -11.19
C ASP A 69 14.91 4.78 -10.42
N GLY A 70 14.70 4.70 -9.13
CA GLY A 70 15.35 3.60 -8.33
C GLY A 70 14.30 2.58 -7.89
N GLU A 71 14.57 1.33 -8.09
CA GLU A 71 13.58 0.28 -7.70
C GLU A 71 13.40 0.27 -6.17
N GLN A 72 14.01 1.19 -5.47
CA GLN A 72 13.87 1.22 -3.98
C GLN A 72 12.52 1.83 -3.60
N SER A 73 11.68 2.10 -4.57
CA SER A 73 10.36 2.72 -4.24
C SER A 73 9.24 2.21 -5.14
N VAL A 74 8.02 2.18 -4.67
CA VAL A 74 6.91 1.72 -5.57
C VAL A 74 5.75 2.72 -5.37
N TRP A 75 5.14 3.24 -6.41
CA TRP A 75 4.06 4.26 -6.16
C TRP A 75 2.63 3.80 -6.50
N LEU A 76 1.73 3.91 -5.56
CA LEU A 76 0.34 3.42 -5.77
C LEU A 76 -0.61 4.48 -6.36
N VAL A 77 -0.95 4.31 -7.62
CA VAL A 77 -1.90 5.23 -8.34
C VAL A 77 -3.26 4.52 -8.50
N CYS A 78 -4.35 5.23 -8.33
CA CYS A 78 -5.70 4.57 -8.48
C CYS A 78 -6.75 5.56 -8.95
N THR A 79 -7.66 5.10 -9.76
CA THR A 79 -8.77 5.95 -10.23
C THR A 79 -9.92 5.76 -9.23
N CYS A 80 -10.40 6.82 -8.63
CA CYS A 80 -11.51 6.67 -7.62
C CYS A 80 -12.71 7.47 -8.12
N GLN A 81 -13.86 6.88 -8.16
CA GLN A 81 -15.07 7.62 -8.65
C GLN A 81 -15.47 8.73 -7.67
N THR A 82 -16.05 9.79 -8.17
CA THR A 82 -16.48 10.90 -7.26
C THR A 82 -17.93 10.64 -6.86
N MET A 83 -18.45 11.37 -5.92
CA MET A 83 -19.87 11.13 -5.51
C MET A 83 -20.81 11.38 -6.69
N ASP A 84 -20.51 12.34 -7.51
CA ASP A 84 -21.40 12.61 -8.68
C ASP A 84 -21.32 11.43 -9.66
N GLY A 85 -20.27 10.65 -9.59
CA GLY A 85 -20.14 9.47 -10.49
C GLY A 85 -19.00 9.67 -11.49
N GLU A 86 -18.31 10.78 -11.42
CA GLU A 86 -17.19 11.02 -12.37
C GLU A 86 -15.93 10.25 -11.92
N TRP A 87 -15.05 9.96 -12.84
CA TRP A 87 -13.81 9.20 -12.49
C TRP A 87 -12.60 10.15 -12.49
N LYS A 88 -11.79 10.13 -11.47
CA LYS A 88 -10.60 11.01 -11.45
C LYS A 88 -9.35 10.20 -11.04
N SER A 89 -8.19 10.63 -11.47
CA SER A 89 -6.92 9.89 -11.12
C SER A 89 -6.29 10.46 -9.84
N THR A 90 -6.10 9.63 -8.86
CA THR A 90 -5.44 10.10 -7.58
C THR A 90 -4.12 9.34 -7.39
N GLN A 91 -3.27 9.79 -6.51
CA GLN A 91 -1.95 9.11 -6.29
C GLN A 91 -1.60 9.10 -4.79
N ILE A 92 -0.79 8.19 -4.34
CA ILE A 92 -0.42 8.15 -2.89
C ILE A 92 0.91 7.38 -2.70
N LEU A 93 1.77 7.88 -1.84
CA LEU A 93 3.09 7.19 -1.62
C LEU A 93 3.00 6.27 -0.39
N LEU A 94 3.11 4.99 -0.60
CA LEU A 94 3.04 4.02 0.54
C LEU A 94 4.21 4.28 1.52
N ASP A 95 5.34 4.70 1.02
CA ASP A 95 6.50 4.98 1.92
C ASP A 95 6.27 6.28 2.72
N SER A 96 6.13 6.18 4.03
CA SER A 96 5.88 7.40 4.86
C SER A 96 5.66 7.01 6.33
N GLN A 97 4.51 7.31 6.88
CA GLN A 97 4.24 6.94 8.31
C GLN A 97 3.92 5.44 8.46
N ILE A 98 4.59 4.58 7.71
CA ILE A 98 4.32 3.11 7.82
C ILE A 98 5.65 2.38 8.03
N ASP A 99 5.69 1.46 8.96
CA ASP A 99 6.96 0.72 9.22
C ASP A 99 6.70 -0.76 9.53
N ASN A 100 7.68 -1.60 9.30
CA ASN A 100 7.51 -3.07 9.57
C ASN A 100 8.64 -3.58 10.49
N ASN A 101 8.33 -4.01 11.67
CA ASN A 101 9.40 -4.53 12.57
C ASN A 101 10.01 -5.80 11.97
N ASP A 102 11.16 -6.21 12.46
CA ASP A 102 11.84 -7.44 11.95
C ASP A 102 10.90 -8.67 12.00
N SER A 103 10.16 -8.83 13.06
CA SER A 103 9.21 -9.99 13.17
C SER A 103 7.74 -9.54 13.34
N GLN A 104 7.47 -8.25 13.37
CA GLN A 104 6.05 -7.83 13.54
C GLN A 104 5.71 -6.68 12.56
N LEU A 105 4.47 -6.54 12.19
CA LEU A 105 4.09 -5.45 11.22
C LEU A 105 3.02 -4.53 11.85
N GLU A 106 3.39 -3.33 12.18
CA GLU A 106 2.40 -2.37 12.79
C GLU A 106 2.75 -0.93 12.40
N ILE A 107 1.75 -0.11 12.23
CA ILE A 107 1.98 1.31 11.84
C ILE A 107 2.40 2.11 13.08
N GLY A 108 3.62 1.94 13.51
CA GLY A 108 4.14 2.66 14.70
C GLY A 108 5.52 2.09 15.04
N MET A 1 9.58 6.96 10.06
CA MET A 1 10.83 6.16 10.24
C MET A 1 10.88 5.09 9.15
N PRO A 2 12.06 4.58 8.84
CA PRO A 2 12.33 3.53 7.83
C PRO A 2 11.10 2.74 7.32
N ASN A 3 11.10 2.28 6.09
CA ASN A 3 9.88 1.54 5.57
C ASN A 3 10.28 0.06 5.32
N PHE A 4 9.38 -0.72 4.79
CA PHE A 4 9.70 -2.17 4.56
C PHE A 4 10.47 -2.37 3.25
N SER A 5 11.03 -1.34 2.68
CA SER A 5 11.80 -1.51 1.41
C SER A 5 13.06 -2.32 1.72
N HIS A 6 14.10 -1.64 2.13
CA HIS A 6 15.40 -2.31 2.41
C HIS A 6 15.19 -3.55 3.31
N THR A 7 14.24 -3.52 4.21
CA THR A 7 14.03 -4.71 5.12
C THR A 7 13.31 -5.84 4.37
N CYS A 8 12.47 -5.53 3.44
CA CYS A 8 11.74 -6.60 2.69
C CYS A 8 11.93 -6.44 1.17
N SER A 9 11.72 -7.50 0.43
CA SER A 9 11.90 -7.42 -1.06
C SER A 9 10.75 -8.17 -1.77
N SER A 10 10.62 -7.99 -3.07
CA SER A 10 9.53 -8.68 -3.84
C SER A 10 8.16 -8.13 -3.43
N ILE A 11 8.01 -6.85 -3.53
CA ILE A 11 6.72 -6.18 -3.15
C ILE A 11 5.59 -6.56 -4.14
N ASN A 12 4.55 -7.19 -3.65
CA ASN A 12 3.42 -7.58 -4.53
C ASN A 12 2.12 -6.89 -4.05
N TYR A 13 1.24 -6.56 -4.96
CA TYR A 13 -0.04 -5.90 -4.59
C TYR A 13 -1.17 -6.43 -5.47
N ASP A 14 -2.01 -7.26 -4.94
CA ASP A 14 -3.14 -7.78 -5.76
C ASP A 14 -4.26 -6.72 -5.78
N PRO A 15 -4.66 -6.28 -6.96
CA PRO A 15 -5.71 -5.23 -7.10
C PRO A 15 -7.11 -5.70 -6.72
N ASP A 16 -7.37 -6.99 -6.66
CA ASP A 16 -8.73 -7.45 -6.28
C ASP A 16 -8.91 -7.32 -4.75
N SER A 17 -8.25 -8.16 -4.00
CA SER A 17 -8.38 -8.14 -2.49
C SER A 17 -7.46 -7.10 -1.85
N THR A 18 -6.73 -6.33 -2.63
CA THR A 18 -5.78 -5.29 -2.10
C THR A 18 -4.98 -5.83 -0.90
N ILE A 19 -4.13 -6.79 -1.13
CA ILE A 19 -3.30 -7.34 -0.01
C ILE A 19 -1.82 -7.13 -0.36
N LEU A 20 -1.06 -6.55 0.52
CA LEU A 20 0.39 -6.33 0.25
C LEU A 20 1.20 -7.53 0.80
N SER A 21 1.91 -8.22 -0.07
CA SER A 21 2.71 -9.38 0.40
C SER A 21 4.19 -9.11 0.14
N ALA A 22 5.03 -9.45 1.09
CA ALA A 22 6.49 -9.22 0.91
C ALA A 22 7.27 -10.13 1.88
N GLU A 23 8.47 -10.50 1.52
CA GLU A 23 9.28 -11.38 2.41
C GLU A 23 10.24 -10.51 3.22
N CYS A 24 10.27 -10.69 4.51
CA CYS A 24 11.18 -9.85 5.36
C CYS A 24 12.09 -10.75 6.20
N GLN A 25 13.20 -10.23 6.66
CA GLN A 25 14.14 -11.06 7.48
C GLN A 25 13.87 -10.80 8.97
N ALA A 26 13.73 -11.85 9.74
CA ALA A 26 13.46 -11.68 11.20
C ALA A 26 14.78 -11.49 11.95
N ARG A 27 14.68 -11.16 13.20
CA ARG A 27 15.89 -10.97 14.04
C ARG A 27 16.71 -12.25 14.06
N ASP A 28 16.06 -13.38 13.97
CA ASP A 28 16.77 -14.68 14.00
C ASP A 28 17.55 -14.86 12.68
N GLY A 29 17.43 -13.90 11.80
CA GLY A 29 18.16 -14.02 10.49
C GLY A 29 17.36 -14.93 9.56
N GLU A 30 16.10 -15.12 9.82
CA GLU A 30 15.26 -16.00 8.95
C GLU A 30 14.30 -15.17 8.07
N TRP A 31 13.99 -15.66 6.89
CA TRP A 31 13.07 -14.92 5.97
C TRP A 31 11.64 -15.43 6.14
N LEU A 32 10.69 -14.56 6.32
CA LEU A 32 9.26 -15.01 6.47
C LEU A 32 8.35 -14.15 5.59
N PRO A 33 7.21 -14.68 5.19
CA PRO A 33 6.22 -13.97 4.34
C PRO A 33 5.18 -13.19 5.17
N THR A 34 4.84 -12.00 4.77
CA THR A 34 3.82 -11.22 5.57
C THR A 34 2.76 -10.60 4.63
N GLU A 35 1.53 -10.55 5.09
CA GLU A 35 0.43 -9.96 4.26
C GLU A 35 -0.18 -8.75 5.00
N LEU A 36 -0.66 -7.78 4.27
CA LEU A 36 -1.29 -6.59 4.94
C LEU A 36 -2.47 -6.08 4.09
N ARG A 37 -3.53 -5.65 4.72
CA ARG A 37 -4.72 -5.12 3.97
C ARG A 37 -4.79 -3.59 4.08
N LEU A 38 -4.53 -2.88 3.03
CA LEU A 38 -4.58 -1.38 3.10
C LEU A 38 -6.02 -0.89 3.32
N SER A 39 -6.97 -1.51 2.70
CA SER A 39 -8.40 -1.09 2.86
C SER A 39 -8.66 -0.69 4.33
N ASP A 40 -7.93 -1.29 5.23
CA ASP A 40 -8.10 -0.97 6.69
C ASP A 40 -7.77 0.50 6.96
N HIS A 41 -6.76 1.04 6.31
CA HIS A 41 -6.39 2.48 6.53
C HIS A 41 -6.65 3.34 5.28
N ILE A 42 -7.29 2.81 4.28
CA ILE A 42 -7.53 3.64 3.04
C ILE A 42 -9.02 3.63 2.66
N GLY A 43 -9.62 4.79 2.55
CA GLY A 43 -11.06 4.89 2.16
C GLY A 43 -11.25 6.00 1.12
N ASN A 44 -12.39 6.09 0.50
CA ASN A 44 -12.62 7.14 -0.53
C ASN A 44 -13.20 8.38 0.14
N ILE A 45 -12.78 9.52 -0.27
CA ILE A 45 -13.32 10.76 0.33
C ILE A 45 -13.62 11.75 -0.80
N ASP A 46 -14.81 11.71 -1.31
CA ASP A 46 -15.24 12.61 -2.40
C ASP A 46 -14.34 12.51 -3.66
N GLY A 47 -13.73 11.38 -3.92
CA GLY A 47 -12.87 11.27 -5.15
C GLY A 47 -11.38 11.26 -4.79
N GLU A 48 -11.05 11.51 -3.56
CA GLU A 48 -9.60 11.53 -3.16
C GLU A 48 -9.26 10.34 -2.22
N LEU A 49 -8.00 10.04 -2.09
CA LEU A 49 -7.57 8.91 -1.20
C LEU A 49 -6.90 9.50 0.06
N GLN A 50 -7.22 8.98 1.21
CA GLN A 50 -6.59 9.52 2.47
C GLN A 50 -6.39 8.42 3.50
N PHE A 51 -5.42 8.60 4.36
CA PHE A 51 -5.13 7.61 5.43
C PHE A 51 -6.14 7.81 6.57
N GLY A 52 -6.47 6.77 7.29
CA GLY A 52 -7.47 6.93 8.40
C GLY A 52 -8.83 6.37 7.96
N ASP A 53 -9.18 6.53 6.72
CA ASP A 53 -10.48 6.01 6.22
C ASP A 53 -10.34 4.56 5.74
N GLN A 54 -11.45 3.94 5.39
CA GLN A 54 -11.41 2.52 4.90
C GLN A 54 -12.40 2.30 3.74
N ASN A 55 -12.31 1.19 3.04
CA ASN A 55 -13.27 0.93 1.90
C ASN A 55 -12.98 1.90 0.74
N PHE A 56 -12.10 1.54 -0.14
CA PHE A 56 -11.76 2.41 -1.32
C PHE A 56 -11.80 1.63 -2.65
N GLN A 57 -11.33 0.40 -2.68
CA GLN A 57 -11.35 -0.36 -3.98
C GLN A 57 -12.79 -0.49 -4.47
N GLU A 58 -13.74 -0.46 -3.58
CA GLU A 58 -15.17 -0.59 -3.98
C GLU A 58 -15.54 0.58 -4.91
N THR A 59 -14.93 1.72 -4.73
CA THR A 59 -15.25 2.90 -5.60
C THR A 59 -14.01 3.31 -6.42
N CYS A 60 -13.11 2.39 -6.67
CA CYS A 60 -11.89 2.74 -7.47
C CYS A 60 -11.42 1.55 -8.31
N GLN A 61 -10.70 1.83 -9.37
CA GLN A 61 -10.20 0.73 -10.26
C GLN A 61 -8.77 1.02 -10.73
N ASP A 62 -8.22 0.09 -11.48
CA ASP A 62 -6.82 0.21 -12.02
C ASP A 62 -5.80 0.54 -10.92
N CYS A 63 -5.92 -0.03 -9.75
CA CYS A 63 -4.90 0.29 -8.69
C CYS A 63 -3.61 -0.43 -9.05
N ARG A 64 -2.51 0.26 -9.09
CA ARG A 64 -1.25 -0.42 -9.43
C ARG A 64 -0.04 0.33 -8.88
N LEU A 65 0.96 -0.41 -8.54
CA LEU A 65 2.20 0.16 -7.99
C LEU A 65 3.10 0.58 -9.17
N GLU A 66 3.96 1.54 -8.97
CA GLU A 66 4.84 1.97 -10.09
C GLU A 66 6.25 2.25 -9.56
N PHE A 67 7.26 1.66 -10.13
CA PHE A 67 8.65 1.90 -9.64
C PHE A 67 9.22 3.17 -10.29
N GLY A 68 9.85 4.01 -9.53
CA GLY A 68 10.42 5.29 -10.09
C GLY A 68 11.83 5.03 -10.66
N ASP A 69 12.63 6.06 -10.78
CA ASP A 69 14.01 5.89 -11.33
C ASP A 69 14.75 4.79 -10.54
N GLY A 70 14.53 4.72 -9.25
CA GLY A 70 15.22 3.67 -8.43
C GLY A 70 14.20 2.62 -7.99
N GLU A 71 14.50 1.37 -8.17
CA GLU A 71 13.56 0.29 -7.77
C GLU A 71 13.40 0.25 -6.25
N GLN A 72 13.99 1.19 -5.55
CA GLN A 72 13.87 1.20 -4.05
C GLN A 72 12.52 1.79 -3.65
N SER A 73 11.68 2.05 -4.59
CA SER A 73 10.35 2.66 -4.24
C SER A 73 9.23 2.19 -5.16
N VAL A 74 8.00 2.15 -4.71
CA VAL A 74 6.90 1.73 -5.63
C VAL A 74 5.73 2.70 -5.37
N TRP A 75 5.10 3.28 -6.38
CA TRP A 75 4.02 4.26 -6.05
C TRP A 75 2.58 3.82 -6.42
N LEU A 76 1.67 3.94 -5.49
CA LEU A 76 0.27 3.47 -5.73
C LEU A 76 -0.65 4.54 -6.33
N VAL A 77 -1.04 4.33 -7.58
CA VAL A 77 -1.97 5.26 -8.31
C VAL A 77 -3.33 4.54 -8.50
N CYS A 78 -4.44 5.24 -8.33
CA CYS A 78 -5.77 4.57 -8.51
C CYS A 78 -6.82 5.57 -8.99
N THR A 79 -7.73 5.10 -9.78
CA THR A 79 -8.85 5.94 -10.26
C THR A 79 -10.00 5.76 -9.27
N CYS A 80 -10.45 6.81 -8.63
CA CYS A 80 -11.56 6.67 -7.63
C CYS A 80 -12.76 7.46 -8.12
N GLN A 81 -13.93 6.86 -8.16
CA GLN A 81 -15.14 7.59 -8.65
C GLN A 81 -15.49 8.75 -7.71
N THR A 82 -16.04 9.81 -8.24
CA THR A 82 -16.43 10.96 -7.37
C THR A 82 -17.88 10.75 -6.95
N MET A 83 -18.37 11.53 -6.02
CA MET A 83 -19.78 11.33 -5.58
C MET A 83 -20.74 11.54 -6.75
N ASP A 84 -20.46 12.46 -7.61
CA ASP A 84 -21.36 12.70 -8.78
C ASP A 84 -21.30 11.48 -9.72
N GLY A 85 -20.28 10.66 -9.59
CA GLY A 85 -20.16 9.45 -10.45
C GLY A 85 -19.03 9.62 -11.48
N GLU A 86 -18.31 10.71 -11.42
CA GLU A 86 -17.20 10.91 -12.41
C GLU A 86 -15.95 10.15 -11.94
N TRP A 87 -15.04 9.88 -12.85
CA TRP A 87 -13.80 9.13 -12.50
C TRP A 87 -12.60 10.08 -12.48
N LYS A 88 -11.82 10.07 -11.43
CA LYS A 88 -10.62 10.97 -11.40
C LYS A 88 -9.37 10.16 -10.98
N SER A 89 -8.22 10.58 -11.42
CA SER A 89 -6.95 9.84 -11.07
C SER A 89 -6.35 10.39 -9.77
N THR A 90 -6.17 9.54 -8.79
CA THR A 90 -5.55 9.99 -7.49
C THR A 90 -4.20 9.26 -7.31
N GLN A 91 -3.36 9.74 -6.43
CA GLN A 91 -2.03 9.10 -6.21
C GLN A 91 -1.64 9.15 -4.73
N ILE A 92 -0.75 8.31 -4.28
CA ILE A 92 -0.34 8.33 -2.84
C ILE A 92 0.99 7.57 -2.65
N LEU A 93 1.86 8.07 -1.81
CA LEU A 93 3.18 7.39 -1.60
C LEU A 93 3.14 6.56 -0.31
N LEU A 94 3.34 5.28 -0.42
CA LEU A 94 3.32 4.40 0.79
C LEU A 94 4.48 4.78 1.73
N ASP A 95 5.58 5.24 1.20
CA ASP A 95 6.74 5.63 2.07
C ASP A 95 6.35 6.81 2.97
N SER A 96 6.05 6.55 4.23
CA SER A 96 5.66 7.64 5.17
C SER A 96 5.47 7.10 6.58
N GLN A 97 4.38 7.43 7.24
CA GLN A 97 4.14 6.91 8.63
C GLN A 97 3.83 5.40 8.61
N ILE A 98 4.53 4.62 7.82
CA ILE A 98 4.28 3.14 7.78
C ILE A 98 5.61 2.41 7.95
N ASP A 99 5.66 1.43 8.80
CA ASP A 99 6.94 0.69 9.03
C ASP A 99 6.67 -0.78 9.42
N ASN A 100 7.62 -1.64 9.19
CA ASN A 100 7.46 -3.09 9.54
C ASN A 100 8.59 -3.54 10.49
N ASN A 101 8.24 -4.05 11.64
CA ASN A 101 9.31 -4.52 12.58
C ASN A 101 10.01 -5.76 12.00
N ASP A 102 11.16 -6.09 12.53
CA ASP A 102 11.93 -7.28 12.03
C ASP A 102 11.06 -8.57 12.03
N SER A 103 10.27 -8.76 13.05
CA SER A 103 9.37 -9.98 13.11
C SER A 103 7.88 -9.60 13.18
N GLN A 104 7.53 -8.34 13.21
CA GLN A 104 6.08 -7.99 13.27
C GLN A 104 5.77 -6.83 12.30
N LEU A 105 4.53 -6.73 11.86
CA LEU A 105 4.17 -5.62 10.91
C LEU A 105 3.06 -4.75 11.51
N GLU A 106 3.36 -3.53 11.86
CA GLU A 106 2.34 -2.62 12.45
C GLU A 106 2.63 -1.17 12.07
N ILE A 107 1.60 -0.39 11.87
CA ILE A 107 1.79 1.05 11.48
C ILE A 107 2.13 1.86 12.75
N GLY A 108 3.34 1.75 13.21
CA GLY A 108 3.78 2.50 14.42
C GLY A 108 3.61 1.57 15.63
N MET A 1 10.32 6.29 11.00
CA MET A 1 11.24 5.16 11.33
C MET A 1 11.24 4.17 10.16
N PRO A 2 12.28 3.37 10.05
CA PRO A 2 12.48 2.33 9.00
C PRO A 2 11.22 1.93 8.19
N ASN A 3 11.36 1.52 6.95
CA ASN A 3 10.14 1.15 6.15
C ASN A 3 10.28 -0.31 5.67
N PHE A 4 9.31 -0.82 4.96
CA PHE A 4 9.39 -2.24 4.49
C PHE A 4 10.14 -2.36 3.15
N SER A 5 10.80 -1.34 2.71
CA SER A 5 11.55 -1.42 1.42
C SER A 5 12.82 -2.24 1.66
N HIS A 6 13.86 -1.59 2.07
CA HIS A 6 15.17 -2.27 2.30
C HIS A 6 14.99 -3.51 3.21
N THR A 7 14.10 -3.45 4.18
CA THR A 7 13.93 -4.62 5.11
C THR A 7 13.23 -5.78 4.40
N CYS A 8 12.40 -5.50 3.44
CA CYS A 8 11.67 -6.60 2.71
C CYS A 8 11.87 -6.47 1.20
N SER A 9 11.66 -7.54 0.48
CA SER A 9 11.82 -7.49 -1.02
C SER A 9 10.68 -8.24 -1.70
N SER A 10 10.52 -8.07 -3.00
CA SER A 10 9.43 -8.77 -3.75
C SER A 10 8.06 -8.18 -3.37
N ILE A 11 7.93 -6.89 -3.49
CA ILE A 11 6.66 -6.20 -3.14
C ILE A 11 5.52 -6.57 -4.13
N ASN A 12 4.51 -7.23 -3.65
CA ASN A 12 3.37 -7.61 -4.54
C ASN A 12 2.08 -6.90 -4.09
N TYR A 13 1.21 -6.59 -5.01
CA TYR A 13 -0.06 -5.90 -4.66
C TYR A 13 -1.21 -6.52 -5.46
N ASP A 14 -2.03 -7.31 -4.83
CA ASP A 14 -3.17 -7.90 -5.57
C ASP A 14 -4.30 -6.85 -5.66
N PRO A 15 -4.72 -6.50 -6.85
CA PRO A 15 -5.77 -5.47 -7.07
C PRO A 15 -7.18 -5.92 -6.64
N ASP A 16 -7.44 -7.21 -6.58
CA ASP A 16 -8.80 -7.67 -6.17
C ASP A 16 -8.93 -7.57 -4.63
N SER A 17 -8.13 -8.32 -3.91
CA SER A 17 -8.21 -8.33 -2.41
C SER A 17 -7.38 -7.18 -1.79
N THR A 18 -6.71 -6.41 -2.59
CA THR A 18 -5.85 -5.27 -2.08
C THR A 18 -4.97 -5.70 -0.90
N ILE A 19 -4.17 -6.71 -1.08
CA ILE A 19 -3.27 -7.17 0.03
C ILE A 19 -1.82 -7.00 -0.42
N LEU A 20 -0.99 -6.43 0.42
CA LEU A 20 0.45 -6.26 0.05
C LEU A 20 1.28 -7.40 0.66
N SER A 21 1.95 -8.17 -0.17
CA SER A 21 2.77 -9.30 0.35
C SER A 21 4.26 -9.00 0.14
N ALA A 22 5.07 -9.34 1.09
CA ALA A 22 6.53 -9.07 0.96
C ALA A 22 7.31 -9.99 1.91
N GLU A 23 8.50 -10.38 1.54
CA GLU A 23 9.31 -11.27 2.42
C GLU A 23 10.28 -10.40 3.24
N CYS A 24 10.30 -10.59 4.53
CA CYS A 24 11.20 -9.76 5.39
C CYS A 24 12.14 -10.67 6.20
N GLN A 25 13.26 -10.15 6.65
CA GLN A 25 14.22 -10.99 7.44
C GLN A 25 13.91 -10.83 8.94
N ALA A 26 13.84 -11.91 9.65
CA ALA A 26 13.55 -11.83 11.12
C ALA A 26 14.84 -11.62 11.90
N ARG A 27 14.71 -11.32 13.15
CA ARG A 27 15.90 -11.11 14.01
C ARG A 27 16.75 -12.38 14.05
N ASP A 28 16.11 -13.53 13.97
CA ASP A 28 16.85 -14.82 13.99
C ASP A 28 17.62 -14.99 12.68
N GLY A 29 17.51 -14.03 11.80
CA GLY A 29 18.23 -14.14 10.49
C GLY A 29 17.42 -15.05 9.55
N GLU A 30 16.14 -15.16 9.78
CA GLU A 30 15.28 -16.02 8.89
C GLU A 30 14.33 -15.17 8.03
N TRP A 31 14.02 -15.64 6.84
CA TRP A 31 13.11 -14.88 5.93
C TRP A 31 11.67 -15.39 6.11
N LEU A 32 10.76 -14.51 6.45
CA LEU A 32 9.33 -14.94 6.62
C LEU A 32 8.42 -14.13 5.67
N PRO A 33 7.22 -14.60 5.43
CA PRO A 33 6.23 -13.92 4.55
C PRO A 33 5.26 -13.02 5.34
N THR A 34 4.88 -11.89 4.80
CA THR A 34 3.94 -10.99 5.54
C THR A 34 2.88 -10.41 4.60
N GLU A 35 1.69 -10.20 5.10
CA GLU A 35 0.58 -9.63 4.26
C GLU A 35 0.01 -8.38 4.93
N LEU A 36 -0.52 -7.45 4.17
CA LEU A 36 -1.11 -6.21 4.78
C LEU A 36 -2.33 -5.75 3.94
N ARG A 37 -3.39 -5.35 4.59
CA ARG A 37 -4.61 -4.88 3.86
C ARG A 37 -4.72 -3.34 3.96
N LEU A 38 -4.47 -2.64 2.89
CA LEU A 38 -4.56 -1.14 2.95
C LEU A 38 -6.00 -0.69 3.22
N SER A 39 -6.95 -1.34 2.62
CA SER A 39 -8.38 -0.95 2.83
C SER A 39 -8.61 -0.54 4.29
N ASP A 40 -7.83 -1.09 5.18
CA ASP A 40 -7.95 -0.77 6.64
C ASP A 40 -7.64 0.72 6.89
N HIS A 41 -6.65 1.26 6.19
CA HIS A 41 -6.30 2.71 6.40
C HIS A 41 -6.58 3.54 5.13
N ILE A 42 -7.22 3.00 4.13
CA ILE A 42 -7.49 3.80 2.89
C ILE A 42 -8.98 3.74 2.51
N GLY A 43 -9.61 4.90 2.41
CA GLY A 43 -11.06 4.96 2.03
C GLY A 43 -11.27 6.06 1.00
N ASN A 44 -12.44 6.15 0.42
CA ASN A 44 -12.71 7.21 -0.60
C ASN A 44 -13.30 8.44 0.09
N ILE A 45 -12.89 9.59 -0.33
CA ILE A 45 -13.43 10.83 0.28
C ILE A 45 -13.76 11.81 -0.84
N ASP A 46 -14.96 11.77 -1.30
CA ASP A 46 -15.42 12.67 -2.40
C ASP A 46 -14.55 12.58 -3.68
N GLY A 47 -13.94 11.44 -3.95
CA GLY A 47 -13.12 11.33 -5.20
C GLY A 47 -11.62 11.35 -4.88
N GLU A 48 -11.25 11.60 -3.65
CA GLU A 48 -9.80 11.64 -3.29
C GLU A 48 -9.43 10.46 -2.37
N LEU A 49 -8.15 10.18 -2.25
CA LEU A 49 -7.69 9.05 -1.37
C LEU A 49 -7.02 9.65 -0.11
N GLN A 50 -7.32 9.13 1.05
CA GLN A 50 -6.67 9.67 2.29
C GLN A 50 -6.44 8.56 3.32
N PHE A 51 -5.50 8.78 4.18
CA PHE A 51 -5.18 7.79 5.25
C PHE A 51 -6.19 7.99 6.40
N GLY A 52 -6.51 6.95 7.12
CA GLY A 52 -7.49 7.07 8.23
C GLY A 52 -8.85 6.50 7.81
N ASP A 53 -9.18 6.61 6.56
CA ASP A 53 -10.49 6.08 6.08
C ASP A 53 -10.34 4.63 5.57
N GLN A 54 -11.43 4.00 5.26
CA GLN A 54 -11.38 2.58 4.76
C GLN A 54 -12.40 2.34 3.63
N ASN A 55 -12.33 1.24 2.93
CA ASN A 55 -13.32 0.96 1.83
C ASN A 55 -13.06 1.89 0.63
N PHE A 56 -12.09 1.57 -0.18
CA PHE A 56 -11.79 2.41 -1.38
C PHE A 56 -11.85 1.61 -2.70
N GLN A 57 -11.38 0.38 -2.71
CA GLN A 57 -11.44 -0.41 -3.97
C GLN A 57 -12.89 -0.57 -4.43
N GLU A 58 -13.82 -0.48 -3.51
CA GLU A 58 -15.26 -0.63 -3.87
C GLU A 58 -15.65 0.49 -4.84
N THR A 59 -15.01 1.64 -4.76
CA THR A 59 -15.36 2.77 -5.68
C THR A 59 -14.12 3.21 -6.47
N CYS A 60 -13.20 2.30 -6.71
CA CYS A 60 -11.96 2.68 -7.48
C CYS A 60 -11.47 1.50 -8.33
N GLN A 61 -10.74 1.79 -9.38
CA GLN A 61 -10.23 0.69 -10.28
C GLN A 61 -8.81 1.01 -10.77
N ASP A 62 -8.25 0.10 -11.53
CA ASP A 62 -6.87 0.26 -12.09
C ASP A 62 -5.84 0.59 -11.00
N CYS A 63 -5.92 -0.01 -9.85
CA CYS A 63 -4.89 0.31 -8.80
C CYS A 63 -3.59 -0.37 -9.20
N ARG A 64 -2.51 0.35 -9.22
CA ARG A 64 -1.23 -0.29 -9.61
C ARG A 64 -0.04 0.44 -9.01
N LEU A 65 0.97 -0.32 -8.72
CA LEU A 65 2.20 0.24 -8.14
C LEU A 65 3.09 0.75 -9.27
N GLU A 66 3.93 1.70 -9.03
CA GLU A 66 4.82 2.21 -10.11
C GLU A 66 6.22 2.47 -9.55
N PHE A 67 7.23 1.88 -10.13
CA PHE A 67 8.62 2.09 -9.62
C PHE A 67 9.23 3.36 -10.27
N GLY A 68 9.90 4.16 -9.50
CA GLY A 68 10.51 5.43 -10.05
C GLY A 68 11.91 5.14 -10.61
N ASP A 69 12.75 6.14 -10.69
CA ASP A 69 14.13 5.94 -11.23
C ASP A 69 14.83 4.81 -10.46
N GLY A 70 14.62 4.73 -9.17
CA GLY A 70 15.27 3.65 -8.36
C GLY A 70 14.22 2.63 -7.94
N GLU A 71 14.49 1.37 -8.14
CA GLU A 71 13.51 0.32 -7.77
C GLU A 71 13.34 0.28 -6.23
N GLN A 72 13.93 1.20 -5.52
CA GLN A 72 13.79 1.20 -4.03
C GLN A 72 12.46 1.83 -3.64
N SER A 73 11.62 2.10 -4.60
CA SER A 73 10.31 2.74 -4.26
C SER A 73 9.16 2.24 -5.14
N VAL A 74 7.94 2.23 -4.66
CA VAL A 74 6.83 1.77 -5.53
C VAL A 74 5.67 2.77 -5.32
N TRP A 75 5.06 3.31 -6.33
CA TRP A 75 3.98 4.33 -6.06
C TRP A 75 2.54 3.88 -6.40
N LEU A 76 1.64 4.01 -5.46
CA LEU A 76 0.24 3.54 -5.66
C LEU A 76 -0.70 4.61 -6.24
N VAL A 77 -1.10 4.39 -7.48
CA VAL A 77 -2.05 5.32 -8.20
C VAL A 77 -3.38 4.58 -8.43
N CYS A 78 -4.51 5.25 -8.26
CA CYS A 78 -5.83 4.57 -8.48
C CYS A 78 -6.89 5.56 -8.95
N THR A 79 -7.78 5.08 -9.76
CA THR A 79 -8.90 5.92 -10.24
C THR A 79 -10.05 5.73 -9.25
N CYS A 80 -10.54 6.78 -8.66
CA CYS A 80 -11.65 6.64 -7.66
C CYS A 80 -12.86 7.43 -8.16
N GLN A 81 -14.00 6.83 -8.24
CA GLN A 81 -15.22 7.57 -8.73
C GLN A 81 -15.58 8.72 -7.79
N THR A 82 -16.16 9.77 -8.31
CA THR A 82 -16.55 10.92 -7.44
C THR A 82 -18.00 10.69 -7.00
N MET A 83 -18.49 11.46 -6.08
CA MET A 83 -19.90 11.25 -5.63
C MET A 83 -20.87 11.47 -6.79
N ASP A 84 -20.59 12.41 -7.65
CA ASP A 84 -21.49 12.65 -8.81
C ASP A 84 -21.43 11.43 -9.75
N GLY A 85 -20.40 10.65 -9.66
CA GLY A 85 -20.29 9.44 -10.53
C GLY A 85 -19.16 9.61 -11.56
N GLU A 86 -18.44 10.70 -11.50
CA GLU A 86 -17.33 10.90 -12.49
C GLU A 86 -16.07 10.13 -12.04
N TRP A 87 -15.20 9.84 -12.97
CA TRP A 87 -13.96 9.07 -12.62
C TRP A 87 -12.75 10.00 -12.63
N LYS A 88 -11.94 9.98 -11.62
CA LYS A 88 -10.73 10.86 -11.61
C LYS A 88 -9.49 10.05 -11.19
N SER A 89 -8.31 10.55 -11.51
CA SER A 89 -7.05 9.81 -11.13
C SER A 89 -6.40 10.45 -9.91
N THR A 90 -6.15 9.68 -8.88
CA THR A 90 -5.48 10.21 -7.65
C THR A 90 -4.15 9.46 -7.45
N GLN A 91 -3.30 9.95 -6.57
CA GLN A 91 -1.98 9.27 -6.33
C GLN A 91 -1.63 9.29 -4.83
N ILE A 92 -0.76 8.42 -4.40
CA ILE A 92 -0.39 8.40 -2.94
C ILE A 92 0.89 7.59 -2.73
N LEU A 93 1.78 8.07 -1.88
CA LEU A 93 3.06 7.33 -1.63
C LEU A 93 2.95 6.49 -0.36
N LEU A 94 3.09 5.19 -0.48
CA LEU A 94 3.01 4.31 0.72
C LEU A 94 4.18 4.59 1.67
N ASP A 95 5.31 4.99 1.15
CA ASP A 95 6.49 5.28 2.03
C ASP A 95 6.19 6.52 2.92
N SER A 96 6.00 6.33 4.19
CA SER A 96 5.70 7.48 5.10
C SER A 96 5.56 6.99 6.55
N GLN A 97 4.42 7.21 7.17
CA GLN A 97 4.23 6.74 8.59
C GLN A 97 3.93 5.22 8.65
N ILE A 98 4.63 4.42 7.88
CA ILE A 98 4.40 2.94 7.91
C ILE A 98 5.74 2.23 8.10
N ASP A 99 5.79 1.26 8.98
CA ASP A 99 7.09 0.54 9.22
C ASP A 99 6.85 -0.94 9.55
N ASN A 100 7.81 -1.78 9.28
CA ASN A 100 7.67 -3.23 9.57
C ASN A 100 8.82 -3.71 10.50
N ASN A 101 8.50 -4.17 11.67
CA ASN A 101 9.58 -4.66 12.58
C ASN A 101 10.23 -5.93 11.98
N ASP A 102 11.42 -6.24 12.41
CA ASP A 102 12.14 -7.46 11.88
C ASP A 102 11.25 -8.72 11.96
N SER A 103 10.54 -8.89 13.05
CA SER A 103 9.63 -10.09 13.19
C SER A 103 8.15 -9.69 13.35
N GLN A 104 7.83 -8.42 13.39
CA GLN A 104 6.38 -8.05 13.55
C GLN A 104 6.02 -6.92 12.57
N LEU A 105 4.76 -6.83 12.20
CA LEU A 105 4.35 -5.76 11.22
C LEU A 105 3.27 -4.85 11.85
N GLU A 106 3.61 -3.64 12.17
CA GLU A 106 2.61 -2.71 12.79
C GLU A 106 2.90 -1.27 12.35
N ILE A 107 1.87 -0.50 12.13
CA ILE A 107 2.06 0.92 11.70
C ILE A 107 2.48 1.77 12.91
N GLY A 108 3.71 1.65 13.31
CA GLY A 108 4.23 2.42 14.48
C GLY A 108 4.41 3.88 14.04
N MET A 1 10.82 7.02 9.99
CA MET A 1 12.05 6.18 9.92
C MET A 1 11.84 5.07 8.87
N PRO A 2 12.91 4.48 8.40
CA PRO A 2 12.94 3.39 7.39
C PRO A 2 11.59 2.65 7.14
N ASN A 3 11.35 2.14 5.97
CA ASN A 3 10.02 1.46 5.70
C ASN A 3 10.29 -0.03 5.41
N PHE A 4 9.33 -0.72 4.85
CA PHE A 4 9.52 -2.18 4.57
C PHE A 4 10.29 -2.41 3.26
N SER A 5 10.85 -1.39 2.67
CA SER A 5 11.61 -1.58 1.41
C SER A 5 12.91 -2.33 1.72
N HIS A 6 13.92 -1.60 2.10
CA HIS A 6 15.24 -2.22 2.42
C HIS A 6 15.07 -3.47 3.31
N THR A 7 14.11 -3.47 4.20
CA THR A 7 13.95 -4.65 5.11
C THR A 7 13.26 -5.82 4.37
N CYS A 8 12.40 -5.52 3.43
CA CYS A 8 11.69 -6.61 2.69
C CYS A 8 11.90 -6.46 1.18
N SER A 9 11.68 -7.51 0.43
CA SER A 9 11.86 -7.43 -1.06
C SER A 9 10.73 -8.19 -1.77
N SER A 10 10.60 -8.02 -3.07
CA SER A 10 9.51 -8.72 -3.84
C SER A 10 8.13 -8.18 -3.43
N ILE A 11 7.96 -6.90 -3.53
CA ILE A 11 6.67 -6.24 -3.14
C ILE A 11 5.55 -6.64 -4.11
N ASN A 12 4.51 -7.27 -3.61
CA ASN A 12 3.37 -7.65 -4.49
C ASN A 12 2.08 -6.97 -4.02
N TYR A 13 1.20 -6.64 -4.95
CA TYR A 13 -0.07 -5.96 -4.58
C TYR A 13 -1.21 -6.53 -5.43
N ASP A 14 -2.05 -7.34 -4.85
CA ASP A 14 -3.18 -7.90 -5.63
C ASP A 14 -4.31 -6.84 -5.69
N PRO A 15 -4.70 -6.44 -6.88
CA PRO A 15 -5.75 -5.39 -7.05
C PRO A 15 -7.16 -5.87 -6.68
N ASP A 16 -7.41 -7.16 -6.66
CA ASP A 16 -8.77 -7.64 -6.29
C ASP A 16 -8.96 -7.58 -4.76
N SER A 17 -8.21 -8.35 -4.03
CA SER A 17 -8.33 -8.40 -2.52
C SER A 17 -7.51 -7.28 -1.86
N THR A 18 -6.78 -6.51 -2.62
CA THR A 18 -5.93 -5.40 -2.06
C THR A 18 -5.08 -5.88 -0.87
N ILE A 19 -4.28 -6.88 -1.07
CA ILE A 19 -3.42 -7.38 0.06
C ILE A 19 -1.94 -7.19 -0.33
N LEU A 20 -1.16 -6.61 0.53
CA LEU A 20 0.29 -6.42 0.22
C LEU A 20 1.11 -7.58 0.78
N SER A 21 1.81 -8.29 -0.07
CA SER A 21 2.63 -9.44 0.43
C SER A 21 4.11 -9.16 0.16
N ALA A 22 4.95 -9.49 1.11
CA ALA A 22 6.42 -9.25 0.93
C ALA A 22 7.21 -10.14 1.89
N GLU A 23 8.39 -10.53 1.52
CA GLU A 23 9.21 -11.40 2.42
C GLU A 23 10.18 -10.50 3.21
N CYS A 24 10.21 -10.65 4.50
CA CYS A 24 11.13 -9.80 5.34
C CYS A 24 12.08 -10.68 6.14
N GLN A 25 13.22 -10.15 6.53
CA GLN A 25 14.21 -10.96 7.32
C GLN A 25 14.03 -10.66 8.80
N ALA A 26 13.93 -11.67 9.61
CA ALA A 26 13.76 -11.44 11.08
C ALA A 26 15.12 -11.26 11.74
N ARG A 27 15.10 -10.88 12.98
CA ARG A 27 16.37 -10.67 13.73
C ARG A 27 17.16 -11.99 13.79
N ASP A 28 16.45 -13.10 13.84
CA ASP A 28 17.13 -14.42 13.90
C ASP A 28 17.81 -14.70 12.55
N GLY A 29 17.67 -13.80 11.62
CA GLY A 29 18.31 -14.01 10.29
C GLY A 29 17.43 -14.94 9.44
N GLU A 30 16.17 -15.06 9.80
CA GLU A 30 15.24 -15.94 9.02
C GLU A 30 14.30 -15.09 8.13
N TRP A 31 13.95 -15.62 6.98
CA TRP A 31 13.03 -14.89 6.05
C TRP A 31 11.58 -15.40 6.22
N LEU A 32 10.65 -14.51 6.43
CA LEU A 32 9.22 -14.96 6.59
C LEU A 32 8.31 -14.09 5.69
N PRO A 33 7.18 -14.64 5.29
CA PRO A 33 6.19 -13.92 4.43
C PRO A 33 5.15 -13.15 5.25
N THR A 34 4.79 -11.96 4.85
CA THR A 34 3.77 -11.18 5.63
C THR A 34 2.71 -10.58 4.70
N GLU A 35 1.48 -10.52 5.17
CA GLU A 35 0.37 -9.95 4.33
C GLU A 35 -0.23 -8.72 5.04
N LEU A 36 -0.70 -7.75 4.29
CA LEU A 36 -1.31 -6.54 4.93
C LEU A 36 -2.50 -6.05 4.08
N ARG A 37 -3.56 -5.63 4.71
CA ARG A 37 -4.76 -5.13 3.96
C ARG A 37 -4.85 -3.60 4.07
N LEU A 38 -4.60 -2.88 3.01
CA LEU A 38 -4.68 -1.38 3.09
C LEU A 38 -6.12 -0.91 3.30
N SER A 39 -7.06 -1.55 2.68
CA SER A 39 -8.49 -1.14 2.85
C SER A 39 -8.77 -0.76 4.30
N ASP A 40 -8.03 -1.33 5.22
CA ASP A 40 -8.20 -1.05 6.67
C ASP A 40 -7.86 0.43 6.96
N HIS A 41 -6.85 0.97 6.31
CA HIS A 41 -6.46 2.40 6.56
C HIS A 41 -6.72 3.27 5.31
N ILE A 42 -7.37 2.77 4.30
CA ILE A 42 -7.61 3.61 3.08
C ILE A 42 -9.10 3.60 2.68
N GLY A 43 -9.69 4.76 2.56
CA GLY A 43 -11.14 4.85 2.18
C GLY A 43 -11.32 5.97 1.14
N ASN A 44 -12.47 6.04 0.51
CA ASN A 44 -12.69 7.12 -0.51
C ASN A 44 -13.33 8.33 0.17
N ILE A 45 -12.94 9.48 -0.23
CA ILE A 45 -13.53 10.71 0.37
C ILE A 45 -13.79 11.72 -0.74
N ASP A 46 -14.99 11.71 -1.25
CA ASP A 46 -15.38 12.64 -2.34
C ASP A 46 -14.45 12.56 -3.57
N GLY A 47 -13.83 11.43 -3.84
CA GLY A 47 -12.94 11.33 -5.05
C GLY A 47 -11.46 11.37 -4.66
N GLU A 48 -11.15 11.61 -3.42
CA GLU A 48 -9.72 11.66 -3.00
C GLU A 48 -9.35 10.44 -2.13
N LEU A 49 -8.08 10.13 -2.05
CA LEU A 49 -7.63 8.97 -1.22
C LEU A 49 -6.91 9.49 0.03
N GLN A 50 -7.22 8.99 1.19
CA GLN A 50 -6.54 9.47 2.43
C GLN A 50 -6.37 8.34 3.44
N PHE A 51 -5.42 8.47 4.31
CA PHE A 51 -5.16 7.45 5.35
C PHE A 51 -6.17 7.68 6.50
N GLY A 52 -6.50 6.66 7.24
CA GLY A 52 -7.48 6.82 8.36
C GLY A 52 -8.86 6.28 7.94
N ASP A 53 -9.19 6.39 6.69
CA ASP A 53 -10.51 5.89 6.21
C ASP A 53 -10.39 4.43 5.75
N GLN A 54 -11.50 3.84 5.35
CA GLN A 54 -11.48 2.42 4.89
C GLN A 54 -12.45 2.19 3.72
N ASN A 55 -12.35 1.11 2.99
CA ASN A 55 -13.29 0.85 1.84
C ASN A 55 -13.01 1.84 0.70
N PHE A 56 -12.09 1.50 -0.18
CA PHE A 56 -11.77 2.40 -1.33
C PHE A 56 -11.79 1.63 -2.67
N GLN A 57 -11.31 0.41 -2.72
CA GLN A 57 -11.33 -0.33 -4.03
C GLN A 57 -12.77 -0.46 -4.53
N GLU A 58 -13.72 -0.44 -3.64
CA GLU A 58 -15.15 -0.56 -4.05
C GLU A 58 -15.52 0.61 -4.98
N THR A 59 -14.91 1.75 -4.79
CA THR A 59 -15.21 2.93 -5.66
C THR A 59 -13.98 3.34 -6.47
N CYS A 60 -13.08 2.43 -6.72
CA CYS A 60 -11.85 2.77 -7.51
C CYS A 60 -11.38 1.58 -8.35
N GLN A 61 -10.65 1.86 -9.41
CA GLN A 61 -10.16 0.76 -10.30
C GLN A 61 -8.72 1.04 -10.77
N ASP A 62 -8.17 0.11 -11.52
CA ASP A 62 -6.78 0.23 -12.05
C ASP A 62 -5.76 0.55 -10.95
N CYS A 63 -5.89 -0.01 -9.78
CA CYS A 63 -4.86 0.30 -8.73
C CYS A 63 -3.57 -0.42 -9.09
N ARG A 64 -2.48 0.27 -9.13
CA ARG A 64 -1.21 -0.40 -9.48
C ARG A 64 -0.01 0.33 -8.91
N LEU A 65 0.97 -0.43 -8.56
CA LEU A 65 2.23 0.14 -8.00
C LEU A 65 3.14 0.56 -9.16
N GLU A 66 3.96 1.54 -8.96
CA GLU A 66 4.86 1.97 -10.07
C GLU A 66 6.26 2.26 -9.51
N PHE A 67 7.29 1.68 -10.10
CA PHE A 67 8.67 1.93 -9.59
C PHE A 67 9.24 3.21 -10.23
N GLY A 68 9.89 4.04 -9.45
CA GLY A 68 10.46 5.31 -10.01
C GLY A 68 11.87 5.07 -10.55
N ASP A 69 12.67 6.10 -10.64
CA ASP A 69 14.07 5.93 -11.16
C ASP A 69 14.80 4.83 -10.36
N GLY A 70 14.59 4.76 -9.08
CA GLY A 70 15.26 3.71 -8.25
C GLY A 70 14.24 2.67 -7.81
N GLU A 71 14.53 1.42 -7.99
CA GLU A 71 13.59 0.35 -7.59
C GLU A 71 13.41 0.33 -6.06
N GLN A 72 13.98 1.29 -5.37
CA GLN A 72 13.86 1.31 -3.88
C GLN A 72 12.49 1.92 -3.49
N SER A 73 11.65 2.16 -4.46
CA SER A 73 10.33 2.77 -4.13
C SER A 73 9.21 2.24 -5.03
N VAL A 74 7.99 2.20 -4.56
CA VAL A 74 6.88 1.73 -5.46
C VAL A 74 5.71 2.72 -5.26
N TRP A 75 5.12 3.27 -6.29
CA TRP A 75 4.04 4.27 -6.03
C TRP A 75 2.60 3.81 -6.40
N LEU A 76 1.69 3.94 -5.47
CA LEU A 76 0.29 3.46 -5.69
C LEU A 76 -0.63 4.53 -6.30
N VAL A 77 -0.99 4.33 -7.56
CA VAL A 77 -1.92 5.25 -8.29
C VAL A 77 -3.29 4.55 -8.47
N CYS A 78 -4.38 5.25 -8.31
CA CYS A 78 -5.73 4.60 -8.48
C CYS A 78 -6.77 5.59 -8.95
N THR A 79 -7.66 5.13 -9.77
CA THR A 79 -8.77 5.99 -10.26
C THR A 79 -9.93 5.81 -9.28
N CYS A 80 -10.40 6.85 -8.66
CA CYS A 80 -11.51 6.71 -7.65
C CYS A 80 -12.71 7.50 -8.16
N GLN A 81 -13.87 6.89 -8.20
CA GLN A 81 -15.08 7.63 -8.70
C GLN A 81 -15.46 8.76 -7.73
N THR A 82 -16.02 9.83 -8.24
CA THR A 82 -16.44 10.96 -7.35
C THR A 82 -17.89 10.73 -6.95
N MET A 83 -18.42 11.49 -6.04
CA MET A 83 -19.84 11.26 -5.63
C MET A 83 -20.78 11.50 -6.82
N ASP A 84 -20.48 12.45 -7.66
CA ASP A 84 -21.34 12.71 -8.83
C ASP A 84 -21.26 11.51 -9.80
N GLY A 85 -20.25 10.70 -9.65
CA GLY A 85 -20.12 9.50 -10.55
C GLY A 85 -18.96 9.70 -11.54
N GLU A 86 -18.28 10.81 -11.47
CA GLU A 86 -17.14 11.03 -12.43
C GLU A 86 -15.89 10.27 -11.96
N TRP A 87 -14.99 9.98 -12.86
CA TRP A 87 -13.74 9.24 -12.50
C TRP A 87 -12.54 10.17 -12.51
N LYS A 88 -11.75 10.17 -11.47
CA LYS A 88 -10.54 11.06 -11.46
C LYS A 88 -9.30 10.25 -11.04
N SER A 89 -8.14 10.67 -11.48
CA SER A 89 -6.89 9.93 -11.12
C SER A 89 -6.25 10.51 -9.86
N THR A 90 -6.05 9.69 -8.86
CA THR A 90 -5.40 10.17 -7.59
C THR A 90 -4.09 9.39 -7.39
N GLN A 91 -3.24 9.85 -6.50
CA GLN A 91 -1.93 9.16 -6.26
C GLN A 91 -1.59 9.16 -4.75
N ILE A 92 -0.80 8.23 -4.30
CA ILE A 92 -0.43 8.20 -2.84
C ILE A 92 0.90 7.46 -2.65
N LEU A 93 1.76 7.97 -1.80
CA LEU A 93 3.08 7.32 -1.57
C LEU A 93 3.04 6.46 -0.29
N LEU A 94 3.22 5.18 -0.43
CA LEU A 94 3.21 4.29 0.76
C LEU A 94 4.38 4.61 1.70
N ASP A 95 5.48 5.06 1.17
CA ASP A 95 6.65 5.41 2.03
C ASP A 95 6.33 6.66 2.89
N SER A 96 6.09 6.47 4.17
CA SER A 96 5.76 7.64 5.06
C SER A 96 5.59 7.17 6.51
N GLN A 97 4.43 7.38 7.09
CA GLN A 97 4.21 6.94 8.52
C GLN A 97 3.87 5.43 8.58
N ILE A 98 4.54 4.61 7.80
CA ILE A 98 4.25 3.13 7.84
C ILE A 98 5.58 2.37 8.02
N ASP A 99 5.61 1.40 8.88
CA ASP A 99 6.87 0.64 9.12
C ASP A 99 6.59 -0.83 9.48
N ASN A 100 7.50 -1.70 9.16
CA ASN A 100 7.32 -3.16 9.46
C ASN A 100 8.44 -3.66 10.40
N ASN A 101 8.10 -4.12 11.56
CA ASN A 101 9.15 -4.62 12.49
C ASN A 101 9.81 -5.89 11.90
N ASP A 102 10.97 -6.24 12.38
CA ASP A 102 11.69 -7.46 11.87
C ASP A 102 10.79 -8.72 11.92
N SER A 103 10.01 -8.86 12.96
CA SER A 103 9.08 -10.05 13.06
C SER A 103 7.60 -9.63 13.19
N GLN A 104 7.30 -8.36 13.21
CA GLN A 104 5.86 -7.96 13.34
C GLN A 104 5.55 -6.80 12.37
N LEU A 105 4.30 -6.63 12.01
CA LEU A 105 3.93 -5.52 11.06
C LEU A 105 2.87 -4.61 11.70
N GLU A 106 3.24 -3.41 12.04
CA GLU A 106 2.27 -2.46 12.67
C GLU A 106 2.60 -1.02 12.26
N ILE A 107 1.59 -0.22 12.05
CA ILE A 107 1.81 1.20 11.64
C ILE A 107 2.20 2.03 12.88
N GLY A 108 3.42 1.88 13.31
CA GLY A 108 3.91 2.63 14.51
C GLY A 108 4.76 1.66 15.35
#